data_8TNU
#
_entry.id   8TNU
#
_cell.length_a   1.00
_cell.length_b   1.00
_cell.length_c   1.00
_cell.angle_alpha   90.00
_cell.angle_beta   90.00
_cell.angle_gamma   90.00
#
_symmetry.space_group_name_H-M   'P 1'
#
loop_
_entity.id
_entity.type
_entity.pdbx_description
1 polymer 'TRNM-b*01 heavy chain'
2 polymer 'TRNM-b*01 light chain'
3 polymer 'Transmembrane protein gp41'
4 polymer 'BG505 DS-SOSIP Surface protein gp120'
5 branched 2-acetamido-2-deoxy-beta-D-glucopyranose-(1-4)-2-acetamido-2-deoxy-beta-D-glucopyranose
6 branched alpha-D-mannopyranose-(1-3)-[alpha-D-mannopyranose-(1-6)]beta-D-mannopyranose-(1-4)-2-acetamido-2-deoxy-beta-D-glucopyranose-(1-4)-2-acetamido-2-deoxy-beta-D-glucopyranose
7 branched beta-D-mannopyranose-(1-4)-2-acetamido-2-deoxy-beta-D-glucopyranose-(1-4)-2-acetamido-2-deoxy-beta-D-glucopyranose
8 non-polymer 2-acetamido-2-deoxy-beta-D-glucopyranose
#
loop_
_entity_poly.entity_id
_entity_poly.type
_entity_poly.pdbx_seq_one_letter_code
_entity_poly.pdbx_strand_id
1 'polypeptide(L)'
;VQLQESGPGVVKPSETLSLTCEVSLHASRVGSYYWSWIRQSQGQRPEWMGGLYSDTGNTDYNPSLKSRVSLSRDMSKKQF
FLNLRSVTATDTAVYFCVSRYVDHWTNRRFDVWGPGAQVTVTSASTKGPSVFPLAPSSRSTSESTAALGCLVKDYFPEPV
TVSWNSGSLTSGVHTFPAVLQSSGLYSLSSVVTVPSSSLGTQTYVCNVNHKPSNTKVDKRVEIKTC
;
B,J,H
2 'polypeptide(L)'
;DIQMTQSPSSLSASVGDRVTVTCRASLDINKDLNWYQQKPGKAPALLIYAASTLQTGVSSRFSGSGSGTQFTLTISSLQP
EDFATYYCLQDYSFPLTFGGGTKIDLKRTVAAPSVFIFPPSEDQVKSGTVSVVCLLNNFYPREASVKWKVDGALKTGNSQ
ESVTEQDSKDNTYSLSSTLTLSSTEYQSHKVYACEVTHQGLSSPVTKSFNRAA
;
C,K,L
3 'polypeptide(L)'
;AVGIGAVFLGFLGAAGSTMGAASMTLTVQARNLLSGIVQQQSNLLRAPEAQQHLLKLTVWGIKQLQARVLAVERYLRDQQ
LLGIWGCSGKLICCTNVPWNSSWSNRNLSEIWDNMTWLQWDKEISNYTQIIYGLLEESQNQQEKNEQDLLALD
;
Z,X,Y
4 'polypeptide(L)'
;AENLWVTVYYGVPVWKDAETTLFCASDAKAYETEKHNVWATHACVPTDPNPQEIHLENVTEEFNMWKNNMVEQMHTDIIS
LWDQSLKPCVKLTPLCVTLQCTNVTNNITDDMRGELKNCSFNMTTELRDKKQKVYSLFYRLDVVQINENQGNRSNNSNKE
YRLINCNTSACTQACPKVSFEPIPIHYCAPAGFAILKCKDKKFNGTGPCPSVSTVQCTHGIKPVVSTQLLLNGSLAEEEV
MIRSENITNNAKNILVQFNTPVQINCTRPNNNTRKSIRIGPGQAFYATGDIIGDIRQAHCNVSKATWNETLGKVVKQLRK
HFGNNTIIRFANSSGGDLEVTTHSFNCGGEFFYCNTSGLFNSTWISNTSVQGSNSTGSNDSITLPCRIKQIINMWQRIGQ
CMYAPPIQGVIRCVSNITGLILTRDGGSTNSTTETFRPGGGDMRDNWRSELYKYKVVKIEPLGVAPTRCKRRVVGRRRRR
R
;
G,E,F
#
# COMPACT_ATOMS: atom_id res chain seq x y z
N VAL A 1 -10.31 -39.53 12.37
CA VAL A 1 -10.32 -38.96 13.72
C VAL A 1 -10.45 -40.06 14.75
N GLN A 2 -9.43 -40.21 15.58
CA GLN A 2 -9.42 -41.24 16.61
C GLN A 2 -8.93 -40.61 17.91
N LEU A 3 -9.52 -41.06 19.02
CA LEU A 3 -9.19 -40.56 20.34
C LEU A 3 -8.76 -41.72 21.23
N GLN A 4 -7.66 -41.53 21.96
CA GLN A 4 -7.22 -42.59 22.85
C GLN A 4 -6.71 -41.99 24.16
N GLU A 5 -7.12 -42.59 25.27
CA GLU A 5 -6.80 -42.14 26.61
C GLU A 5 -5.48 -42.73 27.12
N SER A 6 -4.93 -42.08 28.15
CA SER A 6 -3.69 -42.47 28.79
C SER A 6 -3.64 -41.85 30.18
N GLY A 7 -2.83 -42.44 31.04
CA GLY A 7 -2.68 -41.96 32.40
C GLY A 7 -2.43 -43.09 33.39
N PRO A 8 -2.20 -42.74 34.66
CA PRO A 8 -1.95 -43.75 35.69
C PRO A 8 -3.24 -44.47 36.05
N GLY A 9 -3.22 -45.80 35.89
CA GLY A 9 -4.41 -46.60 36.20
C GLY A 9 -4.67 -46.77 37.68
N VAL A 10 -3.65 -46.69 38.52
CA VAL A 10 -3.78 -46.83 39.97
C VAL A 10 -3.29 -45.55 40.63
N VAL A 11 -4.15 -44.91 41.42
CA VAL A 11 -3.81 -43.68 42.11
C VAL A 11 -4.14 -43.82 43.59
N LYS A 12 -3.42 -43.07 44.41
CA LYS A 12 -3.62 -43.08 45.85
C LYS A 12 -4.86 -42.27 46.22
N PRO A 13 -5.46 -42.51 47.39
CA PRO A 13 -6.63 -41.73 47.78
C PRO A 13 -6.28 -40.31 48.16
N SER A 14 -7.27 -39.42 48.03
CA SER A 14 -7.23 -38.00 48.35
C SER A 14 -6.17 -37.19 47.59
N GLU A 15 -5.68 -37.69 46.46
CA GLU A 15 -4.69 -36.94 45.69
C GLU A 15 -5.33 -36.45 44.40
N THR A 16 -4.54 -35.84 43.52
CA THR A 16 -5.03 -35.32 42.25
C THR A 16 -4.81 -36.36 41.15
N LEU A 17 -5.89 -36.73 40.47
CA LEU A 17 -5.85 -37.69 39.38
C LEU A 17 -5.74 -36.94 38.06
N SER A 18 -4.77 -37.34 37.23
CA SER A 18 -4.52 -36.70 35.95
C SER A 18 -4.69 -37.72 34.82
N LEU A 19 -5.43 -37.33 33.79
CA LEU A 19 -5.69 -38.15 32.63
C LEU A 19 -5.34 -37.34 31.39
N THR A 20 -5.00 -38.02 30.29
CA THR A 20 -4.60 -37.40 29.04
C THR A 20 -5.36 -38.04 27.88
N CYS A 21 -5.82 -37.24 26.91
CA CYS A 21 -6.54 -37.84 25.78
C CYS A 21 -5.93 -37.38 24.46
N GLU A 22 -5.19 -38.29 23.81
CA GLU A 22 -4.57 -38.03 22.52
C GLU A 22 -5.62 -37.97 21.43
N VAL A 23 -5.44 -37.01 20.51
CA VAL A 23 -6.32 -36.76 19.37
C VAL A 23 -5.52 -37.02 18.09
N SER A 24 -6.13 -37.71 17.13
CA SER A 24 -5.48 -38.00 15.85
C SER A 24 -6.45 -37.68 14.73
N LEU A 25 -6.14 -36.66 13.94
CA LEU A 25 -6.99 -36.26 12.84
C LEU A 25 -6.51 -36.88 11.52
N ARG A 29 -9.49 -31.53 8.64
CA ARG A 29 -10.27 -30.30 8.46
C ARG A 29 -9.87 -29.25 9.48
N VAL A 30 -10.75 -28.27 9.68
CA VAL A 30 -10.51 -27.19 10.63
C VAL A 30 -11.87 -26.68 11.09
N GLY A 31 -11.96 -26.28 12.35
CA GLY A 31 -13.21 -25.78 12.89
C GLY A 31 -13.25 -25.77 14.40
N SER A 32 -14.34 -26.27 14.98
CA SER A 32 -14.51 -26.31 16.42
C SER A 32 -14.78 -27.73 16.88
N TYR A 33 -14.11 -28.11 17.97
CA TYR A 33 -14.25 -29.44 18.56
C TYR A 33 -14.72 -29.30 20.00
N TYR A 34 -15.78 -30.02 20.36
CA TYR A 34 -16.31 -29.98 21.72
C TYR A 34 -15.89 -31.27 22.42
N TRP A 35 -14.89 -31.17 23.29
CA TRP A 35 -14.41 -32.34 24.02
C TRP A 35 -15.12 -32.45 25.35
N SER A 36 -15.19 -33.68 25.87
CA SER A 36 -15.85 -33.94 27.14
C SER A 36 -15.30 -35.23 27.72
N TRP A 37 -15.44 -35.37 29.04
CA TRP A 37 -14.98 -36.56 29.76
C TRP A 37 -16.18 -37.22 30.42
N ILE A 38 -16.35 -38.52 30.16
CA ILE A 38 -17.47 -39.29 30.72
C ILE A 38 -16.91 -40.54 31.36
N ARG A 39 -17.25 -40.77 32.62
CA ARG A 39 -16.79 -41.94 33.36
C ARG A 39 -17.96 -42.90 33.55
N GLN A 40 -17.63 -44.19 33.60
CA GLN A 40 -18.63 -45.24 33.77
C GLN A 40 -18.08 -46.29 34.73
N SER A 41 -18.82 -46.56 35.81
CA SER A 41 -18.40 -47.54 36.79
C SER A 41 -18.84 -48.94 36.38
N GLN A 42 -18.59 -49.92 37.25
CA GLN A 42 -18.97 -51.30 37.00
C GLN A 42 -20.46 -51.48 37.23
N GLY A 43 -21.21 -51.66 36.16
CA GLY A 43 -22.65 -51.83 36.27
C GLY A 43 -23.43 -50.57 36.52
N GLN A 44 -22.81 -49.41 36.42
CA GLN A 44 -23.46 -48.13 36.65
C GLN A 44 -23.59 -47.36 35.34
N ARG A 45 -24.54 -46.42 35.33
CA ARG A 45 -24.78 -45.59 34.16
C ARG A 45 -23.62 -44.61 33.95
N PRO A 46 -23.37 -44.19 32.71
CA PRO A 46 -22.27 -43.24 32.47
C PRO A 46 -22.56 -41.88 33.09
N GLU A 47 -21.53 -41.32 33.71
CA GLU A 47 -21.61 -40.02 34.38
C GLU A 47 -20.73 -39.02 33.65
N TRP A 48 -21.26 -37.82 33.42
CA TRP A 48 -20.56 -36.74 32.75
C TRP A 48 -20.02 -35.78 33.80
N MET A 49 -18.73 -35.46 33.72
CA MET A 49 -18.10 -34.56 34.67
C MET A 49 -17.76 -33.18 34.10
N GLY A 50 -17.15 -33.11 32.93
CA GLY A 50 -16.81 -31.80 32.39
C GLY A 50 -16.63 -31.83 30.89
N GLY A 51 -16.69 -30.63 30.32
CA GLY A 51 -16.52 -30.43 28.89
C GLY A 51 -15.55 -29.30 28.62
N LEU A 52 -15.29 -29.07 27.35
CA LEU A 52 -14.35 -28.03 26.92
C LEU A 52 -14.61 -27.68 25.47
N TYR A 53 -14.50 -26.39 25.15
CA TYR A 53 -14.66 -25.87 23.79
C TYR A 53 -13.30 -25.54 23.21
N SER A 54 -13.14 -25.75 21.91
CA SER A 54 -11.86 -25.46 21.27
C SER A 54 -11.78 -24.04 20.72
N ASP A 55 -12.89 -23.53 20.19
CA ASP A 55 -12.88 -22.18 19.62
C ASP A 55 -12.81 -21.10 20.70
N THR A 56 -13.61 -21.23 21.75
CA THR A 56 -13.63 -20.23 22.80
C THR A 56 -12.72 -20.54 23.97
N GLY A 57 -12.63 -21.81 24.38
CA GLY A 57 -11.79 -22.19 25.49
C GLY A 57 -12.52 -22.34 26.81
N ASN A 58 -13.76 -21.87 26.91
CA ASN A 58 -14.52 -22.00 28.15
C ASN A 58 -14.91 -23.45 28.40
N THR A 59 -15.16 -23.78 29.67
CA THR A 59 -15.51 -25.13 30.06
C THR A 59 -16.85 -25.19 30.76
N ASP A 60 -17.61 -26.23 30.48
CA ASP A 60 -18.91 -26.47 31.10
C ASP A 60 -18.71 -27.42 32.27
N TYR A 61 -19.29 -27.07 33.41
CA TYR A 61 -19.12 -27.87 34.61
C TYR A 61 -20.44 -28.49 35.06
N ASN A 62 -20.32 -29.57 35.84
CA ASN A 62 -21.37 -30.38 36.44
C ASN A 62 -21.53 -29.97 37.89
N PRO A 63 -22.76 -29.69 38.36
CA PRO A 63 -22.94 -29.28 39.77
C PRO A 63 -22.56 -30.34 40.79
N SER A 64 -22.50 -31.62 40.41
CA SER A 64 -22.13 -32.66 41.36
C SER A 64 -20.64 -32.62 41.68
N LEU A 65 -19.80 -32.35 40.69
CA LEU A 65 -18.36 -32.29 40.86
C LEU A 65 -17.77 -30.96 40.39
N LYS A 66 -18.46 -29.85 40.68
CA LYS A 66 -17.97 -28.53 40.23
C LYS A 66 -16.73 -28.09 40.99
N SER A 67 -16.58 -28.50 42.24
CA SER A 67 -15.43 -28.09 43.05
C SER A 67 -14.27 -29.08 43.06
N ARG A 68 -14.31 -30.13 42.24
CA ARG A 68 -13.23 -31.10 42.24
C ARG A 68 -12.63 -31.43 40.87
N VAL A 69 -13.34 -31.22 39.76
CA VAL A 69 -12.79 -31.55 38.46
C VAL A 69 -12.14 -30.31 37.84
N SER A 70 -11.14 -30.54 36.99
CA SER A 70 -10.42 -29.49 36.30
C SER A 70 -10.05 -30.00 34.92
N LEU A 71 -10.22 -29.15 33.91
CA LEU A 71 -9.91 -29.51 32.52
C LEU A 71 -8.98 -28.47 31.92
N SER A 72 -7.81 -28.92 31.47
CA SER A 72 -6.83 -28.05 30.85
C SER A 72 -6.80 -28.31 29.34
N ARG A 73 -6.16 -27.40 28.60
CA ARG A 73 -6.09 -27.53 27.16
C ARG A 73 -4.83 -26.85 26.64
N ASP A 74 -4.43 -27.24 25.43
CA ASP A 74 -3.25 -26.70 24.78
C ASP A 74 -3.41 -26.85 23.28
N MET A 75 -3.09 -25.78 22.54
CA MET A 75 -3.21 -25.78 21.09
C MET A 75 -1.90 -26.02 20.37
N SER A 76 -0.76 -25.85 21.06
CA SER A 76 0.53 -26.05 20.43
C SER A 76 0.79 -27.53 20.12
N LYS A 77 0.22 -28.43 20.91
CA LYS A 77 0.41 -29.86 20.71
C LYS A 77 -0.89 -30.63 20.54
N LYS A 78 -2.05 -29.96 20.59
CA LYS A 78 -3.38 -30.56 20.45
C LYS A 78 -3.57 -31.65 21.52
N GLN A 79 -3.58 -31.21 22.77
CA GLN A 79 -3.70 -32.14 23.87
C GLN A 79 -4.51 -31.57 25.02
N PHE A 80 -5.41 -32.39 25.59
CA PHE A 80 -6.23 -31.97 26.72
C PHE A 80 -6.20 -33.04 27.80
N PHE A 81 -6.04 -32.58 29.04
CA PHE A 81 -5.95 -33.40 30.23
C PHE A 81 -7.28 -33.41 30.98
N LEU A 82 -7.24 -34.02 32.16
CA LEU A 82 -8.40 -34.12 33.03
C LEU A 82 -7.85 -34.27 34.45
N ASN A 83 -8.05 -33.25 35.28
CA ASN A 83 -7.54 -33.25 36.65
C ASN A 83 -8.72 -33.30 37.62
N LEU A 84 -8.64 -34.21 38.58
CA LEU A 84 -9.67 -34.38 39.60
C LEU A 84 -9.03 -34.30 40.97
N ARG A 85 -9.56 -33.41 41.82
CA ARG A 85 -9.04 -33.23 43.16
C ARG A 85 -9.85 -34.01 44.19
N SER A 86 -9.14 -34.50 45.21
CA SER A 86 -9.68 -35.27 46.33
C SER A 86 -10.45 -36.51 45.85
N VAL A 87 -9.69 -37.43 45.25
CA VAL A 87 -10.31 -38.66 44.74
C VAL A 87 -10.66 -39.59 45.90
N THR A 88 -11.80 -40.27 45.76
CA THR A 88 -12.31 -41.20 46.75
C THR A 88 -12.43 -42.58 46.13
N ALA A 89 -13.00 -43.51 46.91
CA ALA A 89 -13.18 -44.88 46.42
C ALA A 89 -14.26 -44.99 45.36
N THR A 90 -15.15 -44.00 45.26
CA THR A 90 -16.21 -44.03 44.26
C THR A 90 -15.74 -43.59 42.89
N ASP A 91 -14.50 -43.11 42.78
CA ASP A 91 -13.95 -42.66 41.50
C ASP A 91 -13.39 -43.78 40.64
N THR A 92 -13.42 -45.03 41.13
CA THR A 92 -12.92 -46.17 40.37
C THR A 92 -13.89 -46.43 39.22
N ALA A 93 -13.50 -46.05 38.00
CA ALA A 93 -14.35 -46.22 36.83
C ALA A 93 -13.50 -46.16 35.57
N VAL A 94 -14.16 -46.39 34.43
CA VAL A 94 -13.50 -46.32 33.13
C VAL A 94 -13.84 -44.96 32.54
N TYR A 95 -12.81 -44.20 32.18
CA TYR A 95 -12.98 -42.86 31.64
C TYR A 95 -12.87 -42.87 30.12
N PHE A 96 -13.70 -42.06 29.47
CA PHE A 96 -13.75 -41.94 28.02
C PHE A 96 -13.75 -40.47 27.63
N CYS A 97 -12.98 -40.12 26.61
CA CYS A 97 -12.94 -38.76 26.10
C CYS A 97 -13.73 -38.75 24.79
N VAL A 98 -14.77 -37.92 24.74
CA VAL A 98 -15.64 -37.84 23.59
C VAL A 98 -15.52 -36.47 22.92
N SER A 99 -15.52 -36.49 21.58
CA SER A 99 -15.41 -35.27 20.78
C SER A 99 -16.68 -35.16 19.93
N ARG A 100 -17.39 -34.04 20.09
CA ARG A 100 -18.61 -33.76 19.36
C ARG A 100 -18.40 -32.52 18.51
N TYR A 101 -18.75 -32.64 17.22
CA TYR A 101 -18.60 -31.56 16.25
C TYR A 101 -19.42 -31.89 15.00
N VAL A 102 -20.24 -30.95 14.55
CA VAL A 102 -21.05 -31.19 13.36
C VAL A 102 -20.26 -30.75 12.14
N ASP A 103 -20.04 -31.69 11.21
CA ASP A 103 -19.30 -31.42 9.99
C ASP A 103 -20.28 -30.96 8.91
N HIS A 104 -20.17 -29.70 8.49
CA HIS A 104 -21.05 -29.17 7.46
C HIS A 104 -20.72 -29.73 6.08
N TRP A 105 -19.51 -30.27 5.89
CA TRP A 105 -19.12 -30.83 4.61
C TRP A 105 -19.92 -32.08 4.25
N THR A 106 -20.16 -32.97 5.22
CA THR A 106 -20.90 -34.19 4.95
C THR A 106 -22.21 -34.32 5.72
N ASN A 107 -22.57 -33.33 6.55
CA ASN A 107 -23.80 -33.32 7.36
C ASN A 107 -23.89 -34.56 8.25
N ARG A 108 -22.78 -34.87 8.93
CA ARG A 108 -22.68 -36.01 9.81
C ARG A 108 -22.30 -35.56 11.21
N ARG A 109 -22.72 -36.32 12.22
CA ARG A 109 -22.43 -35.95 13.60
C ARG A 109 -21.01 -36.29 14.03
N PHE A 110 -20.43 -37.38 13.51
CA PHE A 110 -19.08 -37.86 13.83
C PHE A 110 -18.89 -38.07 15.34
N ASP A 111 -19.65 -39.02 15.86
CA ASP A 111 -19.60 -39.37 17.28
C ASP A 111 -18.55 -40.47 17.47
N VAL A 112 -17.34 -40.04 17.78
CA VAL A 112 -16.21 -40.95 17.97
C VAL A 112 -15.87 -40.99 19.46
N TRP A 113 -15.80 -42.20 20.02
CA TRP A 113 -15.47 -42.40 21.42
C TRP A 113 -14.17 -43.17 21.54
N GLY A 114 -13.44 -42.92 22.62
CA GLY A 114 -12.19 -43.59 22.87
C GLY A 114 -12.39 -44.94 23.52
N PRO A 115 -11.32 -45.74 23.56
CA PRO A 115 -11.42 -47.07 24.17
C PRO A 115 -11.64 -47.03 25.67
N GLY A 116 -11.25 -45.97 26.35
CA GLY A 116 -11.43 -45.85 27.78
C GLY A 116 -10.21 -46.31 28.56
N ALA A 117 -10.06 -45.73 29.75
CA ALA A 117 -8.95 -46.06 30.64
C ALA A 117 -9.52 -46.37 32.01
N GLN A 118 -9.13 -47.51 32.58
CA GLN A 118 -9.62 -47.90 33.89
C GLN A 118 -8.80 -47.23 34.98
N VAL A 119 -9.47 -46.51 35.87
CA VAL A 119 -8.84 -45.81 36.98
C VAL A 119 -9.39 -46.37 38.28
N THR A 120 -8.50 -46.87 39.14
CA THR A 120 -8.86 -47.45 40.42
C THR A 120 -8.14 -46.69 41.52
N VAL A 121 -8.89 -46.15 42.46
CA VAL A 121 -8.34 -45.40 43.58
C VAL A 121 -8.23 -46.33 44.78
N THR A 122 -7.01 -46.64 45.18
CA THR A 122 -6.77 -47.54 46.30
C THR A 122 -5.42 -47.22 46.93
N SER A 123 -5.23 -47.73 48.14
CA SER A 123 -4.00 -47.54 48.89
C SER A 123 -3.30 -48.87 49.20
N ALA A 124 -3.60 -49.91 48.44
CA ALA A 124 -3.01 -51.22 48.63
C ALA A 124 -1.90 -51.47 47.61
N SER A 125 -0.89 -52.22 48.02
CA SER A 125 0.24 -52.55 47.19
C SER A 125 0.03 -53.91 46.52
N THR A 126 1.08 -54.42 45.87
CA THR A 126 1.02 -55.70 45.19
C THR A 126 1.36 -56.83 46.15
N LYS A 127 0.42 -57.75 46.36
CA LYS A 127 0.63 -58.88 47.26
C LYS A 127 -0.32 -60.01 46.84
N GLY A 128 -0.07 -61.18 47.41
CA GLY A 128 -0.84 -62.38 47.12
C GLY A 128 -2.28 -62.35 47.58
N PRO A 129 -3.09 -63.25 47.04
CA PRO A 129 -4.51 -63.31 47.42
C PRO A 129 -4.78 -64.16 48.66
N SER A 130 -5.97 -63.94 49.21
CA SER A 130 -6.44 -64.67 50.39
C SER A 130 -7.64 -65.49 49.92
N VAL A 131 -7.44 -66.79 49.76
CA VAL A 131 -8.49 -67.69 49.29
C VAL A 131 -9.05 -68.45 50.48
N PHE A 132 -10.39 -68.51 50.57
CA PHE A 132 -11.08 -69.20 51.64
C PHE A 132 -12.01 -70.24 51.02
N PRO A 133 -12.10 -71.44 51.59
CA PRO A 133 -12.99 -72.46 51.01
C PRO A 133 -14.41 -72.31 51.51
N LEU A 134 -15.38 -72.39 50.60
CA LEU A 134 -16.79 -72.28 50.97
C LEU A 134 -17.38 -73.68 51.09
N ALA A 135 -17.08 -74.32 52.21
CA ALA A 135 -17.55 -75.68 52.47
C ALA A 135 -19.06 -75.69 52.70
N PRO A 136 -19.81 -76.53 52.00
CA PRO A 136 -21.26 -76.57 52.20
C PRO A 136 -21.61 -77.27 53.51
N SER A 137 -22.83 -77.00 53.97
CA SER A 137 -23.31 -77.60 55.21
C SER A 137 -23.66 -79.07 55.00
N SER A 138 -23.87 -79.77 56.12
CA SER A 138 -24.20 -81.19 56.06
C SER A 138 -25.60 -81.40 55.48
N ARG A 139 -26.59 -80.61 55.97
CA ARG A 139 -27.95 -80.72 55.49
C ARG A 139 -28.08 -80.40 54.01
N SER A 140 -27.15 -79.60 53.46
CA SER A 140 -27.13 -79.28 52.04
C SER A 140 -26.91 -80.51 51.18
N THR A 141 -26.38 -81.60 51.77
CA THR A 141 -26.18 -82.84 51.03
C THR A 141 -27.50 -83.57 50.80
N SER A 142 -28.58 -83.14 51.44
CA SER A 142 -29.88 -83.80 51.25
C SER A 142 -30.43 -83.54 49.85
N GLU A 143 -30.03 -82.44 49.22
CA GLU A 143 -30.49 -82.11 47.89
C GLU A 143 -29.79 -82.98 46.84
N SER A 144 -30.29 -82.90 45.61
CA SER A 144 -29.70 -83.69 44.52
C SER A 144 -28.34 -83.15 44.11
N THR A 145 -28.18 -81.84 44.09
CA THR A 145 -26.92 -81.21 43.71
C THR A 145 -26.37 -80.36 44.85
N ALA A 146 -25.04 -80.26 44.91
CA ALA A 146 -24.36 -79.48 45.92
C ALA A 146 -23.39 -78.53 45.24
N ALA A 147 -23.37 -77.27 45.68
CA ALA A 147 -22.51 -76.25 45.11
C ALA A 147 -21.35 -75.99 46.08
N LEU A 148 -20.15 -75.85 45.54
CA LEU A 148 -18.97 -75.59 46.35
C LEU A 148 -18.03 -74.66 45.58
N GLY A 149 -17.21 -73.93 46.32
CA GLY A 149 -16.31 -73.02 45.65
C GLY A 149 -15.26 -72.44 46.57
N CYS A 150 -14.51 -71.49 46.00
CA CYS A 150 -13.44 -70.79 46.70
C CYS A 150 -13.62 -69.29 46.52
N LEU A 151 -13.49 -68.56 47.62
CA LEU A 151 -13.65 -67.10 47.64
C LEU A 151 -12.29 -66.43 47.71
N VAL A 152 -12.03 -65.52 46.77
CA VAL A 152 -10.78 -64.78 46.71
C VAL A 152 -11.03 -63.37 47.25
N LYS A 153 -10.29 -63.00 48.27
CA LYS A 153 -10.43 -61.71 48.93
C LYS A 153 -9.05 -61.20 49.30
N ASP A 154 -8.93 -59.86 49.37
CA ASP A 154 -7.71 -59.13 49.73
C ASP A 154 -6.55 -59.43 48.78
N TYR A 155 -6.75 -59.01 47.53
CA TYR A 155 -5.72 -59.18 46.51
C TYR A 155 -5.71 -57.95 45.62
N PHE A 156 -4.52 -57.62 45.12
CA PHE A 156 -4.29 -56.47 44.25
C PHE A 156 -2.94 -56.65 43.56
N PRO A 157 -2.85 -56.43 42.24
CA PRO A 157 -3.93 -56.05 41.32
C PRO A 157 -4.48 -57.22 40.50
N GLU A 158 -5.31 -56.89 39.52
CA GLU A 158 -5.90 -57.88 38.64
C GLU A 158 -4.85 -58.45 37.68
N PRO A 159 -5.04 -59.69 37.19
CA PRO A 159 -6.09 -60.69 37.43
C PRO A 159 -5.62 -61.95 38.15
N VAL A 160 -6.57 -62.85 38.41
CA VAL A 160 -6.32 -64.13 39.07
C VAL A 160 -6.95 -65.23 38.23
N THR A 161 -6.31 -66.39 38.18
CA THR A 161 -6.79 -67.54 37.43
C THR A 161 -7.17 -68.64 38.41
N VAL A 162 -8.41 -69.07 38.38
CA VAL A 162 -8.91 -70.12 39.26
C VAL A 162 -9.33 -71.31 38.41
N SER A 163 -8.78 -72.48 38.71
CA SER A 163 -9.08 -73.71 38.00
C SER A 163 -9.48 -74.78 39.01
N TRP A 164 -10.22 -75.78 38.52
CA TRP A 164 -10.70 -76.87 39.36
C TRP A 164 -10.17 -78.20 38.82
N ASN A 165 -9.54 -78.97 39.72
CA ASN A 165 -8.96 -80.28 39.42
C ASN A 165 -7.97 -80.22 38.26
N SER A 166 -7.06 -79.24 38.34
CA SER A 166 -6.01 -78.97 37.35
C SER A 166 -6.57 -78.75 35.94
N GLY A 167 -7.73 -78.10 35.85
CA GLY A 167 -8.36 -77.82 34.58
C GLY A 167 -9.16 -78.95 33.97
N SER A 168 -9.23 -80.11 34.63
CA SER A 168 -10.00 -81.22 34.06
C SER A 168 -11.50 -80.99 34.22
N LEU A 169 -11.92 -80.33 35.28
CA LEU A 169 -13.33 -80.06 35.53
C LEU A 169 -13.65 -78.64 35.07
N THR A 170 -14.42 -78.53 33.99
CA THR A 170 -14.79 -77.22 33.45
C THR A 170 -16.29 -77.06 33.39
N SER A 171 -17.04 -78.16 33.47
CA SER A 171 -18.49 -78.10 33.42
C SER A 171 -19.04 -77.59 34.75
N GLY A 172 -19.90 -76.58 34.68
CA GLY A 172 -20.51 -76.00 35.85
C GLY A 172 -19.66 -75.01 36.60
N VAL A 173 -18.45 -74.72 36.13
CA VAL A 173 -17.57 -73.76 36.79
C VAL A 173 -17.99 -72.35 36.42
N HIS A 174 -18.29 -71.54 37.44
CA HIS A 174 -18.70 -70.16 37.26
C HIS A 174 -17.78 -69.25 38.06
N THR A 175 -17.19 -68.26 37.38
CA THR A 175 -16.28 -67.30 37.99
C THR A 175 -16.89 -65.92 37.83
N PHE A 176 -17.32 -65.34 38.95
CA PHE A 176 -17.93 -64.02 38.97
C PHE A 176 -16.88 -62.92 38.88
N PRO A 177 -17.23 -61.77 38.29
CA PRO A 177 -16.27 -60.66 38.20
C PRO A 177 -15.95 -60.08 39.56
N ALA A 178 -14.76 -59.49 39.66
CA ALA A 178 -14.29 -58.90 40.90
C ALA A 178 -15.04 -57.62 41.23
N VAL A 179 -15.28 -57.43 42.53
CA VAL A 179 -15.98 -56.26 43.07
C VAL A 179 -15.04 -55.57 44.04
N LEU A 180 -14.88 -54.25 43.88
CA LEU A 180 -14.00 -53.48 44.75
C LEU A 180 -14.61 -53.36 46.14
N GLN A 181 -13.86 -53.80 47.15
CA GLN A 181 -14.32 -53.74 48.52
C GLN A 181 -14.07 -52.35 49.11
N SER A 182 -14.50 -52.18 50.37
CA SER A 182 -14.32 -50.90 51.05
C SER A 182 -12.87 -50.69 51.45
N SER A 183 -12.10 -51.77 51.63
CA SER A 183 -10.70 -51.67 52.01
C SER A 183 -9.79 -51.30 50.85
N GLY A 184 -10.30 -51.29 49.62
CA GLY A 184 -9.50 -50.95 48.46
C GLY A 184 -8.99 -52.10 47.64
N LEU A 185 -9.45 -53.32 47.91
CA LEU A 185 -9.02 -54.50 47.16
C LEU A 185 -10.22 -55.18 46.53
N TYR A 186 -9.95 -56.00 45.52
CA TYR A 186 -10.98 -56.72 44.81
C TYR A 186 -11.32 -58.03 45.53
N SER A 187 -12.44 -58.64 45.11
CA SER A 187 -12.90 -59.89 45.69
C SER A 187 -13.85 -60.56 44.70
N LEU A 188 -13.71 -61.88 44.56
CA LEU A 188 -14.57 -62.65 43.66
C LEU A 188 -14.77 -64.04 44.25
N SER A 189 -15.55 -64.86 43.54
CA SER A 189 -15.83 -66.22 44.00
C SER A 189 -15.92 -67.14 42.80
N SER A 190 -15.43 -68.37 42.97
CA SER A 190 -15.49 -69.39 41.93
C SER A 190 -16.30 -70.54 42.48
N VAL A 191 -17.44 -70.84 41.84
CA VAL A 191 -18.32 -71.90 42.30
C VAL A 191 -18.47 -72.97 41.23
N VAL A 192 -18.95 -74.13 41.65
CA VAL A 192 -19.17 -75.27 40.78
C VAL A 192 -20.25 -76.15 41.41
N THR A 193 -21.14 -76.69 40.56
CA THR A 193 -22.23 -77.56 40.99
C THR A 193 -21.85 -79.00 40.68
N VAL A 194 -21.85 -79.85 41.70
CA VAL A 194 -21.48 -81.26 41.56
C VAL A 194 -22.61 -82.10 42.13
N PRO A 195 -22.72 -83.37 41.72
CA PRO A 195 -23.78 -84.23 42.28
C PRO A 195 -23.51 -84.53 43.75
N SER A 196 -24.60 -84.79 44.49
CA SER A 196 -24.48 -85.07 45.92
C SER A 196 -23.81 -86.42 46.18
N SER A 197 -23.92 -87.36 45.24
CA SER A 197 -23.31 -88.67 45.42
C SER A 197 -21.79 -88.63 45.24
N SER A 198 -21.26 -87.59 44.59
CA SER A 198 -19.82 -87.48 44.37
C SER A 198 -19.08 -86.94 45.59
N LEU A 199 -19.78 -86.47 46.60
CA LEU A 199 -19.12 -85.93 47.80
C LEU A 199 -18.53 -87.07 48.63
N GLY A 200 -17.28 -86.92 49.03
CA GLY A 200 -16.59 -87.90 49.83
C GLY A 200 -15.78 -88.90 49.03
N THR A 201 -16.05 -89.03 47.73
CA THR A 201 -15.31 -89.95 46.86
C THR A 201 -14.43 -89.25 45.85
N GLN A 202 -14.78 -88.03 45.44
CA GLN A 202 -14.01 -87.26 44.47
C GLN A 202 -13.39 -86.06 45.16
N THR A 203 -12.10 -85.87 44.95
CA THR A 203 -11.37 -84.76 45.55
C THR A 203 -11.50 -83.51 44.67
N TYR A 204 -11.91 -82.41 45.28
CA TYR A 204 -12.07 -81.12 44.60
C TYR A 204 -11.08 -80.15 45.20
N VAL A 205 -10.14 -79.69 44.38
CA VAL A 205 -9.10 -78.75 44.81
C VAL A 205 -9.11 -77.55 43.88
N CYS A 206 -9.24 -76.36 44.45
CA CYS A 206 -9.22 -75.13 43.67
C CYS A 206 -7.79 -74.61 43.61
N ASN A 207 -7.37 -74.22 42.42
CA ASN A 207 -6.02 -73.71 42.13
C ASN A 207 -6.17 -72.24 41.77
N VAL A 208 -5.60 -71.36 42.58
CA VAL A 208 -5.66 -69.92 42.36
C VAL A 208 -4.25 -69.40 42.10
N ASN A 209 -4.06 -68.74 40.96
CA ASN A 209 -2.76 -68.20 40.58
C ASN A 209 -2.87 -66.70 40.34
N HIS A 210 -1.92 -65.96 40.91
CA HIS A 210 -1.86 -64.50 40.76
C HIS A 210 -0.51 -64.16 40.13
N LYS A 211 -0.55 -63.77 38.86
CA LYS A 211 0.66 -63.42 38.13
C LYS A 211 1.41 -62.16 38.61
N PRO A 212 0.76 -61.02 38.94
CA PRO A 212 1.55 -59.85 39.39
C PRO A 212 2.37 -60.09 40.65
N SER A 213 1.87 -60.91 41.58
CA SER A 213 2.60 -61.22 42.80
C SER A 213 3.20 -62.62 42.76
N ASN A 214 2.90 -63.41 41.71
CA ASN A 214 3.38 -64.78 41.52
C ASN A 214 3.05 -65.67 42.71
N THR A 215 1.77 -65.72 43.06
CA THR A 215 1.31 -66.53 44.20
C THR A 215 0.40 -67.64 43.72
N LYS A 216 0.71 -68.87 44.14
CA LYS A 216 -0.08 -70.05 43.79
C LYS A 216 -0.63 -70.66 45.06
N VAL A 217 -1.95 -70.81 45.13
CA VAL A 217 -2.66 -71.36 46.28
C VAL A 217 -3.44 -72.58 45.83
N ASP A 218 -3.28 -73.69 46.55
CA ASP A 218 -3.94 -74.94 46.25
C ASP A 218 -4.73 -75.39 47.47
N LYS A 219 -6.06 -75.33 47.42
CA LYS A 219 -6.84 -75.75 48.58
C LYS A 219 -7.98 -76.70 48.23
N ARG A 220 -8.18 -77.69 49.10
CA ARG A 220 -9.22 -78.69 48.94
C ARG A 220 -10.53 -78.22 49.58
N VAL A 221 -11.64 -78.55 48.94
CA VAL A 221 -12.97 -78.20 49.40
C VAL A 221 -13.77 -79.48 49.60
N GLU A 222 -14.33 -79.65 50.79
CA GLU A 222 -15.11 -80.84 51.10
C GLU A 222 -16.12 -80.47 52.18
N ILE A 223 -17.15 -81.32 52.33
CA ILE A 223 -18.17 -81.08 53.34
C ILE A 223 -17.60 -81.28 54.74
N LYS A 224 -18.18 -80.58 55.70
CA LYS A 224 -17.74 -80.65 57.09
C LYS A 224 -18.54 -81.74 57.80
N THR A 225 -17.85 -82.76 58.28
CA THR A 225 -18.48 -83.88 58.98
C THR A 225 -18.65 -83.50 60.45
N CYS A 226 -19.91 -83.36 60.89
CA CYS A 226 -20.20 -83.00 62.27
C CYS A 226 -20.41 -84.24 63.13
N ASP B 1 -31.03 -31.25 38.94
CA ASP B 1 -30.43 -31.65 37.67
C ASP B 1 -31.48 -32.14 36.70
N ILE B 2 -31.05 -32.56 35.51
CA ILE B 2 -31.95 -33.07 34.48
C ILE B 2 -31.99 -34.59 34.64
N GLN B 3 -33.03 -35.05 35.35
CA GLN B 3 -33.18 -36.48 35.61
C GLN B 3 -33.94 -37.17 34.50
N MET B 4 -33.41 -38.33 34.06
CA MET B 4 -33.99 -39.13 33.00
C MET B 4 -34.19 -40.56 33.49
N THR B 5 -35.10 -41.28 32.85
CA THR B 5 -35.40 -42.67 33.21
C THR B 5 -35.51 -43.50 31.94
N GLN B 6 -34.91 -44.69 31.96
CA GLN B 6 -34.94 -45.60 30.81
C GLN B 6 -35.59 -46.91 31.27
N SER B 7 -36.58 -47.37 30.51
CA SER B 7 -37.31 -48.59 30.81
C SER B 7 -37.39 -49.48 29.56
N PRO B 8 -37.29 -50.81 29.72
CA PRO B 8 -37.09 -51.53 30.98
C PRO B 8 -35.61 -51.79 31.27
N SER B 9 -35.31 -52.24 32.48
CA SER B 9 -33.92 -52.53 32.84
C SER B 9 -33.41 -53.77 32.12
N SER B 10 -34.29 -54.76 31.92
CA SER B 10 -33.93 -55.99 31.25
C SER B 10 -35.22 -56.63 30.73
N LEU B 11 -35.24 -56.95 29.43
CA LEU B 11 -36.41 -57.57 28.83
C LEU B 11 -35.95 -58.72 27.94
N SER B 12 -36.83 -59.70 27.79
CA SER B 12 -36.55 -60.87 26.98
C SER B 12 -37.06 -60.69 25.56
N ALA B 13 -36.23 -61.08 24.60
CA ALA B 13 -36.58 -60.96 23.19
C ALA B 13 -35.78 -61.99 22.41
N SER B 14 -36.42 -62.63 21.44
CA SER B 14 -35.78 -63.64 20.61
C SER B 14 -35.21 -62.99 19.35
N VAL B 15 -34.71 -63.83 18.44
CA VAL B 15 -34.12 -63.33 17.20
C VAL B 15 -35.23 -62.88 16.26
N GLY B 16 -35.13 -61.64 15.79
CA GLY B 16 -36.12 -61.08 14.89
C GLY B 16 -37.38 -60.58 15.54
N ASP B 17 -37.39 -60.42 16.86
CA ASP B 17 -38.59 -59.95 17.55
C ASP B 17 -38.59 -58.42 17.65
N ARG B 18 -39.79 -57.88 17.90
CA ARG B 18 -39.99 -56.44 18.04
C ARG B 18 -39.51 -56.00 19.41
N VAL B 19 -38.65 -54.98 19.45
CA VAL B 19 -38.10 -54.47 20.70
C VAL B 19 -38.41 -52.98 20.85
N THR B 20 -38.99 -52.61 21.99
CA THR B 20 -39.34 -51.23 22.31
C THR B 20 -38.57 -50.83 23.57
N VAL B 21 -37.81 -49.75 23.48
CA VAL B 21 -37.03 -49.24 24.61
C VAL B 21 -37.47 -47.80 24.86
N THR B 22 -38.22 -47.59 25.94
CA THR B 22 -38.74 -46.25 26.24
C THR B 22 -37.80 -45.46 27.15
N CYS B 23 -37.80 -44.15 26.95
CA CYS B 23 -37.00 -43.21 27.73
C CYS B 23 -37.86 -41.99 28.04
N ARG B 24 -38.06 -41.71 29.33
CA ARG B 24 -38.83 -40.57 29.78
C ARG B 24 -37.93 -39.53 30.44
N ALA B 25 -38.32 -38.28 30.32
CA ALA B 25 -37.61 -37.14 30.91
C ALA B 25 -38.57 -36.37 31.80
N SER B 26 -38.01 -35.68 32.80
CA SER B 26 -38.81 -34.90 33.73
C SER B 26 -39.13 -33.50 33.22
N LEU B 27 -38.45 -33.04 32.16
CA LEU B 27 -38.68 -31.73 31.60
C LEU B 27 -38.66 -31.80 30.09
N ASP B 28 -39.16 -30.75 29.45
CA ASP B 28 -39.20 -30.69 27.99
C ASP B 28 -37.80 -30.50 27.44
N ILE B 29 -37.27 -31.52 26.77
CA ILE B 29 -35.93 -31.47 26.20
C ILE B 29 -36.01 -31.37 24.68
N ASN B 30 -37.22 -31.11 24.18
CA ASN B 30 -37.55 -30.97 22.74
C ASN B 30 -37.20 -32.29 22.06
N LYS B 31 -36.45 -32.28 20.95
CA LYS B 31 -36.08 -33.50 20.25
C LYS B 31 -34.57 -33.77 20.31
N ASP B 32 -33.91 -33.31 21.37
CA ASP B 32 -32.47 -33.51 21.52
C ASP B 32 -32.20 -34.76 22.36
N LEU B 33 -32.22 -35.91 21.68
CA LEU B 33 -31.97 -37.18 22.32
C LEU B 33 -31.24 -38.10 21.35
N ASN B 34 -30.31 -38.88 21.90
CA ASN B 34 -29.50 -39.83 21.15
C ASN B 34 -29.57 -41.20 21.84
N TRP B 35 -29.35 -42.23 21.05
CA TRP B 35 -29.37 -43.61 21.53
C TRP B 35 -27.99 -44.22 21.34
N TYR B 36 -27.54 -44.97 22.35
CA TYR B 36 -26.23 -45.59 22.31
C TYR B 36 -26.32 -47.06 22.69
N GLN B 37 -25.43 -47.86 22.11
CA GLN B 37 -25.34 -49.29 22.36
C GLN B 37 -23.95 -49.59 22.90
N GLN B 38 -23.89 -50.09 24.12
CA GLN B 38 -22.63 -50.41 24.79
C GLN B 38 -22.52 -51.90 25.05
N LYS B 39 -21.38 -52.46 24.67
CA LYS B 39 -21.04 -53.86 24.84
C LYS B 39 -20.02 -54.01 25.97
N PRO B 40 -19.94 -55.17 26.61
CA PRO B 40 -18.96 -55.35 27.70
C PRO B 40 -17.53 -55.32 27.19
N GLY B 41 -16.82 -54.25 27.56
CA GLY B 41 -15.43 -54.05 27.15
C GLY B 41 -15.28 -53.02 26.04
N LYS B 42 -16.35 -52.75 25.31
CA LYS B 42 -16.31 -51.79 24.21
C LYS B 42 -17.04 -50.51 24.58
N ALA B 43 -16.64 -49.42 23.95
CA ALA B 43 -17.23 -48.10 24.17
C ALA B 43 -18.59 -48.02 23.48
N PRO B 44 -19.50 -47.19 24.01
CA PRO B 44 -20.82 -47.05 23.38
C PRO B 44 -20.72 -46.41 22.00
N ALA B 45 -21.60 -46.84 21.10
CA ALA B 45 -21.65 -46.34 19.73
C ALA B 45 -23.00 -45.71 19.47
N LEU B 46 -22.98 -44.56 18.78
CA LEU B 46 -24.21 -43.85 18.48
C LEU B 46 -25.01 -44.58 17.41
N LEU B 47 -26.32 -44.71 17.65
CA LEU B 47 -27.23 -45.39 16.72
C LEU B 47 -28.21 -44.41 16.09
N ILE B 48 -28.96 -43.68 16.91
CA ILE B 48 -29.95 -42.71 16.45
C ILE B 48 -29.63 -41.38 17.10
N TYR B 49 -29.59 -40.31 16.30
CA TYR B 49 -29.32 -38.98 16.81
C TYR B 49 -30.47 -38.07 16.42
N ALA B 50 -30.70 -37.06 17.27
CA ALA B 50 -31.77 -36.05 17.15
C ALA B 50 -33.16 -36.66 17.21
N ALA B 51 -33.28 -37.88 17.77
CA ALA B 51 -34.49 -38.68 17.98
C ALA B 51 -35.23 -39.11 16.72
N SER B 52 -34.77 -38.69 15.54
CA SER B 52 -35.43 -39.07 14.29
C SER B 52 -34.49 -39.40 13.15
N THR B 53 -33.20 -39.07 13.24
CA THR B 53 -32.25 -39.32 12.17
C THR B 53 -31.34 -40.50 12.51
N LEU B 54 -31.13 -41.36 11.53
CA LEU B 54 -30.28 -42.54 11.71
C LEU B 54 -28.82 -42.18 11.46
N GLN B 55 -27.94 -42.57 12.39
CA GLN B 55 -26.52 -42.30 12.26
C GLN B 55 -25.92 -43.20 11.17
N THR B 56 -24.97 -42.65 10.43
CA THR B 56 -24.30 -43.40 9.36
C THR B 56 -23.50 -44.56 9.94
N GLY B 57 -23.50 -45.68 9.20
CA GLY B 57 -22.80 -46.87 9.63
C GLY B 57 -23.63 -47.81 10.49
N VAL B 58 -24.83 -47.40 10.88
CA VAL B 58 -25.72 -48.20 11.71
C VAL B 58 -26.78 -48.79 10.80
N SER B 59 -27.27 -49.99 11.16
CA SER B 59 -28.29 -50.66 10.37
C SER B 59 -29.62 -49.91 10.42
N SER B 60 -30.44 -50.12 9.39
CA SER B 60 -31.74 -49.46 9.29
C SER B 60 -32.78 -50.04 10.23
N ARG B 61 -32.48 -51.15 10.91
CA ARG B 61 -33.44 -51.74 11.84
C ARG B 61 -33.68 -50.86 13.06
N PHE B 62 -32.67 -50.10 13.47
CA PHE B 62 -32.79 -49.20 14.62
C PHE B 62 -33.45 -47.91 14.19
N SER B 63 -34.44 -47.45 14.95
CA SER B 63 -35.12 -46.21 14.63
C SER B 63 -35.60 -45.56 15.92
N GLY B 64 -35.89 -44.27 15.84
CA GLY B 64 -36.36 -43.54 17.01
C GLY B 64 -37.71 -42.87 16.78
N SER B 65 -38.49 -42.73 17.86
CA SER B 65 -39.80 -42.10 17.75
C SER B 65 -40.09 -41.39 19.06
N GLY B 66 -41.09 -40.51 19.02
CA GLY B 66 -41.49 -39.76 20.19
C GLY B 66 -41.02 -38.31 20.15
N SER B 67 -41.45 -37.56 21.15
CA SER B 67 -41.10 -36.16 21.26
C SER B 67 -41.36 -35.69 22.69
N GLY B 68 -41.04 -34.42 22.94
CA GLY B 68 -41.20 -33.80 24.24
C GLY B 68 -40.42 -34.50 25.32
N THR B 69 -41.15 -35.22 26.17
CA THR B 69 -40.55 -35.97 27.26
C THR B 69 -40.63 -37.48 27.07
N GLN B 70 -41.35 -37.96 26.06
CA GLN B 70 -41.49 -39.39 25.84
C GLN B 70 -40.79 -39.82 24.55
N PHE B 71 -39.88 -40.79 24.65
CA PHE B 71 -39.17 -41.28 23.48
C PHE B 71 -39.15 -42.80 23.50
N THR B 72 -39.05 -43.39 22.31
CA THR B 72 -39.05 -44.83 22.19
C THR B 72 -38.14 -45.28 21.05
N LEU B 73 -37.23 -46.19 21.37
CA LEU B 73 -36.31 -46.80 20.43
C LEU B 73 -36.97 -48.06 19.88
N THR B 74 -37.11 -48.10 18.56
CA THR B 74 -37.76 -49.18 17.85
C THR B 74 -36.74 -50.07 17.14
N ILE B 75 -36.84 -51.37 17.41
CA ILE B 75 -35.99 -52.39 16.80
C ILE B 75 -36.96 -53.36 16.15
N SER B 76 -37.10 -53.27 14.83
CA SER B 76 -38.03 -54.14 14.10
C SER B 76 -37.58 -55.59 14.09
N SER B 77 -36.32 -55.83 13.75
CA SER B 77 -35.78 -57.20 13.70
C SER B 77 -34.55 -57.27 14.58
N LEU B 78 -34.61 -58.11 15.60
CA LEU B 78 -33.47 -58.27 16.50
C LEU B 78 -32.48 -59.28 15.93
N GLN B 79 -31.20 -58.99 16.11
CA GLN B 79 -30.10 -59.80 15.64
C GLN B 79 -29.25 -60.22 16.84
N PRO B 80 -28.49 -61.32 16.70
CA PRO B 80 -27.63 -61.75 17.84
C PRO B 80 -26.55 -60.75 18.21
N GLU B 81 -26.16 -59.86 17.30
CA GLU B 81 -25.15 -58.86 17.60
C GLU B 81 -25.73 -57.66 18.35
N ASP B 82 -27.05 -57.60 18.49
CA ASP B 82 -27.73 -56.51 19.20
C ASP B 82 -27.88 -56.76 20.69
N PHE B 83 -27.42 -57.92 21.18
CA PHE B 83 -27.54 -58.23 22.61
C PHE B 83 -26.51 -57.41 23.39
N ALA B 84 -26.88 -56.20 23.76
CA ALA B 84 -25.99 -55.31 24.51
C ALA B 84 -26.84 -54.34 25.31
N THR B 85 -26.18 -53.47 26.06
CA THR B 85 -26.85 -52.48 26.88
C THR B 85 -27.21 -51.28 26.01
N TYR B 86 -28.39 -50.71 26.25
CA TYR B 86 -28.85 -49.56 25.49
C TYR B 86 -29.06 -48.37 26.42
N TYR B 87 -28.64 -47.19 25.98
CA TYR B 87 -28.75 -45.96 26.76
C TYR B 87 -29.34 -44.83 25.94
N CYS B 88 -29.99 -43.92 26.65
CA CYS B 88 -30.60 -42.71 26.07
C CYS B 88 -29.90 -41.51 26.69
N LEU B 89 -29.38 -40.62 25.83
CA LEU B 89 -28.64 -39.44 26.26
C LEU B 89 -29.26 -38.16 25.71
N GLN B 90 -29.47 -37.18 26.58
CA GLN B 90 -30.05 -35.90 26.19
C GLN B 90 -28.96 -34.97 25.68
N ASP B 91 -29.36 -33.95 24.93
CA ASP B 91 -28.45 -32.96 24.38
C ASP B 91 -29.04 -31.56 24.42
N TYR B 92 -30.08 -31.33 25.21
CA TYR B 92 -30.71 -30.01 25.27
C TYR B 92 -29.90 -29.05 26.13
N SER B 93 -29.70 -29.40 27.41
CA SER B 93 -28.94 -28.57 28.33
C SER B 93 -28.02 -29.44 29.18
N PHE B 94 -26.89 -28.87 29.58
CA PHE B 94 -25.93 -29.59 30.40
C PHE B 94 -26.50 -29.79 31.81
N PRO B 95 -26.08 -30.86 32.53
CA PRO B 95 -25.12 -31.93 32.24
C PRO B 95 -25.59 -33.01 31.27
N LEU B 96 -24.65 -33.79 30.76
CA LEU B 96 -24.94 -34.86 29.82
C LEU B 96 -25.27 -36.16 30.56
N THR B 97 -26.40 -36.18 31.26
CA THR B 97 -26.81 -37.36 32.02
C THR B 97 -27.27 -38.49 31.10
N PHE B 98 -27.09 -39.74 31.52
CA PHE B 98 -27.48 -40.90 30.74
C PHE B 98 -28.64 -41.62 31.41
N GLY B 99 -29.24 -42.54 30.67
CA GLY B 99 -30.36 -43.32 31.15
C GLY B 99 -29.94 -44.44 32.09
N GLY B 100 -30.95 -45.15 32.59
CA GLY B 100 -30.71 -46.25 33.52
C GLY B 100 -30.14 -47.49 32.87
N GLY B 101 -30.33 -47.66 31.57
CA GLY B 101 -29.81 -48.83 30.87
C GLY B 101 -30.90 -49.82 30.51
N THR B 102 -30.64 -50.58 29.45
CA THR B 102 -31.58 -51.59 28.96
C THR B 102 -30.77 -52.73 28.35
N LYS B 103 -30.79 -53.89 29.02
CA LYS B 103 -30.06 -55.06 28.55
C LYS B 103 -31.03 -56.04 27.91
N ILE B 104 -30.66 -56.57 26.75
CA ILE B 104 -31.48 -57.53 26.01
C ILE B 104 -30.78 -58.88 25.99
N ASP B 105 -31.50 -59.93 26.37
CA ASP B 105 -30.96 -61.29 26.40
C ASP B 105 -31.81 -62.19 25.50
N LEU B 106 -31.28 -63.38 25.24
CA LEU B 106 -31.95 -64.36 24.40
C LEU B 106 -33.18 -64.95 25.10
N LYS B 107 -34.19 -65.30 24.31
CA LYS B 107 -35.43 -65.89 24.80
C LYS B 107 -35.34 -67.40 24.81
N ARG B 108 -35.70 -67.99 25.95
CA ARG B 108 -35.69 -69.43 26.14
C ARG B 108 -36.68 -69.79 27.26
N THR B 109 -36.59 -71.00 27.78
CA THR B 109 -37.48 -71.44 28.84
C THR B 109 -37.02 -70.91 30.20
N VAL B 110 -38.00 -70.61 31.05
CA VAL B 110 -37.72 -70.09 32.39
C VAL B 110 -37.15 -71.20 33.27
N ALA B 111 -36.02 -70.92 33.92
CA ALA B 111 -35.35 -71.87 34.78
C ALA B 111 -35.33 -71.34 36.21
N ALA B 112 -35.64 -72.22 37.17
CA ALA B 112 -35.66 -71.84 38.58
C ALA B 112 -34.25 -71.63 39.12
N PRO B 113 -34.06 -70.61 39.95
CA PRO B 113 -32.72 -70.34 40.51
C PRO B 113 -32.36 -71.31 41.62
N SER B 114 -31.14 -71.83 41.56
CA SER B 114 -30.61 -72.73 42.58
C SER B 114 -29.97 -71.85 43.63
N VAL B 115 -30.58 -71.77 44.81
CA VAL B 115 -30.09 -70.92 45.88
C VAL B 115 -29.28 -71.74 46.88
N PHE B 116 -28.09 -71.25 47.20
CA PHE B 116 -27.19 -71.91 48.15
C PHE B 116 -26.57 -70.83 49.02
N ILE B 117 -26.16 -71.22 50.23
CA ILE B 117 -25.53 -70.28 51.16
C ILE B 117 -24.27 -70.94 51.71
N PHE B 118 -23.22 -70.13 51.90
CA PHE B 118 -21.95 -70.63 52.41
C PHE B 118 -21.49 -69.85 53.63
N PRO B 119 -21.52 -70.44 54.83
CA PRO B 119 -21.07 -69.70 56.01
C PRO B 119 -19.56 -69.62 56.03
N PRO B 120 -19.00 -68.58 56.65
CA PRO B 120 -17.53 -68.45 56.71
C PRO B 120 -16.91 -69.50 57.63
N SER B 121 -15.67 -69.85 57.32
CA SER B 121 -14.93 -70.83 58.10
C SER B 121 -14.33 -70.19 59.35
N GLU B 122 -13.67 -71.03 60.16
CA GLU B 122 -13.05 -70.53 61.39
C GLU B 122 -11.84 -69.66 61.08
N ASP B 123 -11.09 -69.99 60.03
CA ASP B 123 -9.92 -69.20 59.65
C ASP B 123 -10.35 -67.83 59.15
N GLN B 124 -11.48 -67.75 58.45
CA GLN B 124 -11.99 -66.49 57.95
C GLN B 124 -12.46 -65.61 59.11
N VAL B 125 -13.01 -66.24 60.16
CA VAL B 125 -13.44 -65.50 61.33
C VAL B 125 -12.23 -64.98 62.10
N LYS B 126 -11.19 -65.82 62.24
CA LYS B 126 -9.98 -65.42 62.93
C LYS B 126 -9.17 -64.39 62.15
N SER B 127 -9.39 -64.30 60.84
CA SER B 127 -8.66 -63.34 60.01
C SER B 127 -9.12 -61.91 60.24
N GLY B 128 -10.29 -61.69 60.82
CA GLY B 128 -10.80 -60.36 61.08
C GLY B 128 -11.97 -59.93 60.23
N THR B 129 -12.08 -60.42 58.99
CA THR B 129 -13.17 -60.06 58.10
C THR B 129 -13.86 -61.32 57.60
N VAL B 130 -15.19 -61.30 57.61
CA VAL B 130 -16.00 -62.41 57.17
C VAL B 130 -16.84 -61.96 55.98
N SER B 131 -17.30 -62.93 55.19
CA SER B 131 -18.10 -62.64 54.01
C SER B 131 -19.03 -63.82 53.74
N VAL B 132 -20.33 -63.61 53.92
CA VAL B 132 -21.34 -64.63 53.67
C VAL B 132 -21.67 -64.58 52.19
N VAL B 133 -21.66 -65.74 51.53
CA VAL B 133 -21.92 -65.83 50.10
C VAL B 133 -23.23 -66.57 49.85
N CYS B 134 -24.13 -65.91 49.13
CA CYS B 134 -25.42 -66.46 48.73
C CYS B 134 -25.36 -66.61 47.21
N LEU B 135 -25.31 -67.85 46.74
CA LEU B 135 -25.18 -68.17 45.32
C LEU B 135 -26.52 -68.50 44.66
N LEU B 136 -26.70 -67.97 43.45
CA LEU B 136 -27.88 -68.19 42.62
C LEU B 136 -27.34 -68.77 41.31
N ASN B 137 -27.71 -70.01 41.01
CA ASN B 137 -27.22 -70.68 39.81
C ASN B 137 -28.34 -71.08 38.86
N ASN B 138 -28.09 -70.84 37.56
CA ASN B 138 -28.98 -71.18 36.44
C ASN B 138 -30.38 -70.56 36.59
N PHE B 139 -30.42 -69.23 36.48
CA PHE B 139 -31.67 -68.50 36.58
C PHE B 139 -31.89 -67.65 35.32
N TYR B 140 -33.17 -67.52 34.95
CA TYR B 140 -33.63 -66.78 33.79
C TYR B 140 -35.04 -66.37 34.17
N PRO B 141 -35.42 -65.08 34.11
CA PRO B 141 -34.75 -63.83 33.72
C PRO B 141 -33.69 -63.29 34.66
N ARG B 142 -32.99 -62.27 34.16
CA ARG B 142 -31.94 -61.59 34.90
C ARG B 142 -32.51 -60.90 36.14
N GLU B 143 -33.74 -60.41 36.05
CA GLU B 143 -34.36 -59.74 37.19
C GLU B 143 -34.67 -60.74 38.29
N ALA B 144 -34.33 -60.36 39.52
CA ALA B 144 -34.52 -61.15 40.73
C ALA B 144 -34.28 -60.22 41.91
N SER B 145 -34.82 -60.58 43.07
CA SER B 145 -34.62 -59.73 44.25
C SER B 145 -34.03 -60.59 45.36
N VAL B 146 -32.79 -60.29 45.73
CA VAL B 146 -32.07 -60.99 46.78
C VAL B 146 -31.93 -60.04 47.96
N LYS B 147 -32.40 -60.46 49.12
CA LYS B 147 -32.36 -59.66 50.33
C LYS B 147 -31.69 -60.45 51.45
N TRP B 148 -31.21 -59.72 52.46
CA TRP B 148 -30.53 -60.32 53.60
C TRP B 148 -31.34 -60.07 54.87
N LYS B 149 -31.43 -61.09 55.71
CA LYS B 149 -32.15 -61.04 56.98
C LYS B 149 -31.22 -61.41 58.12
N VAL B 150 -31.18 -60.55 59.13
CA VAL B 150 -30.37 -60.74 60.32
C VAL B 150 -31.32 -60.88 61.50
N ASP B 151 -31.27 -62.05 62.16
CA ASP B 151 -32.11 -62.39 63.32
C ASP B 151 -33.60 -62.22 63.03
N GLY B 152 -33.99 -62.55 61.80
CA GLY B 152 -35.38 -62.44 61.38
C GLY B 152 -35.80 -61.04 60.96
N ALA B 153 -34.89 -60.08 60.93
CA ALA B 153 -35.21 -58.71 60.53
C ALA B 153 -34.51 -58.39 59.22
N LEU B 154 -35.25 -57.77 58.30
CA LEU B 154 -34.69 -57.41 57.00
C LEU B 154 -33.66 -56.30 57.14
N LYS B 155 -32.47 -56.53 56.59
CA LYS B 155 -31.39 -55.54 56.67
C LYS B 155 -30.80 -55.33 55.28
N THR B 156 -30.22 -54.13 55.10
CA THR B 156 -29.60 -53.76 53.83
C THR B 156 -28.30 -53.03 54.13
N GLY B 157 -27.45 -52.95 53.11
CA GLY B 157 -26.17 -52.28 53.23
C GLY B 157 -25.04 -53.27 53.46
N ASN B 158 -23.83 -52.81 53.12
CA ASN B 158 -22.57 -53.57 53.24
C ASN B 158 -22.62 -54.89 52.49
N SER B 159 -23.31 -54.92 51.35
CA SER B 159 -23.43 -56.12 50.54
C SER B 159 -23.18 -55.77 49.08
N GLN B 160 -22.59 -56.71 48.35
CA GLN B 160 -22.28 -56.54 46.93
C GLN B 160 -22.89 -57.69 46.15
N GLU B 161 -23.14 -57.44 44.86
CA GLU B 161 -23.73 -58.44 43.98
C GLU B 161 -22.86 -58.54 42.73
N SER B 162 -22.44 -59.76 42.41
CA SER B 162 -21.60 -60.01 41.23
C SER B 162 -22.32 -60.99 40.31
N VAL B 163 -22.51 -60.57 39.06
CA VAL B 163 -23.20 -61.38 38.05
C VAL B 163 -22.26 -61.56 36.86
N THR B 164 -22.09 -62.81 36.46
CA THR B 164 -21.22 -63.12 35.32
C THR B 164 -21.98 -62.89 34.01
N GLU B 165 -21.27 -63.09 32.91
CA GLU B 165 -21.87 -62.91 31.59
C GLU B 165 -22.83 -64.05 31.27
N GLN B 166 -23.60 -63.86 30.20
CA GLN B 166 -24.57 -64.87 29.78
C GLN B 166 -23.86 -66.12 29.26
N ASP B 167 -24.34 -67.28 29.68
CA ASP B 167 -23.75 -68.53 29.25
C ASP B 167 -24.11 -68.83 27.80
N SER B 168 -23.20 -69.48 27.09
CA SER B 168 -23.41 -69.82 25.69
C SER B 168 -23.95 -71.23 25.49
N LYS B 169 -24.05 -72.03 26.55
CA LYS B 169 -24.55 -73.40 26.45
C LYS B 169 -26.04 -73.49 26.76
N ASP B 170 -26.44 -73.08 27.96
CA ASP B 170 -27.85 -73.15 28.37
C ASP B 170 -28.53 -71.78 28.43
N ASN B 171 -27.80 -70.71 28.11
CA ASN B 171 -28.30 -69.32 28.12
C ASN B 171 -28.87 -68.92 29.48
N THR B 172 -28.22 -69.35 30.56
CA THR B 172 -28.66 -69.04 31.91
C THR B 172 -27.77 -67.93 32.49
N TYR B 173 -27.97 -67.64 33.78
CA TYR B 173 -27.21 -66.61 34.46
C TYR B 173 -26.78 -67.13 35.83
N SER B 174 -25.79 -66.45 36.40
CA SER B 174 -25.26 -66.80 37.72
C SER B 174 -25.08 -65.52 38.52
N LEU B 175 -25.53 -65.54 39.78
CA LEU B 175 -25.44 -64.38 40.67
C LEU B 175 -24.79 -64.80 41.98
N SER B 176 -24.07 -63.86 42.59
CA SER B 176 -23.40 -64.11 43.86
C SER B 176 -23.53 -62.88 44.73
N SER B 177 -24.20 -63.02 45.87
CA SER B 177 -24.38 -61.92 46.82
C SER B 177 -23.39 -62.13 47.96
N THR B 178 -22.46 -61.19 48.11
CA THR B 178 -21.43 -61.26 49.15
C THR B 178 -21.69 -60.19 50.19
N LEU B 179 -21.90 -60.63 51.43
CA LEU B 179 -22.13 -59.73 52.57
C LEU B 179 -20.83 -59.73 53.37
N THR B 180 -20.07 -58.65 53.25
CA THR B 180 -18.80 -58.53 53.94
C THR B 180 -18.96 -57.73 55.23
N LEU B 181 -18.55 -58.33 56.35
CA LEU B 181 -18.64 -57.69 57.65
C LEU B 181 -17.37 -58.00 58.43
N SER B 182 -17.29 -57.43 59.64
CA SER B 182 -16.16 -57.65 60.51
C SER B 182 -16.46 -58.77 61.50
N SER B 183 -15.44 -59.17 62.25
CA SER B 183 -15.60 -60.25 63.23
C SER B 183 -16.47 -59.81 64.39
N THR B 184 -16.36 -58.55 64.80
CA THR B 184 -17.16 -58.02 65.90
C THR B 184 -18.64 -57.98 65.52
N GLU B 185 -18.94 -57.58 64.29
CA GLU B 185 -20.33 -57.56 63.85
C GLU B 185 -20.85 -58.96 63.59
N TYR B 186 -19.96 -59.89 63.21
CA TYR B 186 -20.37 -61.26 62.96
C TYR B 186 -20.72 -61.98 64.25
N GLN B 187 -19.93 -61.74 65.32
CA GLN B 187 -20.19 -62.38 66.60
C GLN B 187 -21.30 -61.70 67.38
N SER B 188 -21.74 -60.52 66.94
CA SER B 188 -22.80 -59.80 67.65
C SER B 188 -24.20 -60.29 67.26
N HIS B 189 -24.31 -61.14 66.24
CA HIS B 189 -25.58 -61.67 65.78
C HIS B 189 -25.56 -63.19 65.89
N LYS B 190 -26.71 -63.82 65.70
CA LYS B 190 -26.78 -65.27 65.81
C LYS B 190 -27.43 -65.96 64.60
N VAL B 191 -28.43 -65.32 63.99
CA VAL B 191 -29.13 -65.91 62.85
C VAL B 191 -28.93 -65.05 61.62
N TYR B 192 -28.46 -65.66 60.54
CA TYR B 192 -28.23 -65.00 59.26
C TYR B 192 -28.98 -65.78 58.18
N ALA B 193 -29.52 -65.03 57.20
CA ALA B 193 -30.27 -65.66 56.12
C ALA B 193 -30.26 -64.78 54.88
N CYS B 194 -30.44 -65.43 53.74
CA CYS B 194 -30.53 -64.76 52.44
C CYS B 194 -31.78 -65.29 51.75
N GLU B 195 -32.64 -64.37 51.32
CA GLU B 195 -33.89 -64.73 50.64
C GLU B 195 -33.83 -64.27 49.18
N VAL B 196 -34.36 -65.11 48.31
CA VAL B 196 -34.38 -64.86 46.87
C VAL B 196 -35.80 -64.99 46.34
N THR B 197 -36.26 -63.96 45.65
CA THR B 197 -37.58 -63.94 45.03
C THR B 197 -37.35 -63.84 43.53
N HIS B 198 -37.89 -64.81 42.79
CA HIS B 198 -37.73 -64.91 41.35
C HIS B 198 -39.05 -65.32 40.73
N GLN B 199 -39.14 -65.14 39.41
CA GLN B 199 -40.35 -65.50 38.68
C GLN B 199 -40.54 -67.02 38.63
N GLY B 200 -39.44 -67.76 38.55
CA GLY B 200 -39.50 -69.21 38.50
C GLY B 200 -39.83 -69.88 39.83
N LEU B 201 -39.81 -69.13 40.93
CA LEU B 201 -40.11 -69.67 42.25
C LEU B 201 -41.51 -69.23 42.67
N SER B 202 -42.31 -70.20 43.13
CA SER B 202 -43.66 -69.88 43.58
C SER B 202 -43.64 -69.17 44.94
N SER B 203 -42.58 -69.40 45.71
CA SER B 203 -42.39 -68.81 47.02
C SER B 203 -40.94 -68.37 47.12
N PRO B 204 -40.66 -67.31 47.90
CA PRO B 204 -39.27 -66.85 48.04
C PRO B 204 -38.43 -67.86 48.79
N VAL B 205 -37.36 -68.33 48.15
CA VAL B 205 -36.49 -69.31 48.79
C VAL B 205 -35.54 -68.61 49.76
N THR B 206 -35.62 -68.99 51.03
CA THR B 206 -34.79 -68.40 52.07
C THR B 206 -33.86 -69.45 52.66
N LYS B 207 -32.57 -69.16 52.66
CA LYS B 207 -31.55 -70.05 53.21
C LYS B 207 -30.97 -69.38 54.43
N SER B 208 -31.04 -70.07 55.58
CA SER B 208 -30.55 -69.54 56.84
C SER B 208 -29.52 -70.49 57.45
N PHE B 209 -28.68 -69.94 58.33
CA PHE B 209 -27.69 -70.75 59.01
C PHE B 209 -27.46 -70.16 60.39
N ASN B 210 -27.28 -71.05 61.37
CA ASN B 210 -27.07 -70.67 62.77
C ASN B 210 -25.61 -70.88 63.12
N ARG B 211 -25.02 -69.89 63.81
CA ARG B 211 -23.62 -69.99 64.21
C ARG B 211 -23.44 -71.00 65.34
N ALA B 212 -24.39 -71.07 66.26
CA ALA B 212 -24.30 -72.00 67.38
C ALA B 212 -24.51 -73.45 66.96
N ALA B 213 -25.16 -73.70 65.82
CA ALA B 213 -25.39 -75.06 65.36
C ALA B 213 -24.60 -75.34 64.08
N GLY C 5 -20.25 -28.76 18.55
CA GLY C 5 -19.25 -28.03 17.78
C GLY C 5 -19.71 -27.78 16.37
N ALA C 6 -18.83 -27.16 15.58
CA ALA C 6 -19.13 -26.85 14.20
C ALA C 6 -17.84 -26.85 13.39
N VAL C 7 -17.79 -27.67 12.36
CA VAL C 7 -16.63 -27.79 11.48
C VAL C 7 -17.12 -27.63 10.05
N PHE C 8 -16.64 -26.61 9.35
CA PHE C 8 -17.03 -26.37 7.97
C PHE C 8 -15.97 -26.87 6.99
N LEU C 9 -14.78 -26.27 7.03
CA LEU C 9 -13.62 -26.58 6.21
C LEU C 9 -12.50 -25.64 6.65
N GLY C 10 -11.31 -25.86 6.09
CA GLY C 10 -10.15 -25.05 6.36
C GLY C 10 -9.80 -24.16 5.18
N PHE C 11 -8.59 -23.62 5.23
CA PHE C 11 -8.13 -22.76 4.16
C PHE C 11 -7.74 -23.60 2.94
N LEU C 12 -8.33 -23.25 1.79
CA LEU C 12 -8.12 -23.91 0.49
C LEU C 12 -8.50 -25.40 0.51
N GLY C 13 -9.37 -25.80 1.44
CA GLY C 13 -9.73 -27.21 1.55
C GLY C 13 -10.56 -27.74 0.40
N ALA C 14 -11.25 -26.85 -0.33
CA ALA C 14 -12.08 -27.25 -1.45
C ALA C 14 -11.41 -27.02 -2.80
N ALA C 15 -10.09 -27.19 -2.87
CA ALA C 15 -9.38 -26.99 -4.12
C ALA C 15 -9.70 -28.11 -5.11
N GLY C 16 -9.71 -29.35 -4.64
CA GLY C 16 -10.04 -30.48 -5.50
C GLY C 16 -11.51 -30.78 -5.63
N SER C 17 -12.34 -30.08 -4.86
CA SER C 17 -13.77 -30.29 -4.91
C SER C 17 -14.35 -29.67 -6.18
N THR C 18 -15.62 -29.99 -6.44
CA THR C 18 -16.29 -29.47 -7.61
C THR C 18 -16.72 -28.01 -7.39
N MET C 19 -17.43 -27.47 -8.38
CA MET C 19 -17.91 -26.10 -8.31
C MET C 19 -18.95 -25.92 -7.19
N GLY C 20 -19.97 -26.79 -7.19
CA GLY C 20 -21.00 -26.71 -6.18
C GLY C 20 -20.49 -27.06 -4.79
N ALA C 21 -19.52 -27.97 -4.72
CA ALA C 21 -18.96 -28.36 -3.43
C ALA C 21 -18.09 -27.27 -2.83
N ALA C 22 -17.59 -26.36 -3.67
CA ALA C 22 -16.76 -25.25 -3.22
C ALA C 22 -17.51 -23.93 -3.20
N SER C 23 -18.79 -23.92 -3.57
CA SER C 23 -19.58 -22.69 -3.59
C SER C 23 -19.99 -22.16 -2.22
N MET C 24 -19.80 -22.91 -1.12
CA MET C 24 -20.22 -22.40 0.18
C MET C 24 -19.07 -22.19 1.17
N THR C 25 -17.82 -22.42 0.76
CA THR C 25 -16.68 -22.24 1.66
C THR C 25 -15.76 -21.14 1.15
N LEU C 26 -16.35 -20.14 0.50
CA LEU C 26 -15.63 -19.02 -0.07
C LEU C 26 -15.38 -17.88 0.91
N THR C 27 -16.13 -17.82 2.01
CA THR C 27 -16.00 -16.72 2.96
C THR C 27 -14.73 -16.84 3.84
N VAL C 28 -14.29 -18.06 4.17
CA VAL C 28 -13.06 -18.19 4.96
C VAL C 28 -11.87 -17.78 4.11
N GLN C 29 -11.91 -18.12 2.81
CA GLN C 29 -10.86 -17.71 1.91
C GLN C 29 -10.96 -16.21 1.65
N ALA C 30 -12.17 -15.66 1.79
CA ALA C 30 -12.37 -14.22 1.63
C ALA C 30 -11.64 -13.47 2.74
N ARG C 31 -11.76 -13.94 3.99
CA ARG C 31 -10.98 -13.25 5.02
C ARG C 31 -9.51 -13.62 4.96
N ASN C 32 -9.16 -14.72 4.31
CA ASN C 32 -7.75 -15.13 4.25
C ASN C 32 -6.87 -14.23 3.39
N LEU C 33 -7.45 -13.31 2.60
CA LEU C 33 -6.62 -12.43 1.77
C LEU C 33 -5.87 -11.39 2.58
N LEU C 34 -6.24 -11.15 3.83
CA LEU C 34 -5.56 -10.16 4.65
C LEU C 34 -4.87 -10.82 5.85
N LEU C 57 20.30 -7.12 9.26
CA LEU C 57 19.03 -7.41 9.91
C LEU C 57 17.91 -6.51 9.37
N THR C 58 18.29 -5.32 8.88
CA THR C 58 17.30 -4.40 8.34
C THR C 58 16.80 -4.82 6.97
N VAL C 59 17.57 -5.65 6.26
CA VAL C 59 17.14 -6.12 4.93
C VAL C 59 15.93 -7.02 5.05
N TRP C 60 15.84 -7.83 6.11
CA TRP C 60 14.66 -8.67 6.28
C TRP C 60 13.46 -7.83 6.66
N GLY C 61 13.69 -6.75 7.41
CA GLY C 61 12.58 -5.86 7.77
C GLY C 61 12.01 -5.16 6.56
N ILE C 62 12.89 -4.64 5.68
CA ILE C 62 12.40 -3.97 4.48
C ILE C 62 11.80 -4.99 3.51
N LYS C 63 12.30 -6.24 3.53
CA LYS C 63 11.74 -7.28 2.68
C LYS C 63 10.33 -7.63 3.12
N GLN C 64 10.14 -7.75 4.45
CA GLN C 64 8.82 -8.05 5.00
C GLN C 64 7.86 -6.90 4.73
N LEU C 65 8.36 -5.65 4.84
CA LEU C 65 7.52 -4.49 4.57
C LEU C 65 7.12 -4.43 3.10
N GLN C 66 8.04 -4.76 2.19
CA GLN C 66 7.73 -4.75 0.76
C GLN C 66 6.70 -5.81 0.41
N ALA C 67 6.86 -7.03 0.97
CA ALA C 67 5.89 -8.10 0.71
C ALA C 67 4.53 -7.75 1.29
N ARG C 68 4.53 -7.11 2.47
CA ARG C 68 3.29 -6.72 3.12
C ARG C 68 2.56 -5.65 2.31
N VAL C 69 3.32 -4.69 1.75
CA VAL C 69 2.73 -3.65 0.91
C VAL C 69 2.17 -4.26 -0.37
N LEU C 70 2.87 -5.26 -0.93
CA LEU C 70 2.39 -5.93 -2.13
C LEU C 70 1.08 -6.68 -1.86
N ALA C 71 0.99 -7.31 -0.69
CA ALA C 71 -0.23 -8.02 -0.32
C ALA C 71 -1.40 -7.05 -0.14
N VAL C 72 -1.13 -5.90 0.49
CA VAL C 72 -2.15 -4.88 0.68
C VAL C 72 -2.61 -4.34 -0.67
N GLU C 73 -1.67 -4.13 -1.59
CA GLU C 73 -2.01 -3.63 -2.92
C GLU C 73 -2.87 -4.63 -3.69
N ARG C 74 -2.55 -5.93 -3.56
CA ARG C 74 -3.35 -6.94 -4.24
C ARG C 74 -4.77 -6.99 -3.68
N TYR C 75 -4.90 -6.88 -2.35
CA TYR C 75 -6.23 -6.89 -1.73
C TYR C 75 -7.04 -5.67 -2.15
N LEU C 76 -6.41 -4.48 -2.19
CA LEU C 76 -7.12 -3.28 -2.59
C LEU C 76 -7.48 -3.32 -4.08
N ARG C 77 -6.64 -3.94 -4.91
CA ARG C 77 -6.95 -4.04 -6.33
C ARG C 77 -8.15 -4.96 -6.55
N ASP C 78 -8.20 -6.08 -5.81
CA ASP C 78 -9.33 -7.00 -5.93
C ASP C 78 -10.61 -6.35 -5.42
N GLN C 79 -10.51 -5.62 -4.30
CA GLN C 79 -11.68 -4.94 -3.75
C GLN C 79 -12.16 -3.83 -4.67
N GLN C 80 -11.21 -3.15 -5.35
CA GLN C 80 -11.58 -2.09 -6.28
C GLN C 80 -12.28 -2.66 -7.50
N LEU C 81 -11.79 -3.80 -8.01
CA LEU C 81 -12.43 -4.42 -9.16
C LEU C 81 -13.83 -4.92 -8.80
N LEU C 82 -14.01 -5.37 -7.54
CA LEU C 82 -15.33 -5.79 -7.12
C LEU C 82 -16.24 -4.59 -6.92
N GLY C 83 -15.68 -3.47 -6.45
CA GLY C 83 -16.48 -2.27 -6.24
C GLY C 83 -16.89 -1.61 -7.53
N ILE C 84 -16.14 -1.85 -8.61
CA ILE C 84 -16.50 -1.28 -9.92
C ILE C 84 -17.81 -1.88 -10.40
N TRP C 85 -17.96 -3.20 -10.23
CA TRP C 85 -19.17 -3.90 -10.60
C TRP C 85 -20.22 -3.73 -9.51
N GLY C 86 -21.29 -4.52 -9.58
CA GLY C 86 -22.34 -4.44 -8.58
C GLY C 86 -22.09 -5.37 -7.41
N CYS C 87 -20.82 -5.51 -7.02
CA CYS C 87 -20.40 -6.38 -5.92
C CYS C 87 -19.45 -5.63 -4.99
N SER C 88 -19.85 -4.43 -4.57
CA SER C 88 -19.00 -3.61 -3.70
C SER C 88 -18.84 -4.25 -2.33
N GLY C 89 -19.91 -4.81 -1.76
CA GLY C 89 -19.82 -5.43 -0.46
C GLY C 89 -20.51 -6.77 -0.35
N LYS C 90 -20.52 -7.53 -1.45
CA LYS C 90 -21.15 -8.83 -1.48
C LYS C 90 -20.20 -9.86 -2.05
N LEU C 91 -20.20 -11.06 -1.44
CA LEU C 91 -19.35 -12.14 -1.90
C LEU C 91 -19.98 -12.95 -3.02
N ILE C 92 -21.31 -12.96 -3.10
CA ILE C 92 -22.04 -13.68 -4.13
C ILE C 92 -22.86 -12.64 -4.90
N CYS C 93 -22.67 -12.58 -6.21
CA CYS C 93 -23.41 -11.59 -7.00
C CYS C 93 -23.49 -12.01 -8.45
N CYS C 94 -24.64 -11.76 -9.06
CA CYS C 94 -24.90 -12.08 -10.45
C CYS C 94 -25.01 -10.78 -11.25
N THR C 95 -24.84 -10.89 -12.57
CA THR C 95 -24.89 -9.74 -13.45
C THR C 95 -25.87 -10.02 -14.59
N ASN C 96 -26.45 -8.95 -15.13
CA ASN C 96 -27.42 -9.00 -16.20
C ASN C 96 -26.82 -9.22 -17.59
N VAL C 97 -25.54 -9.59 -17.68
CA VAL C 97 -24.94 -9.80 -19.00
C VAL C 97 -25.18 -11.24 -19.44
N PRO C 98 -25.55 -11.45 -20.71
CA PRO C 98 -25.78 -12.82 -21.17
C PRO C 98 -24.45 -13.54 -21.35
N TRP C 99 -24.36 -14.74 -20.77
CA TRP C 99 -23.14 -15.52 -20.91
C TRP C 99 -23.01 -15.98 -22.35
N ASN C 100 -21.81 -15.86 -22.90
CA ASN C 100 -21.59 -16.20 -24.30
C ASN C 100 -21.18 -17.67 -24.32
N SER C 101 -22.01 -18.48 -24.98
CA SER C 101 -21.79 -19.93 -25.06
C SER C 101 -20.54 -20.33 -25.82
N SER C 102 -19.94 -19.42 -26.60
CA SER C 102 -18.74 -19.75 -27.34
C SER C 102 -17.54 -19.97 -26.42
N TRP C 103 -17.57 -19.38 -25.23
CA TRP C 103 -16.48 -19.53 -24.28
C TRP C 103 -16.56 -20.81 -23.46
N SER C 104 -17.75 -21.39 -23.28
CA SER C 104 -17.86 -22.60 -22.47
C SER C 104 -18.27 -23.84 -23.27
N ASN C 105 -19.40 -23.75 -23.97
CA ASN C 105 -19.97 -24.83 -24.79
C ASN C 105 -20.23 -26.10 -23.96
N ARG C 106 -20.80 -25.96 -22.77
CA ARG C 106 -21.07 -27.11 -21.93
C ARG C 106 -22.34 -26.87 -21.11
N ASN C 107 -22.89 -27.96 -20.58
CA ASN C 107 -24.09 -27.90 -19.78
C ASN C 107 -23.82 -27.27 -18.42
N LEU C 108 -24.90 -26.81 -17.77
CA LEU C 108 -24.76 -26.20 -16.45
C LEU C 108 -24.47 -27.24 -15.37
N SER C 109 -25.19 -28.37 -15.40
CA SER C 109 -24.99 -29.40 -14.40
C SER C 109 -23.64 -30.09 -14.58
N GLU C 110 -23.19 -30.25 -15.82
CA GLU C 110 -21.91 -30.89 -16.08
C GLU C 110 -20.75 -30.02 -15.61
N ILE C 111 -20.86 -28.70 -15.80
CA ILE C 111 -19.77 -27.83 -15.38
C ILE C 111 -19.86 -27.52 -13.89
N TRP C 112 -21.04 -27.65 -13.29
CA TRP C 112 -21.22 -27.37 -11.87
C TRP C 112 -21.24 -28.61 -10.99
N ASP C 113 -21.05 -29.80 -11.56
CA ASP C 113 -21.04 -31.03 -10.77
C ASP C 113 -19.92 -31.98 -11.14
N ASN C 114 -19.25 -31.80 -12.28
CA ASN C 114 -18.17 -32.69 -12.69
C ASN C 114 -17.03 -31.83 -13.25
N MET C 115 -16.70 -30.75 -12.53
CA MET C 115 -15.63 -29.85 -12.94
C MET C 115 -15.18 -29.05 -11.73
N THR C 116 -13.87 -28.80 -11.66
CA THR C 116 -13.27 -28.05 -10.56
C THR C 116 -12.97 -26.62 -11.00
N TRP C 117 -12.51 -25.82 -10.03
CA TRP C 117 -12.19 -24.43 -10.32
C TRP C 117 -10.89 -24.29 -11.10
N LEU C 118 -9.92 -25.17 -10.81
CA LEU C 118 -8.63 -25.13 -11.50
C LEU C 118 -8.78 -25.44 -13.00
N GLN C 119 -9.58 -26.47 -13.32
CA GLN C 119 -9.79 -26.85 -14.71
C GLN C 119 -10.46 -25.73 -15.50
N TRP C 120 -11.44 -25.05 -14.89
CA TRP C 120 -12.10 -23.94 -15.57
C TRP C 120 -11.15 -22.75 -15.71
N ASP C 121 -10.28 -22.56 -14.70
CA ASP C 121 -9.32 -21.47 -14.73
C ASP C 121 -8.28 -21.66 -15.81
N LYS C 122 -8.00 -22.91 -16.20
CA LYS C 122 -7.02 -23.18 -17.26
C LYS C 122 -7.42 -22.56 -18.61
N GLU C 123 -8.71 -22.48 -18.92
CA GLU C 123 -9.13 -21.90 -20.20
C GLU C 123 -9.84 -20.56 -20.07
N ILE C 124 -10.32 -20.17 -18.88
CA ILE C 124 -11.00 -18.87 -18.80
C ILE C 124 -9.99 -17.74 -18.68
N SER C 125 -8.71 -18.05 -18.47
CA SER C 125 -7.67 -17.04 -18.34
C SER C 125 -7.48 -16.19 -19.58
N ASN C 126 -7.65 -16.76 -20.78
CA ASN C 126 -7.49 -15.97 -21.99
C ASN C 126 -8.68 -15.06 -22.22
N TYR C 127 -9.87 -15.49 -21.80
CA TYR C 127 -11.11 -14.77 -22.01
C TYR C 127 -11.59 -13.98 -20.79
N THR C 128 -10.74 -13.77 -19.78
CA THR C 128 -11.21 -13.03 -18.61
C THR C 128 -11.13 -11.52 -18.82
N GLN C 129 -10.28 -11.05 -19.74
CA GLN C 129 -10.15 -9.62 -19.99
C GLN C 129 -11.40 -9.06 -20.65
N ILE C 130 -11.92 -9.76 -21.66
CA ILE C 130 -13.14 -9.32 -22.35
C ILE C 130 -14.33 -9.40 -21.40
N ILE C 131 -14.35 -10.41 -20.52
CA ILE C 131 -15.44 -10.55 -19.55
C ILE C 131 -15.41 -9.39 -18.57
N TYR C 132 -14.23 -9.03 -18.07
CA TYR C 132 -14.10 -7.91 -17.13
C TYR C 132 -14.50 -6.61 -17.80
N GLY C 133 -14.10 -6.42 -19.06
CA GLY C 133 -14.45 -5.20 -19.78
C GLY C 133 -15.95 -5.06 -20.01
N LEU C 134 -16.60 -6.17 -20.39
CA LEU C 134 -18.03 -6.12 -20.61
C LEU C 134 -18.78 -5.90 -19.29
N LEU C 135 -18.29 -6.48 -18.19
CA LEU C 135 -18.92 -6.25 -16.90
C LEU C 135 -18.81 -4.79 -16.48
N GLU C 136 -17.65 -4.17 -16.73
CA GLU C 136 -17.48 -2.77 -16.37
C GLU C 136 -18.39 -1.85 -17.20
N GLU C 137 -18.42 -2.05 -18.52
CA GLU C 137 -19.28 -1.17 -19.34
C GLU C 137 -20.76 -1.43 -19.06
N SER C 138 -21.13 -2.68 -18.75
CA SER C 138 -22.52 -2.97 -18.45
C SER C 138 -22.94 -2.38 -17.12
N GLN C 139 -22.04 -2.40 -16.13
CA GLN C 139 -22.37 -1.82 -14.84
C GLN C 139 -22.48 -0.30 -14.97
N ASN C 140 -21.64 0.30 -15.82
CA ASN C 140 -21.72 1.74 -16.03
C ASN C 140 -23.02 2.10 -16.75
N GLN C 141 -23.45 1.26 -17.70
CA GLN C 141 -24.70 1.47 -18.40
C GLN C 141 -25.88 1.32 -17.46
N GLN C 142 -25.79 0.34 -16.54
CA GLN C 142 -26.86 0.13 -15.56
C GLN C 142 -26.94 1.31 -14.60
N GLU C 143 -25.79 1.88 -14.23
CA GLU C 143 -25.79 3.05 -13.35
C GLU C 143 -26.39 4.25 -14.07
N LYS C 144 -26.11 4.38 -15.37
CA LYS C 144 -26.69 5.48 -16.14
C LYS C 144 -28.21 5.33 -16.24
N ASN C 145 -28.68 4.09 -16.46
CA ASN C 145 -30.12 3.83 -16.54
C ASN C 145 -30.78 4.11 -15.19
N GLU C 146 -30.10 3.76 -14.10
CA GLU C 146 -30.64 4.02 -12.77
C GLU C 146 -30.71 5.52 -12.50
N GLN C 147 -29.69 6.26 -12.96
CA GLN C 147 -29.69 7.71 -12.79
C GLN C 147 -30.84 8.35 -13.58
N ASP C 148 -31.09 7.85 -14.80
CA ASP C 148 -32.19 8.39 -15.59
C ASP C 148 -33.53 8.04 -14.96
N LEU C 149 -33.64 6.85 -14.36
CA LEU C 149 -34.87 6.45 -13.69
C LEU C 149 -35.13 7.32 -12.47
N LEU C 150 -34.07 7.65 -11.73
CA LEU C 150 -34.23 8.51 -10.55
C LEU C 150 -34.54 9.94 -10.96
N ALA C 151 -33.99 10.39 -12.09
CA ALA C 151 -34.25 11.75 -12.57
C ALA C 151 -35.68 11.89 -13.08
N LEU C 152 -36.19 10.87 -13.77
CA LEU C 152 -37.54 10.91 -14.28
C LEU C 152 -38.59 10.49 -13.25
N ASP C 153 -38.14 10.04 -12.07
CA ASP C 153 -39.00 9.61 -10.96
C ASP C 153 -39.99 8.51 -11.35
N VAL D 1 -15.76 33.36 22.15
CA VAL D 1 -15.24 34.00 20.95
C VAL D 1 -15.33 35.51 21.09
N GLN D 2 -14.19 36.18 20.96
CA GLN D 2 -14.13 37.63 21.07
C GLN D 2 -13.31 38.19 19.92
N LEU D 3 -13.78 39.31 19.38
CA LEU D 3 -13.13 39.99 18.27
C LEU D 3 -12.67 41.36 18.73
N GLN D 4 -11.62 41.88 18.09
CA GLN D 4 -11.10 43.19 18.49
C GLN D 4 -10.48 43.89 17.29
N GLU D 5 -11.02 45.05 16.93
CA GLU D 5 -10.49 45.80 15.80
C GLU D 5 -9.24 46.58 16.21
N SER D 6 -8.38 46.84 15.22
CA SER D 6 -7.15 47.59 15.47
C SER D 6 -6.73 48.27 14.17
N GLY D 7 -6.18 49.48 14.32
CA GLY D 7 -5.73 50.25 13.19
C GLY D 7 -5.57 51.72 13.54
N PRO D 8 -5.14 52.52 12.57
CA PRO D 8 -4.96 53.96 12.83
C PRO D 8 -6.31 54.68 12.86
N GLY D 9 -6.54 55.42 13.95
CA GLY D 9 -7.78 56.16 14.11
C GLY D 9 -7.93 57.32 13.15
N VAL D 10 -6.85 58.05 12.89
CA VAL D 10 -6.87 59.19 11.99
C VAL D 10 -5.88 58.92 10.86
N VAL D 11 -6.36 58.96 9.62
CA VAL D 11 -5.54 58.73 8.45
C VAL D 11 -5.73 59.88 7.47
N LYS D 12 -4.67 60.18 6.71
CA LYS D 12 -4.74 61.24 5.73
C LYS D 12 -5.50 60.74 4.51
N PRO D 13 -6.13 61.64 3.74
CA PRO D 13 -6.87 61.20 2.56
C PRO D 13 -5.96 60.75 1.43
N SER D 14 -6.56 59.96 0.53
CA SER D 14 -6.09 59.35 -0.72
C SER D 14 -5.19 58.11 -0.63
N GLU D 15 -4.73 57.68 0.55
CA GLU D 15 -3.92 56.47 0.53
C GLU D 15 -4.79 55.26 0.91
N THR D 16 -4.12 54.14 1.16
CA THR D 16 -4.79 52.90 1.54
C THR D 16 -4.85 52.77 3.05
N LEU D 17 -6.04 52.49 3.57
CA LEU D 17 -6.26 52.31 4.99
C LEU D 17 -6.14 50.83 5.32
N SER D 18 -5.33 50.51 6.32
CA SER D 18 -5.09 49.13 6.74
C SER D 18 -5.65 48.91 8.14
N LEU D 19 -6.42 47.84 8.30
CA LEU D 19 -7.03 47.46 9.57
C LEU D 19 -6.76 45.99 9.82
N THR D 20 -6.71 45.60 11.09
CA THR D 20 -6.46 44.21 11.48
C THR D 20 -7.44 43.85 12.59
N CYS D 21 -8.07 42.68 12.49
CA CYS D 21 -9.04 42.27 13.51
C CYS D 21 -8.60 40.99 14.22
N GLU D 22 -8.43 41.09 15.54
CA GLU D 22 -8.06 39.97 16.39
C GLU D 22 -9.26 39.05 16.53
N VAL D 23 -9.04 37.78 16.20
CA VAL D 23 -10.09 36.77 16.26
C VAL D 23 -9.68 35.70 17.27
N SER D 24 -10.57 35.44 18.23
CA SER D 24 -10.35 34.44 19.26
C SER D 24 -11.26 33.26 18.97
N LEU D 25 -10.68 32.14 18.57
CA LEU D 25 -11.45 30.94 18.26
C LEU D 25 -11.93 30.25 19.53
N HIS D 26 -12.77 29.24 19.34
CA HIS D 26 -13.32 28.49 20.46
C HIS D 26 -12.29 27.49 21.00
N ALA D 27 -12.74 26.67 21.95
CA ALA D 27 -11.85 25.69 22.56
C ALA D 27 -11.83 24.39 21.77
N SER D 28 -12.99 23.86 21.41
CA SER D 28 -13.09 22.59 20.68
C SER D 28 -14.06 22.71 19.51
N ARG D 29 -13.91 23.75 18.69
CA ARG D 29 -14.79 23.99 17.56
C ARG D 29 -14.01 24.25 16.28
N VAL D 30 -13.11 23.32 15.91
CA VAL D 30 -12.33 23.48 14.69
C VAL D 30 -13.26 23.36 13.48
N GLY D 31 -13.08 24.28 12.52
CA GLY D 31 -13.92 24.29 11.33
C GLY D 31 -13.63 25.48 10.43
N SER D 32 -14.69 26.15 9.97
CA SER D 32 -14.52 27.30 9.08
C SER D 32 -15.35 28.47 9.61
N TYR D 33 -14.70 29.62 9.75
CA TYR D 33 -15.37 30.83 10.22
C TYR D 33 -15.46 31.84 9.09
N TYR D 34 -16.58 32.56 9.04
CA TYR D 34 -16.79 33.56 8.00
C TYR D 34 -16.55 34.94 8.62
N TRP D 35 -15.47 35.58 8.19
CA TRP D 35 -15.11 36.90 8.71
C TRP D 35 -15.58 37.98 7.74
N SER D 36 -16.17 39.04 8.28
CA SER D 36 -16.66 40.12 7.44
C SER D 36 -16.37 41.48 8.07
N TRP D 37 -16.34 42.50 7.21
CA TRP D 37 -16.11 43.88 7.63
C TRP D 37 -17.34 44.73 7.30
N ILE D 38 -17.94 45.33 8.32
CA ILE D 38 -19.13 46.17 8.17
C ILE D 38 -18.84 47.52 8.81
N ARG D 39 -19.03 48.59 8.05
CA ARG D 39 -18.80 49.94 8.56
C ARG D 39 -20.13 50.66 8.69
N GLN D 40 -20.19 51.57 9.66
CA GLN D 40 -21.41 52.34 9.91
C GLN D 40 -21.04 53.79 10.20
N SER D 41 -21.65 54.72 9.48
CA SER D 41 -21.36 56.13 9.68
C SER D 41 -22.31 56.71 10.73
N GLN D 42 -22.09 57.98 11.07
CA GLN D 42 -22.92 58.65 12.07
C GLN D 42 -24.27 58.99 11.46
N GLY D 43 -25.34 58.40 12.01
CA GLY D 43 -26.66 58.65 11.50
C GLY D 43 -26.94 58.00 10.16
N GLN D 44 -26.19 56.96 9.81
CA GLN D 44 -26.36 56.27 8.55
C GLN D 44 -26.40 54.77 8.82
N ARG D 45 -27.17 54.06 8.01
CA ARG D 45 -27.31 52.61 8.15
C ARG D 45 -25.99 51.91 7.82
N PRO D 46 -25.72 50.77 8.45
CA PRO D 46 -24.47 50.05 8.17
C PRO D 46 -24.54 49.38 6.81
N GLU D 47 -23.37 49.22 6.19
CA GLU D 47 -23.26 48.58 4.89
C GLU D 47 -22.14 47.55 4.92
N TRP D 48 -22.41 46.38 4.34
CA TRP D 48 -21.46 45.29 4.29
C TRP D 48 -20.47 45.51 3.16
N MET D 49 -19.18 45.51 3.49
CA MET D 49 -18.12 45.71 2.50
C MET D 49 -17.62 44.40 1.91
N GLY D 50 -17.11 43.51 2.76
CA GLY D 50 -16.60 42.25 2.26
C GLY D 50 -16.62 41.16 3.31
N GLY D 51 -16.52 39.93 2.83
CA GLY D 51 -16.51 38.74 3.66
C GLY D 51 -15.64 37.67 3.04
N LEU D 52 -15.19 36.75 3.88
CA LEU D 52 -14.32 35.68 3.41
C LEU D 52 -14.36 34.49 4.37
N TYR D 53 -14.09 33.31 3.83
CA TYR D 53 -14.06 32.10 4.64
C TYR D 53 -12.64 31.87 5.16
N SER D 54 -12.54 31.15 6.27
CA SER D 54 -11.24 30.87 6.87
C SER D 54 -10.56 29.62 6.31
N ASP D 55 -11.26 28.79 5.55
CA ASP D 55 -10.61 27.59 5.02
C ASP D 55 -10.17 27.76 3.57
N THR D 56 -11.10 28.05 2.67
CA THR D 56 -10.75 28.20 1.26
C THR D 56 -10.10 29.55 0.97
N GLY D 57 -10.54 30.60 1.65
CA GLY D 57 -9.98 31.92 1.44
C GLY D 57 -10.63 32.75 0.35
N ASN D 58 -11.75 32.30 -0.22
CA ASN D 58 -12.42 33.08 -1.26
C ASN D 58 -13.06 34.32 -0.63
N THR D 59 -13.05 35.42 -1.36
CA THR D 59 -13.59 36.68 -0.86
C THR D 59 -14.76 37.17 -1.70
N ASP D 60 -15.64 37.92 -1.03
CA ASP D 60 -16.82 38.52 -1.63
C ASP D 60 -16.81 39.98 -1.24
N TYR D 61 -16.93 40.87 -2.24
CA TYR D 61 -16.90 42.30 -2.01
C TYR D 61 -18.21 42.96 -2.40
N ASN D 62 -18.34 44.23 -2.00
CA ASN D 62 -19.51 45.02 -2.29
C ASN D 62 -19.50 45.44 -3.76
N PRO D 63 -20.69 45.59 -4.38
CA PRO D 63 -20.76 45.99 -5.80
C PRO D 63 -20.27 47.40 -6.12
N SER D 64 -19.84 48.18 -5.12
CA SER D 64 -19.35 49.53 -5.38
C SER D 64 -17.92 49.69 -4.89
N LEU D 65 -17.21 48.58 -4.64
CA LEU D 65 -15.85 48.66 -4.15
C LEU D 65 -14.89 47.67 -4.81
N LYS D 66 -15.00 47.40 -6.12
CA LYS D 66 -14.08 46.43 -6.73
C LYS D 66 -12.65 46.94 -6.78
N SER D 67 -12.46 48.24 -6.96
CA SER D 67 -11.11 48.79 -7.06
C SER D 67 -10.60 49.38 -5.75
N ARG D 68 -11.25 49.17 -4.61
CA ARG D 68 -10.74 49.77 -3.38
C ARG D 68 -10.54 48.80 -2.22
N VAL D 69 -11.44 47.83 -2.04
CA VAL D 69 -11.31 46.90 -0.92
C VAL D 69 -10.49 45.68 -1.33
N SER D 70 -9.73 45.16 -0.37
CA SER D 70 -8.89 43.97 -0.57
C SER D 70 -8.85 43.22 0.75
N LEU D 71 -9.38 42.01 0.77
CA LEU D 71 -9.43 41.18 1.96
C LEU D 71 -8.30 40.17 1.99
N SER D 72 -7.68 40.01 3.16
CA SER D 72 -6.58 39.09 3.36
C SER D 72 -6.76 38.37 4.69
N ARG D 73 -6.13 37.19 4.81
CA ARG D 73 -6.23 36.40 6.02
C ARG D 73 -4.95 35.61 6.22
N ASP D 74 -4.75 35.17 7.47
CA ASP D 74 -3.58 34.38 7.84
C ASP D 74 -3.99 33.56 9.06
N MET D 75 -4.06 32.23 8.89
CA MET D 75 -4.45 31.34 9.97
C MET D 75 -3.33 31.12 10.99
N SER D 76 -2.10 31.53 10.67
CA SER D 76 -1.00 31.35 11.60
C SER D 76 -1.17 32.19 12.86
N LYS D 77 -1.43 33.48 12.68
CA LYS D 77 -1.61 34.38 13.81
C LYS D 77 -3.07 34.66 14.14
N LYS D 78 -4.00 34.05 13.40
CA LYS D 78 -5.45 34.16 13.59
C LYS D 78 -5.94 35.61 13.49
N GLN D 79 -5.40 36.34 12.52
CA GLN D 79 -5.80 37.73 12.28
C GLN D 79 -6.05 37.93 10.80
N PHE D 80 -7.03 38.76 10.47
CA PHE D 80 -7.37 39.09 9.10
C PHE D 80 -7.38 40.60 8.96
N PHE D 81 -6.88 41.09 7.83
CA PHE D 81 -6.75 42.51 7.53
C PHE D 81 -7.87 43.03 6.64
N LEU D 82 -7.80 44.34 6.42
CA LEU D 82 -8.72 45.11 5.58
C LEU D 82 -7.91 46.22 4.93
N ASN D 83 -7.91 46.26 3.60
CA ASN D 83 -7.17 47.28 2.85
C ASN D 83 -8.16 48.06 2.00
N LEU D 84 -8.36 49.33 2.33
CA LEU D 84 -9.28 50.21 1.61
C LEU D 84 -8.47 51.30 0.91
N ARG D 85 -8.21 51.10 -0.38
CA ARG D 85 -7.44 52.07 -1.14
C ARG D 85 -8.30 53.28 -1.52
N SER D 86 -7.62 54.42 -1.71
CA SER D 86 -8.22 55.70 -2.09
C SER D 86 -9.33 56.13 -1.11
N VAL D 87 -8.91 56.41 0.13
CA VAL D 87 -9.87 56.83 1.14
C VAL D 87 -10.36 58.25 0.85
N THR D 88 -11.64 58.48 1.11
CA THR D 88 -12.28 59.77 0.90
C THR D 88 -12.82 60.30 2.23
N ALA D 89 -13.48 61.45 2.17
CA ALA D 89 -14.05 62.04 3.38
C ALA D 89 -15.26 61.29 3.86
N THR D 90 -15.93 60.55 2.97
CA THR D 90 -17.12 59.78 3.35
C THR D 90 -16.75 58.47 4.05
N ASP D 91 -15.47 58.12 4.12
CA ASP D 91 -15.04 56.89 4.76
C ASP D 91 -14.95 57.01 6.28
N THR D 92 -15.18 58.19 6.84
CA THR D 92 -15.15 58.38 8.29
C THR D 92 -16.33 57.64 8.90
N ALA D 93 -16.06 56.50 9.54
CA ALA D 93 -17.13 55.70 10.12
C ALA D 93 -16.53 54.76 11.16
N VAL D 94 -17.41 53.96 11.79
CA VAL D 94 -16.99 52.99 12.77
C VAL D 94 -16.96 51.64 12.07
N TYR D 95 -15.81 50.97 12.14
CA TYR D 95 -15.61 49.68 11.49
C TYR D 95 -15.82 48.56 12.50
N PHE D 96 -16.55 47.53 12.09
CA PHE D 96 -16.85 46.37 12.92
C PHE D 96 -16.47 45.09 12.17
N CYS D 97 -15.67 44.26 12.81
CA CYS D 97 -15.29 42.97 12.24
C CYS D 97 -16.20 41.94 12.88
N VAL D 98 -16.95 41.22 12.04
CA VAL D 98 -17.89 40.23 12.55
C VAL D 98 -17.49 38.84 12.10
N SER D 99 -17.97 37.85 12.86
CA SER D 99 -17.71 36.45 12.61
C SER D 99 -19.03 35.70 12.59
N ARG D 100 -19.30 34.99 11.50
CA ARG D 100 -20.51 34.22 11.33
C ARG D 100 -20.12 32.77 11.05
N TYR D 101 -20.71 31.86 11.81
CA TYR D 101 -20.42 30.43 11.71
C TYR D 101 -21.52 29.68 12.46
N VAL D 102 -22.07 28.65 11.84
CA VAL D 102 -23.11 27.85 12.49
C VAL D 102 -22.43 26.78 13.34
N ASP D 103 -22.91 26.63 14.57
CA ASP D 103 -22.36 25.64 15.50
C ASP D 103 -23.21 24.39 15.39
N HIS D 104 -22.65 23.33 14.82
CA HIS D 104 -23.39 22.08 14.67
C HIS D 104 -23.60 21.37 15.99
N TRP D 105 -22.86 21.72 17.03
CA TRP D 105 -23.02 21.05 18.32
C TRP D 105 -24.26 21.54 19.07
N THR D 106 -24.54 22.84 19.03
CA THR D 106 -25.67 23.41 19.74
C THR D 106 -26.73 24.06 18.86
N ASN D 107 -26.58 24.01 17.53
CA ASN D 107 -27.52 24.59 16.55
C ASN D 107 -27.72 26.09 16.79
N ARG D 108 -26.62 26.80 17.03
CA ARG D 108 -26.65 28.24 17.29
C ARG D 108 -25.98 28.98 16.13
N ARG D 109 -26.29 30.27 16.02
CA ARG D 109 -25.70 31.09 14.96
C ARG D 109 -24.43 31.82 15.37
N PHE D 110 -24.32 32.20 16.64
CA PHE D 110 -23.14 32.88 17.21
C PHE D 110 -22.69 34.10 16.40
N ASP D 111 -23.62 35.05 16.24
CA ASP D 111 -23.31 36.26 15.49
C ASP D 111 -22.65 37.25 16.45
N VAL D 112 -21.34 37.08 16.61
CA VAL D 112 -20.54 37.91 17.49
C VAL D 112 -20.06 39.15 16.74
N TRP D 113 -20.25 40.32 17.34
CA TRP D 113 -19.86 41.59 16.76
C TRP D 113 -18.76 42.20 17.61
N GLY D 114 -17.76 42.80 16.95
CA GLY D 114 -16.67 43.42 17.63
C GLY D 114 -17.06 44.78 18.19
N PRO D 115 -16.18 45.33 19.04
CA PRO D 115 -16.47 46.65 19.63
C PRO D 115 -16.51 47.78 18.63
N GLY D 116 -15.72 47.71 17.56
CA GLY D 116 -15.71 48.74 16.55
C GLY D 116 -14.67 49.82 16.78
N ALA D 117 -13.99 50.22 15.70
CA ALA D 117 -12.96 51.24 15.75
C ALA D 117 -13.40 52.42 14.90
N GLN D 118 -13.35 53.62 15.47
CA GLN D 118 -13.75 54.84 14.76
C GLN D 118 -12.58 55.32 13.91
N VAL D 119 -12.78 55.37 12.60
CA VAL D 119 -11.76 55.82 11.66
C VAL D 119 -12.24 57.13 11.05
N THR D 120 -11.43 58.17 11.19
CA THR D 120 -11.73 59.50 10.67
C THR D 120 -10.70 59.87 9.62
N VAL D 121 -11.18 60.28 8.45
CA VAL D 121 -10.33 60.70 7.34
C VAL D 121 -10.38 62.21 7.26
N THR D 122 -9.27 62.85 7.61
CA THR D 122 -9.18 64.31 7.59
C THR D 122 -7.73 64.71 7.40
N SER D 123 -7.51 65.96 7.04
CA SER D 123 -6.17 66.51 6.83
C SER D 123 -5.75 67.49 7.91
N ALA D 124 -6.53 67.63 8.98
CA ALA D 124 -6.20 68.56 10.04
C ALA D 124 -5.20 67.93 11.01
N SER D 125 -4.75 68.74 11.97
CA SER D 125 -3.79 68.30 12.99
C SER D 125 -4.28 68.77 14.35
N THR D 126 -3.47 68.52 15.37
CA THR D 126 -3.83 68.92 16.73
C THR D 126 -3.67 70.42 16.90
N LYS D 127 -4.77 71.10 17.22
CA LYS D 127 -4.78 72.54 17.40
C LYS D 127 -5.96 72.93 18.28
N GLY D 128 -5.98 74.21 18.66
CA GLY D 128 -7.04 74.73 19.50
C GLY D 128 -8.30 75.03 18.72
N PRO D 129 -9.39 75.28 19.44
CA PRO D 129 -10.67 75.58 18.79
C PRO D 129 -10.86 77.05 18.45
N SER D 130 -12.03 77.37 17.89
CA SER D 130 -12.39 78.74 17.51
C SER D 130 -13.82 78.95 17.99
N VAL D 131 -13.97 79.62 19.13
CA VAL D 131 -15.26 79.88 19.74
C VAL D 131 -15.82 81.20 19.22
N PHE D 132 -17.11 81.19 18.88
CA PHE D 132 -17.83 82.34 18.39
C PHE D 132 -19.10 82.51 19.23
N PRO D 133 -19.54 83.74 19.47
CA PRO D 133 -20.75 83.91 20.30
C PRO D 133 -22.05 83.94 19.51
N LEU D 134 -23.00 83.10 19.90
CA LEU D 134 -24.32 83.03 19.26
C LEU D 134 -25.33 83.76 20.14
N ALA D 135 -25.36 85.08 19.98
CA ALA D 135 -26.27 85.91 20.75
C ALA D 135 -27.58 86.11 19.99
N PRO D 136 -28.71 86.14 20.69
CA PRO D 136 -29.99 86.35 20.01
C PRO D 136 -30.17 87.79 19.58
N SER D 137 -31.09 87.99 18.64
CA SER D 137 -31.36 89.32 18.14
C SER D 137 -32.22 90.10 19.14
N SER D 138 -32.22 91.42 18.99
CA SER D 138 -33.00 92.28 19.88
C SER D 138 -34.49 92.09 19.65
N ARG D 139 -34.92 91.91 18.39
CA ARG D 139 -36.33 91.71 18.05
C ARG D 139 -36.90 90.44 18.66
N SER D 140 -36.04 89.47 19.02
CA SER D 140 -36.47 88.23 19.64
C SER D 140 -36.58 88.36 21.15
N THR D 141 -36.36 89.56 21.71
CA THR D 141 -36.47 89.74 23.15
C THR D 141 -37.90 89.95 23.63
N SER D 142 -38.87 89.97 22.71
CA SER D 142 -40.26 90.16 23.10
C SER D 142 -40.79 88.94 23.85
N GLU D 143 -40.36 87.74 23.44
CA GLU D 143 -40.80 86.52 24.09
C GLU D 143 -40.16 86.40 25.48
N SER D 144 -40.79 85.59 26.33
CA SER D 144 -40.30 85.42 27.70
C SER D 144 -38.99 84.63 27.75
N THR D 145 -38.92 83.50 27.03
CA THR D 145 -37.73 82.66 27.04
C THR D 145 -36.90 82.89 25.78
N ALA D 146 -35.64 83.27 25.97
CA ALA D 146 -34.69 83.50 24.88
C ALA D 146 -33.59 82.46 25.00
N ALA D 147 -32.82 82.29 23.92
CA ALA D 147 -31.73 81.32 23.90
C ALA D 147 -30.45 81.98 23.43
N LEU D 148 -29.33 81.54 23.99
CA LEU D 148 -28.01 82.05 23.63
C LEU D 148 -27.02 80.92 23.73
N GLY D 149 -25.92 81.02 22.97
CA GLY D 149 -24.96 79.95 23.02
C GLY D 149 -23.58 80.33 22.53
N CYS D 150 -22.75 79.28 22.41
CA CYS D 150 -21.38 79.41 21.94
C CYS D 150 -21.12 78.34 20.88
N LEU D 151 -20.51 78.76 19.77
CA LEU D 151 -20.22 77.88 18.66
C LEU D 151 -18.74 77.56 18.59
N VAL D 152 -18.39 76.29 18.78
CA VAL D 152 -17.01 75.82 18.75
C VAL D 152 -16.71 75.34 17.34
N LYS D 153 -15.57 75.76 16.81
CA LYS D 153 -15.19 75.38 15.45
C LYS D 153 -13.69 75.19 15.35
N ASP D 154 -13.31 74.47 14.27
CA ASP D 154 -11.91 74.23 13.88
C ASP D 154 -11.07 73.60 14.99
N TYR D 155 -11.59 72.56 15.63
CA TYR D 155 -10.84 71.88 16.67
C TYR D 155 -10.58 70.43 16.28
N PHE D 156 -9.45 69.91 16.73
CA PHE D 156 -9.05 68.53 16.45
C PHE D 156 -7.98 68.11 17.44
N PRO D 157 -8.08 66.91 18.03
CA PRO D 157 -9.16 65.92 17.86
C PRO D 157 -10.19 65.97 18.99
N GLU D 158 -11.06 64.96 19.02
CA GLU D 158 -12.10 64.86 20.03
C GLU D 158 -11.48 64.47 21.37
N PRO D 159 -12.13 64.84 22.50
CA PRO D 159 -13.35 65.60 22.74
C PRO D 159 -13.12 66.99 23.35
N VAL D 160 -14.21 67.72 23.59
CA VAL D 160 -14.16 69.04 24.21
C VAL D 160 -15.19 69.10 25.32
N THR D 161 -14.93 69.96 26.31
CA THR D 161 -15.84 70.14 27.44
C THR D 161 -16.32 71.58 27.45
N VAL D 162 -17.64 71.76 27.35
CA VAL D 162 -18.25 73.09 27.34
C VAL D 162 -19.15 73.21 28.55
N SER D 163 -18.95 74.27 29.32
CA SER D 163 -19.72 74.54 30.52
C SER D 163 -20.20 75.99 30.49
N TRP D 164 -21.18 76.31 31.33
CA TRP D 164 -21.74 77.64 31.42
C TRP D 164 -21.65 78.15 32.85
N ASN D 165 -21.12 79.38 33.00
CA ASN D 165 -20.93 80.04 34.30
C ASN D 165 -20.08 79.20 35.24
N SER D 166 -18.96 78.68 34.71
CA SER D 166 -17.99 77.83 35.42
C SER D 166 -18.65 76.57 35.99
N GLY D 167 -19.62 76.01 35.26
CA GLY D 167 -20.30 74.81 35.68
C GLY D 167 -21.42 75.02 36.68
N SER D 168 -21.69 76.25 37.10
CA SER D 168 -22.75 76.51 38.07
C SER D 168 -24.13 76.51 37.43
N LEU D 169 -24.21 76.63 36.11
CA LEU D 169 -25.49 76.64 35.39
C LEU D 169 -25.61 75.37 34.56
N THR D 170 -26.51 74.49 34.97
CA THR D 170 -26.73 73.23 34.27
C THR D 170 -28.15 73.05 33.75
N SER D 171 -29.10 73.89 34.14
CA SER D 171 -30.48 73.76 33.69
C SER D 171 -30.63 74.41 32.31
N GLY D 172 -31.20 73.66 31.37
CA GLY D 172 -31.41 74.18 30.03
C GLY D 172 -30.18 74.20 29.15
N VAL D 173 -29.08 73.61 29.60
CA VAL D 173 -27.84 73.58 28.83
C VAL D 173 -27.85 72.36 27.92
N HIS D 174 -27.69 72.60 26.63
CA HIS D 174 -27.68 71.53 25.64
C HIS D 174 -26.42 71.62 24.80
N THR D 175 -25.64 70.53 24.80
CA THR D 175 -24.39 70.43 24.05
C THR D 175 -24.57 69.41 22.94
N PHE D 176 -24.69 69.89 21.71
CA PHE D 176 -24.88 69.02 20.56
C PHE D 176 -23.58 68.29 20.21
N PRO D 177 -23.70 67.08 19.67
CA PRO D 177 -22.49 66.32 19.29
C PRO D 177 -21.78 66.95 18.10
N ALA D 178 -20.50 66.60 17.97
CA ALA D 178 -19.67 67.12 16.89
C ALA D 178 -20.09 66.56 15.54
N VAL D 179 -19.96 67.41 14.52
CA VAL D 179 -20.30 67.06 13.14
C VAL D 179 -19.11 67.41 12.27
N LEU D 180 -18.60 66.41 11.54
CA LEU D 180 -17.45 66.61 10.67
C LEU D 180 -17.91 67.30 9.39
N GLN D 181 -17.29 68.44 9.07
CA GLN D 181 -17.67 69.18 7.88
C GLN D 181 -16.95 68.64 6.65
N SER D 182 -17.18 69.31 5.51
CA SER D 182 -16.58 68.90 4.25
C SER D 182 -15.06 69.06 4.23
N SER D 183 -14.53 70.13 4.83
CA SER D 183 -13.08 70.31 4.83
C SER D 183 -12.36 69.40 5.81
N GLY D 184 -13.08 68.70 6.69
CA GLY D 184 -12.47 67.80 7.64
C GLY D 184 -12.16 68.37 9.00
N LEU D 185 -12.83 69.44 9.41
CA LEU D 185 -12.60 70.06 10.72
C LEU D 185 -13.88 70.00 11.53
N TYR D 186 -13.73 69.70 12.82
CA TYR D 186 -14.87 69.57 13.71
C TYR D 186 -15.50 70.93 14.04
N SER D 187 -16.76 70.88 14.45
CA SER D 187 -17.58 72.02 14.82
C SER D 187 -18.83 71.54 15.55
N LEU D 188 -19.24 72.30 16.56
CA LEU D 188 -20.43 72.00 17.34
C LEU D 188 -20.92 73.30 17.97
N SER D 189 -22.05 73.20 18.68
CA SER D 189 -22.63 74.35 19.35
C SER D 189 -23.21 73.94 20.70
N SER D 190 -23.21 74.88 21.64
CA SER D 190 -23.74 74.68 22.98
C SER D 190 -24.71 75.83 23.25
N VAL D 191 -25.96 75.50 23.54
CA VAL D 191 -26.98 76.51 23.79
C VAL D 191 -27.54 76.41 25.19
N VAL D 192 -28.22 77.47 25.60
CA VAL D 192 -28.86 77.57 26.90
C VAL D 192 -30.02 78.55 26.79
N THR D 193 -31.13 78.23 27.47
CA THR D 193 -32.32 79.08 27.44
C THR D 193 -32.45 79.81 28.77
N VAL D 194 -32.52 81.14 28.70
CA VAL D 194 -32.64 82.00 29.88
C VAL D 194 -33.82 82.94 29.67
N PRO D 195 -34.41 83.45 30.75
CA PRO D 195 -35.54 84.39 30.58
C PRO D 195 -35.08 85.71 30.00
N SER D 196 -36.03 86.43 29.38
CA SER D 196 -35.74 87.71 28.77
C SER D 196 -35.38 88.77 29.81
N SER D 197 -35.91 88.64 31.02
CA SER D 197 -35.62 89.61 32.07
C SER D 197 -34.19 89.45 32.59
N SER D 198 -33.59 88.27 32.40
CA SER D 198 -32.23 88.04 32.86
C SER D 198 -31.19 88.63 31.93
N LEU D 199 -31.59 89.04 30.72
CA LEU D 199 -30.65 89.61 29.77
C LEU D 199 -30.23 91.01 30.22
N GLY D 200 -28.92 91.25 30.28
CA GLY D 200 -28.38 92.52 30.69
C GLY D 200 -28.09 92.62 32.17
N THR D 201 -28.63 91.72 32.98
CA THR D 201 -28.41 91.72 34.42
C THR D 201 -27.52 90.57 34.88
N GLN D 202 -27.62 89.42 34.23
CA GLN D 202 -26.83 88.24 34.57
C GLN D 202 -25.77 88.04 33.49
N THR D 203 -24.52 87.90 33.91
CA THR D 203 -23.40 87.70 33.00
C THR D 203 -23.25 86.21 32.70
N TYR D 204 -23.50 85.83 31.46
CA TYR D 204 -23.38 84.44 31.02
C TYR D 204 -22.08 84.27 30.26
N VAL D 205 -21.21 83.39 30.75
CA VAL D 205 -19.90 83.13 30.16
C VAL D 205 -19.77 81.64 29.90
N CYS D 206 -19.45 81.27 28.66
CA CYS D 206 -19.24 79.89 28.27
C CYS D 206 -17.75 79.57 28.35
N ASN D 207 -17.46 78.34 28.77
CA ASN D 207 -16.10 77.86 28.94
C ASN D 207 -15.93 76.63 28.04
N VAL D 208 -14.97 76.69 27.12
CA VAL D 208 -14.68 75.60 26.20
C VAL D 208 -13.26 75.14 26.44
N ASN D 209 -13.09 73.85 26.72
CA ASN D 209 -11.77 73.29 26.99
C ASN D 209 -11.49 72.11 26.05
N HIS D 210 -10.27 72.14 25.50
CA HIS D 210 -9.78 71.10 24.59
C HIS D 210 -8.57 70.46 25.26
N LYS D 211 -8.73 69.20 25.65
CA LYS D 211 -7.67 68.46 26.34
C LYS D 211 -6.42 68.17 25.50
N PRO D 212 -6.50 67.68 24.23
CA PRO D 212 -5.23 67.42 23.50
C PRO D 212 -4.37 68.65 23.26
N SER D 213 -4.98 69.82 23.04
CA SER D 213 -4.22 71.04 22.84
C SER D 213 -4.18 71.89 24.10
N ASN D 214 -4.89 71.48 25.15
CA ASN D 214 -4.98 72.18 26.45
C ASN D 214 -5.41 73.63 26.29
N THR D 215 -6.42 73.87 25.44
CA THR D 215 -6.89 75.22 25.20
C THR D 215 -8.17 75.51 25.96
N LYS D 216 -8.17 76.63 26.70
CA LYS D 216 -9.34 77.05 27.47
C LYS D 216 -9.77 78.41 26.96
N VAL D 217 -11.00 78.49 26.46
CA VAL D 217 -11.56 79.73 25.91
C VAL D 217 -12.78 80.11 26.73
N ASP D 218 -12.80 81.35 27.21
CA ASP D 218 -13.91 81.90 27.99
C ASP D 218 -14.52 83.03 27.19
N LYS D 219 -15.83 82.94 26.93
CA LYS D 219 -16.49 83.97 26.15
C LYS D 219 -17.84 84.36 26.77
N ARG D 220 -18.06 85.66 26.92
CA ARG D 220 -19.28 86.19 27.49
C ARG D 220 -20.30 86.53 26.40
N VAL D 221 -21.54 86.11 26.62
CA VAL D 221 -22.64 86.34 25.68
C VAL D 221 -23.52 87.43 26.27
N GLU D 222 -23.74 88.49 25.51
CA GLU D 222 -24.55 89.63 25.94
C GLU D 222 -25.45 90.07 24.80
N ILE D 223 -26.64 90.57 25.15
CA ILE D 223 -27.62 91.00 24.16
C ILE D 223 -27.14 92.25 23.44
N LYS D 224 -27.23 92.20 22.11
CA LYS D 224 -26.80 93.31 21.26
C LYS D 224 -27.81 94.45 21.33
N THR D 225 -27.35 95.64 21.70
CA THR D 225 -28.21 96.81 21.80
C THR D 225 -27.86 97.76 20.66
N CYS D 226 -28.82 97.99 19.77
CA CYS D 226 -28.60 98.87 18.62
C CYS D 226 -28.77 100.34 19.03
N ASP E 1 -28.21 45.10 -7.00
CA ASP E 1 -28.37 44.45 -5.70
C ASP E 1 -29.82 44.48 -5.23
N ILE E 2 -30.07 43.96 -4.04
CA ILE E 2 -31.41 43.92 -3.47
C ILE E 2 -31.48 45.04 -2.44
N GLN E 3 -32.49 45.90 -2.55
CA GLN E 3 -32.65 47.05 -1.67
C GLN E 3 -33.62 46.77 -0.53
N MET E 4 -33.24 47.19 0.69
CA MET E 4 -34.06 47.04 1.88
C MET E 4 -34.89 48.31 2.12
N THR E 5 -36.03 48.14 2.78
CA THR E 5 -36.91 49.25 3.13
C THR E 5 -37.43 48.99 4.54
N GLN E 6 -37.32 49.98 5.42
CA GLN E 6 -37.78 49.83 6.79
C GLN E 6 -38.80 50.92 7.12
N SER E 7 -39.89 50.53 7.77
CA SER E 7 -40.92 51.48 8.13
C SER E 7 -41.46 51.12 9.51
N PRO E 8 -41.71 52.13 10.36
CA PRO E 8 -41.50 53.55 10.14
C PRO E 8 -40.10 53.98 10.54
N SER E 9 -39.70 55.21 10.19
CA SER E 9 -38.38 55.70 10.56
C SER E 9 -38.29 55.92 12.07
N SER E 10 -39.37 56.40 12.67
CA SER E 10 -39.44 56.65 14.10
C SER E 10 -40.89 56.71 14.52
N LEU E 11 -41.18 56.18 15.71
CA LEU E 11 -42.53 56.16 16.24
C LEU E 11 -42.47 56.24 17.75
N SER E 12 -43.56 56.73 18.34
CA SER E 12 -43.68 56.88 19.78
C SER E 12 -44.52 55.77 20.39
N ALA E 13 -44.08 55.28 21.54
CA ALA E 13 -44.77 54.22 22.27
C ALA E 13 -44.37 54.30 23.73
N SER E 14 -45.15 53.64 24.57
CA SER E 14 -44.92 53.62 26.01
C SER E 14 -44.50 52.23 26.45
N VAL E 15 -44.30 52.08 27.76
CA VAL E 15 -43.89 50.79 28.32
C VAL E 15 -45.08 49.85 28.32
N GLY E 16 -44.89 48.67 27.73
CA GLY E 16 -45.94 47.68 27.66
C GLY E 16 -46.79 47.73 26.42
N ASP E 17 -46.49 48.61 25.47
CA ASP E 17 -47.27 48.72 24.24
C ASP E 17 -46.73 47.78 23.17
N ARG E 18 -47.62 47.38 22.27
CA ARG E 18 -47.27 46.50 21.16
C ARG E 18 -46.73 47.32 19.99
N VAL E 19 -45.47 47.08 19.63
CA VAL E 19 -44.81 47.80 18.55
C VAL E 19 -44.44 46.84 17.42
N THR E 20 -44.67 47.28 16.19
CA THR E 20 -44.38 46.52 14.98
C THR E 20 -43.51 47.35 14.03
N VAL E 21 -42.68 46.64 13.27
CA VAL E 21 -41.77 47.23 12.29
C VAL E 21 -41.89 46.41 11.00
N THR E 22 -42.10 47.09 9.88
CA THR E 22 -42.25 46.43 8.59
C THR E 22 -40.97 46.56 7.76
N CYS E 23 -40.55 45.43 7.17
CA CYS E 23 -39.35 45.40 6.34
C CYS E 23 -39.73 44.87 4.96
N ARG E 24 -39.42 45.66 3.94
CA ARG E 24 -39.71 45.35 2.55
C ARG E 24 -38.42 45.05 1.79
N ALA E 25 -38.53 44.12 0.85
CA ALA E 25 -37.41 43.69 0.02
C ALA E 25 -37.77 43.84 -1.45
N SER E 26 -36.75 44.09 -2.27
CA SER E 26 -36.96 44.27 -3.70
C SER E 26 -36.88 42.96 -4.48
N LEU E 27 -36.50 41.86 -3.83
CA LEU E 27 -36.40 40.56 -4.49
C LEU E 27 -36.83 39.48 -3.51
N ASP E 28 -37.05 38.28 -4.04
CA ASP E 28 -37.48 37.15 -3.23
C ASP E 28 -36.32 36.65 -2.37
N ILE E 29 -36.46 36.78 -1.06
CA ILE E 29 -35.45 36.35 -0.09
C ILE E 29 -35.96 35.18 0.76
N ASN E 30 -37.28 34.91 0.71
CA ASN E 30 -37.97 33.84 1.44
C ASN E 30 -37.84 34.12 2.93
N LYS E 31 -37.19 33.27 3.72
CA LYS E 31 -37.05 33.50 5.16
C LYS E 31 -35.62 33.77 5.58
N ASP E 32 -34.80 34.38 4.72
CA ASP E 32 -33.41 34.69 5.06
C ASP E 32 -33.28 36.15 5.50
N LEU E 33 -33.90 36.46 6.63
CA LEU E 33 -33.86 37.80 7.19
C LEU E 33 -33.51 37.72 8.66
N ASN E 34 -32.67 38.64 9.11
CA ASN E 34 -32.25 38.71 10.50
C ASN E 34 -32.51 40.12 11.04
N TRP E 35 -33.13 40.17 12.21
CA TRP E 35 -33.46 41.41 12.90
C TRP E 35 -32.42 41.66 13.98
N TYR E 36 -31.80 42.84 13.90
CA TYR E 36 -30.75 43.28 14.81
C TYR E 36 -31.19 44.53 15.58
N GLN E 37 -30.57 44.71 16.75
CA GLN E 37 -30.81 45.85 17.62
C GLN E 37 -29.47 46.52 17.90
N GLN E 38 -29.38 47.82 17.66
CA GLN E 38 -28.16 48.58 17.89
C GLN E 38 -28.44 49.77 18.80
N LYS E 39 -27.78 49.78 19.95
CA LYS E 39 -27.87 50.81 20.96
C LYS E 39 -26.89 51.93 20.65
N PRO E 40 -27.14 53.15 21.12
CA PRO E 40 -26.21 54.26 20.84
C PRO E 40 -24.87 54.05 21.55
N GLY E 41 -23.81 54.00 20.76
CA GLY E 41 -22.47 53.79 21.32
C GLY E 41 -22.12 52.34 21.55
N LYS E 42 -22.95 51.41 21.10
CA LYS E 42 -22.71 49.98 21.27
C LYS E 42 -22.88 49.27 19.94
N ALA E 43 -22.23 48.11 19.83
CA ALA E 43 -22.30 47.31 18.63
C ALA E 43 -23.69 46.68 18.48
N PRO E 44 -24.15 46.46 17.25
CA PRO E 44 -25.47 45.84 17.07
C PRO E 44 -25.50 44.39 17.55
N ALA E 45 -26.63 43.99 18.10
CA ALA E 45 -26.84 42.65 18.63
C ALA E 45 -27.96 41.97 17.85
N LEU E 46 -27.75 40.71 17.48
CA LEU E 46 -28.75 39.96 16.74
C LEU E 46 -29.90 39.55 17.65
N LEU E 47 -31.13 39.78 17.18
CA LEU E 47 -32.32 39.42 17.93
C LEU E 47 -33.04 38.23 17.31
N ILE E 48 -33.38 38.31 16.03
CA ILE E 48 -34.10 37.24 15.35
C ILE E 48 -33.30 36.77 14.15
N TYR E 49 -33.12 35.46 14.01
CA TYR E 49 -32.41 34.90 12.87
C TYR E 49 -33.38 33.99 12.13
N ALA E 50 -33.24 33.98 10.79
CA ALA E 50 -34.04 33.23 9.82
C ALA E 50 -35.50 33.64 9.84
N ALA E 51 -35.82 34.83 10.37
CA ALA E 51 -37.15 35.46 10.46
C ALA E 51 -38.18 34.71 11.31
N SER E 52 -37.83 33.54 11.84
CA SER E 52 -38.77 32.78 12.65
C SER E 52 -38.16 32.14 13.90
N THR E 53 -36.84 32.05 14.00
CA THR E 53 -36.21 31.42 15.16
C THR E 53 -35.59 32.50 16.06
N LEU E 54 -35.83 32.36 17.37
CA LEU E 54 -35.31 33.31 18.34
C LEU E 54 -33.85 32.99 18.65
N GLN E 55 -33.01 34.02 18.62
CA GLN E 55 -31.59 33.86 18.91
C GLN E 55 -31.39 33.58 20.41
N THR E 56 -30.43 32.71 20.70
CA THR E 56 -30.13 32.34 22.08
C THR E 56 -29.64 33.56 22.87
N GLY E 57 -30.10 33.66 24.12
CA GLY E 57 -29.74 34.76 24.97
C GLY E 57 -30.68 35.95 24.88
N VAL E 58 -31.64 35.92 23.96
CA VAL E 58 -32.61 36.99 23.77
C VAL E 58 -33.94 36.54 24.36
N SER E 59 -34.70 37.48 24.92
CA SER E 59 -35.98 37.15 25.52
C SER E 59 -37.00 36.72 24.46
N SER E 60 -38.02 35.99 24.91
CA SER E 60 -39.07 35.49 24.02
C SER E 60 -40.10 36.55 23.65
N ARG E 61 -39.94 37.79 24.13
CA ARG E 61 -40.87 38.86 23.81
C ARG E 61 -40.80 39.27 22.34
N PHE E 62 -39.65 39.05 21.71
CA PHE E 62 -39.48 39.41 20.31
C PHE E 62 -40.11 38.34 19.42
N SER E 63 -40.61 38.74 18.26
CA SER E 63 -41.22 37.79 17.35
C SER E 63 -41.11 38.30 15.93
N GLY E 64 -41.02 37.37 14.98
CA GLY E 64 -40.92 37.71 13.58
C GLY E 64 -41.93 36.94 12.77
N SER E 65 -42.33 37.55 11.66
CA SER E 65 -43.30 36.93 10.76
C SER E 65 -43.09 37.49 9.36
N GLY E 66 -43.72 36.83 8.38
CA GLY E 66 -43.63 37.25 7.00
C GLY E 66 -42.79 36.30 6.16
N SER E 67 -42.82 36.55 4.86
CA SER E 67 -42.10 35.74 3.89
C SER E 67 -41.94 36.53 2.61
N GLY E 68 -41.12 36.00 1.71
CA GLY E 68 -40.85 36.61 0.41
C GLY E 68 -40.27 38.00 0.51
N THR E 69 -41.09 39.00 0.16
CA THR E 69 -40.68 40.39 0.21
C THR E 69 -41.34 41.16 1.33
N GLN E 70 -42.17 40.51 2.15
CA GLN E 70 -42.86 41.17 3.25
C GLN E 70 -42.36 40.60 4.57
N PHE E 71 -42.00 41.47 5.51
CA PHE E 71 -41.52 41.02 6.81
C PHE E 71 -42.06 41.93 7.89
N THR E 72 -42.29 41.35 9.08
CA THR E 72 -42.84 42.11 10.19
C THR E 72 -42.25 41.64 11.52
N LEU E 73 -41.69 42.58 12.26
CA LEU E 73 -41.12 42.35 13.59
C LEU E 73 -42.11 42.89 14.62
N THR E 74 -42.50 42.04 15.57
CA THR E 74 -43.47 42.43 16.57
C THR E 74 -42.94 42.16 17.98
N ILE E 75 -43.16 43.12 18.88
CA ILE E 75 -42.76 42.97 20.28
C ILE E 75 -44.02 42.79 21.10
N SER E 76 -43.95 41.95 22.13
CA SER E 76 -45.12 41.70 22.96
C SER E 76 -45.31 42.81 23.99
N SER E 77 -44.24 43.23 24.64
CA SER E 77 -44.31 44.28 25.65
C SER E 77 -43.04 45.10 25.60
N LEU E 78 -43.19 46.43 25.53
CA LEU E 78 -42.04 47.31 25.48
C LEU E 78 -41.46 47.51 26.87
N GLN E 79 -40.13 47.63 26.93
CA GLN E 79 -39.36 47.82 28.13
C GLN E 79 -38.46 49.05 27.94
N PRO E 80 -38.08 49.73 29.03
CA PRO E 80 -37.23 50.92 28.87
C PRO E 80 -35.83 50.64 28.35
N GLU E 81 -35.33 49.41 28.44
CA GLU E 81 -34.00 49.14 27.92
C GLU E 81 -34.01 48.77 26.45
N ASP E 82 -35.18 48.77 25.82
CA ASP E 82 -35.32 48.45 24.40
C ASP E 82 -35.18 49.68 23.52
N PHE E 83 -34.81 50.83 24.10
CA PHE E 83 -34.65 52.08 23.36
C PHE E 83 -33.39 51.99 22.50
N ALA E 84 -33.55 51.56 21.26
CA ALA E 84 -32.42 51.42 20.34
C ALA E 84 -32.97 51.46 18.91
N THR E 85 -32.07 51.26 17.95
CA THR E 85 -32.46 51.26 16.54
C THR E 85 -32.45 49.83 16.01
N TYR E 86 -33.54 49.42 15.37
CA TYR E 86 -33.69 48.08 14.84
C TYR E 86 -33.43 48.06 13.34
N TYR E 87 -32.81 46.98 12.86
CA TYR E 87 -32.48 46.83 11.45
C TYR E 87 -32.83 45.42 10.97
N CYS E 88 -33.06 45.30 9.66
CA CYS E 88 -33.34 44.03 9.01
C CYS E 88 -32.28 43.78 7.95
N LEU E 89 -31.56 42.67 8.07
CA LEU E 89 -30.47 42.31 7.17
C LEU E 89 -30.79 41.00 6.46
N GLN E 90 -30.69 41.02 5.13
CA GLN E 90 -30.97 39.85 4.31
C GLN E 90 -29.76 38.92 4.26
N ASP E 91 -30.03 37.64 3.95
CA ASP E 91 -28.97 36.65 3.87
C ASP E 91 -29.18 35.68 2.71
N TYR E 92 -29.78 36.14 1.61
CA TYR E 92 -30.00 35.25 0.46
C TYR E 92 -28.78 35.22 -0.44
N SER E 93 -28.30 36.37 -0.87
CA SER E 93 -27.14 36.43 -1.75
C SER E 93 -26.40 37.74 -1.50
N PHE E 94 -25.13 37.76 -1.93
CA PHE E 94 -24.31 38.94 -1.76
C PHE E 94 -24.79 40.05 -2.70
N PRO E 95 -24.73 41.32 -2.27
CA PRO E 95 -24.24 41.84 -0.99
C PRO E 95 -25.27 41.78 0.13
N LEU E 96 -24.80 42.01 1.36
CA LEU E 96 -25.67 42.00 2.53
C LEU E 96 -26.12 43.43 2.78
N THR E 97 -27.40 43.69 2.52
CA THR E 97 -27.97 45.02 2.69
C THR E 97 -28.77 45.11 3.99
N PHE E 98 -28.51 46.17 4.75
CA PHE E 98 -29.17 46.41 6.02
C PHE E 98 -30.39 47.30 5.81
N GLY E 99 -31.27 47.31 6.82
CA GLY E 99 -32.48 48.11 6.76
C GLY E 99 -32.24 49.59 6.99
N GLY E 100 -33.32 50.36 6.87
CA GLY E 100 -33.26 51.80 7.05
C GLY E 100 -33.18 52.27 8.48
N GLY E 101 -33.54 51.42 9.45
CA GLY E 101 -33.50 51.80 10.85
C GLY E 101 -34.84 52.27 11.37
N THR E 102 -35.04 52.06 12.67
CA THR E 102 -36.28 52.46 13.34
C THR E 102 -35.94 52.77 14.79
N LYS E 103 -36.07 54.02 15.19
CA LYS E 103 -35.78 54.45 16.55
C LYS E 103 -37.07 54.57 17.34
N ILE E 104 -37.06 54.08 18.58
CA ILE E 104 -38.21 54.11 19.48
C ILE E 104 -37.88 55.02 20.66
N ASP E 105 -38.91 55.67 21.21
CA ASP E 105 -38.74 56.58 22.33
C ASP E 105 -39.99 56.53 23.20
N LEU E 106 -39.85 57.03 24.42
CA LEU E 106 -40.96 57.05 25.36
C LEU E 106 -42.01 58.06 24.94
N LYS E 107 -43.27 57.62 24.86
CA LYS E 107 -44.36 58.48 24.47
C LYS E 107 -44.71 59.46 25.57
N ARG E 108 -44.96 60.71 25.18
CA ARG E 108 -45.31 61.76 26.12
C ARG E 108 -46.13 62.81 25.38
N THR E 109 -46.36 63.95 26.02
CA THR E 109 -47.14 65.03 25.44
C THR E 109 -46.37 65.69 24.31
N VAL E 110 -47.11 66.15 23.30
CA VAL E 110 -46.51 66.82 22.14
C VAL E 110 -46.10 68.23 22.56
N ALA E 111 -44.82 68.55 22.39
CA ALA E 111 -44.28 69.85 22.75
C ALA E 111 -43.87 70.60 21.50
N ALA E 112 -44.26 71.88 21.41
CA ALA E 112 -43.93 72.71 20.27
C ALA E 112 -42.44 73.07 20.29
N PRO E 113 -41.77 73.02 19.14
CA PRO E 113 -40.33 73.36 19.10
C PRO E 113 -40.08 74.86 19.21
N SER E 114 -39.26 75.23 20.18
CA SER E 114 -38.88 76.63 20.35
C SER E 114 -37.75 76.89 19.36
N VAL E 115 -38.00 77.74 18.36
CA VAL E 115 -37.04 78.03 17.31
C VAL E 115 -36.39 79.39 17.56
N PHE E 116 -35.06 79.42 17.48
CA PHE E 116 -34.27 80.63 17.67
C PHE E 116 -33.22 80.68 16.56
N ILE E 117 -33.13 81.80 15.86
CA ILE E 117 -32.14 81.94 14.79
C ILE E 117 -30.99 82.79 15.32
N PHE E 118 -29.77 82.47 14.90
CA PHE E 118 -28.59 83.20 15.36
C PHE E 118 -27.79 83.75 14.19
N PRO E 119 -27.78 85.07 13.98
CA PRO E 119 -27.00 85.62 12.87
C PRO E 119 -25.53 85.61 13.21
N PRO E 120 -24.65 85.49 12.21
CA PRO E 120 -23.21 85.47 12.49
C PRO E 120 -22.70 86.85 12.88
N SER E 121 -21.68 86.85 13.73
CA SER E 121 -21.07 88.10 14.19
C SER E 121 -20.05 88.59 13.17
N GLU E 122 -19.43 89.74 13.49
CA GLU E 122 -18.42 90.30 12.59
C GLU E 122 -17.14 89.47 12.60
N ASP E 123 -16.86 88.80 13.72
CA ASP E 123 -15.66 87.96 13.81
C ASP E 123 -15.80 86.72 12.95
N GLN E 124 -17.03 86.20 12.84
CA GLN E 124 -17.27 85.02 12.02
C GLN E 124 -17.17 85.37 10.54
N VAL E 125 -17.63 86.56 10.16
CA VAL E 125 -17.54 87.00 8.77
C VAL E 125 -16.09 87.30 8.40
N LYS E 126 -15.36 87.94 9.30
CA LYS E 126 -13.96 88.27 9.05
C LYS E 126 -13.06 87.04 9.05
N SER E 127 -13.50 85.94 9.68
CA SER E 127 -12.68 84.73 9.72
C SER E 127 -12.64 84.00 8.39
N GLY E 128 -13.58 84.26 7.49
CA GLY E 128 -13.62 83.62 6.19
C GLY E 128 -14.83 82.73 5.95
N THR E 129 -15.31 82.03 6.99
CA THR E 129 -16.45 81.15 6.86
C THR E 129 -17.48 81.49 7.92
N VAL E 130 -18.75 81.51 7.51
CA VAL E 130 -19.87 81.80 8.40
C VAL E 130 -20.73 80.56 8.51
N SER E 131 -21.56 80.53 9.56
CA SER E 131 -22.45 79.39 9.82
C SER E 131 -23.69 79.90 10.55
N VAL E 132 -24.82 79.91 9.83
CA VAL E 132 -26.08 80.34 10.43
C VAL E 132 -26.66 79.17 11.21
N VAL E 133 -27.08 79.42 12.44
CA VAL E 133 -27.62 78.38 13.31
C VAL E 133 -29.10 78.61 13.58
N CYS E 134 -29.90 77.58 13.32
CA CYS E 134 -31.34 77.57 13.57
C CYS E 134 -31.53 76.53 14.66
N LEU E 135 -31.90 76.99 15.85
CA LEU E 135 -32.06 76.16 17.04
C LEU E 135 -33.51 75.77 17.31
N LEU E 136 -33.70 74.51 17.69
CA LEU E 136 -35.00 73.95 18.05
C LEU E 136 -34.82 73.32 19.43
N ASN E 137 -35.66 73.73 20.38
CA ASN E 137 -35.55 73.20 21.73
C ASN E 137 -36.90 72.77 22.28
N ASN E 138 -36.88 71.71 23.09
CA ASN E 138 -38.04 71.13 23.77
C ASN E 138 -39.15 70.73 22.79
N PHE E 139 -38.83 69.75 21.94
CA PHE E 139 -39.78 69.26 20.96
C PHE E 139 -39.91 67.75 21.03
N TYR E 140 -41.13 67.27 20.80
CA TYR E 140 -41.52 65.88 20.78
C TYR E 140 -42.80 65.87 19.94
N PRO E 141 -43.01 64.86 19.07
CA PRO E 141 -42.23 63.65 18.72
C PRO E 141 -40.88 63.84 18.02
N ARG E 142 -40.30 62.68 17.65
CA ARG E 142 -38.99 62.65 17.01
C ARG E 142 -38.99 63.31 15.64
N GLU E 143 -40.04 63.08 14.83
CA GLU E 143 -40.08 63.65 13.49
C GLU E 143 -40.24 65.17 13.53
N ALA E 144 -39.51 65.84 12.65
CA ALA E 144 -39.51 67.29 12.49
C ALA E 144 -38.84 67.61 11.16
N SER E 145 -39.24 68.72 10.55
CA SER E 145 -38.63 69.09 9.28
C SER E 145 -38.16 70.54 9.33
N VAL E 146 -36.87 70.74 9.08
CA VAL E 146 -36.24 72.06 9.07
C VAL E 146 -35.59 72.27 7.71
N LYS E 147 -35.92 73.38 7.07
CA LYS E 147 -35.37 73.71 5.76
C LYS E 147 -34.86 75.14 5.78
N TRP E 148 -34.03 75.48 4.80
CA TRP E 148 -33.44 76.81 4.69
C TRP E 148 -33.95 77.54 3.46
N LYS E 149 -34.35 78.80 3.64
CA LYS E 149 -34.86 79.66 2.57
C LYS E 149 -33.96 80.88 2.49
N VAL E 150 -33.18 80.96 1.41
CA VAL E 150 -32.27 82.07 1.18
C VAL E 150 -32.92 82.99 0.17
N ASP E 151 -33.08 84.27 0.55
CA ASP E 151 -33.69 85.32 -0.28
C ASP E 151 -35.10 84.94 -0.74
N GLY E 152 -35.84 84.22 0.11
CA GLY E 152 -37.17 83.80 -0.22
C GLY E 152 -37.25 82.56 -1.09
N ALA E 153 -36.12 81.94 -1.41
CA ALA E 153 -36.10 80.74 -2.25
C ALA E 153 -35.55 79.57 -1.45
N LEU E 154 -36.23 78.43 -1.50
CA LEU E 154 -35.79 77.25 -0.77
C LEU E 154 -34.48 76.72 -1.35
N LYS E 155 -33.45 76.63 -0.50
CA LYS E 155 -32.14 76.15 -0.92
C LYS E 155 -31.75 74.92 -0.12
N THR E 156 -31.22 73.92 -0.80
CA THR E 156 -30.78 72.68 -0.19
C THR E 156 -29.27 72.54 -0.31
N GLY E 157 -28.72 71.65 0.50
CA GLY E 157 -27.29 71.41 0.50
C GLY E 157 -26.54 72.34 1.44
N ASN E 158 -25.33 71.91 1.79
CA ASN E 158 -24.40 72.62 2.69
C ASN E 158 -25.00 72.91 4.07
N SER E 159 -25.94 72.08 4.51
CA SER E 159 -26.59 72.24 5.81
C SER E 159 -26.51 70.93 6.57
N GLN E 160 -26.10 71.02 7.84
CA GLN E 160 -25.96 69.86 8.70
C GLN E 160 -26.90 70.00 9.89
N GLU E 161 -27.27 68.87 10.48
CA GLU E 161 -28.18 68.85 11.62
C GLU E 161 -27.56 68.02 12.73
N SER E 162 -27.49 68.60 13.93
CA SER E 162 -26.94 67.94 15.10
C SER E 162 -28.03 67.85 16.16
N VAL E 163 -28.33 66.63 16.58
CA VAL E 163 -29.38 66.37 17.59
C VAL E 163 -28.80 65.50 18.68
N THR E 164 -29.03 65.91 19.93
CA THR E 164 -28.56 65.17 21.10
C THR E 164 -29.54 64.03 21.40
N GLU E 165 -29.22 63.27 22.44
CA GLU E 165 -30.05 62.15 22.83
C GLU E 165 -31.28 62.65 23.61
N GLN E 166 -32.18 61.70 23.90
CA GLN E 166 -33.41 62.02 24.63
C GLN E 166 -33.10 62.32 26.09
N ASP E 167 -33.71 63.38 26.61
CA ASP E 167 -33.50 63.76 28.00
C ASP E 167 -34.24 62.80 28.92
N SER E 168 -33.68 62.60 30.11
CA SER E 168 -34.29 61.71 31.09
C SER E 168 -35.23 62.42 32.06
N LYS E 169 -35.35 63.75 31.96
CA LYS E 169 -36.20 64.51 32.86
C LYS E 169 -37.55 64.84 32.24
N ASP E 170 -37.55 65.50 31.08
CA ASP E 170 -38.78 65.89 30.40
C ASP E 170 -39.03 65.12 29.10
N ASN E 171 -38.10 64.22 28.71
CA ASN E 171 -38.20 63.40 27.49
C ASN E 171 -38.35 64.26 26.24
N THR E 172 -37.61 65.36 26.17
CA THR E 172 -37.64 66.26 25.04
C THR E 172 -36.39 66.09 24.19
N TYR E 173 -36.28 66.89 23.13
CA TYR E 173 -35.15 66.84 22.23
C TYR E 173 -34.67 68.26 21.92
N SER E 174 -33.52 68.33 21.25
CA SER E 174 -32.92 69.59 20.85
C SER E 174 -32.22 69.38 19.51
N LEU E 175 -32.56 70.20 18.53
CA LEU E 175 -31.99 70.12 17.19
C LEU E 175 -31.26 71.41 16.87
N SER E 176 -30.16 71.29 16.13
CA SER E 176 -29.37 72.46 15.73
C SER E 176 -29.03 72.32 14.26
N SER E 177 -29.56 73.22 13.44
CA SER E 177 -29.29 73.22 12.00
C SER E 177 -28.23 74.27 11.71
N THR E 178 -27.09 73.83 11.20
CA THR E 178 -25.97 74.70 10.88
C THR E 178 -25.80 74.78 9.37
N LEU E 179 -25.85 75.99 8.84
CA LEU E 179 -25.68 76.26 7.41
C LEU E 179 -24.32 76.96 7.29
N THR E 180 -23.32 76.22 6.82
CA THR E 180 -21.97 76.73 6.67
C THR E 180 -21.73 77.23 5.24
N LEU E 181 -21.37 78.51 5.13
CA LEU E 181 -21.11 79.12 3.83
C LEU E 181 -19.82 79.94 3.94
N SER E 182 -19.38 80.47 2.80
CA SER E 182 -18.18 81.28 2.75
C SER E 182 -18.56 82.76 2.88
N SER E 183 -17.53 83.61 2.98
CA SER E 183 -17.77 85.05 3.11
C SER E 183 -18.36 85.63 1.82
N THR E 184 -17.86 85.19 0.66
CA THR E 184 -18.37 85.66 -0.62
C THR E 184 -19.81 85.21 -0.83
N GLU E 185 -20.12 83.98 -0.41
CA GLU E 185 -21.48 83.47 -0.54
C GLU E 185 -22.41 84.16 0.44
N TYR E 186 -21.90 84.51 1.62
CA TYR E 186 -22.73 85.19 2.63
C TYR E 186 -23.05 86.61 2.20
N GLN E 187 -22.06 87.32 1.65
CA GLN E 187 -22.29 88.69 1.21
C GLN E 187 -23.03 88.78 -0.11
N SER E 188 -23.20 87.65 -0.82
CA SER E 188 -23.92 87.67 -2.09
C SER E 188 -25.43 87.73 -1.91
N HIS E 189 -25.94 87.40 -0.73
CA HIS E 189 -27.38 87.43 -0.47
C HIS E 189 -27.68 88.47 0.60
N LYS E 190 -28.97 88.73 0.81
CA LYS E 190 -29.39 89.74 1.78
C LYS E 190 -30.18 89.21 2.96
N VAL E 191 -31.30 88.51 2.72
CA VAL E 191 -32.15 87.98 3.77
C VAL E 191 -32.08 86.47 3.81
N TYR E 192 -31.88 85.92 5.01
CA TYR E 192 -31.80 84.48 5.22
C TYR E 192 -32.93 84.05 6.15
N ALA E 193 -33.36 82.80 6.02
CA ALA E 193 -34.44 82.32 6.87
C ALA E 193 -34.39 80.81 7.01
N CYS E 194 -35.00 80.32 8.08
CA CYS E 194 -35.12 78.89 8.37
C CYS E 194 -36.58 78.61 8.68
N GLU E 195 -37.13 77.59 8.02
CA GLU E 195 -38.51 77.17 8.19
C GLU E 195 -38.54 75.88 9.00
N VAL E 196 -39.42 75.83 10.00
CA VAL E 196 -39.56 74.68 10.88
C VAL E 196 -41.02 74.23 10.86
N THR E 197 -41.24 72.96 10.53
CA THR E 197 -42.55 72.35 10.50
C THR E 197 -42.53 71.14 11.43
N HIS E 198 -43.47 71.12 12.37
CA HIS E 198 -43.56 70.06 13.36
C HIS E 198 -45.04 69.72 13.57
N GLN E 199 -45.27 68.57 14.23
CA GLN E 199 -46.64 68.14 14.51
C GLN E 199 -47.32 69.06 15.50
N GLY E 200 -46.58 69.58 16.48
CA GLY E 200 -47.12 70.48 17.47
C GLY E 200 -47.30 71.91 17.04
N LEU E 201 -46.94 72.25 15.81
CA LEU E 201 -47.07 73.60 15.29
C LEU E 201 -48.26 73.67 14.34
N SER E 202 -49.17 74.62 14.61
CA SER E 202 -50.33 74.79 13.75
C SER E 202 -49.94 75.42 12.42
N SER E 203 -48.89 76.22 12.42
CA SER E 203 -48.36 76.89 11.24
C SER E 203 -46.85 76.74 11.26
N PRO E 204 -46.21 76.71 10.09
CA PRO E 204 -44.74 76.57 10.06
C PRO E 204 -44.06 77.82 10.58
N VAL E 205 -43.14 77.63 11.52
CA VAL E 205 -42.40 78.74 12.13
C VAL E 205 -41.33 79.22 11.15
N THR E 206 -41.35 80.51 10.84
CA THR E 206 -40.40 81.13 9.93
C THR E 206 -39.52 82.08 10.70
N LYS E 207 -38.20 81.89 10.62
CA LYS E 207 -37.26 82.77 11.30
C LYS E 207 -36.35 83.39 10.24
N SER E 208 -36.48 84.70 10.04
CA SER E 208 -35.69 85.39 9.02
C SER E 208 -34.91 86.53 9.65
N PHE E 209 -33.81 86.88 8.99
CA PHE E 209 -32.96 87.97 9.43
C PHE E 209 -32.26 88.56 8.22
N ASN E 210 -31.96 89.86 8.32
CA ASN E 210 -31.30 90.61 7.27
C ASN E 210 -29.86 90.90 7.67
N ARG E 211 -28.99 91.02 6.67
CA ARG E 211 -27.58 91.29 6.94
C ARG E 211 -27.37 92.73 7.42
N ALA E 212 -28.05 93.68 6.80
CA ALA E 212 -27.94 95.08 7.17
C ALA E 212 -28.93 95.49 8.25
N ALA E 213 -29.81 94.59 8.68
CA ALA E 213 -30.79 94.90 9.70
C ALA E 213 -31.10 93.67 10.55
N VAL F 1 -8.12 4.98 -39.81
CA VAL F 1 -7.60 3.62 -39.68
C VAL F 1 -7.50 2.98 -41.05
N GLN F 2 -6.28 2.59 -41.43
CA GLN F 2 -6.03 1.97 -42.72
C GLN F 2 -5.10 0.78 -42.54
N LEU F 3 -5.19 -0.17 -43.47
CA LEU F 3 -4.35 -1.35 -43.46
C LEU F 3 -3.64 -1.46 -44.80
N GLN F 4 -2.46 -2.07 -44.78
CA GLN F 4 -1.67 -2.23 -46.00
C GLN F 4 -0.89 -3.53 -45.93
N GLU F 5 -0.78 -4.19 -47.09
CA GLU F 5 -0.06 -5.44 -47.21
C GLU F 5 1.28 -5.21 -47.89
N SER F 6 2.23 -6.11 -47.64
CA SER F 6 3.55 -6.01 -48.23
C SER F 6 4.17 -7.40 -48.32
N GLY F 7 5.03 -7.57 -49.31
CA GLY F 7 5.70 -8.83 -49.55
C GLY F 7 6.05 -9.01 -51.01
N PRO F 8 6.67 -10.14 -51.35
CA PRO F 8 7.03 -10.38 -52.75
C PRO F 8 5.80 -10.70 -53.59
N GLY F 9 5.66 -9.97 -54.69
CA GLY F 9 4.54 -10.16 -55.59
C GLY F 9 4.65 -11.45 -56.40
N VAL F 10 5.88 -11.80 -56.77
CA VAL F 10 6.15 -13.01 -57.53
C VAL F 10 7.04 -13.92 -56.69
N VAL F 11 6.59 -15.15 -56.47
CA VAL F 11 7.33 -16.12 -55.67
C VAL F 11 7.42 -17.44 -56.42
N LYS F 12 8.48 -18.18 -56.12
CA LYS F 12 8.77 -19.49 -56.69
C LYS F 12 7.92 -20.54 -56.01
N PRO F 13 7.67 -21.69 -56.64
CA PRO F 13 6.86 -22.71 -55.98
C PRO F 13 7.67 -23.54 -54.98
N SER F 14 6.93 -24.28 -54.15
CA SER F 14 7.34 -25.21 -53.09
C SER F 14 8.00 -24.58 -51.86
N GLU F 15 8.20 -23.26 -51.79
CA GLU F 15 8.81 -22.70 -50.60
C GLU F 15 7.75 -21.98 -49.76
N THR F 16 8.18 -21.43 -48.62
CA THR F 16 7.30 -20.73 -47.70
C THR F 16 7.14 -19.27 -48.11
N LEU F 17 5.90 -18.83 -48.20
CA LEU F 17 5.55 -17.46 -48.56
C LEU F 17 5.30 -16.65 -47.30
N SER F 18 5.94 -15.48 -47.23
CA SER F 18 5.81 -14.61 -46.06
C SER F 18 5.24 -13.26 -46.48
N LEU F 19 4.21 -12.80 -45.76
CA LEU F 19 3.56 -11.52 -46.01
C LEU F 19 3.51 -10.74 -44.71
N THR F 20 3.60 -9.41 -44.83
CA THR F 20 3.60 -8.51 -43.68
C THR F 20 2.49 -7.48 -43.83
N CYS F 21 1.67 -7.30 -42.79
CA CYS F 21 0.61 -6.30 -42.87
C CYS F 21 0.80 -5.26 -41.78
N GLU F 22 0.87 -3.99 -42.18
CA GLU F 22 1.03 -2.89 -41.22
C GLU F 22 -0.34 -2.44 -40.73
N VAL F 23 -0.43 -2.19 -39.42
CA VAL F 23 -1.69 -1.77 -38.80
C VAL F 23 -1.61 -0.32 -38.36
N SER F 24 -2.71 0.41 -38.55
CA SER F 24 -2.82 1.80 -38.13
C SER F 24 -3.89 1.78 -37.05
N LEU F 25 -3.47 1.69 -35.79
CA LEU F 25 -4.41 1.65 -34.67
C LEU F 25 -5.16 2.96 -34.54
N HIS F 26 -6.40 2.87 -34.06
CA HIS F 26 -7.23 4.04 -33.86
C HIS F 26 -6.67 4.87 -32.72
N ALA F 27 -6.65 6.19 -32.91
CA ALA F 27 -6.12 7.08 -31.88
C ALA F 27 -7.02 7.06 -30.64
N SER F 28 -6.36 7.08 -29.47
CA SER F 28 -7.01 7.08 -28.16
C SER F 28 -7.91 5.86 -27.97
N ARG F 29 -7.43 4.68 -28.36
CA ARG F 29 -8.21 3.47 -28.22
C ARG F 29 -7.35 2.36 -27.63
N VAL F 30 -7.92 1.65 -26.64
CA VAL F 30 -7.25 0.53 -25.98
C VAL F 30 -8.23 -0.64 -25.98
N GLY F 31 -7.70 -1.84 -26.17
CA GLY F 31 -8.54 -3.01 -26.21
C GLY F 31 -7.94 -4.18 -26.96
N SER F 32 -8.70 -4.76 -27.88
CA SER F 32 -8.22 -5.90 -28.65
C SER F 32 -8.84 -5.90 -30.04
N TYR F 33 -8.01 -6.19 -31.04
CA TYR F 33 -8.43 -6.27 -32.43
C TYR F 33 -8.38 -7.72 -32.90
N TYR F 34 -8.95 -7.97 -34.07
CA TYR F 34 -8.97 -9.32 -34.64
C TYR F 34 -8.44 -9.22 -36.08
N TRP F 35 -7.20 -9.64 -36.28
CA TRP F 35 -6.58 -9.58 -37.59
C TRP F 35 -6.77 -10.91 -38.32
N SER F 36 -7.11 -10.82 -39.60
CA SER F 36 -7.35 -12.04 -40.38
C SER F 36 -6.81 -11.87 -41.79
N TRP F 37 -6.55 -13.01 -42.44
CA TRP F 37 -6.04 -13.05 -43.81
C TRP F 37 -7.05 -13.73 -44.71
N ILE F 38 -7.41 -13.05 -45.80
CA ILE F 38 -8.38 -13.59 -46.77
C ILE F 38 -7.81 -13.40 -48.18
N ARG F 39 -7.73 -14.49 -48.93
CA ARG F 39 -7.22 -14.44 -50.29
C ARG F 39 -8.40 -14.64 -51.25
N GLN F 40 -8.29 -14.04 -52.44
CA GLN F 40 -9.33 -14.14 -53.45
C GLN F 40 -8.67 -14.37 -54.81
N SER F 41 -9.05 -15.45 -55.48
CA SER F 41 -8.47 -15.77 -56.78
C SER F 41 -9.18 -14.98 -57.88
N GLN F 42 -8.61 -15.02 -59.07
CA GLN F 42 -9.18 -14.32 -60.21
C GLN F 42 -10.43 -15.05 -60.69
N GLY F 43 -11.58 -14.39 -60.59
CA GLY F 43 -12.83 -14.99 -61.00
C GLY F 43 -13.35 -16.05 -60.05
N GLN F 44 -12.90 -16.06 -58.80
CA GLN F 44 -13.32 -17.03 -57.81
C GLN F 44 -13.65 -16.30 -56.52
N ARG F 45 -14.50 -16.94 -55.70
CA ARG F 45 -14.90 -16.35 -54.43
C ARG F 45 -13.72 -16.29 -53.45
N PRO F 46 -13.74 -15.33 -52.52
CA PRO F 46 -12.63 -15.23 -51.56
C PRO F 46 -12.59 -16.40 -50.59
N GLU F 47 -11.40 -16.65 -50.05
CA GLU F 47 -11.18 -17.72 -49.09
C GLU F 47 -10.43 -17.17 -47.89
N TRP F 48 -10.91 -17.50 -46.70
CA TRP F 48 -10.32 -17.05 -45.45
C TRP F 48 -9.39 -18.13 -44.91
N MET F 49 -8.13 -17.77 -44.68
CA MET F 49 -7.15 -18.73 -44.17
C MET F 49 -7.18 -18.81 -42.66
N GLY F 50 -6.97 -17.69 -41.98
CA GLY F 50 -6.97 -17.70 -40.53
C GLY F 50 -7.11 -16.31 -39.95
N GLY F 51 -7.22 -16.30 -38.62
CA GLY F 51 -7.36 -15.07 -37.86
C GLY F 51 -6.69 -15.23 -36.51
N LEU F 52 -6.54 -14.09 -35.82
CA LEU F 52 -5.91 -14.08 -34.50
C LEU F 52 -6.26 -12.79 -33.78
N TYR F 53 -6.08 -12.81 -32.47
CA TYR F 53 -6.35 -11.65 -31.63
C TYR F 53 -5.07 -10.85 -31.42
N SER F 54 -5.23 -9.62 -30.93
CA SER F 54 -4.07 -8.76 -30.71
C SER F 54 -3.56 -8.85 -29.27
N ASP F 55 -4.44 -9.10 -28.31
CA ASP F 55 -4.00 -9.17 -26.92
C ASP F 55 -3.67 -10.59 -26.49
N THR F 56 -4.48 -11.57 -26.92
CA THR F 56 -4.24 -12.96 -26.54
C THR F 56 -3.48 -13.75 -27.59
N GLY F 57 -3.65 -13.41 -28.86
CA GLY F 57 -2.95 -14.12 -29.92
C GLY F 57 -3.48 -15.50 -30.23
N ASN F 58 -4.75 -15.79 -29.90
CA ASN F 58 -5.34 -17.09 -30.16
C ASN F 58 -5.53 -17.22 -31.67
N THR F 59 -4.69 -18.03 -32.30
CA THR F 59 -4.73 -18.23 -33.74
C THR F 59 -5.73 -19.31 -34.12
N ASP F 60 -6.60 -18.99 -35.07
CA ASP F 60 -7.61 -19.90 -35.60
C ASP F 60 -7.30 -20.10 -37.07
N TYR F 61 -7.07 -21.35 -37.47
CA TYR F 61 -6.74 -21.68 -38.84
C TYR F 61 -7.83 -22.52 -39.48
N ASN F 62 -7.91 -22.42 -40.81
CA ASN F 62 -8.89 -23.19 -41.56
C ASN F 62 -8.44 -24.66 -41.62
N PRO F 63 -9.36 -25.61 -41.41
CA PRO F 63 -8.96 -27.04 -41.45
C PRO F 63 -8.42 -27.50 -42.79
N SER F 64 -8.81 -26.86 -43.89
CA SER F 64 -8.32 -27.25 -45.21
C SER F 64 -6.88 -26.82 -45.45
N LEU F 65 -6.37 -25.83 -44.70
CA LEU F 65 -5.01 -25.37 -44.88
C LEU F 65 -4.27 -25.19 -43.56
N LYS F 66 -4.70 -25.85 -42.49
CA LYS F 66 -4.05 -25.69 -41.18
C LYS F 66 -2.63 -26.26 -41.14
N SER F 67 -2.27 -27.14 -42.07
CA SER F 67 -0.93 -27.72 -42.08
C SER F 67 0.10 -26.84 -42.78
N ARG F 68 -0.32 -25.71 -43.38
CA ARG F 68 0.62 -24.84 -44.07
C ARG F 68 0.54 -23.39 -43.63
N VAL F 69 -0.63 -22.95 -43.16
CA VAL F 69 -0.79 -21.55 -42.75
C VAL F 69 -0.22 -21.36 -41.35
N SER F 70 0.30 -20.17 -41.10
CA SER F 70 0.88 -19.81 -39.80
C SER F 70 0.79 -18.30 -39.65
N LEU F 71 0.08 -17.84 -38.62
CA LEU F 71 -0.08 -16.42 -38.36
C LEU F 71 0.69 -16.03 -37.11
N SER F 72 1.54 -15.00 -37.23
CA SER F 72 2.34 -14.54 -36.10
C SER F 72 2.20 -13.02 -35.99
N ARG F 73 2.51 -12.50 -34.81
CA ARG F 73 2.40 -11.06 -34.57
C ARG F 73 3.42 -10.63 -33.52
N ASP F 74 3.66 -9.32 -33.47
CA ASP F 74 4.56 -8.75 -32.48
C ASP F 74 4.16 -7.30 -32.18
N MET F 75 4.23 -6.95 -30.90
CA MET F 75 3.87 -5.62 -30.41
C MET F 75 5.09 -4.72 -30.29
N SER F 76 6.29 -5.27 -30.48
CA SER F 76 7.51 -4.47 -30.41
C SER F 76 7.53 -3.45 -31.54
N LYS F 77 7.29 -3.92 -32.76
CA LYS F 77 7.22 -3.05 -33.93
C LYS F 77 5.80 -2.98 -34.49
N LYS F 78 4.84 -3.62 -33.82
CA LYS F 78 3.42 -3.62 -34.17
C LYS F 78 3.20 -4.09 -35.62
N GLN F 79 3.45 -5.39 -35.83
CA GLN F 79 3.30 -5.99 -37.15
C GLN F 79 2.86 -7.43 -37.04
N PHE F 80 2.15 -7.93 -38.07
CA PHE F 80 1.76 -9.33 -38.06
C PHE F 80 2.12 -9.94 -39.42
N PHE F 81 2.71 -11.13 -39.35
CA PHE F 81 3.22 -11.91 -40.47
C PHE F 81 2.30 -13.09 -40.77
N LEU F 82 2.30 -13.47 -42.05
CA LEU F 82 1.54 -14.61 -42.56
C LEU F 82 2.53 -15.51 -43.30
N ASN F 83 2.55 -16.79 -42.95
CA ASN F 83 3.45 -17.75 -43.56
C ASN F 83 2.64 -18.89 -44.16
N LEU F 84 2.99 -19.28 -45.37
CA LEU F 84 2.33 -20.36 -46.09
C LEU F 84 3.39 -21.23 -46.76
N ARG F 85 3.73 -22.35 -46.13
CA ARG F 85 4.74 -23.25 -46.66
C ARG F 85 4.16 -24.14 -47.75
N SER F 86 5.03 -24.54 -48.69
CA SER F 86 4.72 -25.41 -49.83
C SER F 86 3.59 -24.84 -50.68
N VAL F 87 3.87 -23.68 -51.28
CA VAL F 87 2.88 -23.02 -52.14
C VAL F 87 2.75 -23.77 -53.46
N THR F 88 1.52 -23.83 -53.97
CA THR F 88 1.21 -24.50 -55.23
C THR F 88 0.72 -23.47 -56.24
N ALA F 89 0.32 -23.96 -57.42
CA ALA F 89 -0.17 -23.06 -58.47
C ALA F 89 -1.53 -22.46 -58.11
N THR F 90 -2.29 -23.13 -57.24
CA THR F 90 -3.60 -22.61 -56.85
C THR F 90 -3.50 -21.48 -55.84
N ASP F 91 -2.31 -21.21 -55.30
CA ASP F 91 -2.13 -20.13 -54.33
C ASP F 91 -2.03 -18.75 -54.97
N THR F 92 -2.01 -18.67 -56.30
CA THR F 92 -1.92 -17.39 -56.99
C THR F 92 -3.24 -16.65 -56.79
N ALA F 93 -3.23 -15.62 -55.94
CA ALA F 93 -4.45 -14.87 -55.64
C ALA F 93 -4.07 -13.52 -55.05
N VAL F 94 -5.09 -12.71 -54.76
CA VAL F 94 -4.89 -11.41 -54.15
C VAL F 94 -5.12 -11.58 -52.65
N TYR F 95 -4.12 -11.26 -51.85
CA TYR F 95 -4.22 -11.41 -50.40
C TYR F 95 -4.67 -10.10 -49.77
N PHE F 96 -5.49 -10.21 -48.72
CA PHE F 96 -6.02 -9.07 -47.99
C PHE F 96 -5.90 -9.31 -46.49
N CYS F 97 -5.47 -8.28 -45.78
CA CYS F 97 -5.35 -8.31 -44.32
C CYS F 97 -6.45 -7.42 -43.78
N VAL F 98 -7.30 -7.98 -42.91
CA VAL F 98 -8.41 -7.25 -42.34
C VAL F 98 -8.29 -7.19 -40.83
N SER F 99 -8.94 -6.19 -40.26
CA SER F 99 -8.96 -5.96 -38.82
C SER F 99 -10.39 -5.72 -38.39
N ARG F 100 -10.91 -6.61 -37.56
CA ARG F 100 -12.27 -6.52 -37.05
C ARG F 100 -12.22 -6.16 -35.58
N TYR F 101 -12.87 -5.05 -35.22
CA TYR F 101 -12.92 -4.56 -33.85
C TYR F 101 -14.08 -3.59 -33.74
N VAL F 102 -14.93 -3.80 -32.75
CA VAL F 102 -16.10 -2.93 -32.53
C VAL F 102 -15.76 -1.91 -31.46
N ASP F 103 -15.85 -0.63 -31.82
CA ASP F 103 -15.57 0.46 -30.90
C ASP F 103 -16.80 0.69 -30.05
N HIS F 104 -16.67 0.50 -28.73
CA HIS F 104 -17.79 0.69 -27.83
C HIS F 104 -18.11 2.16 -27.62
N TRP F 105 -17.18 3.06 -27.94
CA TRP F 105 -17.41 4.49 -27.78
C TRP F 105 -18.33 5.07 -28.86
N THR F 106 -18.34 4.47 -30.05
CA THR F 106 -19.19 4.96 -31.14
C THR F 106 -20.18 3.92 -31.64
N ASN F 107 -20.16 2.69 -31.08
CA ASN F 107 -21.04 1.58 -31.44
C ASN F 107 -20.97 1.22 -32.93
N ARG F 108 -19.80 1.33 -33.54
CA ARG F 108 -19.64 1.00 -34.94
C ARG F 108 -18.75 -0.23 -35.11
N ARG F 109 -19.00 -0.97 -36.19
CA ARG F 109 -18.24 -2.20 -36.46
C ARG F 109 -16.83 -1.97 -36.99
N PHE F 110 -16.61 -0.89 -37.75
CA PHE F 110 -15.30 -0.55 -38.34
C PHE F 110 -14.71 -1.71 -39.14
N ASP F 111 -15.42 -2.11 -40.19
CA ASP F 111 -14.97 -3.20 -41.04
C ASP F 111 -14.08 -2.59 -42.12
N VAL F 112 -12.78 -2.56 -41.84
CA VAL F 112 -11.79 -2.00 -42.77
C VAL F 112 -11.07 -3.14 -43.48
N TRP F 113 -10.84 -2.96 -44.78
CA TRP F 113 -10.18 -3.94 -45.63
C TRP F 113 -9.02 -3.27 -46.35
N GLY F 114 -7.88 -3.96 -46.40
CA GLY F 114 -6.71 -3.45 -47.07
C GLY F 114 -6.86 -3.56 -48.57
N PRO F 115 -6.01 -2.86 -49.33
CA PRO F 115 -6.10 -2.93 -50.80
C PRO F 115 -5.73 -4.29 -51.36
N GLY F 116 -4.94 -5.08 -50.65
CA GLY F 116 -4.56 -6.39 -51.12
C GLY F 116 -3.35 -6.39 -52.03
N ALA F 117 -2.58 -7.47 -52.01
CA ALA F 117 -1.39 -7.61 -52.84
C ALA F 117 -1.52 -8.88 -53.67
N GLN F 118 -1.20 -8.78 -54.96
CA GLN F 118 -1.29 -9.93 -55.84
C GLN F 118 -0.07 -10.82 -55.67
N VAL F 119 -0.29 -12.10 -55.37
CA VAL F 119 0.78 -13.06 -55.18
C VAL F 119 0.62 -14.13 -56.26
N THR F 120 1.65 -14.29 -57.06
CA THR F 120 1.68 -15.26 -58.14
C THR F 120 2.76 -16.30 -57.86
N VAL F 121 2.38 -17.58 -57.93
CA VAL F 121 3.29 -18.69 -57.69
C VAL F 121 3.62 -19.30 -59.05
N THR F 122 4.87 -19.13 -59.48
CA THR F 122 5.32 -19.65 -60.76
C THR F 122 6.82 -19.82 -60.72
N SER F 123 7.33 -20.62 -61.66
CA SER F 123 8.76 -20.89 -61.77
C SER F 123 9.39 -20.18 -62.97
N ALA F 124 8.62 -19.44 -63.74
CA ALA F 124 9.13 -18.74 -64.90
C ALA F 124 9.73 -17.39 -64.51
N SER F 125 10.46 -16.80 -65.45
CA SER F 125 11.11 -15.50 -65.27
C SER F 125 10.72 -14.57 -66.41
N THR F 126 11.41 -13.43 -66.49
CA THR F 126 11.12 -12.45 -67.52
C THR F 126 11.62 -12.95 -68.87
N LYS F 127 10.73 -12.91 -69.87
CA LYS F 127 11.08 -13.34 -71.22
C LYS F 127 10.14 -12.68 -72.20
N GLY F 128 10.45 -12.83 -73.49
CA GLY F 128 9.65 -12.26 -74.55
C GLY F 128 8.35 -13.01 -74.78
N PRO F 129 7.36 -12.32 -75.37
CA PRO F 129 6.08 -12.97 -75.63
C PRO F 129 6.00 -13.67 -76.97
N SER F 130 5.17 -14.71 -77.02
CA SER F 130 4.97 -15.49 -78.24
C SER F 130 3.62 -15.08 -78.83
N VAL F 131 3.62 -14.70 -80.10
CA VAL F 131 2.41 -14.27 -80.79
C VAL F 131 2.06 -15.28 -81.87
N PHE F 132 0.78 -15.65 -81.92
CA PHE F 132 0.26 -16.59 -82.90
C PHE F 132 -0.93 -15.93 -83.59
N PRO F 133 -1.04 -16.03 -84.91
CA PRO F 133 -2.16 -15.39 -85.59
C PRO F 133 -3.41 -16.26 -85.67
N LEU F 134 -4.52 -15.74 -85.13
CA LEU F 134 -5.80 -16.45 -85.16
C LEU F 134 -6.61 -15.93 -86.34
N ALA F 135 -6.35 -16.53 -87.50
CA ALA F 135 -7.00 -16.15 -88.74
C ALA F 135 -8.36 -16.84 -88.84
N PRO F 136 -9.34 -16.20 -89.51
CA PRO F 136 -10.66 -16.83 -89.66
C PRO F 136 -10.60 -17.99 -90.64
N SER F 137 -11.58 -18.89 -90.51
CA SER F 137 -11.64 -20.04 -91.40
C SER F 137 -12.09 -19.62 -92.79
N SER F 138 -11.71 -20.42 -93.79
CA SER F 138 -12.08 -20.11 -95.17
C SER F 138 -13.57 -20.30 -95.42
N ARG F 139 -14.22 -21.17 -94.64
CA ARG F 139 -15.65 -21.42 -94.80
C ARG F 139 -16.51 -20.38 -94.11
N SER F 140 -15.92 -19.46 -93.35
CA SER F 140 -16.66 -18.42 -92.66
C SER F 140 -16.81 -17.14 -93.48
N THR F 141 -16.37 -17.15 -94.74
CA THR F 141 -16.48 -15.96 -95.57
C THR F 141 -17.91 -15.69 -96.03
N SER F 142 -18.81 -16.68 -95.90
CA SER F 142 -20.20 -16.49 -96.30
C SER F 142 -20.93 -15.54 -95.36
N GLU F 143 -20.51 -15.49 -94.10
CA GLU F 143 -21.15 -14.61 -93.14
C GLU F 143 -20.78 -13.15 -93.40
N SER F 144 -21.60 -12.25 -92.88
CA SER F 144 -21.36 -10.82 -93.08
C SER F 144 -20.17 -10.32 -92.26
N THR F 145 -19.94 -10.89 -91.07
CA THR F 145 -18.84 -10.48 -90.21
C THR F 145 -17.92 -11.67 -89.91
N ALA F 146 -16.63 -11.39 -89.82
CA ALA F 146 -15.61 -12.38 -89.52
C ALA F 146 -14.72 -11.84 -88.41
N ALA F 147 -14.33 -12.72 -87.49
CA ALA F 147 -13.49 -12.33 -86.36
C ALA F 147 -12.07 -12.85 -86.56
N LEU F 148 -11.08 -11.98 -86.32
CA LEU F 148 -9.68 -12.34 -86.45
C LEU F 148 -8.94 -11.77 -85.25
N GLY F 149 -7.81 -12.39 -84.91
CA GLY F 149 -7.09 -11.87 -83.76
C GLY F 149 -5.67 -12.38 -83.65
N CYS F 150 -5.08 -12.10 -82.49
CA CYS F 150 -3.72 -12.51 -82.16
C CYS F 150 -3.70 -13.07 -80.74
N LEU F 151 -3.04 -14.21 -80.57
CA LEU F 151 -2.93 -14.90 -79.30
C LEU F 151 -1.54 -14.74 -78.72
N VAL F 152 -1.47 -14.32 -77.46
CA VAL F 152 -0.21 -14.13 -76.74
C VAL F 152 -0.05 -15.30 -75.77
N LYS F 153 0.99 -16.10 -76.00
CA LYS F 153 1.29 -17.27 -75.20
C LYS F 153 2.77 -17.28 -74.86
N ASP F 154 3.09 -17.89 -73.71
CA ASP F 154 4.44 -18.04 -73.17
C ASP F 154 5.11 -16.69 -72.93
N TYR F 155 4.53 -15.93 -72.00
CA TYR F 155 5.06 -14.63 -71.64
C TYR F 155 4.92 -14.43 -70.14
N PHE F 156 5.83 -13.63 -69.59
CA PHE F 156 5.90 -13.28 -68.18
C PHE F 156 6.90 -12.13 -68.02
N PRO F 157 6.61 -11.10 -67.22
CA PRO F 157 5.39 -10.86 -66.43
C PRO F 157 4.50 -9.77 -67.04
N GLU F 158 3.50 -9.34 -66.27
CA GLU F 158 2.57 -8.31 -66.71
C GLU F 158 3.29 -6.95 -66.77
N PRO F 159 2.83 -6.03 -67.64
CA PRO F 159 1.73 -6.10 -68.61
C PRO F 159 2.14 -6.03 -70.08
N VAL F 160 1.19 -6.32 -70.96
CA VAL F 160 1.37 -6.28 -72.41
C VAL F 160 0.21 -5.49 -73.00
N THR F 161 0.51 -4.74 -74.06
CA THR F 161 -0.49 -3.94 -74.74
C THR F 161 -0.58 -4.38 -76.20
N VAL F 162 -1.80 -4.68 -76.65
CA VAL F 162 -2.05 -5.13 -78.01
C VAL F 162 -2.84 -4.05 -78.73
N SER F 163 -2.36 -3.65 -79.90
CA SER F 163 -2.99 -2.62 -80.70
C SER F 163 -3.19 -3.13 -82.12
N TRP F 164 -4.20 -2.58 -82.80
CA TRP F 164 -4.53 -2.96 -84.16
C TRP F 164 -4.35 -1.76 -85.07
N ASN F 165 -3.58 -1.94 -86.14
CA ASN F 165 -3.28 -0.92 -87.14
C ASN F 165 -2.66 0.33 -86.51
N SER F 166 -1.65 0.09 -85.66
CA SER F 166 -0.90 1.11 -84.92
C SER F 166 -1.81 1.96 -84.03
N GLY F 167 -2.85 1.34 -83.47
CA GLY F 167 -3.78 2.03 -82.59
C GLY F 167 -4.87 2.81 -83.29
N SER F 168 -4.89 2.83 -84.63
CA SER F 168 -5.92 3.56 -85.34
C SER F 168 -7.25 2.80 -85.33
N LEU F 169 -7.20 1.47 -85.37
CA LEU F 169 -8.40 0.66 -85.37
C LEU F 169 -8.79 0.33 -83.93
N THR F 170 -9.94 0.84 -83.50
CA THR F 170 -10.42 0.61 -82.14
C THR F 170 -11.85 0.08 -82.08
N SER F 171 -12.58 0.05 -83.20
CA SER F 171 -13.95 -0.44 -83.19
C SER F 171 -13.95 -1.97 -83.25
N GLY F 172 -14.59 -2.59 -82.27
CA GLY F 172 -14.67 -4.04 -82.20
C GLY F 172 -13.45 -4.73 -81.62
N VAL F 173 -12.44 -3.97 -81.20
CA VAL F 173 -11.22 -4.56 -80.63
C VAL F 173 -11.50 -4.94 -79.18
N HIS F 174 -11.30 -6.22 -78.86
CA HIS F 174 -11.52 -6.72 -77.51
C HIS F 174 -10.27 -7.47 -77.07
N THR F 175 -9.65 -7.01 -76.00
CA THR F 175 -8.44 -7.60 -75.43
C THR F 175 -8.83 -8.29 -74.14
N PHE F 176 -8.84 -9.63 -74.15
CA PHE F 176 -9.20 -10.40 -72.97
C PHE F 176 -8.09 -10.35 -71.93
N PRO F 177 -8.44 -10.41 -70.65
CA PRO F 177 -7.42 -10.37 -69.59
C PRO F 177 -6.58 -11.65 -69.57
N ALA F 178 -5.38 -11.51 -69.01
CA ALA F 178 -4.44 -12.61 -68.92
C ALA F 178 -4.91 -13.65 -67.90
N VAL F 179 -4.74 -14.92 -68.26
CA VAL F 179 -5.10 -16.05 -67.42
C VAL F 179 -3.86 -16.92 -67.25
N LEU F 180 -3.54 -17.26 -66.01
CA LEU F 180 -2.37 -18.09 -65.70
C LEU F 180 -2.58 -19.50 -66.19
N GLN F 181 -1.67 -19.98 -67.05
CA GLN F 181 -1.76 -21.33 -67.57
C GLN F 181 -1.20 -22.33 -66.56
N SER F 182 -1.27 -23.62 -66.93
CA SER F 182 -0.77 -24.66 -66.05
C SER F 182 0.75 -24.71 -66.04
N SER F 183 1.39 -24.18 -67.07
CA SER F 183 2.85 -24.17 -67.17
C SER F 183 3.50 -23.06 -66.34
N GLY F 184 2.71 -22.15 -65.78
CA GLY F 184 3.25 -21.07 -64.98
C GLY F 184 3.48 -19.76 -65.72
N LEU F 185 2.93 -19.61 -66.91
CA LEU F 185 3.09 -18.38 -67.69
C LEU F 185 1.72 -17.86 -68.09
N TYR F 186 1.61 -16.54 -68.22
CA TYR F 186 0.36 -15.91 -68.59
C TYR F 186 0.11 -16.06 -70.09
N SER F 187 -1.15 -15.84 -70.48
CA SER F 187 -1.59 -15.94 -71.86
C SER F 187 -2.91 -15.20 -72.02
N LEU F 188 -3.11 -14.58 -73.18
CA LEU F 188 -4.34 -13.85 -73.46
C LEU F 188 -4.56 -13.83 -74.97
N SER F 189 -5.65 -13.18 -75.39
CA SER F 189 -5.98 -13.08 -76.80
C SER F 189 -6.67 -11.76 -77.09
N SER F 190 -6.43 -11.22 -78.29
CA SER F 190 -7.03 -9.98 -78.73
C SER F 190 -7.75 -10.26 -80.04
N VAL F 191 -9.06 -9.98 -80.07
CA VAL F 191 -9.86 -10.24 -81.26
C VAL F 191 -10.51 -8.96 -81.77
N VAL F 192 -10.98 -9.03 -83.00
CA VAL F 192 -11.66 -7.91 -83.65
C VAL F 192 -12.58 -8.48 -84.74
N THR F 193 -13.79 -7.94 -84.81
CA THR F 193 -14.80 -8.36 -85.77
C THR F 193 -14.89 -7.32 -86.88
N VAL F 194 -14.62 -7.75 -88.11
CA VAL F 194 -14.65 -6.87 -89.28
C VAL F 194 -15.51 -7.51 -90.35
N PRO F 195 -16.08 -6.70 -91.25
CA PRO F 195 -16.91 -7.27 -92.33
C PRO F 195 -16.08 -8.11 -93.29
N SER F 196 -16.75 -9.12 -93.88
CA SER F 196 -16.10 -10.04 -94.81
C SER F 196 -15.67 -9.35 -96.10
N SER F 197 -16.25 -8.21 -96.45
CA SER F 197 -15.87 -7.51 -97.67
C SER F 197 -14.49 -6.88 -97.58
N SER F 198 -13.99 -6.65 -96.37
CA SER F 198 -12.67 -6.06 -96.19
C SER F 198 -11.55 -7.08 -96.26
N LEU F 199 -11.87 -8.37 -96.34
CA LEU F 199 -10.84 -9.40 -96.42
C LEU F 199 -10.17 -9.39 -97.79
N GLY F 200 -8.85 -9.42 -97.79
CA GLY F 200 -8.08 -9.41 -99.01
C GLY F 200 -7.75 -8.04 -99.57
N THR F 201 -8.35 -6.97 -99.01
CA THR F 201 -8.10 -5.61 -99.46
C THR F 201 -7.49 -4.71 -98.41
N GLN F 202 -7.56 -5.08 -97.13
CA GLN F 202 -7.01 -4.28 -96.04
C GLN F 202 -5.99 -5.11 -95.28
N THR F 203 -4.85 -4.49 -94.96
CA THR F 203 -3.77 -5.16 -94.24
C THR F 203 -3.98 -4.98 -92.74
N TYR F 204 -4.24 -6.09 -92.05
CA TYR F 204 -4.45 -6.08 -90.60
C TYR F 204 -3.18 -6.55 -89.92
N VAL F 205 -2.59 -5.68 -89.10
CA VAL F 205 -1.36 -5.98 -88.37
C VAL F 205 -1.58 -5.70 -86.90
N CYS F 206 -1.29 -6.69 -86.06
CA CYS F 206 -1.42 -6.56 -84.62
C CYS F 206 -0.03 -6.31 -84.04
N ASN F 207 0.03 -5.38 -83.09
CA ASN F 207 1.28 -5.00 -82.43
C ASN F 207 1.17 -5.32 -80.94
N VAL F 208 2.15 -6.07 -80.44
CA VAL F 208 2.22 -6.47 -79.04
C VAL F 208 3.44 -5.80 -78.41
N ASN F 209 3.22 -5.07 -77.32
CA ASN F 209 4.27 -4.36 -76.61
C ASN F 209 4.41 -4.94 -75.22
N HIS F 210 5.64 -5.25 -74.82
CA HIS F 210 5.95 -5.82 -73.51
C HIS F 210 6.98 -4.94 -72.82
N LYS F 211 6.52 -4.19 -71.79
CA LYS F 211 7.37 -3.27 -71.01
C LYS F 211 8.47 -3.92 -70.16
N PRO F 212 8.23 -5.00 -69.38
CA PRO F 212 9.35 -5.57 -68.58
C PRO F 212 10.51 -6.10 -69.41
N SER F 213 10.24 -6.67 -70.57
CA SER F 213 11.30 -7.17 -71.44
C SER F 213 11.56 -6.26 -72.63
N ASN F 214 10.74 -5.21 -72.79
CA ASN F 214 10.84 -4.23 -73.89
C ASN F 214 10.81 -4.92 -75.26
N THR F 215 9.81 -5.75 -75.49
CA THR F 215 9.69 -6.49 -76.74
C THR F 215 8.55 -5.93 -77.58
N LYS F 216 8.84 -5.68 -78.87
CA LYS F 216 7.89 -5.16 -79.84
C LYS F 216 7.68 -6.22 -80.91
N VAL F 217 6.46 -6.73 -81.03
CA VAL F 217 6.15 -7.76 -82.02
C VAL F 217 5.05 -7.26 -82.95
N ASP F 218 5.26 -7.42 -84.25
CA ASP F 218 4.29 -7.01 -85.27
C ASP F 218 3.95 -8.23 -86.11
N LYS F 219 2.67 -8.54 -86.24
CA LYS F 219 2.26 -9.70 -87.02
C LYS F 219 1.07 -9.38 -87.92
N ARG F 220 1.15 -9.86 -89.17
CA ARG F 220 0.11 -9.66 -90.17
C ARG F 220 -0.87 -10.83 -90.13
N VAL F 221 -2.17 -10.52 -90.08
CA VAL F 221 -3.22 -11.53 -90.04
C VAL F 221 -3.91 -11.57 -91.40
N GLU F 222 -3.96 -12.77 -91.98
CA GLU F 222 -4.60 -12.98 -93.27
C GLU F 222 -5.16 -14.40 -93.31
N ILE F 223 -6.24 -14.57 -94.09
CA ILE F 223 -6.88 -15.88 -94.21
C ILE F 223 -5.96 -16.86 -94.93
N LYS F 224 -6.15 -18.14 -94.66
CA LYS F 224 -5.35 -19.20 -95.26
C LYS F 224 -5.88 -19.50 -96.67
N THR F 225 -5.11 -19.11 -97.68
CA THR F 225 -5.50 -19.34 -99.06
C THR F 225 -5.27 -20.79 -99.44
N CYS F 226 -6.28 -21.41 -100.05
CA CYS F 226 -6.18 -22.81 -100.45
C CYS F 226 -6.20 -22.93 -101.98
N ASP G 1 -16.98 -28.89 -42.81
CA ASP G 1 -17.07 -27.45 -42.61
C ASP G 1 -18.47 -26.95 -42.96
N ILE G 2 -18.63 -25.63 -42.97
CA ILE G 2 -19.91 -24.99 -43.28
C ILE G 2 -19.89 -24.55 -44.74
N GLN G 3 -20.93 -24.96 -45.49
CA GLN G 3 -21.06 -24.49 -46.89
C GLN G 3 -21.98 -23.26 -46.90
N MET G 4 -21.64 -22.24 -47.69
CA MET G 4 -22.49 -21.03 -47.78
C MET G 4 -23.23 -21.03 -49.13
N THR G 5 -24.55 -20.91 -49.10
CA THR G 5 -25.36 -20.94 -50.35
C THR G 5 -25.83 -19.52 -50.67
N GLN G 6 -25.95 -19.18 -51.95
CA GLN G 6 -26.36 -17.81 -52.36
C GLN G 6 -26.95 -17.87 -53.77
N SER G 7 -28.03 -17.13 -54.03
CA SER G 7 -28.69 -17.14 -55.35
C SER G 7 -29.21 -15.74 -55.70
N PRO G 8 -29.34 -15.37 -57.00
CA PRO G 8 -28.72 -16.10 -58.09
C PRO G 8 -27.26 -15.69 -58.30
N SER G 9 -26.62 -16.20 -59.37
CA SER G 9 -25.20 -15.84 -59.67
C SER G 9 -25.15 -14.52 -60.44
N SER G 10 -25.81 -14.45 -61.60
CA SER G 10 -25.85 -13.22 -62.37
C SER G 10 -27.27 -12.99 -62.84
N LEU G 11 -27.70 -11.73 -62.82
CA LEU G 11 -29.04 -11.37 -63.25
C LEU G 11 -29.03 -9.96 -63.83
N SER G 12 -30.05 -9.67 -64.63
CA SER G 12 -30.19 -8.38 -65.27
C SER G 12 -31.14 -7.48 -64.48
N ALA G 13 -30.78 -6.21 -64.40
CA ALA G 13 -31.58 -5.24 -63.67
C ALA G 13 -31.31 -3.85 -64.22
N SER G 14 -32.34 -3.01 -64.21
CA SER G 14 -32.24 -1.64 -64.69
C SER G 14 -32.04 -0.68 -63.53
N VAL G 15 -31.91 0.60 -63.86
CA VAL G 15 -31.70 1.64 -62.85
C VAL G 15 -32.99 1.84 -62.07
N GLY G 16 -32.90 1.79 -60.74
CA GLY G 16 -34.06 1.95 -59.89
C GLY G 16 -34.92 0.72 -59.76
N ASP G 17 -34.36 -0.47 -59.95
CA ASP G 17 -35.12 -1.70 -59.86
C ASP G 17 -35.16 -2.24 -58.44
N ARG G 18 -36.22 -3.00 -58.17
CA ARG G 18 -36.47 -3.64 -56.88
C ARG G 18 -35.96 -5.08 -57.01
N VAL G 19 -34.73 -5.31 -56.56
CA VAL G 19 -34.04 -6.59 -56.68
C VAL G 19 -33.60 -7.14 -55.32
N THR G 20 -33.75 -8.47 -55.18
CA THR G 20 -33.35 -9.23 -54.01
C THR G 20 -32.36 -10.32 -54.40
N VAL G 21 -31.48 -10.65 -53.45
CA VAL G 21 -30.45 -11.68 -53.61
C VAL G 21 -30.62 -12.63 -52.44
N THR G 22 -30.82 -13.92 -52.74
CA THR G 22 -31.02 -14.92 -51.69
C THR G 22 -29.70 -15.58 -51.30
N CYS G 23 -29.63 -16.02 -50.05
CA CYS G 23 -28.44 -16.68 -49.52
C CYS G 23 -28.86 -17.68 -48.45
N ARG G 24 -28.44 -18.93 -48.59
CA ARG G 24 -28.78 -19.99 -47.66
C ARG G 24 -27.54 -20.60 -47.03
N ALA G 25 -27.73 -21.22 -45.87
CA ALA G 25 -26.66 -21.85 -45.12
C ALA G 25 -26.94 -23.33 -44.89
N SER G 26 -25.87 -24.08 -44.64
CA SER G 26 -25.98 -25.51 -44.39
C SER G 26 -26.50 -25.82 -43.00
N LEU G 27 -26.21 -24.96 -42.02
CA LEU G 27 -26.65 -25.18 -40.64
C LEU G 27 -27.27 -23.88 -40.11
N ASP G 28 -27.56 -23.87 -38.82
CA ASP G 28 -28.16 -22.71 -38.19
C ASP G 28 -27.13 -21.59 -37.97
N ILE G 29 -27.43 -20.42 -38.52
CA ILE G 29 -26.57 -19.25 -38.39
C ILE G 29 -27.24 -18.14 -37.58
N ASN G 30 -28.57 -18.17 -37.47
CA ASN G 30 -29.42 -17.21 -36.75
C ASN G 30 -29.32 -15.82 -37.37
N LYS G 31 -28.48 -14.95 -36.82
CA LYS G 31 -28.36 -13.61 -37.37
C LYS G 31 -26.92 -13.12 -37.48
N ASP G 32 -25.94 -14.02 -37.55
CA ASP G 32 -24.54 -13.62 -37.67
C ASP G 32 -24.05 -13.71 -39.12
N LEU G 33 -24.65 -12.88 -39.97
CA LEU G 33 -24.29 -12.82 -41.38
C LEU G 33 -24.12 -11.37 -41.79
N ASN G 34 -23.18 -11.14 -42.71
CA ASN G 34 -22.86 -9.81 -43.22
C ASN G 34 -22.84 -9.85 -44.74
N TRP G 35 -23.17 -8.72 -45.35
CA TRP G 35 -23.19 -8.58 -46.81
C TRP G 35 -22.03 -7.69 -47.23
N TYR G 36 -21.34 -8.10 -48.29
CA TYR G 36 -20.19 -7.37 -48.79
C TYR G 36 -20.36 -7.08 -50.28
N GLN G 37 -19.81 -5.93 -50.70
CA GLN G 37 -19.84 -5.49 -52.09
C GLN G 37 -18.40 -5.30 -52.56
N GLN G 38 -18.04 -6.02 -53.62
CA GLN G 38 -16.69 -5.94 -54.17
C GLN G 38 -16.74 -5.56 -55.64
N LYS G 39 -15.92 -4.59 -55.99
CA LYS G 39 -15.74 -4.03 -57.33
C LYS G 39 -14.46 -4.58 -57.94
N PRO G 40 -14.35 -4.60 -59.28
CA PRO G 40 -13.12 -5.11 -59.90
C PRO G 40 -11.93 -4.21 -59.59
N GLY G 41 -10.93 -4.81 -58.96
CA GLY G 41 -9.73 -4.07 -58.57
C GLY G 41 -9.85 -3.34 -57.25
N LYS G 42 -10.94 -3.55 -56.52
CA LYS G 42 -11.16 -2.90 -55.23
C LYS G 42 -11.50 -3.95 -54.18
N ALA G 43 -11.22 -3.60 -52.93
CA ALA G 43 -11.47 -4.48 -51.80
C ALA G 43 -12.96 -4.49 -51.44
N PRO G 44 -13.46 -5.59 -50.86
CA PRO G 44 -14.87 -5.65 -50.49
C PRO G 44 -15.19 -4.67 -49.36
N ALA G 45 -16.41 -4.14 -49.37
CA ALA G 45 -16.88 -3.20 -48.38
C ALA G 45 -18.13 -3.72 -47.70
N LEU G 46 -18.21 -3.54 -46.39
CA LEU G 46 -19.36 -4.00 -45.62
C LEU G 46 -20.58 -3.13 -45.89
N LEU G 47 -21.73 -3.76 -46.10
CA LEU G 47 -22.98 -3.04 -46.35
C LEU G 47 -23.98 -3.24 -45.22
N ILE G 48 -24.35 -4.48 -44.92
CA ILE G 48 -25.31 -4.80 -43.87
C ILE G 48 -24.69 -5.81 -42.93
N TYR G 49 -24.70 -5.51 -41.63
CA TYR G 49 -24.18 -6.41 -40.62
C TYR G 49 -25.32 -6.84 -39.71
N ALA G 50 -25.19 -8.05 -39.16
CA ALA G 50 -26.16 -8.70 -38.28
C ALA G 50 -27.52 -8.94 -38.96
N ALA G 51 -27.55 -8.90 -40.29
CA ALA G 51 -28.70 -9.11 -41.18
C ALA G 51 -29.82 -8.09 -41.04
N SER G 52 -29.71 -7.14 -40.13
CA SER G 52 -30.77 -6.14 -39.95
C SER G 52 -30.28 -4.72 -39.68
N THR G 53 -29.02 -4.50 -39.33
CA THR G 53 -28.53 -3.16 -39.03
C THR G 53 -27.69 -2.60 -40.19
N LEU G 54 -27.95 -1.36 -40.56
CA LEU G 54 -27.23 -0.69 -41.63
C LEU G 54 -25.89 -0.16 -41.14
N GLN G 55 -24.82 -0.48 -41.87
CA GLN G 55 -23.49 -0.02 -41.52
C GLN G 55 -23.32 1.45 -41.86
N THR G 56 -22.63 2.18 -40.99
CA THR G 56 -22.38 3.60 -41.19
C THR G 56 -21.52 3.83 -42.42
N GLY G 57 -21.82 4.91 -43.15
CA GLY G 57 -21.12 5.23 -44.37
C GLY G 57 -21.67 4.57 -45.61
N VAL G 58 -22.71 3.75 -45.47
CA VAL G 58 -23.34 3.05 -46.57
C VAL G 58 -24.72 3.68 -46.79
N SER G 59 -25.18 3.66 -48.04
CA SER G 59 -26.48 4.23 -48.38
C SER G 59 -27.61 3.46 -47.70
N SER G 60 -28.72 4.17 -47.44
CA SER G 60 -29.87 3.54 -46.79
C SER G 60 -30.71 2.70 -47.75
N ARG G 61 -30.36 2.68 -49.04
CA ARG G 61 -31.13 1.89 -50.00
C ARG G 61 -30.96 0.39 -49.76
N PHE G 62 -29.80 -0.03 -49.27
CA PHE G 62 -29.57 -1.44 -49.00
C PHE G 62 -30.29 -1.88 -47.74
N SER G 63 -30.76 -3.13 -47.75
CA SER G 63 -31.47 -3.66 -46.59
C SER G 63 -31.28 -5.16 -46.55
N GLY G 64 -31.50 -5.74 -45.36
CA GLY G 64 -31.36 -7.17 -45.19
C GLY G 64 -32.54 -7.73 -44.42
N SER G 65 -32.82 -9.00 -44.66
CA SER G 65 -33.93 -9.67 -44.00
C SER G 65 -33.62 -11.16 -43.93
N GLY G 66 -34.42 -11.87 -43.15
CA GLY G 66 -34.26 -13.31 -42.98
C GLY G 66 -33.70 -13.67 -41.62
N SER G 67 -33.70 -14.97 -41.37
CA SER G 67 -33.19 -15.53 -40.11
C SER G 67 -32.90 -17.00 -40.33
N GLY G 68 -32.29 -17.61 -39.31
CA GLY G 68 -31.94 -19.02 -39.32
C GLY G 68 -31.01 -19.42 -40.45
N THR G 69 -31.56 -20.13 -41.43
CA THR G 69 -30.81 -20.57 -42.60
C THR G 69 -31.15 -19.79 -43.86
N GLN G 70 -32.07 -18.84 -43.79
CA GLN G 70 -32.47 -18.05 -44.96
C GLN G 70 -32.09 -16.59 -44.76
N PHE G 71 -31.51 -15.97 -45.78
CA PHE G 71 -31.11 -14.58 -45.73
C PHE G 71 -31.37 -13.95 -47.09
N THR G 72 -31.76 -12.68 -47.10
CA THR G 72 -32.07 -12.01 -48.36
C THR G 72 -31.67 -10.54 -48.30
N LEU G 73 -30.93 -10.11 -49.31
CA LEU G 73 -30.51 -8.73 -49.46
C LEU G 73 -31.47 -8.04 -50.41
N THR G 74 -31.94 -6.85 -50.05
CA THR G 74 -32.92 -6.13 -50.84
C THR G 74 -32.43 -4.72 -51.15
N ILE G 75 -32.65 -4.28 -52.39
CA ILE G 75 -32.30 -2.93 -52.81
C ILE G 75 -33.60 -2.19 -53.09
N SER G 76 -33.71 -0.96 -52.60
CA SER G 76 -34.94 -0.20 -52.81
C SER G 76 -34.92 0.50 -54.15
N SER G 77 -33.83 1.20 -54.46
CA SER G 77 -33.70 1.91 -55.72
C SER G 77 -32.28 1.65 -56.21
N LEU G 78 -32.16 0.87 -57.29
CA LEU G 78 -30.85 0.55 -57.83
C LEU G 78 -30.23 1.79 -58.48
N GLN G 79 -28.91 1.91 -58.33
CA GLN G 79 -28.12 3.01 -58.84
C GLN G 79 -26.98 2.44 -59.68
N PRO G 80 -26.45 3.23 -60.63
CA PRO G 80 -25.36 2.73 -61.49
C PRO G 80 -24.08 2.36 -60.75
N GLU G 81 -23.81 2.94 -59.58
CA GLU G 81 -22.60 2.57 -58.86
C GLU G 81 -22.76 1.27 -58.07
N ASP G 82 -23.97 0.71 -58.01
CA ASP G 82 -24.21 -0.53 -57.31
C ASP G 82 -23.88 -1.76 -58.13
N PHE G 83 -23.46 -1.58 -59.39
CA PHE G 83 -23.11 -2.69 -60.28
C PHE G 83 -21.77 -3.27 -59.84
N ALA G 84 -21.81 -4.28 -58.99
CA ALA G 84 -20.62 -4.94 -58.47
C ALA G 84 -21.02 -6.32 -58.00
N THR G 85 -20.04 -7.07 -57.49
CA THR G 85 -20.28 -8.42 -57.00
C THR G 85 -20.70 -8.35 -55.54
N TYR G 86 -21.67 -9.18 -55.17
CA TYR G 86 -22.19 -9.20 -53.81
C TYR G 86 -21.94 -10.57 -53.19
N TYR G 87 -21.49 -10.57 -51.94
CA TYR G 87 -21.20 -11.79 -51.21
C TYR G 87 -21.87 -11.77 -49.85
N CYS G 88 -22.19 -12.97 -49.35
CA CYS G 88 -22.81 -13.17 -48.06
C CYS G 88 -21.86 -14.04 -47.22
N LEU G 89 -21.44 -13.51 -46.07
CA LEU G 89 -20.49 -14.18 -45.19
C LEU G 89 -21.11 -14.44 -43.81
N GLN G 90 -20.88 -15.65 -43.29
CA GLN G 90 -21.38 -16.04 -41.99
C GLN G 90 -20.33 -15.73 -40.92
N ASP G 91 -20.80 -15.53 -39.69
CA ASP G 91 -19.89 -15.23 -38.58
C ASP G 91 -20.33 -15.93 -37.29
N TYR G 92 -21.23 -16.90 -37.36
CA TYR G 92 -21.69 -17.59 -36.16
C TYR G 92 -20.60 -18.47 -35.57
N SER G 93 -19.87 -19.20 -36.41
CA SER G 93 -18.81 -20.07 -35.92
C SER G 93 -17.78 -20.29 -37.01
N PHE G 94 -16.59 -20.73 -36.60
CA PHE G 94 -15.51 -20.99 -37.54
C PHE G 94 -15.81 -22.27 -38.33
N PRO G 95 -15.35 -22.35 -39.59
CA PRO G 95 -14.60 -21.39 -40.40
C PRO G 95 -15.46 -20.31 -41.04
N LEU G 96 -14.83 -19.25 -41.53
CA LEU G 96 -15.57 -18.18 -42.19
C LEU G 96 -15.66 -18.49 -43.68
N THR G 97 -16.88 -18.57 -44.19
CA THR G 97 -17.12 -18.88 -45.59
C THR G 97 -18.01 -17.84 -46.25
N PHE G 98 -17.77 -17.63 -47.54
CA PHE G 98 -18.50 -16.67 -48.35
C PHE G 98 -19.42 -17.40 -49.33
N GLY G 99 -20.27 -16.61 -49.99
CA GLY G 99 -21.21 -17.14 -50.95
C GLY G 99 -20.61 -17.29 -52.34
N GLY G 100 -21.45 -17.73 -53.27
CA GLY G 100 -21.02 -17.92 -54.65
C GLY G 100 -20.84 -16.64 -55.42
N GLY G 101 -21.47 -15.56 -54.98
CA GLY G 101 -21.37 -14.28 -55.66
C GLY G 101 -22.60 -13.96 -56.49
N THR G 102 -22.82 -12.66 -56.69
CA THR G 102 -23.98 -12.18 -57.47
C THR G 102 -23.53 -10.93 -58.21
N LYS G 103 -23.51 -11.02 -59.53
CA LYS G 103 -23.10 -9.89 -60.38
C LYS G 103 -24.33 -9.25 -61.00
N ILE G 104 -24.45 -7.93 -60.85
CA ILE G 104 -25.57 -7.17 -61.38
C ILE G 104 -25.05 -6.25 -62.47
N ASP G 105 -25.75 -6.23 -63.60
CA ASP G 105 -25.37 -5.39 -64.74
C ASP G 105 -26.60 -4.71 -65.31
N LEU G 106 -26.36 -3.76 -66.21
CA LEU G 106 -27.45 -3.02 -66.84
C LEU G 106 -28.23 -3.91 -67.79
N LYS G 107 -29.56 -3.87 -67.66
CA LYS G 107 -30.45 -4.68 -68.50
C LYS G 107 -30.62 -4.03 -69.88
N ARG G 108 -30.60 -4.88 -70.90
CA ARG G 108 -30.77 -4.43 -72.27
C ARG G 108 -31.41 -5.56 -73.07
N THR G 109 -31.51 -5.37 -74.38
CA THR G 109 -32.12 -6.36 -75.25
C THR G 109 -31.23 -7.60 -75.37
N VAL G 110 -31.87 -8.75 -75.59
CA VAL G 110 -31.14 -10.00 -75.71
C VAL G 110 -30.52 -10.09 -77.10
N ALA G 111 -29.22 -10.34 -77.16
CA ALA G 111 -28.49 -10.44 -78.42
C ALA G 111 -27.82 -11.80 -78.50
N ALA G 112 -27.91 -12.44 -79.66
CA ALA G 112 -27.31 -13.75 -79.87
C ALA G 112 -25.79 -13.63 -79.98
N PRO G 113 -25.06 -14.58 -79.42
CA PRO G 113 -23.59 -14.53 -79.50
C PRO G 113 -23.04 -14.96 -80.86
N SER G 114 -22.02 -14.23 -81.30
CA SER G 114 -21.35 -14.52 -82.56
C SER G 114 -20.21 -15.48 -82.26
N VAL G 115 -20.46 -16.77 -82.39
CA VAL G 115 -19.48 -17.79 -82.08
C VAL G 115 -18.56 -18.03 -83.27
N PHE G 116 -17.25 -18.04 -83.00
CA PHE G 116 -16.21 -18.28 -83.99
C PHE G 116 -15.19 -19.23 -83.37
N ILE G 117 -14.49 -19.96 -84.22
CA ILE G 117 -13.48 -20.90 -83.76
C ILE G 117 -12.18 -20.63 -84.52
N PHE G 118 -11.06 -20.60 -83.80
CA PHE G 118 -9.76 -20.34 -84.42
C PHE G 118 -8.90 -21.59 -84.41
N PRO G 119 -8.61 -22.19 -85.56
CA PRO G 119 -7.76 -23.40 -85.58
C PRO G 119 -6.32 -23.03 -85.32
N PRO G 120 -5.52 -23.94 -84.74
CA PRO G 120 -4.12 -23.63 -84.47
C PRO G 120 -3.30 -23.61 -85.75
N SER G 121 -2.31 -22.71 -85.78
CA SER G 121 -1.43 -22.57 -86.92
C SER G 121 -0.34 -23.64 -86.89
N GLU G 122 0.43 -23.70 -87.99
CA GLU G 122 1.52 -24.68 -88.08
C GLU G 122 2.64 -24.36 -87.10
N ASP G 123 2.91 -23.07 -86.89
CA ASP G 123 3.96 -22.67 -85.96
C ASP G 123 3.57 -23.02 -84.53
N GLN G 124 2.28 -22.89 -84.20
CA GLN G 124 1.81 -23.22 -82.87
C GLN G 124 1.90 -24.73 -82.63
N VAL G 125 1.65 -25.52 -83.67
CA VAL G 125 1.73 -26.98 -83.55
C VAL G 125 3.20 -27.38 -83.39
N LYS G 126 4.08 -26.77 -84.17
CA LYS G 126 5.51 -27.08 -84.07
C LYS G 126 6.13 -26.56 -82.78
N SER G 127 5.49 -25.59 -82.13
CA SER G 127 6.01 -25.03 -80.87
C SER G 127 5.87 -26.00 -79.70
N GLY G 128 5.04 -27.04 -79.82
CA GLY G 128 4.85 -28.01 -78.76
C GLY G 128 3.51 -27.95 -78.05
N THR G 129 2.84 -26.79 -78.03
CA THR G 129 1.55 -26.67 -77.37
C THR G 129 0.59 -25.91 -78.27
N VAL G 130 -0.65 -26.39 -78.35
CA VAL G 130 -1.68 -25.77 -79.17
C VAL G 130 -2.77 -25.26 -78.23
N SER G 131 -3.57 -24.32 -78.75
CA SER G 131 -4.65 -23.72 -77.97
C SER G 131 -5.80 -23.33 -78.90
N VAL G 132 -6.89 -24.08 -78.83
CA VAL G 132 -8.06 -23.79 -79.64
C VAL G 132 -8.87 -22.71 -78.94
N VAL G 133 -9.23 -21.66 -79.68
CA VAL G 133 -9.96 -20.53 -79.12
C VAL G 133 -11.36 -20.44 -79.71
N CYS G 134 -12.36 -20.45 -78.83
CA CYS G 134 -13.77 -20.31 -79.21
C CYS G 134 -14.20 -18.95 -78.67
N LEU G 135 -14.64 -18.08 -79.57
CA LEU G 135 -15.00 -16.71 -79.23
C LEU G 135 -16.49 -16.42 -79.39
N LEU G 136 -17.01 -15.63 -78.46
CA LEU G 136 -18.39 -15.17 -78.42
C LEU G 136 -18.35 -13.65 -78.35
N ASN G 137 -19.23 -12.98 -79.11
CA ASN G 137 -19.26 -11.53 -79.12
C ASN G 137 -20.68 -11.03 -79.24
N ASN G 138 -20.95 -9.90 -78.59
CA ASN G 138 -22.23 -9.20 -78.58
C ASN G 138 -23.37 -10.11 -78.09
N PHE G 139 -23.26 -10.51 -76.82
CA PHE G 139 -24.25 -11.37 -76.21
C PHE G 139 -24.68 -10.82 -74.86
N TYR G 140 -25.95 -11.09 -74.52
CA TYR G 140 -26.58 -10.70 -73.28
C TYR G 140 -27.70 -11.69 -73.07
N PRO G 141 -27.96 -12.16 -71.84
CA PRO G 141 -27.34 -11.86 -70.53
C PRO G 141 -25.93 -12.40 -70.32
N ARG G 142 -25.42 -12.19 -69.10
CA ARG G 142 -24.08 -12.62 -68.74
C ARG G 142 -23.94 -14.15 -68.75
N GLU G 143 -24.97 -14.85 -68.27
CA GLU G 143 -24.91 -16.31 -68.24
C GLU G 143 -25.01 -16.92 -69.64
N ALA G 144 -24.18 -17.93 -69.88
CA ALA G 144 -24.11 -18.65 -71.14
C ALA G 144 -23.43 -19.98 -70.86
N SER G 145 -23.61 -20.94 -71.77
CA SER G 145 -22.97 -22.23 -71.56
C SER G 145 -22.13 -22.63 -72.77
N VAL G 146 -20.84 -22.81 -72.53
CA VAL G 146 -19.87 -23.18 -73.55
C VAL G 146 -19.22 -24.49 -73.14
N LYS G 147 -19.23 -25.48 -74.03
CA LYS G 147 -18.65 -26.78 -73.75
C LYS G 147 -17.75 -27.21 -74.91
N TRP G 148 -16.82 -28.13 -74.61
CA TRP G 148 -15.86 -28.63 -75.57
C TRP G 148 -16.14 -30.09 -75.91
N LYS G 149 -16.07 -30.41 -77.21
CA LYS G 149 -16.29 -31.76 -77.71
C LYS G 149 -15.11 -32.20 -78.56
N VAL G 150 -14.62 -33.40 -78.30
CA VAL G 150 -13.50 -33.99 -79.03
C VAL G 150 -14.00 -35.28 -79.66
N ASP G 151 -13.87 -35.39 -80.98
CA ASP G 151 -14.29 -36.56 -81.78
C ASP G 151 -15.76 -36.90 -81.55
N GLY G 152 -16.59 -35.87 -81.39
CA GLY G 152 -18.01 -36.07 -81.17
C GLY G 152 -18.38 -36.46 -79.75
N ALA G 153 -17.45 -36.42 -78.82
CA ALA G 153 -17.72 -36.77 -77.42
C ALA G 153 -17.42 -35.58 -76.53
N LEU G 154 -18.33 -35.31 -75.59
CA LEU G 154 -18.15 -34.20 -74.66
C LEU G 154 -16.97 -34.46 -73.73
N LYS G 155 -16.09 -33.48 -73.59
CA LYS G 155 -14.92 -33.65 -72.74
C LYS G 155 -14.76 -32.43 -71.84
N THR G 156 -14.12 -32.65 -70.69
CA THR G 156 -13.87 -31.62 -69.71
C THR G 156 -12.38 -31.62 -69.36
N GLY G 157 -11.94 -30.54 -68.73
CA GLY G 157 -10.56 -30.39 -68.33
C GLY G 157 -9.72 -29.70 -69.39
N ASN G 158 -8.60 -29.12 -68.92
CA ASN G 158 -7.61 -28.39 -69.73
C ASN G 158 -8.22 -27.22 -70.49
N SER G 159 -9.27 -26.61 -69.95
CA SER G 159 -9.95 -25.49 -70.58
C SER G 159 -9.96 -24.31 -69.63
N GLN G 160 -9.73 -23.12 -70.16
CA GLN G 160 -9.72 -21.88 -69.39
C GLN G 160 -10.65 -20.87 -70.05
N GLU G 161 -11.11 -19.92 -69.25
CA GLU G 161 -12.04 -18.90 -69.73
C GLU G 161 -11.54 -17.51 -69.39
N SER G 162 -11.58 -16.61 -70.37
CA SER G 162 -11.16 -15.23 -70.19
C SER G 162 -12.30 -14.31 -70.58
N VAL G 163 -12.84 -13.59 -69.61
CA VAL G 163 -13.97 -12.69 -69.82
C VAL G 163 -13.56 -11.26 -69.48
N THR G 164 -13.81 -10.35 -70.41
CA THR G 164 -13.50 -8.93 -70.24
C THR G 164 -14.63 -8.23 -69.51
N GLU G 165 -14.38 -6.97 -69.14
CA GLU G 165 -15.37 -6.18 -68.43
C GLU G 165 -16.44 -5.67 -69.40
N GLN G 166 -17.58 -5.28 -68.84
CA GLN G 166 -18.73 -4.82 -69.62
C GLN G 166 -18.44 -3.57 -70.43
N ASP G 167 -18.83 -3.59 -71.71
CA ASP G 167 -18.62 -2.45 -72.59
C ASP G 167 -19.52 -1.29 -72.17
N SER G 168 -18.97 -0.08 -72.23
CA SER G 168 -19.71 1.12 -71.85
C SER G 168 -20.36 1.82 -73.04
N LYS G 169 -20.28 1.24 -74.24
CA LYS G 169 -20.87 1.83 -75.43
C LYS G 169 -22.14 1.11 -75.87
N ASP G 170 -22.08 -0.20 -76.08
CA ASP G 170 -23.23 -0.97 -76.51
C ASP G 170 -23.74 -1.93 -75.44
N ASN G 171 -23.11 -1.94 -74.26
CA ASN G 171 -23.46 -2.80 -73.12
C ASN G 171 -23.47 -4.28 -73.49
N THR G 172 -22.50 -4.70 -74.30
CA THR G 172 -22.39 -6.08 -74.72
C THR G 172 -21.26 -6.77 -73.96
N TYR G 173 -20.95 -8.01 -74.34
CA TYR G 173 -19.91 -8.79 -73.70
C TYR G 173 -19.10 -9.55 -74.73
N SER G 174 -17.94 -10.03 -74.29
CA SER G 174 -17.03 -10.82 -75.12
C SER G 174 -16.55 -12.00 -74.29
N LEU G 175 -16.67 -13.20 -74.84
CA LEU G 175 -16.27 -14.43 -74.16
C LEU G 175 -15.20 -15.14 -74.99
N SER G 176 -14.21 -15.73 -74.30
CA SER G 176 -13.13 -16.44 -74.98
C SER G 176 -12.75 -17.68 -74.19
N SER G 177 -13.02 -18.85 -74.77
CA SER G 177 -12.69 -20.13 -74.16
C SER G 177 -11.46 -20.69 -74.87
N THR G 178 -10.43 -21.00 -74.08
CA THR G 178 -9.17 -21.51 -74.61
C THR G 178 -8.94 -22.94 -74.14
N LEU G 179 -8.74 -23.84 -75.09
CA LEU G 179 -8.48 -25.25 -74.84
C LEU G 179 -7.00 -25.47 -75.15
N THR G 180 -6.18 -25.55 -74.11
CA THR G 180 -4.74 -25.73 -74.26
C THR G 180 -4.40 -27.22 -74.18
N LEU G 181 -3.76 -27.75 -75.22
CA LEU G 181 -3.38 -29.14 -75.27
C LEU G 181 -1.96 -29.26 -75.82
N SER G 182 -1.43 -30.47 -75.77
CA SER G 182 -0.09 -30.73 -76.26
C SER G 182 -0.15 -31.11 -77.74
N SER G 183 1.04 -31.23 -78.35
CA SER G 183 1.11 -31.58 -79.76
C SER G 183 0.68 -33.03 -80.00
N THR G 184 1.08 -33.94 -79.09
CA THR G 184 0.72 -35.34 -79.23
C THR G 184 -0.78 -35.55 -79.06
N GLU G 185 -1.38 -34.87 -78.08
CA GLU G 185 -2.82 -34.98 -77.84
C GLU G 185 -3.61 -34.36 -78.98
N TYR G 186 -3.09 -33.28 -79.57
CA TYR G 186 -3.78 -32.65 -80.70
C TYR G 186 -3.70 -33.50 -81.95
N GLN G 187 -2.53 -34.12 -82.20
CA GLN G 187 -2.39 -34.96 -83.37
C GLN G 187 -3.05 -36.32 -83.19
N SER G 188 -3.35 -36.71 -81.95
CA SER G 188 -4.00 -38.01 -81.72
C SER G 188 -5.46 -37.99 -82.14
N HIS G 189 -6.10 -36.83 -82.10
CA HIS G 189 -7.49 -36.68 -82.48
C HIS G 189 -7.59 -35.98 -83.83
N LYS G 190 -8.80 -35.95 -84.39
CA LYS G 190 -9.02 -35.32 -85.69
C LYS G 190 -10.16 -34.33 -85.74
N VAL G 191 -11.23 -34.49 -84.95
CA VAL G 191 -12.37 -33.59 -84.96
C VAL G 191 -12.41 -32.82 -83.65
N TYR G 192 -12.51 -31.50 -83.72
CA TYR G 192 -12.57 -30.66 -82.53
C TYR G 192 -13.76 -29.72 -82.67
N ALA G 193 -14.45 -29.47 -81.56
CA ALA G 193 -15.63 -28.61 -81.63
C ALA G 193 -15.90 -27.93 -80.30
N CYS G 194 -16.59 -26.79 -80.39
CA CYS G 194 -17.02 -26.02 -79.22
C CYS G 194 -18.50 -25.72 -79.46
N GLU G 195 -19.33 -26.08 -78.48
CA GLU G 195 -20.77 -25.84 -78.59
C GLU G 195 -21.18 -24.81 -77.55
N VAL G 196 -21.98 -23.84 -78.00
CA VAL G 196 -22.44 -22.72 -77.19
C VAL G 196 -23.97 -22.68 -77.21
N THR G 197 -24.56 -22.58 -76.02
CA THR G 197 -26.00 -22.47 -75.83
C THR G 197 -26.25 -21.19 -75.04
N HIS G 198 -27.13 -20.35 -75.58
CA HIS G 198 -27.48 -19.07 -74.99
C HIS G 198 -28.99 -18.87 -75.10
N GLN G 199 -29.50 -17.88 -74.37
CA GLN G 199 -30.93 -17.58 -74.40
C GLN G 199 -31.36 -17.05 -75.75
N GLY G 200 -30.50 -16.29 -76.42
CA GLY G 200 -30.81 -15.75 -77.73
C GLY G 200 -30.67 -16.71 -78.88
N LEU G 201 -30.21 -17.93 -78.61
CA LEU G 201 -30.03 -18.96 -79.63
C LEU G 201 -31.15 -19.98 -79.50
N SER G 202 -31.93 -20.15 -80.57
CA SER G 202 -33.01 -21.11 -80.57
C SER G 202 -32.51 -22.54 -80.72
N SER G 203 -31.30 -22.73 -81.21
CA SER G 203 -30.68 -24.03 -81.40
C SER G 203 -29.25 -23.96 -80.89
N PRO G 204 -28.69 -25.08 -80.41
CA PRO G 204 -27.31 -25.06 -79.92
C PRO G 204 -26.29 -24.82 -81.03
N VAL G 205 -25.50 -23.77 -80.91
CA VAL G 205 -24.50 -23.45 -81.93
C VAL G 205 -23.30 -24.37 -81.73
N THR G 206 -22.88 -25.06 -82.79
CA THR G 206 -21.75 -25.97 -82.74
C THR G 206 -20.74 -25.59 -83.80
N LYS G 207 -19.52 -25.28 -83.38
CA LYS G 207 -18.44 -24.91 -84.30
C LYS G 207 -17.41 -26.03 -84.26
N SER G 208 -17.24 -26.72 -85.38
CA SER G 208 -16.31 -27.84 -85.47
C SER G 208 -15.34 -27.64 -86.62
N PHE G 209 -14.17 -28.28 -86.49
CA PHE G 209 -13.14 -28.23 -87.50
C PHE G 209 -12.32 -29.51 -87.43
N ASN G 210 -11.68 -29.83 -88.55
CA ASN G 210 -10.86 -31.02 -88.70
C ASN G 210 -9.42 -30.64 -88.99
N ARG G 211 -8.49 -31.51 -88.58
CA ARG G 211 -7.07 -31.26 -88.81
C ARG G 211 -6.71 -31.38 -90.29
N ALA G 212 -7.27 -32.39 -90.97
CA ALA G 212 -6.98 -32.57 -92.39
C ALA G 212 -7.62 -31.47 -93.24
N ALA G 213 -8.81 -31.02 -92.87
CA ALA G 213 -9.50 -29.98 -93.60
C ALA G 213 -10.21 -29.01 -92.65
N GLU H 2 -30.64 -22.09 -22.84
CA GLU H 2 -30.43 -21.34 -24.07
C GLU H 2 -29.74 -20.01 -23.78
N ASN H 3 -29.84 -19.55 -22.53
CA ASN H 3 -29.23 -18.31 -22.10
C ASN H 3 -28.71 -18.48 -20.68
N LEU H 4 -27.63 -17.76 -20.37
CA LEU H 4 -27.01 -17.83 -19.05
C LEU H 4 -26.47 -16.46 -18.68
N TRP H 5 -26.25 -16.26 -17.38
CA TRP H 5 -25.73 -15.00 -16.85
C TRP H 5 -24.47 -15.31 -16.07
N VAL H 6 -23.47 -14.43 -16.14
CA VAL H 6 -22.23 -14.72 -15.42
C VAL H 6 -22.46 -14.37 -13.94
N THR H 7 -21.70 -15.03 -13.07
CA THR H 7 -21.76 -14.85 -11.63
C THR H 7 -20.34 -14.66 -11.13
N VAL H 8 -20.12 -13.61 -10.34
CA VAL H 8 -18.82 -13.29 -9.78
C VAL H 8 -18.69 -13.95 -8.41
N TYR H 9 -17.57 -14.64 -8.19
CA TYR H 9 -17.31 -15.34 -6.96
C TYR H 9 -16.00 -14.84 -6.37
N TYR H 10 -16.03 -14.51 -5.08
CA TYR H 10 -14.85 -14.02 -4.38
C TYR H 10 -14.31 -15.11 -3.45
N GLY H 11 -12.99 -15.10 -3.26
CA GLY H 11 -12.36 -16.09 -2.42
C GLY H 11 -12.38 -17.49 -3.00
N VAL H 12 -12.29 -17.60 -4.32
CA VAL H 12 -12.32 -18.89 -5.02
C VAL H 12 -11.03 -19.67 -4.76
N PRO H 13 -11.11 -20.98 -4.47
CA PRO H 13 -9.87 -21.76 -4.23
C PRO H 13 -9.12 -22.14 -5.50
N VAL H 14 -8.36 -21.17 -6.02
CA VAL H 14 -7.56 -21.35 -7.21
C VAL H 14 -6.25 -20.62 -6.99
N TRP H 15 -5.18 -21.12 -7.60
CA TRP H 15 -3.88 -20.50 -7.44
C TRP H 15 -3.09 -20.61 -8.74
N LYS H 16 -2.04 -19.79 -8.83
CA LYS H 16 -1.17 -19.77 -9.99
C LYS H 16 0.27 -19.68 -9.52
N ASP H 17 1.20 -20.07 -10.39
CA ASP H 17 2.61 -20.02 -10.03
C ASP H 17 3.11 -18.59 -10.12
N ALA H 18 3.65 -18.09 -9.01
CA ALA H 18 4.19 -16.74 -8.94
C ALA H 18 5.35 -16.72 -7.96
N GLU H 19 6.02 -15.57 -7.87
CA GLU H 19 7.16 -15.39 -6.99
C GLU H 19 6.92 -14.24 -6.03
N THR H 20 7.38 -14.40 -4.79
CA THR H 20 7.23 -13.39 -3.76
C THR H 20 8.33 -13.60 -2.73
N THR H 21 8.52 -12.58 -1.89
CA THR H 21 9.53 -12.62 -0.85
C THR H 21 8.92 -13.22 0.41
N LEU H 22 9.54 -14.28 0.92
CA LEU H 22 9.04 -14.98 2.10
C LEU H 22 9.38 -14.21 3.38
N PHE H 23 8.66 -14.55 4.45
CA PHE H 23 8.84 -13.93 5.76
C PHE H 23 9.82 -14.75 6.58
N CYS H 24 9.88 -14.48 7.89
CA CYS H 24 10.73 -15.17 8.83
C CYS H 24 9.92 -15.56 10.06
N ALA H 25 10.40 -16.58 10.76
CA ALA H 25 9.75 -17.06 11.98
C ALA H 25 10.72 -17.89 12.81
N SER H 26 10.92 -17.49 14.07
CA SER H 26 11.82 -18.20 14.97
C SER H 26 11.37 -17.96 16.39
N ASP H 27 11.87 -18.82 17.30
CA ASP H 27 11.52 -18.72 18.72
C ASP H 27 12.75 -19.10 19.55
N ALA H 28 13.51 -18.10 19.95
CA ALA H 28 14.71 -18.31 20.76
C ALA H 28 14.92 -17.11 21.67
N LYS H 29 15.59 -17.36 22.79
CA LYS H 29 15.93 -16.38 23.83
C LYS H 29 14.70 -15.63 24.36
N LYS H 35 21.95 -14.72 22.71
CA LYS H 35 21.72 -13.30 22.62
C LYS H 35 21.92 -12.80 21.19
N HIS H 36 23.12 -13.03 20.66
CA HIS H 36 23.45 -12.62 19.30
C HIS H 36 23.88 -13.84 18.51
N ASN H 37 23.63 -13.79 17.20
CA ASN H 37 23.95 -14.88 16.30
C ASN H 37 24.27 -14.30 14.93
N VAL H 38 25.01 -15.06 14.13
CA VAL H 38 25.36 -14.60 12.78
C VAL H 38 24.14 -14.64 11.88
N TRP H 39 23.15 -15.46 12.23
CA TRP H 39 21.91 -15.60 11.47
C TRP H 39 20.86 -14.62 12.00
N ALA H 40 19.59 -14.88 11.68
CA ALA H 40 18.43 -14.08 12.06
C ALA H 40 18.43 -13.72 13.55
N THR H 41 18.46 -12.41 13.82
CA THR H 41 18.50 -11.85 15.15
C THR H 41 17.08 -11.61 15.66
N HIS H 42 16.94 -10.78 16.70
CA HIS H 42 15.66 -10.47 17.31
C HIS H 42 14.73 -9.68 16.39
N ALA H 43 15.24 -9.16 15.26
CA ALA H 43 14.40 -8.40 14.33
C ALA H 43 13.32 -9.27 13.69
N CYS H 44 13.55 -10.59 13.63
CA CYS H 44 12.58 -11.49 13.04
C CYS H 44 11.37 -11.65 13.95
N VAL H 45 10.18 -11.68 13.35
CA VAL H 45 8.92 -11.82 14.07
C VAL H 45 8.83 -13.23 14.66
N PRO H 46 8.31 -13.39 15.88
CA PRO H 46 8.20 -14.74 16.47
C PRO H 46 7.25 -15.63 15.70
N THR H 47 7.53 -16.94 15.75
CA THR H 47 6.74 -17.94 15.07
C THR H 47 5.42 -18.20 15.78
N ASP H 48 4.52 -18.89 15.09
CA ASP H 48 3.22 -19.22 15.63
C ASP H 48 3.34 -20.42 16.59
N PRO H 49 2.46 -20.52 17.58
CA PRO H 49 2.53 -21.66 18.51
C PRO H 49 2.24 -23.01 17.88
N ASN H 50 1.54 -23.04 16.75
CA ASN H 50 1.21 -24.28 16.06
C ASN H 50 1.06 -23.98 14.58
N PRO H 51 1.47 -24.92 13.71
CA PRO H 51 1.33 -24.68 12.28
C PRO H 51 -0.09 -24.93 11.78
N GLN H 52 -0.46 -24.16 10.77
CA GLN H 52 -1.80 -24.26 10.16
C GLN H 52 -1.69 -25.09 8.90
N GLU H 53 -1.57 -26.41 9.08
CA GLU H 53 -1.46 -27.34 7.98
C GLU H 53 -2.83 -27.95 7.69
N ILE H 54 -3.28 -27.82 6.45
CA ILE H 54 -4.58 -28.35 6.03
C ILE H 54 -4.36 -29.23 4.80
N HIS H 55 -4.70 -30.50 4.92
CA HIS H 55 -4.55 -31.43 3.80
C HIS H 55 -5.64 -31.17 2.76
N LEU H 56 -5.30 -31.32 1.49
CA LEU H 56 -6.24 -31.10 0.40
C LEU H 56 -6.43 -32.40 -0.35
N GLU H 57 -7.68 -32.81 -0.52
CA GLU H 57 -8.02 -34.05 -1.20
C GLU H 57 -8.50 -33.76 -2.63
N ASN H 58 -8.45 -34.78 -3.47
CA ASN H 58 -8.84 -34.81 -4.89
C ASN H 58 -8.06 -33.83 -5.78
N VAL H 59 -6.96 -33.25 -5.31
CA VAL H 59 -6.19 -32.30 -6.10
C VAL H 59 -4.72 -32.72 -6.08
N THR H 60 -4.09 -32.65 -7.25
CA THR H 60 -2.69 -32.98 -7.41
C THR H 60 -1.99 -31.75 -7.99
N GLU H 61 -0.77 -31.49 -7.51
CA GLU H 61 0.00 -30.34 -7.95
C GLU H 61 1.35 -30.81 -8.45
N GLU H 62 1.83 -30.17 -9.52
CA GLU H 62 3.11 -30.52 -10.13
C GLU H 62 4.22 -29.86 -9.32
N PHE H 63 5.01 -30.65 -8.62
CA PHE H 63 6.12 -30.18 -7.82
C PHE H 63 7.42 -30.50 -8.54
N ASN H 64 8.31 -29.51 -8.62
CA ASN H 64 9.60 -29.70 -9.30
C ASN H 64 10.58 -28.67 -8.77
N MET H 65 11.71 -29.13 -8.24
CA MET H 65 12.70 -28.19 -7.75
C MET H 65 13.59 -27.76 -8.91
N TRP H 66 14.73 -27.14 -8.55
CA TRP H 66 15.79 -26.59 -9.40
C TRP H 66 15.32 -25.39 -10.21
N LYS H 67 14.04 -25.02 -10.13
CA LYS H 67 13.50 -23.88 -10.85
C LYS H 67 12.72 -22.95 -9.95
N ASN H 68 12.29 -23.41 -8.76
CA ASN H 68 11.57 -22.55 -7.84
C ASN H 68 12.53 -21.52 -7.27
N ASN H 69 12.02 -20.30 -7.06
CA ASN H 69 12.90 -19.26 -6.54
C ASN H 69 13.02 -19.24 -5.02
N MET H 70 12.55 -20.27 -4.30
CA MET H 70 12.73 -20.25 -2.85
C MET H 70 14.18 -20.47 -2.48
N VAL H 71 14.86 -21.38 -3.18
CA VAL H 71 16.26 -21.64 -2.91
C VAL H 71 17.12 -20.44 -3.33
N GLU H 72 16.74 -19.77 -4.42
CA GLU H 72 17.48 -18.60 -4.87
C GLU H 72 17.28 -17.44 -3.91
N GLN H 73 16.05 -17.29 -3.41
CA GLN H 73 15.75 -16.24 -2.44
C GLN H 73 16.48 -16.51 -1.12
N MET H 74 16.58 -17.80 -0.78
CA MET H 74 17.21 -18.18 0.51
C MET H 74 18.73 -18.06 0.40
N HIS H 75 19.34 -18.53 -0.68
CA HIS H 75 20.81 -18.33 -0.80
C HIS H 75 21.10 -16.83 -0.73
N THR H 76 20.34 -16.04 -1.49
CA THR H 76 20.57 -14.57 -1.52
C THR H 76 20.42 -14.00 -0.12
N ASP H 77 19.42 -14.44 0.64
CA ASP H 77 19.19 -13.81 1.97
C ASP H 77 20.28 -14.25 2.95
N ILE H 78 20.73 -15.50 2.86
CA ILE H 78 21.84 -15.98 3.73
C ILE H 78 23.07 -15.12 3.41
N ILE H 79 23.24 -14.76 2.14
CA ILE H 79 24.38 -13.85 1.79
C ILE H 79 24.13 -12.45 2.35
N SER H 80 23.19 -11.67 1.80
CA SER H 80 23.02 -10.29 2.24
C SER H 80 23.12 -10.16 3.76
N LEU H 81 22.46 -11.07 4.48
CA LEU H 81 22.48 -11.03 5.95
C LEU H 81 23.87 -11.37 6.48
N TRP H 82 24.59 -12.26 5.81
CA TRP H 82 25.95 -12.62 6.23
C TRP H 82 26.89 -11.44 6.03
N ASP H 83 26.73 -10.72 4.91
CA ASP H 83 27.57 -9.54 4.66
C ASP H 83 27.25 -8.44 5.66
N GLN H 84 25.97 -8.30 6.02
CA GLN H 84 25.57 -7.30 6.99
C GLN H 84 26.08 -7.67 8.38
N SER H 85 26.14 -8.97 8.69
CA SER H 85 26.64 -9.39 9.99
C SER H 85 28.15 -9.21 10.08
N LEU H 86 28.87 -9.43 8.99
CA LEU H 86 30.31 -9.25 9.00
C LEU H 86 30.73 -7.79 8.82
N LYS H 87 29.81 -6.92 8.43
CA LYS H 87 30.13 -5.50 8.24
C LYS H 87 30.62 -4.74 9.47
N PRO H 88 30.01 -4.83 10.67
CA PRO H 88 30.55 -4.03 11.79
C PRO H 88 31.80 -4.57 12.47
N CYS H 89 32.33 -5.73 12.06
CA CYS H 89 33.54 -6.21 12.73
C CYS H 89 34.78 -5.46 12.25
N VAL H 90 35.87 -5.64 13.01
CA VAL H 90 37.13 -4.99 12.70
C VAL H 90 37.75 -5.56 11.42
N LYS H 91 38.26 -4.65 10.59
CA LYS H 91 38.89 -5.03 9.34
C LYS H 91 40.32 -5.46 9.62
N LEU H 92 40.84 -6.45 8.90
CA LEU H 92 42.19 -6.94 9.28
C LEU H 92 43.20 -6.59 8.19
N THR H 93 43.08 -5.41 7.60
CA THR H 93 44.06 -4.96 6.57
C THR H 93 45.46 -4.86 7.20
N PRO H 94 45.63 -4.34 8.44
CA PRO H 94 46.98 -4.16 9.00
C PRO H 94 47.61 -5.50 9.34
N LEU H 95 46.90 -6.61 9.11
CA LEU H 95 47.43 -7.94 9.50
C LEU H 95 48.31 -8.52 8.39
N CYS H 96 47.96 -8.30 7.12
CA CYS H 96 48.77 -8.98 6.05
C CYS H 96 50.08 -8.20 5.86
N VAL H 97 51.00 -8.37 6.81
CA VAL H 97 52.34 -7.72 6.73
C VAL H 97 53.37 -8.83 6.55
N THR H 98 54.62 -8.48 6.21
CA THR H 98 55.68 -9.51 6.07
C THR H 98 55.71 -10.38 7.33
N LEU H 99 55.72 -11.70 7.17
CA LEU H 99 55.70 -12.62 8.30
C LEU H 99 56.95 -13.50 8.32
N GLN H 100 57.53 -13.67 9.51
CA GLN H 100 58.70 -14.52 9.69
C GLN H 100 58.23 -15.76 10.45
N CYS H 101 58.03 -16.86 9.74
CA CYS H 101 57.53 -18.07 10.34
C CYS H 101 58.58 -19.16 10.41
N THR H 102 58.54 -19.93 11.49
CA THR H 102 59.43 -21.04 11.76
C THR H 102 58.60 -22.28 12.05
N ASN H 103 59.22 -23.45 11.89
CA ASN H 103 58.52 -24.69 12.16
C ASN H 103 58.44 -24.95 13.67
N VAL H 104 57.30 -25.46 14.11
CA VAL H 104 57.12 -25.76 15.53
C VAL H 104 57.52 -27.20 15.80
N THR H 105 58.32 -27.41 16.85
CA THR H 105 58.80 -28.73 17.24
C THR H 105 58.68 -28.84 18.77
N ASN H 106 57.50 -28.55 19.28
CA ASN H 106 57.23 -28.59 20.72
C ASN H 106 56.09 -29.57 20.97
N ASN H 107 56.44 -30.85 21.12
CA ASN H 107 55.51 -31.96 21.36
C ASN H 107 54.43 -32.02 20.27
N ILE H 108 54.90 -32.18 19.03
CA ILE H 108 54.05 -32.23 17.86
C ILE H 108 54.10 -33.64 17.27
N THR H 109 52.92 -34.16 16.92
CA THR H 109 52.81 -35.49 16.35
C THR H 109 53.38 -35.46 14.92
N ASP H 110 53.96 -36.60 14.50
CA ASP H 110 54.58 -36.72 13.18
C ASP H 110 53.60 -36.53 12.03
N ASP H 111 52.29 -36.68 12.26
CA ASP H 111 51.34 -36.51 11.17
C ASP H 111 51.19 -35.05 10.75
N MET H 112 51.52 -34.11 11.64
CA MET H 112 51.43 -32.69 11.35
C MET H 112 52.78 -32.01 11.29
N ARG H 113 53.82 -32.72 10.86
CA ARG H 113 55.15 -32.11 10.77
C ARG H 113 55.17 -31.12 9.62
N GLY H 114 55.05 -29.84 9.95
CA GLY H 114 55.04 -28.78 8.96
C GLY H 114 53.69 -28.15 8.72
N GLU H 115 52.66 -28.54 9.48
CA GLU H 115 51.32 -27.98 9.31
C GLU H 115 51.11 -26.68 10.08
N LEU H 116 51.72 -26.56 11.26
CA LEU H 116 51.60 -25.37 12.09
C LEU H 116 52.89 -24.57 12.03
N LYS H 117 52.77 -23.26 11.85
CA LYS H 117 53.92 -22.39 11.75
C LYS H 117 53.86 -21.30 12.81
N ASN H 118 54.97 -21.09 13.51
CA ASN H 118 55.08 -20.05 14.54
C ASN H 118 55.59 -18.82 13.81
N CYS H 119 54.70 -17.85 13.58
CA CYS H 119 55.06 -16.64 12.87
C CYS H 119 55.26 -15.48 13.83
N SER H 120 56.11 -14.55 13.41
CA SER H 120 56.42 -13.33 14.16
C SER H 120 56.35 -12.17 13.18
N PHE H 121 55.81 -11.05 13.65
CA PHE H 121 55.68 -9.90 12.76
C PHE H 121 55.61 -8.61 13.58
N ASN H 122 55.86 -7.50 12.88
CA ASN H 122 55.83 -6.16 13.44
C ASN H 122 54.45 -5.59 13.14
N MET H 123 53.65 -5.41 14.18
CA MET H 123 52.30 -4.90 14.03
C MET H 123 52.13 -3.60 14.81
N THR H 124 51.32 -2.69 14.25
CA THR H 124 51.06 -1.42 14.89
C THR H 124 50.25 -1.62 16.17
N THR H 125 50.34 -0.63 17.05
CA THR H 125 49.67 -0.63 18.34
C THR H 125 48.66 0.52 18.36
N GLU H 126 48.15 0.81 19.56
CA GLU H 126 47.18 1.90 19.73
C GLU H 126 47.76 3.23 19.29
N LEU H 127 49.05 3.43 19.52
CA LEU H 127 49.72 4.65 19.11
C LEU H 127 50.25 4.45 17.69
N ARG H 128 49.94 5.39 16.79
CA ARG H 128 50.38 5.26 15.40
C ARG H 128 51.88 5.47 15.23
N ASP H 129 52.55 6.04 16.22
CA ASP H 129 53.98 6.28 16.14
C ASP H 129 54.81 5.13 16.71
N LYS H 130 54.17 4.07 17.20
CA LYS H 130 54.89 2.94 17.77
C LYS H 130 54.43 1.63 17.12
N LYS H 131 55.30 0.63 17.20
CA LYS H 131 55.05 -0.69 16.66
C LYS H 131 55.55 -1.72 17.67
N GLN H 132 55.02 -2.94 17.58
CA GLN H 132 55.41 -3.99 18.50
C GLN H 132 55.66 -5.30 17.74
N LYS H 133 56.62 -6.07 18.24
CA LYS H 133 56.98 -7.36 17.66
C LYS H 133 56.17 -8.42 18.39
N VAL H 134 55.22 -9.05 17.69
CA VAL H 134 54.38 -10.05 18.32
C VAL H 134 54.35 -11.32 17.48
N TYR H 135 54.14 -12.45 18.15
CA TYR H 135 54.10 -13.77 17.53
C TYR H 135 52.69 -14.35 17.59
N SER H 136 52.43 -15.31 16.71
CA SER H 136 51.15 -16.00 16.62
C SER H 136 51.33 -17.28 15.82
N LEU H 137 50.43 -18.23 16.03
CA LEU H 137 50.50 -19.50 15.31
C LEU H 137 49.52 -19.48 14.15
N PHE H 138 49.97 -19.99 13.01
CA PHE H 138 49.16 -20.03 11.80
C PHE H 138 49.26 -21.42 11.19
N TYR H 139 48.39 -21.67 10.22
CA TYR H 139 48.37 -22.95 9.53
C TYR H 139 49.10 -22.85 8.19
N ARG H 140 49.46 -24.01 7.64
CA ARG H 140 50.16 -24.03 6.37
C ARG H 140 49.24 -23.80 5.18
N LEU H 141 47.92 -23.99 5.36
CA LEU H 141 47.00 -23.83 4.25
C LEU H 141 46.73 -22.35 3.94
N ASP H 142 46.74 -21.48 4.94
CA ASP H 142 46.47 -20.06 4.73
C ASP H 142 47.74 -19.21 4.81
N VAL H 143 48.91 -19.82 4.61
CA VAL H 143 50.18 -19.11 4.65
C VAL H 143 51.00 -19.55 3.44
N VAL H 144 51.45 -18.57 2.64
CA VAL H 144 52.23 -18.85 1.44
C VAL H 144 53.57 -18.12 1.53
N GLN H 145 54.56 -18.70 0.86
CA GLN H 145 55.89 -18.13 0.84
C GLN H 145 55.96 -16.94 -0.12
N ILE H 146 57.03 -16.15 0.02
CA ILE H 146 57.27 -14.98 -0.81
C ILE H 146 58.46 -15.20 -1.75
N ASN H 147 59.61 -15.55 -1.19
CA ASN H 147 60.81 -15.79 -1.99
C ASN H 147 60.83 -17.20 -2.56
N LYS H 159 62.01 -18.12 4.29
CA LYS H 159 61.57 -18.01 5.68
C LYS H 159 60.54 -16.91 5.85
N GLU H 160 60.57 -15.93 4.94
CA GLU H 160 59.64 -14.81 4.97
C GLU H 160 58.36 -15.23 4.25
N TYR H 161 57.29 -15.44 5.02
CA TYR H 161 56.00 -15.85 4.48
C TYR H 161 54.99 -14.71 4.59
N ARG H 162 53.77 -14.98 4.16
CA ARG H 162 52.69 -14.02 4.19
C ARG H 162 51.37 -14.77 4.15
N LEU H 163 50.28 -14.02 4.30
CA LEU H 163 48.96 -14.64 4.27
C LEU H 163 48.57 -14.99 2.84
N ILE H 164 47.60 -15.91 2.71
CA ILE H 164 47.14 -16.33 1.39
C ILE H 164 46.18 -15.31 0.81
N ASN H 165 45.65 -14.40 1.63
CA ASN H 165 44.72 -13.39 1.15
C ASN H 165 45.32 -11.99 1.15
N CYS H 166 46.65 -11.86 1.19
CA CYS H 166 47.25 -10.53 1.17
C CYS H 166 47.18 -9.92 -0.22
N ASN H 167 47.36 -10.73 -1.27
CA ASN H 167 47.28 -10.21 -2.62
C ASN H 167 45.83 -10.05 -3.07
N THR H 168 44.91 -10.63 -2.33
CA THR H 168 43.48 -10.56 -2.58
C THR H 168 42.92 -9.50 -1.61
N SER H 169 41.67 -9.11 -1.78
CA SER H 169 41.06 -8.10 -0.92
C SER H 169 40.99 -8.57 0.54
N ALA H 170 41.16 -7.63 1.46
CA ALA H 170 41.14 -7.92 2.88
C ALA H 170 39.71 -8.23 3.34
N CYS H 171 39.61 -8.73 4.57
CA CYS H 171 38.33 -9.10 5.15
C CYS H 171 38.37 -8.99 6.67
N THR H 172 37.18 -9.01 7.26
CA THR H 172 36.98 -8.82 8.70
C THR H 172 37.40 -10.05 9.52
N GLN H 173 37.12 -9.96 10.82
CA GLN H 173 37.45 -10.98 11.81
C GLN H 173 36.26 -11.80 12.30
N ALA H 174 35.03 -11.35 12.06
CA ALA H 174 33.80 -12.03 12.49
C ALA H 174 33.77 -12.21 14.02
N CYS H 175 33.53 -11.07 14.70
CA CYS H 175 33.46 -10.83 16.14
C CYS H 175 32.89 -11.98 16.95
N PRO H 176 33.49 -12.30 18.10
CA PRO H 176 32.99 -13.42 18.92
C PRO H 176 31.65 -13.16 19.59
N LYS H 177 31.09 -11.94 19.51
CA LYS H 177 29.81 -11.66 20.13
C LYS H 177 28.66 -12.40 19.44
N VAL H 178 28.82 -12.74 18.16
CA VAL H 178 27.81 -13.47 17.41
C VAL H 178 28.26 -14.92 17.32
N SER H 179 27.31 -15.82 17.15
CA SER H 179 27.61 -17.24 17.07
C SER H 179 27.23 -17.80 15.71
N PHE H 180 27.94 -18.86 15.31
CA PHE H 180 27.72 -19.53 14.04
C PHE H 180 26.80 -20.73 14.15
N GLU H 181 26.04 -20.83 15.23
CA GLU H 181 25.13 -21.95 15.41
C GLU H 181 23.98 -21.84 14.42
N PRO H 182 23.72 -22.88 13.62
CA PRO H 182 22.63 -22.82 12.64
C PRO H 182 21.25 -22.88 13.27
N ILE H 183 20.76 -21.75 13.73
CA ILE H 183 19.43 -21.67 14.35
C ILE H 183 18.38 -21.84 13.28
N PRO H 184 17.44 -22.77 13.43
CA PRO H 184 16.41 -22.97 12.40
C PRO H 184 15.47 -21.78 12.27
N ILE H 185 15.08 -21.50 11.03
CA ILE H 185 14.17 -20.40 10.71
C ILE H 185 13.03 -20.97 9.89
N HIS H 186 11.89 -20.29 9.93
CA HIS H 186 10.70 -20.72 9.19
C HIS H 186 10.28 -19.63 8.22
N TYR H 187 10.15 -19.98 6.94
CA TYR H 187 9.74 -19.07 5.91
C TYR H 187 8.22 -19.10 5.82
N CYS H 188 7.59 -17.94 6.00
CA CYS H 188 6.14 -17.83 5.96
C CYS H 188 5.70 -17.02 4.76
N ALA H 189 4.62 -17.47 4.11
CA ALA H 189 4.10 -16.76 2.97
C ALA H 189 3.29 -15.55 3.42
N PRO H 190 3.31 -14.46 2.64
CA PRO H 190 2.55 -13.27 3.02
C PRO H 190 1.07 -13.47 2.72
N ALA H 191 0.30 -12.40 2.92
CA ALA H 191 -1.14 -12.45 2.68
C ALA H 191 -1.40 -12.60 1.18
N GLY H 192 -2.37 -13.45 0.85
CA GLY H 192 -2.72 -13.70 -0.53
C GLY H 192 -1.87 -14.75 -1.21
N PHE H 193 -0.90 -15.33 -0.50
CA PHE H 193 -0.04 -16.37 -1.04
C PHE H 193 -0.15 -17.60 -0.16
N ALA H 194 0.32 -18.73 -0.69
CA ALA H 194 0.25 -19.97 0.07
C ALA H 194 1.46 -20.85 -0.26
N ILE H 195 1.77 -21.75 0.66
CA ILE H 195 2.87 -22.68 0.51
C ILE H 195 2.27 -24.08 0.49
N LEU H 196 2.49 -24.79 -0.61
CA LEU H 196 1.98 -26.14 -0.77
C LEU H 196 3.09 -27.13 -0.43
N LYS H 197 2.78 -28.11 0.41
CA LYS H 197 3.74 -29.12 0.84
C LYS H 197 3.33 -30.47 0.27
N CYS H 198 4.29 -31.15 -0.36
CA CYS H 198 4.04 -32.46 -0.95
C CYS H 198 4.16 -33.50 0.16
N LYS H 199 3.06 -34.14 0.52
CA LYS H 199 3.03 -35.12 1.59
C LYS H 199 3.40 -36.53 1.11
N ASP H 200 3.81 -36.68 -0.15
CA ASP H 200 4.19 -37.99 -0.66
C ASP H 200 5.48 -38.46 0.01
N LYS H 201 5.44 -39.67 0.55
CA LYS H 201 6.57 -40.26 1.26
C LYS H 201 7.68 -40.75 0.32
N LYS H 202 7.42 -40.85 -0.98
CA LYS H 202 8.43 -41.33 -1.92
C LYS H 202 8.49 -40.45 -3.16
N PHE H 203 8.45 -39.14 -2.96
CA PHE H 203 8.51 -38.21 -4.10
C PHE H 203 9.92 -38.18 -4.64
N ASN H 204 10.06 -38.25 -5.97
CA ASN H 204 11.37 -38.25 -6.59
C ASN H 204 11.88 -36.86 -6.94
N GLY H 205 11.14 -35.80 -6.63
CA GLY H 205 11.56 -34.45 -6.90
C GLY H 205 10.90 -33.75 -8.08
N THR H 206 10.24 -34.49 -8.97
CA THR H 206 9.60 -33.85 -10.13
C THR H 206 8.38 -34.68 -10.53
N GLY H 207 7.23 -34.03 -10.62
CA GLY H 207 6.02 -34.69 -11.02
C GLY H 207 4.83 -34.31 -10.17
N PRO H 208 3.68 -34.92 -10.44
CA PRO H 208 2.47 -34.62 -9.66
C PRO H 208 2.55 -35.28 -8.28
N CYS H 209 2.12 -34.56 -7.25
CA CYS H 209 2.14 -35.08 -5.89
C CYS H 209 0.74 -35.51 -5.47
N PRO H 210 0.51 -36.80 -5.18
CA PRO H 210 -0.83 -37.25 -4.78
C PRO H 210 -1.41 -36.58 -3.53
N SER H 211 -0.59 -36.23 -2.54
CA SER H 211 -1.08 -35.62 -1.31
C SER H 211 -0.42 -34.27 -1.12
N VAL H 212 -1.21 -33.20 -1.25
CA VAL H 212 -0.74 -31.83 -1.10
C VAL H 212 -1.42 -31.21 0.11
N SER H 213 -0.66 -30.47 0.91
CA SER H 213 -1.22 -29.83 2.09
C SER H 213 -0.78 -28.37 2.14
N THR H 214 -1.73 -27.47 2.35
CA THR H 214 -1.40 -26.05 2.43
C THR H 214 -0.91 -25.74 3.84
N VAL H 215 0.15 -24.94 3.93
CA VAL H 215 0.72 -24.57 5.22
C VAL H 215 1.17 -23.12 5.15
N GLN H 216 1.15 -22.44 6.30
CA GLN H 216 1.54 -21.03 6.33
C GLN H 216 3.04 -20.86 6.40
N CYS H 217 3.72 -21.67 7.21
CA CYS H 217 5.17 -21.59 7.36
C CYS H 217 5.78 -22.97 7.21
N THR H 218 7.03 -23.01 6.79
CA THR H 218 7.73 -24.27 6.59
C THR H 218 8.24 -24.81 7.92
N HIS H 219 8.95 -25.94 7.85
CA HIS H 219 9.48 -26.57 9.05
C HIS H 219 10.79 -25.89 9.47
N GLY H 220 11.47 -26.50 10.44
CA GLY H 220 12.70 -25.96 10.96
C GLY H 220 13.92 -26.16 10.09
N ILE H 221 14.00 -25.41 8.98
CA ILE H 221 15.13 -25.52 8.07
C ILE H 221 16.35 -24.88 8.73
N LYS H 222 17.41 -25.66 8.90
CA LYS H 222 18.64 -25.17 9.51
C LYS H 222 19.56 -24.65 8.41
N PRO H 223 19.96 -23.38 8.43
CA PRO H 223 20.86 -22.85 7.40
C PRO H 223 22.32 -23.23 7.63
N VAL H 224 22.59 -24.52 7.58
CA VAL H 224 23.94 -25.04 7.78
C VAL H 224 24.68 -24.97 6.44
N VAL H 225 26.01 -24.93 6.51
CA VAL H 225 26.85 -24.87 5.32
C VAL H 225 27.73 -26.11 5.26
N SER H 226 27.77 -26.74 4.09
CA SER H 226 28.55 -27.94 3.85
C SER H 226 28.70 -28.12 2.35
N THR H 227 29.62 -29.00 1.95
CA THR H 227 29.86 -29.23 0.53
C THR H 227 29.65 -30.68 0.09
N GLN H 228 30.07 -31.65 0.89
CA GLN H 228 29.93 -33.05 0.52
C GLN H 228 28.87 -33.80 1.32
N LEU H 229 28.92 -33.71 2.65
CA LEU H 229 27.97 -34.39 3.52
C LEU H 229 26.85 -33.42 3.89
N LEU H 230 25.60 -33.86 3.77
CA LEU H 230 24.46 -33.02 4.12
C LEU H 230 24.24 -33.13 5.62
N LEU H 231 24.69 -32.13 6.35
CA LEU H 231 24.59 -32.09 7.81
C LEU H 231 23.21 -31.63 8.27
N ASN H 232 22.64 -32.42 9.20
CA ASN H 232 21.34 -32.16 9.85
C ASN H 232 20.20 -31.93 8.85
N GLY H 233 20.19 -32.68 7.75
CA GLY H 233 19.13 -32.52 6.78
C GLY H 233 17.87 -33.24 7.22
N SER H 234 16.81 -33.04 6.44
CA SER H 234 15.54 -33.69 6.73
C SER H 234 15.63 -35.18 6.42
N LEU H 235 15.00 -35.99 7.27
CA LEU H 235 15.02 -37.43 7.10
C LEU H 235 13.86 -37.87 6.21
N ALA H 236 14.01 -39.05 5.62
CA ALA H 236 12.98 -39.59 4.76
C ALA H 236 11.90 -40.29 5.60
N GLU H 237 10.98 -40.95 4.92
CA GLU H 237 9.89 -41.62 5.62
C GLU H 237 10.06 -43.15 5.65
N GLU H 238 10.33 -43.77 4.51
CA GLU H 238 10.49 -45.23 4.48
C GLU H 238 11.79 -45.72 3.87
N GLU H 239 12.38 -45.03 2.90
CA GLU H 239 13.64 -45.47 2.29
C GLU H 239 14.37 -44.24 1.76
N VAL H 240 15.64 -44.45 1.41
CA VAL H 240 16.47 -43.35 0.93
C VAL H 240 16.00 -42.91 -0.46
N MET H 241 16.15 -41.61 -0.74
CA MET H 241 15.76 -40.99 -1.99
C MET H 241 16.96 -40.56 -2.83
N ILE H 242 16.80 -40.68 -4.14
CA ILE H 242 17.80 -40.31 -5.13
C ILE H 242 17.16 -39.31 -6.08
N ARG H 243 17.66 -38.07 -6.08
CA ARG H 243 17.06 -37.05 -6.93
C ARG H 243 18.14 -36.40 -7.80
N SER H 244 17.76 -36.07 -9.04
CA SER H 244 18.63 -35.44 -10.01
C SER H 244 17.77 -34.90 -11.16
N GLU H 245 18.29 -33.88 -11.84
CA GLU H 245 17.56 -33.30 -12.97
C GLU H 245 17.53 -34.27 -14.15
N ASN H 246 18.69 -34.80 -14.51
CA ASN H 246 18.86 -35.73 -15.63
C ASN H 246 19.85 -36.77 -15.12
N ILE H 247 19.33 -37.94 -14.75
CA ILE H 247 20.15 -39.03 -14.21
C ILE H 247 21.11 -39.58 -15.27
N THR H 248 20.79 -39.41 -16.55
CA THR H 248 21.65 -39.89 -17.62
C THR H 248 22.72 -38.88 -18.03
N ASN H 249 22.79 -37.74 -17.36
CA ASN H 249 23.78 -36.71 -17.69
C ASN H 249 24.95 -36.76 -16.73
N ASN H 250 26.13 -36.39 -17.24
CA ASN H 250 27.34 -36.38 -16.42
C ASN H 250 27.27 -35.27 -15.37
N ALA H 251 26.77 -34.09 -15.77
CA ALA H 251 26.63 -32.95 -14.87
C ALA H 251 25.32 -33.06 -14.11
N LYS H 252 24.89 -31.96 -13.47
CA LYS H 252 23.65 -31.88 -12.69
C LYS H 252 23.66 -32.91 -11.56
N ASN H 253 24.51 -32.58 -10.56
CA ASN H 253 24.81 -33.35 -9.35
C ASN H 253 23.61 -34.12 -8.78
N ILE H 254 23.82 -35.41 -8.53
CA ILE H 254 22.78 -36.29 -8.01
C ILE H 254 22.85 -36.21 -6.49
N LEU H 255 21.74 -35.79 -5.87
CA LEU H 255 21.72 -35.70 -4.42
C LEU H 255 20.87 -36.82 -3.84
N VAL H 256 21.42 -37.48 -2.82
CA VAL H 256 20.72 -38.58 -2.16
C VAL H 256 20.47 -38.19 -0.71
N GLN H 257 19.28 -38.56 -0.24
CA GLN H 257 18.84 -38.28 1.12
C GLN H 257 18.59 -39.60 1.84
N PHE H 258 19.23 -39.78 2.99
CA PHE H 258 19.11 -41.00 3.76
C PHE H 258 17.77 -41.06 4.49
N ASN H 259 17.40 -42.28 4.88
CA ASN H 259 16.16 -42.52 5.62
C ASN H 259 16.39 -42.60 7.12
N THR H 260 17.62 -42.89 7.54
CA THR H 260 18.02 -42.98 8.94
C THR H 260 19.26 -42.12 9.08
N PRO H 261 19.44 -41.46 10.23
CA PRO H 261 20.63 -40.61 10.40
C PRO H 261 21.81 -41.36 10.99
N VAL H 262 22.98 -41.09 10.42
CA VAL H 262 24.22 -41.69 10.87
C VAL H 262 25.05 -40.60 11.54
N GLN H 263 25.58 -40.92 12.72
CA GLN H 263 26.34 -39.94 13.50
C GLN H 263 27.79 -39.87 13.09
N ILE H 264 28.36 -38.68 13.25
CA ILE H 264 29.75 -38.38 12.97
C ILE H 264 30.27 -37.54 14.13
N ASN H 265 31.45 -37.90 14.65
CA ASN H 265 32.05 -37.20 15.78
C ASN H 265 33.31 -36.49 15.32
N CYS H 266 33.26 -35.17 15.20
CA CYS H 266 34.41 -34.40 14.76
C CYS H 266 34.97 -33.61 15.93
N THR H 267 36.28 -33.73 16.14
CA THR H 267 36.88 -33.02 17.26
C THR H 267 38.30 -32.57 16.94
N ARG H 268 38.75 -31.58 17.71
CA ARG H 268 40.08 -30.98 17.64
C ARG H 268 40.72 -31.15 19.00
N PRO H 269 41.65 -32.11 19.17
CA PRO H 269 42.27 -32.31 20.48
C PRO H 269 43.27 -31.23 20.88
N ASN H 270 43.59 -30.28 20.01
CA ASN H 270 44.54 -29.23 20.35
C ASN H 270 43.90 -28.23 21.31
N ASN H 271 44.59 -27.92 22.40
CA ASN H 271 44.11 -26.96 23.39
C ASN H 271 44.63 -25.58 23.01
N ASN H 272 43.92 -24.97 22.05
CA ASN H 272 44.30 -23.65 21.56
C ASN H 272 44.05 -22.57 22.62
N THR H 273 44.86 -21.52 22.55
CA THR H 273 44.78 -20.39 23.47
C THR H 273 44.65 -19.11 22.65
N ARG H 274 43.68 -18.28 23.02
CA ARG H 274 43.42 -17.02 22.34
C ARG H 274 44.08 -15.87 23.08
N LYS H 275 44.84 -15.05 22.36
CA LYS H 275 45.51 -13.90 22.94
C LYS H 275 45.03 -12.65 22.21
N SER H 276 44.99 -11.52 22.93
CA SER H 276 44.52 -10.27 22.35
C SER H 276 45.68 -9.35 22.01
N ILE H 277 45.61 -8.75 20.82
CA ILE H 277 46.61 -7.82 20.32
C ILE H 277 45.90 -6.53 19.94
N ARG H 278 46.35 -5.41 20.48
CA ARG H 278 45.74 -4.12 20.18
C ARG H 278 46.27 -3.61 18.84
N ILE H 279 45.44 -3.69 17.81
CA ILE H 279 45.85 -3.22 16.48
C ILE H 279 45.93 -1.70 16.47
N GLY H 280 44.93 -1.04 17.03
CA GLY H 280 44.87 0.40 17.10
C GLY H 280 43.84 0.85 18.12
N PRO H 281 43.23 2.01 17.88
CA PRO H 281 42.21 2.49 18.82
C PRO H 281 40.91 1.70 18.73
N GLY H 282 40.67 0.85 19.73
CA GLY H 282 39.46 0.05 19.75
C GLY H 282 39.45 -1.13 18.81
N GLN H 283 40.60 -1.49 18.25
CA GLN H 283 40.71 -2.61 17.31
C GLN H 283 41.48 -3.72 18.01
N ALA H 284 40.88 -4.91 18.11
CA ALA H 284 41.50 -6.05 18.75
C ALA H 284 41.62 -7.20 17.78
N PHE H 285 42.75 -7.91 17.86
CA PHE H 285 43.05 -9.07 17.02
C PHE H 285 43.24 -10.27 17.94
N TYR H 286 42.49 -11.33 17.67
CA TYR H 286 42.56 -12.55 18.48
C TYR H 286 43.51 -13.52 17.78
N ALA H 287 44.72 -13.61 18.29
CA ALA H 287 45.74 -14.49 17.74
C ALA H 287 45.80 -15.81 18.49
N THR H 288 46.43 -16.80 17.85
CA THR H 288 46.59 -18.13 18.41
C THR H 288 47.84 -18.16 19.28
N GLY H 289 47.68 -18.46 20.55
CA GLY H 289 48.80 -18.54 21.47
C GLY H 289 49.44 -19.91 21.44
N ASP H 290 50.19 -20.20 22.50
CA ASP H 290 50.88 -21.49 22.60
C ASP H 290 49.87 -22.61 22.85
N ILE H 291 50.22 -23.81 22.40
CA ILE H 291 49.36 -24.97 22.57
C ILE H 291 49.67 -25.64 23.90
N ILE H 292 48.64 -25.81 24.71
CA ILE H 292 48.79 -26.46 26.01
C ILE H 292 48.72 -27.97 25.82
N GLY H 293 49.78 -28.66 26.20
CA GLY H 293 49.83 -30.10 26.06
C GLY H 293 50.34 -30.56 24.71
N ASP H 294 50.15 -31.85 24.46
CA ASP H 294 50.59 -32.46 23.22
C ASP H 294 49.70 -32.02 22.06
N ILE H 295 50.31 -31.89 20.88
CA ILE H 295 49.61 -31.47 19.67
C ILE H 295 49.20 -32.71 18.88
N ARG H 296 47.90 -32.84 18.61
CA ARG H 296 47.37 -33.97 17.87
C ARG H 296 46.47 -33.44 16.76
N GLN H 297 46.38 -34.20 15.68
CA GLN H 297 45.58 -33.82 14.52
C GLN H 297 44.08 -33.98 14.77
N ALA H 298 43.32 -32.98 14.34
CA ALA H 298 41.87 -33.01 14.46
C ALA H 298 41.31 -34.06 13.51
N HIS H 299 40.27 -34.78 13.95
CA HIS H 299 39.74 -35.83 13.09
C HIS H 299 38.27 -36.07 13.39
N CYS H 300 37.66 -36.89 12.52
CA CYS H 300 36.26 -37.26 12.63
C CYS H 300 36.16 -38.77 12.69
N ASN H 301 35.17 -39.29 13.41
CA ASN H 301 34.94 -40.71 13.55
C ASN H 301 33.53 -41.05 13.10
N VAL H 302 33.42 -42.07 12.25
CA VAL H 302 32.15 -42.54 11.71
C VAL H 302 32.05 -44.04 11.98
N SER H 303 30.86 -44.53 12.31
CA SER H 303 30.67 -45.95 12.54
C SER H 303 30.81 -46.69 11.22
N LYS H 304 31.79 -47.60 11.14
CA LYS H 304 32.05 -48.33 9.91
C LYS H 304 30.89 -49.24 9.50
N ALA H 305 30.31 -49.97 10.46
CA ALA H 305 29.20 -50.88 10.15
C ALA H 305 27.96 -50.11 9.69
N THR H 306 27.62 -49.02 10.41
CA THR H 306 26.46 -48.23 10.06
C THR H 306 26.64 -47.53 8.71
N TRP H 307 27.86 -47.03 8.45
CA TRP H 307 28.13 -46.38 7.17
C TRP H 307 28.09 -47.39 6.04
N ASN H 308 28.55 -48.62 6.30
CA ASN H 308 28.50 -49.66 5.28
C ASN H 308 27.06 -50.05 4.97
N GLU H 309 26.22 -50.10 6.00
CA GLU H 309 24.80 -50.41 5.78
C GLU H 309 24.12 -49.30 4.99
N THR H 310 24.46 -48.04 5.30
CA THR H 310 23.90 -46.91 4.57
C THR H 310 24.35 -46.94 3.12
N LEU H 311 25.63 -47.28 2.89
CA LEU H 311 26.14 -47.38 1.53
C LEU H 311 25.47 -48.53 0.78
N GLY H 312 25.13 -49.61 1.50
CA GLY H 312 24.43 -50.72 0.87
C GLY H 312 23.03 -50.32 0.42
N LYS H 313 22.35 -49.52 1.26
CA LYS H 313 21.02 -49.04 0.87
C LYS H 313 21.12 -48.09 -0.32
N VAL H 314 22.16 -47.25 -0.32
CA VAL H 314 22.37 -46.29 -1.40
C VAL H 314 22.66 -47.02 -2.71
N VAL H 315 23.53 -48.04 -2.69
CA VAL H 315 23.83 -48.76 -3.92
C VAL H 315 22.63 -49.59 -4.37
N LYS H 316 21.78 -50.04 -3.43
CA LYS H 316 20.59 -50.79 -3.82
C LYS H 316 19.62 -49.88 -4.57
N GLN H 317 19.42 -48.67 -4.05
CA GLN H 317 18.53 -47.72 -4.73
C GLN H 317 19.15 -47.23 -6.04
N LEU H 318 20.48 -47.15 -6.09
CA LEU H 318 21.15 -46.73 -7.33
C LEU H 318 21.01 -47.82 -8.39
N ARG H 319 21.03 -49.08 -7.96
CA ARG H 319 20.88 -50.20 -8.90
C ARG H 319 19.45 -50.27 -9.40
N LYS H 320 18.48 -49.98 -8.52
CA LYS H 320 17.09 -50.01 -8.98
C LYS H 320 16.78 -48.79 -9.84
N HIS H 321 17.54 -47.70 -9.68
CA HIS H 321 17.32 -46.51 -10.49
C HIS H 321 18.00 -46.67 -11.85
N PHE H 322 19.23 -47.14 -11.85
CA PHE H 322 20.01 -47.38 -13.06
C PHE H 322 19.71 -48.78 -13.58
N GLY H 323 20.55 -49.28 -14.48
CA GLY H 323 20.34 -50.62 -15.01
C GLY H 323 20.54 -51.67 -13.92
N ASN H 324 19.78 -52.75 -14.01
CA ASN H 324 19.87 -53.81 -13.03
C ASN H 324 21.13 -54.66 -13.23
N ASN H 325 21.51 -55.34 -12.14
CA ASN H 325 22.66 -56.24 -12.04
C ASN H 325 23.97 -55.69 -12.57
N THR H 326 24.29 -54.45 -12.22
CA THR H 326 25.53 -53.82 -12.66
C THR H 326 26.44 -53.57 -11.46
N ILE H 327 27.74 -53.53 -11.72
CA ILE H 327 28.73 -53.31 -10.68
C ILE H 327 29.03 -51.81 -10.61
N ILE H 328 29.08 -51.27 -9.39
CA ILE H 328 29.36 -49.84 -9.21
C ILE H 328 30.45 -49.70 -8.16
N ARG H 329 30.98 -48.48 -8.05
CA ARG H 329 32.04 -48.21 -7.09
C ARG H 329 32.07 -46.73 -6.73
N PHE H 330 32.79 -46.42 -5.66
CA PHE H 330 32.94 -45.06 -5.18
C PHE H 330 34.40 -44.63 -5.26
N ALA H 331 34.60 -43.34 -5.49
CA ALA H 331 35.94 -42.76 -5.58
C ALA H 331 35.93 -41.42 -4.87
N ASN H 332 37.12 -40.92 -4.57
CA ASN H 332 37.22 -39.63 -3.89
C ASN H 332 37.02 -38.49 -4.89
N SER H 333 37.23 -37.26 -4.41
CA SER H 333 37.06 -36.08 -5.25
C SER H 333 38.09 -36.04 -6.36
N SER H 334 37.68 -35.52 -7.52
CA SER H 334 38.58 -35.43 -8.66
C SER H 334 39.65 -34.37 -8.45
N GLY H 335 39.26 -33.19 -7.98
CA GLY H 335 40.22 -32.13 -7.74
C GLY H 335 39.53 -30.79 -7.57
N GLY H 336 40.29 -29.74 -7.81
CA GLY H 336 39.80 -28.39 -7.68
C GLY H 336 40.24 -27.74 -6.39
N ASP H 337 39.47 -26.77 -5.91
CA ASP H 337 39.82 -26.10 -4.66
C ASP H 337 39.53 -27.00 -3.46
N LEU H 338 40.03 -26.57 -2.29
CA LEU H 338 39.83 -27.35 -1.07
C LEU H 338 38.38 -27.37 -0.60
N GLU H 339 37.54 -26.46 -1.10
CA GLU H 339 36.14 -26.43 -0.69
C GLU H 339 35.37 -27.63 -1.24
N VAL H 340 35.66 -28.03 -2.48
CA VAL H 340 34.95 -29.17 -3.06
C VAL H 340 35.77 -30.46 -2.99
N THR H 341 37.09 -30.37 -2.77
CA THR H 341 37.90 -31.57 -2.70
C THR H 341 37.69 -32.30 -1.37
N THR H 342 37.65 -31.55 -0.27
CA THR H 342 37.46 -32.13 1.05
C THR H 342 36.14 -31.64 1.64
N HIS H 343 35.67 -32.35 2.65
CA HIS H 343 34.43 -32.01 3.34
C HIS H 343 34.67 -30.76 4.18
N SER H 344 34.03 -29.66 3.80
CA SER H 344 34.17 -28.40 4.51
C SER H 344 32.91 -28.10 5.29
N PHE H 345 33.06 -27.87 6.59
CA PHE H 345 31.90 -27.57 7.43
C PHE H 345 32.34 -26.74 8.63
N ASN H 346 31.37 -26.40 9.47
CA ASN H 346 31.60 -25.61 10.67
C ASN H 346 31.25 -26.41 11.92
N CYS H 347 32.08 -26.29 12.94
CA CYS H 347 31.91 -26.97 14.23
C CYS H 347 32.33 -26.00 15.32
N GLY H 348 31.35 -25.52 16.09
CA GLY H 348 31.58 -24.59 17.18
C GLY H 348 32.30 -23.32 16.80
N GLY H 349 32.08 -22.83 15.58
CA GLY H 349 32.74 -21.64 15.11
C GLY H 349 34.07 -21.90 14.42
N GLU H 350 34.54 -23.14 14.42
CA GLU H 350 35.81 -23.50 13.79
C GLU H 350 35.49 -24.24 12.49
N PHE H 351 36.15 -23.83 11.41
CA PHE H 351 35.90 -24.44 10.10
C PHE H 351 36.86 -25.59 9.87
N PHE H 352 36.29 -26.73 9.49
CA PHE H 352 37.01 -27.98 9.27
C PHE H 352 36.96 -28.39 7.80
N TYR H 353 38.08 -28.93 7.33
CA TYR H 353 38.26 -29.45 5.97
C TYR H 353 38.82 -30.85 6.15
N CYS H 354 37.93 -31.85 6.15
CA CYS H 354 38.32 -33.23 6.38
C CYS H 354 38.39 -34.05 5.09
N ASN H 355 39.42 -34.90 5.02
CA ASN H 355 39.65 -35.78 3.87
C ASN H 355 38.55 -36.84 3.83
N THR H 356 37.81 -36.90 2.71
CA THR H 356 36.71 -37.82 2.54
C THR H 356 37.09 -39.11 1.81
N SER H 357 38.38 -39.34 1.54
CA SER H 357 38.79 -40.54 0.82
C SER H 357 38.56 -41.82 1.62
N GLY H 358 38.43 -41.72 2.94
CA GLY H 358 38.20 -42.90 3.76
C GLY H 358 36.78 -43.43 3.74
N LEU H 359 35.83 -42.70 3.15
CA LEU H 359 34.44 -43.14 3.08
C LEU H 359 34.04 -43.56 1.67
N PHE H 360 34.33 -42.74 0.66
CA PHE H 360 33.97 -43.05 -0.72
C PHE H 360 35.08 -43.88 -1.38
N ASN H 361 35.25 -45.09 -0.84
CA ASN H 361 36.25 -46.03 -1.35
C ASN H 361 35.67 -47.42 -1.09
N SER H 362 34.94 -47.94 -2.07
CA SER H 362 34.31 -49.25 -1.98
C SER H 362 33.83 -49.67 -3.37
N THR H 363 33.57 -50.97 -3.51
CA THR H 363 33.08 -51.56 -4.74
C THR H 363 31.88 -52.43 -4.37
N TRP H 364 30.79 -52.27 -5.12
CA TRP H 364 29.56 -53.02 -4.86
C TRP H 364 29.19 -53.81 -6.12
N ILE H 365 29.00 -55.12 -5.94
CA ILE H 365 28.63 -56.00 -7.04
C ILE H 365 27.18 -56.44 -6.88
N SER H 366 26.67 -57.12 -7.90
CA SER H 366 25.30 -57.61 -7.88
C SER H 366 25.22 -58.97 -7.21
N ASN H 367 24.11 -59.18 -6.49
CA ASN H 367 23.80 -60.42 -5.76
C ASN H 367 24.90 -60.78 -4.76
N THR H 368 25.08 -59.89 -3.78
CA THR H 368 26.09 -60.09 -2.75
C THR H 368 25.68 -61.19 -1.77
N ASP H 380 36.34 -50.92 14.35
CA ASP H 380 34.93 -50.72 14.65
C ASP H 380 34.41 -49.42 14.04
N SER H 381 35.29 -48.42 13.97
CA SER H 381 34.95 -47.13 13.40
C SER H 381 36.06 -46.65 12.49
N ILE H 382 35.70 -45.82 11.52
CA ILE H 382 36.64 -45.25 10.56
C ILE H 382 36.97 -43.84 10.99
N THR H 383 38.27 -43.51 10.96
CA THR H 383 38.77 -42.20 11.35
C THR H 383 39.19 -41.44 10.11
N LEU H 384 38.59 -40.27 9.91
CA LEU H 384 38.87 -39.39 8.78
C LEU H 384 39.75 -38.26 9.24
N PRO H 385 40.93 -38.07 8.63
CA PRO H 385 41.81 -36.96 9.04
C PRO H 385 41.19 -35.63 8.64
N CYS H 386 41.51 -34.59 9.39
CA CYS H 386 40.92 -33.29 9.12
C CYS H 386 41.93 -32.17 9.39
N ARG H 387 41.74 -31.05 8.67
CA ARG H 387 42.57 -29.87 8.80
C ARG H 387 41.69 -28.69 9.16
N ILE H 388 42.30 -27.65 9.71
CA ILE H 388 41.58 -26.44 10.14
C ILE H 388 42.22 -25.22 9.50
N LYS H 389 41.37 -24.37 8.89
CA LYS H 389 41.80 -23.14 8.26
C LYS H 389 41.20 -21.95 8.98
N GLN H 390 41.89 -20.82 8.89
CA GLN H 390 41.44 -19.58 9.51
C GLN H 390 40.90 -18.61 8.45
N ILE H 391 41.68 -18.36 7.40
CA ILE H 391 41.23 -17.48 6.32
C ILE H 391 40.49 -18.38 5.34
N ILE H 392 39.17 -18.25 5.27
CA ILE H 392 38.34 -19.09 4.42
C ILE H 392 37.53 -18.26 3.44
N ASN H 393 36.88 -18.98 2.52
CA ASN H 393 35.99 -18.44 1.50
C ASN H 393 34.81 -19.40 1.47
N MET H 394 33.69 -18.99 2.05
CA MET H 394 32.50 -19.84 2.10
C MET H 394 31.91 -20.12 0.73
N TRP H 395 31.92 -19.14 -0.16
CA TRP H 395 31.32 -19.35 -1.47
C TRP H 395 32.29 -19.14 -2.61
N GLN H 396 31.76 -19.12 -3.84
CA GLN H 396 32.57 -18.94 -5.03
C GLN H 396 33.11 -17.52 -5.17
N ARG H 397 32.65 -16.58 -4.34
CA ARG H 397 33.12 -15.20 -4.41
C ARG H 397 34.59 -15.11 -4.02
N ILE H 398 35.31 -14.26 -4.72
CA ILE H 398 36.73 -14.06 -4.46
C ILE H 398 37.04 -12.70 -3.83
N GLY H 399 36.11 -11.76 -3.86
CA GLY H 399 36.34 -10.45 -3.28
C GLY H 399 36.15 -10.34 -1.79
N GLN H 400 35.70 -11.40 -1.12
CA GLN H 400 35.50 -11.38 0.31
C GLN H 400 36.00 -12.68 0.92
N CYS H 401 36.35 -12.62 2.20
CA CYS H 401 36.82 -13.79 2.93
C CYS H 401 36.36 -13.64 4.37
N MET H 402 36.98 -14.40 5.27
CA MET H 402 36.68 -14.35 6.69
C MET H 402 37.82 -15.00 7.46
N TYR H 403 38.28 -14.31 8.51
CA TYR H 403 39.36 -14.81 9.35
C TYR H 403 38.67 -15.38 10.60
N ALA H 404 38.58 -16.70 10.67
CA ALA H 404 37.96 -17.35 11.81
C ALA H 404 38.84 -17.21 13.05
N PRO H 405 38.37 -16.57 14.11
CA PRO H 405 39.21 -16.41 15.30
C PRO H 405 39.25 -17.70 16.10
N PRO H 406 40.43 -18.05 16.64
CA PRO H 406 40.53 -19.29 17.43
C PRO H 406 39.86 -19.12 18.78
N ILE H 407 39.30 -20.22 19.28
CA ILE H 407 38.62 -20.24 20.57
C ILE H 407 39.35 -21.23 21.48
N GLN H 408 39.34 -20.95 22.77
CA GLN H 408 40.01 -21.80 23.74
C GLN H 408 39.20 -23.07 23.99
N GLY H 409 39.88 -24.07 24.57
CA GLY H 409 39.25 -25.34 24.88
C GLY H 409 39.32 -26.32 23.74
N VAL H 410 38.86 -27.54 24.01
CA VAL H 410 38.84 -28.61 23.03
C VAL H 410 37.47 -28.64 22.38
N ILE H 411 37.44 -28.52 21.05
CA ILE H 411 36.19 -28.51 20.31
C ILE H 411 35.80 -29.95 19.98
N ARG H 412 34.55 -30.31 20.29
CA ARG H 412 34.03 -31.64 20.03
C ARG H 412 32.56 -31.51 19.66
N CYS H 413 32.18 -32.07 18.51
CA CYS H 413 30.78 -31.98 18.09
C CYS H 413 30.33 -33.28 17.45
N VAL H 414 29.14 -33.72 17.85
CA VAL H 414 28.49 -34.91 17.35
C VAL H 414 27.33 -34.45 16.49
N SER H 415 27.34 -34.84 15.22
CA SER H 415 26.28 -34.42 14.31
C SER H 415 25.76 -35.62 13.52
N ASN H 416 24.72 -35.37 12.74
CA ASN H 416 24.09 -36.39 11.91
C ASN H 416 24.22 -36.00 10.45
N ILE H 417 24.74 -36.90 9.63
CA ILE H 417 24.85 -36.66 8.20
C ILE H 417 23.77 -37.49 7.52
N THR H 418 22.84 -36.81 6.85
CA THR H 418 21.72 -37.49 6.22
C THR H 418 21.68 -37.41 4.70
N GLY H 419 22.77 -37.03 4.04
CA GLY H 419 22.71 -36.97 2.59
C GLY H 419 24.08 -36.84 1.96
N LEU H 420 24.10 -37.08 0.66
CA LEU H 420 25.32 -37.00 -0.13
C LEU H 420 25.04 -36.30 -1.44
N ILE H 421 26.09 -35.74 -2.03
CA ILE H 421 26.01 -35.07 -3.33
C ILE H 421 27.03 -35.81 -4.20
N LEU H 422 26.56 -36.83 -4.90
CA LEU H 422 27.40 -37.65 -5.75
C LEU H 422 27.26 -37.27 -7.22
N THR H 423 28.35 -37.45 -7.96
CA THR H 423 28.44 -37.16 -9.38
C THR H 423 29.05 -38.36 -10.07
N ARG H 424 28.63 -38.59 -11.31
CA ARG H 424 29.13 -39.70 -12.11
C ARG H 424 30.40 -39.27 -12.84
N ASP H 425 30.87 -40.12 -13.76
CA ASP H 425 32.05 -39.86 -14.54
C ASP H 425 31.78 -40.17 -16.00
N GLY H 426 32.52 -39.49 -16.88
CA GLY H 426 32.36 -39.68 -18.31
C GLY H 426 32.94 -40.99 -18.78
N GLY H 427 32.66 -41.30 -20.04
CA GLY H 427 33.14 -42.53 -20.65
C GLY H 427 32.45 -43.76 -20.13
N SER H 428 31.15 -43.91 -20.43
CA SER H 428 30.37 -45.05 -19.99
C SER H 428 30.79 -46.29 -20.79
N THR H 429 31.39 -47.26 -20.11
CA THR H 429 31.84 -48.50 -20.75
C THR H 429 30.68 -49.49 -20.80
N ASN H 430 29.75 -49.21 -21.74
CA ASN H 430 28.55 -50.02 -21.99
C ASN H 430 27.71 -50.19 -20.72
N SER H 431 27.56 -49.09 -19.97
CA SER H 431 26.81 -49.00 -18.71
C SER H 431 27.32 -49.96 -17.64
N THR H 432 28.62 -50.28 -17.67
CA THR H 432 29.23 -51.17 -16.70
C THR H 432 30.34 -50.43 -15.97
N THR H 433 30.52 -50.79 -14.69
CA THR H 433 31.52 -50.22 -13.78
C THR H 433 31.31 -48.70 -13.67
N GLU H 434 30.22 -48.33 -13.01
CA GLU H 434 29.90 -46.92 -12.84
C GLU H 434 30.47 -46.43 -11.51
N THR H 435 31.21 -45.32 -11.55
CA THR H 435 31.82 -44.76 -10.36
C THR H 435 31.13 -43.48 -9.94
N PHE H 436 31.07 -43.26 -8.63
CA PHE H 436 30.45 -42.08 -8.04
C PHE H 436 31.45 -41.39 -7.14
N ARG H 437 31.50 -40.06 -7.23
CA ARG H 437 32.42 -39.28 -6.42
C ARG H 437 31.69 -38.09 -5.82
N PRO H 438 32.07 -37.65 -4.63
CA PRO H 438 31.39 -36.51 -4.01
C PRO H 438 31.68 -35.20 -4.75
N GLY H 439 30.64 -34.38 -4.86
CA GLY H 439 30.75 -33.10 -5.54
C GLY H 439 30.69 -31.91 -4.61
N GLY H 440 29.78 -30.98 -4.87
CA GLY H 440 29.64 -29.81 -4.04
C GLY H 440 29.97 -28.52 -4.77
N GLY H 441 29.69 -28.49 -6.07
CA GLY H 441 29.97 -27.31 -6.88
C GLY H 441 29.02 -26.15 -6.66
N ASP H 442 27.92 -26.36 -5.93
CA ASP H 442 26.97 -25.29 -5.67
C ASP H 442 26.57 -25.32 -4.20
N MET H 443 26.17 -24.16 -3.69
CA MET H 443 25.77 -24.03 -2.30
C MET H 443 24.27 -24.21 -2.09
N ARG H 444 23.46 -23.86 -3.09
CA ARG H 444 22.01 -23.99 -2.96
C ARG H 444 21.54 -25.44 -2.99
N ASP H 445 22.40 -26.37 -3.43
CA ASP H 445 22.02 -27.78 -3.46
C ASP H 445 21.81 -28.33 -2.06
N ASN H 446 22.45 -27.74 -1.05
CA ASN H 446 22.26 -28.19 0.32
C ASN H 446 20.87 -27.82 0.81
N TRP H 447 20.40 -26.62 0.44
CA TRP H 447 19.07 -26.18 0.82
C TRP H 447 17.99 -26.80 -0.04
N ARG H 448 18.35 -27.31 -1.22
CA ARG H 448 17.35 -27.96 -2.08
C ARG H 448 16.85 -29.26 -1.46
N SER H 449 17.69 -29.90 -0.63
CA SER H 449 17.29 -31.13 0.05
C SER H 449 16.30 -30.89 1.17
N GLU H 450 16.15 -29.64 1.62
CA GLU H 450 15.21 -29.28 2.67
C GLU H 450 14.01 -28.49 2.16
N LEU H 451 14.14 -27.84 1.00
CA LEU H 451 13.05 -27.07 0.42
C LEU H 451 12.44 -27.75 -0.80
N TYR H 452 12.49 -29.08 -0.88
CA TYR H 452 11.94 -29.78 -2.04
C TYR H 452 10.45 -30.05 -1.91
N LYS H 453 9.97 -30.26 -0.69
CA LYS H 453 8.55 -30.55 -0.49
C LYS H 453 7.65 -29.34 -0.65
N TYR H 454 8.17 -28.13 -0.55
CA TYR H 454 7.35 -26.92 -0.58
C TYR H 454 7.44 -26.17 -1.91
N LYS H 455 6.36 -25.46 -2.21
CA LYS H 455 6.24 -24.63 -3.40
C LYS H 455 5.41 -23.41 -3.01
N VAL H 456 5.58 -22.31 -3.73
CA VAL H 456 4.85 -21.08 -3.46
C VAL H 456 3.86 -20.79 -4.57
N VAL H 457 2.60 -20.53 -4.19
CA VAL H 457 1.54 -20.23 -5.15
C VAL H 457 0.85 -18.95 -4.73
N LYS H 458 0.27 -18.26 -5.72
CA LYS H 458 -0.45 -17.00 -5.51
C LYS H 458 -1.93 -17.28 -5.65
N ILE H 459 -2.71 -16.82 -4.67
CA ILE H 459 -4.15 -17.02 -4.67
C ILE H 459 -4.82 -15.90 -5.44
N GLU H 460 -5.75 -16.27 -6.33
CA GLU H 460 -6.52 -15.33 -7.13
C GLU H 460 -7.96 -15.50 -6.69
N PRO H 461 -8.43 -14.66 -5.76
CA PRO H 461 -9.80 -14.82 -5.26
C PRO H 461 -10.90 -14.46 -6.24
N LEU H 462 -10.60 -13.83 -7.37
CA LEU H 462 -11.65 -13.47 -8.31
C LEU H 462 -11.98 -14.64 -9.24
N GLY H 463 -13.27 -14.90 -9.44
CA GLY H 463 -13.70 -15.97 -10.32
C GLY H 463 -15.05 -15.70 -10.96
N VAL H 464 -15.31 -16.33 -12.11
CA VAL H 464 -16.58 -16.16 -12.83
C VAL H 464 -17.15 -17.53 -13.14
N ALA H 465 -18.48 -17.61 -13.22
CA ALA H 465 -19.14 -18.87 -13.53
C ALA H 465 -20.51 -18.61 -14.13
N PRO H 466 -20.83 -19.21 -15.30
CA PRO H 466 -22.09 -18.93 -15.99
C PRO H 466 -23.32 -19.58 -15.35
N THR H 467 -23.95 -18.89 -14.40
CA THR H 467 -25.21 -19.42 -13.80
C THR H 467 -26.39 -18.81 -14.57
N ARG H 468 -27.58 -18.76 -13.96
CA ARG H 468 -28.78 -18.25 -14.67
C ARG H 468 -29.51 -17.24 -13.78
N CYS H 469 -28.97 -16.94 -12.59
CA CYS H 469 -29.68 -16.05 -11.64
C CYS H 469 -29.87 -14.64 -12.24
N LYS H 470 -28.82 -14.08 -12.83
CA LYS H 470 -28.88 -12.70 -13.41
C LYS H 470 -28.92 -11.67 -12.27
N ARG H 471 -28.62 -10.40 -12.56
CA ARG H 471 -28.74 -9.37 -11.50
C ARG H 471 -30.21 -9.00 -11.35
N ARG H 472 -30.68 -8.86 -10.10
CA ARG H 472 -32.09 -8.41 -9.91
C ARG H 472 -32.18 -6.93 -10.27
N VAL H 473 -32.78 -6.62 -11.42
CA VAL H 473 -32.84 -5.21 -11.89
C VAL H 473 -33.44 -4.37 -10.76
N VAL H 474 -32.77 -3.27 -10.39
CA VAL H 474 -33.27 -2.38 -9.31
C VAL H 474 -34.79 -2.26 -9.41
N GLU I 2 -39.18 23.25 -9.77
CA GLU I 2 -38.04 22.62 -10.40
C GLU I 2 -36.73 23.08 -9.76
N ASN I 3 -35.92 22.13 -9.29
CA ASN I 3 -34.65 22.44 -8.67
C ASN I 3 -33.66 21.33 -8.99
N LEU I 4 -32.39 21.62 -8.79
CA LEU I 4 -31.31 20.68 -9.07
C LEU I 4 -30.77 20.10 -7.77
N TRP I 5 -30.10 18.95 -7.89
CA TRP I 5 -29.50 18.26 -6.76
C TRP I 5 -28.07 17.86 -7.11
N VAL I 6 -27.15 18.11 -6.17
CA VAL I 6 -25.74 17.80 -6.38
C VAL I 6 -25.52 16.29 -6.27
N THR I 7 -24.73 15.76 -7.19
CA THR I 7 -24.38 14.34 -7.25
C THR I 7 -22.87 14.21 -7.36
N VAL I 8 -22.28 13.37 -6.52
CA VAL I 8 -20.84 13.17 -6.55
C VAL I 8 -20.51 12.06 -7.55
N TYR I 9 -19.45 12.28 -8.33
CA TYR I 9 -19.00 11.33 -9.34
C TYR I 9 -17.62 10.81 -8.98
N TYR I 10 -17.28 9.62 -9.49
CA TYR I 10 -15.99 9.01 -9.23
C TYR I 10 -15.29 8.67 -10.54
N GLY I 11 -13.97 8.87 -10.56
CA GLY I 11 -13.17 8.59 -11.74
C GLY I 11 -13.36 9.54 -12.90
N VAL I 12 -13.45 10.83 -12.62
CA VAL I 12 -13.62 11.85 -13.66
C VAL I 12 -12.26 12.41 -14.05
N PRO I 13 -12.06 12.84 -15.31
CA PRO I 13 -10.75 13.38 -15.70
C PRO I 13 -10.54 14.82 -15.24
N VAL I 14 -9.76 14.98 -14.18
CA VAL I 14 -9.43 16.28 -13.60
C VAL I 14 -7.92 16.26 -13.34
N TRP I 15 -7.23 17.33 -13.73
CA TRP I 15 -5.79 17.39 -13.53
C TRP I 15 -5.39 18.52 -12.60
N LYS I 16 -4.33 18.29 -11.85
CA LYS I 16 -3.78 19.29 -10.94
C LYS I 16 -2.27 19.20 -11.02
N ASP I 17 -1.60 20.36 -11.05
CA ASP I 17 -0.14 20.36 -11.13
C ASP I 17 0.44 19.97 -9.79
N ALA I 18 1.15 18.85 -9.75
CA ALA I 18 1.74 18.36 -8.52
C ALA I 18 3.08 17.71 -8.82
N GLU I 19 3.89 17.56 -7.77
CA GLU I 19 5.21 16.97 -7.86
C GLU I 19 5.21 15.61 -7.18
N THR I 20 5.76 14.61 -7.87
CA THR I 20 5.82 13.25 -7.35
C THR I 20 7.21 12.68 -7.64
N THR I 21 7.43 11.44 -7.20
CA THR I 21 8.70 10.75 -7.39
C THR I 21 8.56 9.82 -8.59
N LEU I 22 9.41 10.04 -9.60
CA LEU I 22 9.38 9.24 -10.80
C LEU I 22 10.40 8.11 -10.67
N PHE I 23 9.97 6.87 -10.94
CA PHE I 23 10.87 5.72 -10.84
C PHE I 23 11.40 5.38 -12.22
N CYS I 24 12.67 5.00 -12.27
CA CYS I 24 13.31 4.66 -13.53
C CYS I 24 12.89 3.28 -14.03
N ALA I 25 13.10 3.07 -15.32
CA ALA I 25 12.77 1.81 -15.98
C ALA I 25 13.67 1.67 -17.20
N SER I 26 13.91 0.43 -17.61
CA SER I 26 14.76 0.18 -18.77
C SER I 26 14.38 -1.18 -19.35
N ASP I 27 15.07 -1.53 -20.44
CA ASP I 27 14.83 -2.81 -21.10
C ASP I 27 15.49 -3.98 -20.39
N ALA I 28 16.37 -3.69 -19.42
CA ALA I 28 17.10 -4.69 -18.61
C ALA I 28 17.91 -5.65 -19.48
N LYS I 29 18.59 -5.13 -20.49
CA LYS I 29 19.40 -5.95 -21.38
C LYS I 29 20.81 -6.12 -20.82
N HIS I 36 29.32 -6.69 -15.73
CA HIS I 36 28.38 -5.87 -14.96
C HIS I 36 27.72 -4.83 -15.88
N ASN I 37 26.56 -4.33 -15.45
CA ASN I 37 25.83 -3.34 -16.22
C ASN I 37 26.46 -1.96 -16.05
N VAL I 38 25.81 -0.96 -16.63
CA VAL I 38 26.31 0.42 -16.56
C VAL I 38 25.40 1.27 -15.68
N TRP I 39 26.05 2.03 -14.77
CA TRP I 39 25.40 2.93 -13.82
C TRP I 39 24.36 2.26 -12.93
N ALA I 40 24.53 0.95 -12.71
CA ALA I 40 23.64 0.10 -11.90
C ALA I 40 22.19 0.20 -12.37
N THR I 41 21.95 -0.24 -13.60
CA THR I 41 20.61 -0.20 -14.19
C THR I 41 19.70 -1.29 -13.65
N HIS I 42 20.22 -2.21 -12.84
CA HIS I 42 19.39 -3.28 -12.29
C HIS I 42 18.40 -2.76 -11.24
N ALA I 43 18.62 -1.55 -10.72
CA ALA I 43 17.71 -0.98 -9.74
C ALA I 43 16.37 -0.58 -10.35
N CYS I 44 16.34 -0.38 -11.67
CA CYS I 44 15.12 0.02 -12.36
C CYS I 44 14.33 -1.21 -12.78
N VAL I 45 13.01 -1.12 -12.65
CA VAL I 45 12.09 -2.20 -13.01
C VAL I 45 12.06 -2.32 -14.54
N PRO I 46 11.71 -3.48 -15.12
CA PRO I 46 11.67 -3.57 -16.58
C PRO I 46 10.55 -2.72 -17.17
N THR I 47 10.81 -2.16 -18.34
CA THR I 47 9.85 -1.32 -19.02
C THR I 47 8.82 -2.14 -19.80
N ASP I 48 7.74 -1.47 -20.15
CA ASP I 48 6.67 -2.13 -20.90
C ASP I 48 7.05 -2.19 -22.38
N PRO I 49 7.07 -3.37 -23.01
CA PRO I 49 7.42 -3.45 -24.44
C PRO I 49 6.41 -2.76 -25.36
N ASN I 50 5.19 -2.50 -24.88
CA ASN I 50 4.14 -1.85 -25.66
C ASN I 50 3.54 -0.62 -24.96
N PRO I 51 4.29 0.50 -24.93
CA PRO I 51 3.79 1.71 -24.27
C PRO I 51 2.58 2.29 -25.00
N GLN I 52 1.54 2.59 -24.25
CA GLN I 52 0.31 3.12 -24.81
C GLN I 52 0.38 4.63 -24.95
N GLU I 53 -0.13 5.12 -26.09
CA GLU I 53 -0.18 6.54 -26.40
C GLU I 53 -1.64 6.88 -26.65
N ILE I 54 -2.19 7.80 -25.86
CA ILE I 54 -3.59 8.21 -25.97
C ILE I 54 -3.64 9.67 -26.38
N HIS I 55 -3.95 9.92 -27.64
CA HIS I 55 -4.04 11.30 -28.13
C HIS I 55 -5.32 11.92 -27.60
N LEU I 56 -5.20 13.08 -26.96
CA LEU I 56 -6.34 13.78 -26.38
C LEU I 56 -6.73 14.94 -27.28
N GLU I 57 -8.00 14.99 -27.67
CA GLU I 57 -8.51 16.05 -28.52
C GLU I 57 -9.31 17.04 -27.68
N ASN I 58 -9.49 18.24 -28.26
CA ASN I 58 -10.22 19.35 -27.64
C ASN I 58 -9.63 19.73 -26.28
N VAL I 59 -8.30 19.78 -26.21
CA VAL I 59 -7.60 20.13 -24.97
C VAL I 59 -6.45 21.08 -25.31
N THR I 60 -6.25 22.07 -24.44
CA THR I 60 -5.22 23.10 -24.58
C THR I 60 -4.48 23.29 -23.25
N GLU I 61 -3.99 22.18 -22.69
CA GLU I 61 -3.27 22.23 -21.42
C GLU I 61 -1.97 23.01 -21.51
N GLU I 62 -1.74 23.85 -20.49
CA GLU I 62 -0.56 24.69 -20.41
C GLU I 62 0.69 23.88 -20.07
N PHE I 63 1.80 24.23 -20.71
CA PHE I 63 3.10 23.59 -20.51
C PHE I 63 4.12 24.66 -20.18
N ASN I 64 5.11 24.30 -19.35
CA ASN I 64 6.13 25.27 -18.97
C ASN I 64 7.40 24.55 -18.56
N MET I 65 8.54 25.12 -18.93
CA MET I 65 9.84 24.59 -18.57
C MET I 65 10.39 25.38 -17.39
N TRP I 66 11.60 25.02 -16.96
CA TRP I 66 12.35 25.64 -15.86
C TRP I 66 11.63 25.60 -14.51
N LYS I 67 10.49 24.89 -14.42
CA LYS I 67 9.72 24.78 -13.20
C LYS I 67 9.28 23.37 -12.86
N ASN I 68 9.32 22.43 -13.81
CA ASN I 68 8.92 21.07 -13.53
C ASN I 68 9.93 20.39 -12.61
N ASN I 69 9.44 19.49 -11.76
CA ASN I 69 10.30 18.80 -10.82
C ASN I 69 10.93 17.57 -11.49
N MET I 70 10.60 17.31 -12.76
CA MET I 70 11.18 16.14 -13.44
C MET I 70 12.67 16.33 -13.69
N VAL I 71 13.10 17.54 -14.04
CA VAL I 71 14.51 17.78 -14.27
C VAL I 71 15.30 17.68 -12.96
N GLU I 72 14.72 18.18 -11.87
CA GLU I 72 15.38 18.10 -10.57
C GLU I 72 15.42 16.66 -10.09
N GLN I 73 14.35 15.90 -10.36
CA GLN I 73 14.30 14.50 -9.98
C GLN I 73 15.32 13.69 -10.77
N MET I 74 15.48 14.02 -12.06
CA MET I 74 16.47 13.33 -12.87
C MET I 74 17.88 13.66 -12.40
N HIS I 75 18.11 14.92 -12.01
CA HIS I 75 19.41 15.32 -11.50
C HIS I 75 19.74 14.58 -10.21
N THR I 76 18.78 14.52 -9.27
CA THR I 76 18.98 13.83 -8.01
C THR I 76 19.18 12.33 -8.23
N ASP I 77 18.43 11.74 -9.18
CA ASP I 77 18.58 10.32 -9.48
C ASP I 77 19.94 10.04 -10.07
N ILE I 78 20.45 10.93 -10.93
CA ILE I 78 21.77 10.75 -11.52
C ILE I 78 22.85 10.85 -10.44
N ILE I 79 22.68 11.79 -9.51
CA ILE I 79 23.64 11.94 -8.41
C ILE I 79 23.65 10.68 -7.54
N SER I 80 22.47 10.17 -7.20
CA SER I 80 22.37 8.97 -6.38
C SER I 80 22.94 7.75 -7.10
N LEU I 81 22.67 7.61 -8.40
CA LEU I 81 23.19 6.48 -9.16
C LEU I 81 24.71 6.57 -9.27
N TRP I 82 25.23 7.80 -9.43
CA TRP I 82 26.66 8.00 -9.54
C TRP I 82 27.36 7.63 -8.24
N ASP I 83 26.79 8.07 -7.12
CA ASP I 83 27.37 7.75 -5.82
C ASP I 83 27.29 6.25 -5.53
N GLN I 84 26.17 5.63 -5.91
CA GLN I 84 26.02 4.18 -5.69
C GLN I 84 26.97 3.40 -6.58
N SER I 85 27.30 3.92 -7.76
CA SER I 85 28.21 3.22 -8.65
C SER I 85 29.66 3.40 -8.21
N LEU I 86 30.02 4.59 -7.69
CA LEU I 86 31.39 4.83 -7.26
C LEU I 86 31.66 4.34 -5.84
N LYS I 87 30.64 3.99 -5.07
CA LYS I 87 30.87 3.52 -3.69
C LYS I 87 31.64 2.20 -3.61
N PRO I 88 31.33 1.12 -4.37
CA PRO I 88 32.14 -0.10 -4.20
C PRO I 88 33.53 -0.03 -4.81
N CYS I 89 33.84 1.03 -5.57
CA CYS I 89 35.16 1.15 -6.18
C CYS I 89 36.21 1.44 -5.11
N VAL I 90 37.47 1.16 -5.46
CA VAL I 90 38.58 1.36 -4.54
C VAL I 90 38.87 2.84 -4.33
N LYS I 91 39.06 3.22 -3.06
CA LYS I 91 39.37 4.60 -2.71
C LYS I 91 40.82 4.87 -3.06
N LEU I 92 41.05 5.81 -3.98
CA LEU I 92 42.40 6.15 -4.41
C LEU I 92 43.00 7.28 -3.57
N THR I 93 43.00 7.09 -2.26
CA THR I 93 43.54 8.07 -1.32
C THR I 93 45.05 8.08 -1.00
N PRO I 94 45.83 6.98 -0.96
CA PRO I 94 47.23 7.12 -0.55
C PRO I 94 48.24 7.47 -1.65
N LEU I 95 47.86 7.87 -2.86
CA LEU I 95 48.93 8.15 -3.83
C LEU I 95 49.43 9.58 -3.74
N CYS I 96 48.89 10.41 -2.84
CA CYS I 96 49.35 11.78 -2.71
C CYS I 96 50.72 11.83 -2.05
N VAL I 97 51.77 11.71 -2.85
CA VAL I 97 53.15 11.73 -2.40
C VAL I 97 53.93 12.69 -3.28
N THR I 98 55.25 12.72 -3.08
CA THR I 98 56.12 13.58 -3.87
C THR I 98 56.38 12.89 -5.20
N LEU I 99 55.80 13.40 -6.27
CA LEU I 99 55.96 12.80 -7.60
C LEU I 99 57.08 13.52 -8.35
N GLN I 100 58.23 12.86 -8.52
CA GLN I 100 59.33 13.47 -9.25
C GLN I 100 58.98 13.35 -10.73
N CYS I 101 58.69 14.48 -11.37
CA CYS I 101 58.28 14.46 -12.77
C CYS I 101 59.28 15.12 -13.69
N THR I 102 59.36 14.57 -14.89
CA THR I 102 60.23 15.03 -15.97
C THR I 102 59.34 15.16 -17.21
N ASN I 103 59.80 15.89 -18.22
CA ASN I 103 59.01 16.03 -19.42
C ASN I 103 59.24 14.85 -20.36
N VAL I 104 58.25 14.54 -21.20
CA VAL I 104 58.33 13.44 -22.15
C VAL I 104 58.69 14.03 -23.50
N THR I 105 59.85 13.64 -24.03
CA THR I 105 60.32 14.11 -25.33
C THR I 105 60.46 12.99 -26.35
N ASN I 106 59.72 11.90 -26.16
CA ASN I 106 59.78 10.77 -27.08
C ASN I 106 58.90 11.08 -28.29
N ASN I 107 59.53 11.69 -29.31
CA ASN I 107 58.87 12.08 -30.57
C ASN I 107 57.67 13.00 -30.34
N ILE I 108 57.79 13.88 -29.34
CA ILE I 108 56.70 14.79 -29.00
C ILE I 108 56.62 15.89 -30.05
N THR I 109 55.41 16.38 -30.31
CA THR I 109 55.22 17.44 -31.28
C THR I 109 55.36 18.80 -30.60
N ASP I 110 55.18 19.86 -31.39
CA ASP I 110 55.29 21.21 -30.83
C ASP I 110 54.06 21.61 -30.01
N ASP I 111 52.87 21.23 -30.48
CA ASP I 111 51.65 21.60 -29.76
C ASP I 111 51.40 20.73 -28.53
N MET I 112 51.77 19.45 -28.59
CA MET I 112 51.56 18.53 -27.48
C MET I 112 52.71 18.59 -26.46
N ARG I 113 53.73 19.41 -26.73
CA ARG I 113 54.88 19.53 -25.83
C ARG I 113 54.47 20.14 -24.50
N GLY I 114 54.93 19.51 -23.41
CA GLY I 114 54.65 19.97 -22.07
C GLY I 114 53.32 19.53 -21.49
N GLU I 115 52.49 18.83 -22.26
CA GLU I 115 51.20 18.39 -21.74
C GLU I 115 51.32 17.17 -20.84
N LEU I 116 52.22 16.25 -21.19
CA LEU I 116 52.43 15.03 -20.41
C LEU I 116 53.67 15.16 -19.54
N LYS I 117 53.66 14.42 -18.42
CA LYS I 117 54.78 14.44 -17.48
C LYS I 117 55.00 13.02 -16.97
N ASN I 118 56.23 12.55 -17.07
CA ASN I 118 56.61 11.22 -16.59
C ASN I 118 56.97 11.39 -15.13
N CYS I 119 56.13 10.88 -14.23
CA CYS I 119 56.34 11.02 -12.80
C CYS I 119 56.65 9.68 -12.14
N SER I 120 57.67 9.68 -11.29
CA SER I 120 58.10 8.52 -10.54
C SER I 120 57.86 8.80 -9.06
N PHE I 121 57.37 7.79 -8.34
CA PHE I 121 57.07 7.98 -6.93
C PHE I 121 57.06 6.63 -6.22
N ASN I 122 57.10 6.71 -4.89
CA ASN I 122 57.07 5.53 -4.03
C ASN I 122 55.61 5.24 -3.68
N MET I 123 55.15 4.06 -4.04
CA MET I 123 53.78 3.63 -3.80
C MET I 123 53.79 2.40 -2.90
N THR I 124 52.75 2.28 -2.08
CA THR I 124 52.64 1.14 -1.19
C THR I 124 52.25 -0.11 -1.98
N THR I 125 52.47 -1.26 -1.38
CA THR I 125 52.15 -2.53 -2.01
C THR I 125 51.24 -3.36 -1.10
N GLU I 126 51.08 -4.65 -1.42
CA GLU I 126 50.25 -5.54 -0.62
C GLU I 126 50.78 -5.66 0.80
N LEU I 127 52.10 -5.67 0.96
CA LEU I 127 52.73 -5.74 2.27
C LEU I 127 52.87 -4.32 2.79
N ARG I 128 52.39 -4.08 4.02
CA ARG I 128 52.43 -2.75 4.60
C ARG I 128 53.85 -2.26 4.88
N ASP I 129 54.73 -3.14 5.33
CA ASP I 129 56.10 -2.75 5.66
C ASP I 129 57.02 -2.58 4.44
N LYS I 130 56.51 -2.58 3.21
CA LYS I 130 57.39 -2.41 2.06
C LYS I 130 56.73 -1.46 1.06
N LYS I 131 57.59 -0.78 0.28
CA LYS I 131 57.17 0.18 -0.73
C LYS I 131 57.86 -0.17 -2.04
N GLN I 132 57.40 0.44 -3.13
CA GLN I 132 57.97 0.21 -4.44
C GLN I 132 58.08 1.51 -5.23
N LYS I 133 59.14 1.63 -6.01
CA LYS I 133 59.37 2.81 -6.84
C LYS I 133 58.74 2.55 -8.20
N VAL I 134 57.63 3.20 -8.49
CA VAL I 134 56.93 3.00 -9.75
C VAL I 134 56.91 4.32 -10.53
N TYR I 135 56.66 4.22 -11.82
CA TYR I 135 56.61 5.37 -12.73
C TYR I 135 55.32 5.32 -13.54
N SER I 136 54.76 6.50 -13.81
CA SER I 136 53.54 6.61 -14.59
C SER I 136 53.59 7.92 -15.38
N LEU I 137 52.55 8.15 -16.18
CA LEU I 137 52.42 9.35 -16.99
C LEU I 137 51.16 10.10 -16.55
N PHE I 138 51.31 11.38 -16.25
CA PHE I 138 50.18 12.20 -15.83
C PHE I 138 50.13 13.46 -16.67
N TYR I 139 48.92 13.93 -16.95
CA TYR I 139 48.75 15.14 -17.73
C TYR I 139 49.12 16.36 -16.89
N ARG I 140 49.39 17.47 -17.57
CA ARG I 140 49.75 18.71 -16.88
C ARG I 140 48.57 19.27 -16.09
N LEU I 141 47.35 18.97 -16.53
CA LEU I 141 46.16 19.45 -15.86
C LEU I 141 45.90 18.74 -14.54
N ASP I 142 46.51 17.57 -14.33
CA ASP I 142 46.31 16.80 -13.10
C ASP I 142 47.42 16.97 -12.08
N VAL I 143 48.50 17.70 -12.40
CA VAL I 143 49.61 17.87 -11.47
C VAL I 143 49.94 19.36 -11.33
N VAL I 144 50.44 19.70 -10.14
CA VAL I 144 50.85 21.05 -9.80
C VAL I 144 52.22 20.98 -9.13
N GLN I 145 52.98 22.06 -9.27
CA GLN I 145 54.32 22.14 -8.71
C GLN I 145 54.29 22.63 -7.26
N ILE I 146 55.21 22.11 -6.46
CA ILE I 146 55.36 22.45 -5.05
C ILE I 146 56.73 23.06 -4.84
N ASN I 147 56.75 24.29 -4.32
CA ASN I 147 58.01 24.98 -4.07
C ASN I 147 58.33 25.02 -2.58
N ASN I 158 64.87 18.06 -12.64
CA ASN I 158 64.02 17.18 -11.85
C ASN I 158 63.28 17.97 -10.78
N LYS I 159 61.95 18.03 -10.89
CA LYS I 159 61.13 18.77 -9.94
C LYS I 159 60.07 17.84 -9.35
N GLU I 160 59.48 18.30 -8.25
CA GLU I 160 58.45 17.56 -7.54
C GLU I 160 57.09 18.17 -7.82
N TYR I 161 56.11 17.29 -8.07
CA TYR I 161 54.74 17.68 -8.37
C TYR I 161 53.81 16.80 -7.56
N ARG I 162 52.57 17.28 -7.40
CA ARG I 162 51.56 16.56 -6.65
C ARG I 162 50.25 16.67 -7.42
N LEU I 163 49.31 15.77 -7.11
CA LEU I 163 48.03 15.78 -7.80
C LEU I 163 47.21 17.01 -7.39
N ILE I 164 46.32 17.42 -8.30
CA ILE I 164 45.48 18.59 -8.06
C ILE I 164 44.48 18.34 -6.94
N ASN I 165 44.05 17.09 -6.75
CA ASN I 165 43.10 16.78 -5.70
C ASN I 165 43.76 16.38 -4.39
N CYS I 166 45.07 16.69 -4.21
CA CYS I 166 45.73 16.34 -2.96
C CYS I 166 45.33 17.29 -1.85
N ASN I 167 45.23 18.59 -2.13
CA ASN I 167 44.82 19.56 -1.12
C ASN I 167 43.30 19.64 -0.99
N THR I 168 42.59 18.91 -1.82
CA THR I 168 41.14 18.82 -1.83
C THR I 168 40.85 17.40 -1.33
N SER I 169 39.60 17.05 -1.07
CA SER I 169 39.26 15.73 -0.58
C SER I 169 39.60 14.66 -1.62
N ALA I 170 40.16 13.54 -1.15
CA ALA I 170 40.55 12.46 -2.04
C ALA I 170 39.30 11.78 -2.61
N CYS I 171 39.50 11.05 -3.70
CA CYS I 171 38.37 10.40 -4.35
C CYS I 171 38.78 9.04 -4.90
N THR I 172 37.76 8.28 -5.28
CA THR I 172 37.92 6.95 -5.83
C THR I 172 38.29 7.02 -7.31
N GLN I 173 38.36 5.86 -7.95
CA GLN I 173 38.67 5.75 -9.36
C GLN I 173 37.57 4.93 -10.02
N ALA I 174 37.39 5.13 -11.32
CA ALA I 174 36.36 4.41 -12.06
C ALA I 174 36.79 2.96 -12.25
N CYS I 175 35.94 2.03 -11.83
CA CYS I 175 36.24 0.62 -11.96
C CYS I 175 36.12 0.21 -13.43
N PRO I 176 37.10 -0.51 -13.99
CA PRO I 176 37.01 -0.91 -15.40
C PRO I 176 35.93 -1.93 -15.71
N LYS I 177 35.31 -2.54 -14.69
CA LYS I 177 34.26 -3.53 -14.94
C LYS I 177 33.02 -2.88 -15.53
N VAL I 178 32.79 -1.60 -15.24
CA VAL I 178 31.64 -0.87 -15.76
C VAL I 178 32.16 0.24 -16.66
N SER I 179 31.28 0.72 -17.54
CA SER I 179 31.61 1.80 -18.47
C SER I 179 30.61 2.94 -18.31
N PHE I 180 30.88 4.03 -19.03
CA PHE I 180 30.05 5.23 -18.99
C PHE I 180 29.10 5.32 -20.18
N GLU I 181 28.57 4.20 -20.64
CA GLU I 181 27.64 4.22 -21.77
C GLU I 181 26.28 4.75 -21.33
N PRO I 182 25.79 5.83 -21.92
CA PRO I 182 24.48 6.38 -21.53
C PRO I 182 23.30 5.65 -22.18
N ILE I 183 22.91 4.54 -21.55
CA ILE I 183 21.80 3.71 -22.02
C ILE I 183 20.51 4.47 -21.82
N PRO I 184 19.49 4.27 -22.67
CA PRO I 184 18.23 5.00 -22.49
C PRO I 184 17.49 4.55 -21.23
N ILE I 185 16.82 5.51 -20.60
CA ILE I 185 16.06 5.27 -19.38
C ILE I 185 14.69 5.92 -19.52
N HIS I 186 13.67 5.25 -19.00
CA HIS I 186 12.29 5.73 -19.05
C HIS I 186 11.83 6.06 -17.64
N TYR I 187 11.38 7.29 -17.44
CA TYR I 187 10.90 7.74 -16.14
C TYR I 187 9.40 7.54 -16.08
N CYS I 188 8.94 6.63 -15.23
CA CYS I 188 7.51 6.37 -15.11
C CYS I 188 6.99 6.76 -13.74
N ALA I 189 5.78 7.32 -13.74
CA ALA I 189 5.10 7.80 -12.56
C ALA I 189 4.29 6.68 -11.90
N PRO I 190 4.12 6.74 -10.57
CA PRO I 190 3.34 5.70 -9.88
C PRO I 190 1.84 5.87 -10.09
N ALA I 191 1.06 5.07 -9.37
CA ALA I 191 -0.39 5.13 -9.47
C ALA I 191 -0.93 6.47 -9.00
N GLY I 192 -1.99 6.94 -9.63
CA GLY I 192 -2.60 8.21 -9.29
C GLY I 192 -1.99 9.41 -9.97
N PHE I 193 -1.07 9.21 -10.91
CA PHE I 193 -0.44 10.30 -11.64
C PHE I 193 -0.41 9.96 -13.12
N ALA I 194 -0.37 11.00 -13.95
CA ALA I 194 -0.34 10.82 -15.40
C ALA I 194 0.74 11.70 -16.01
N ILE I 195 1.21 11.29 -17.19
CA ILE I 195 2.24 12.01 -17.92
C ILE I 195 1.65 12.47 -19.25
N LEU I 196 1.72 13.76 -19.50
CA LEU I 196 1.20 14.38 -20.71
C LEU I 196 2.34 14.93 -21.54
N LYS I 197 2.28 14.70 -22.85
CA LYS I 197 3.29 15.18 -23.77
C LYS I 197 2.68 16.10 -24.81
N CYS I 198 3.48 17.06 -25.27
CA CYS I 198 3.05 18.01 -26.29
C CYS I 198 3.54 17.51 -27.64
N LYS I 199 2.62 17.15 -28.52
CA LYS I 199 2.96 16.64 -29.84
C LYS I 199 3.04 17.73 -30.90
N ASP I 200 3.00 19.00 -30.51
CA ASP I 200 3.08 20.09 -31.48
C ASP I 200 4.50 20.20 -32.01
N LYS I 201 4.63 20.25 -33.34
CA LYS I 201 5.95 20.37 -33.95
C LYS I 201 6.54 21.75 -33.75
N LYS I 202 5.69 22.78 -33.74
CA LYS I 202 6.09 24.17 -33.55
C LYS I 202 5.83 24.62 -32.11
N PHE I 203 6.06 23.73 -31.15
CA PHE I 203 5.81 24.05 -29.74
C PHE I 203 6.77 25.12 -29.24
N ASN I 204 6.20 26.13 -28.59
CA ASN I 204 6.91 27.26 -28.01
C ASN I 204 7.59 26.81 -26.72
N GLY I 205 8.45 27.68 -26.18
CA GLY I 205 9.13 27.36 -24.94
C GLY I 205 8.16 27.30 -23.76
N THR I 206 7.17 28.19 -23.75
CA THR I 206 6.17 28.24 -22.69
C THR I 206 4.86 28.71 -23.29
N GLY I 207 3.81 27.90 -23.12
CA GLY I 207 2.51 28.22 -23.64
C GLY I 207 1.62 26.99 -23.76
N PRO I 208 0.39 27.20 -24.21
CA PRO I 208 -0.53 26.06 -24.36
C PRO I 208 -0.16 25.21 -25.56
N CYS I 209 -0.47 23.92 -25.46
CA CYS I 209 -0.18 22.98 -26.54
C CYS I 209 -1.48 22.43 -27.11
N PRO I 210 -1.76 22.64 -28.39
CA PRO I 210 -3.02 22.13 -28.97
C PRO I 210 -3.09 20.63 -29.11
N SER I 211 -1.95 19.92 -29.15
CA SER I 211 -1.95 18.46 -29.29
C SER I 211 -1.30 17.84 -28.05
N VAL I 212 -2.14 17.44 -27.10
CA VAL I 212 -1.71 16.83 -25.85
C VAL I 212 -1.97 15.34 -25.94
N SER I 213 -1.01 14.53 -25.49
CA SER I 213 -1.18 13.09 -25.52
C SER I 213 -0.76 12.47 -24.19
N THR I 214 -1.63 11.66 -23.61
CA THR I 214 -1.35 10.98 -22.37
C THR I 214 -0.53 9.73 -22.70
N VAL I 215 0.64 9.61 -22.05
CA VAL I 215 1.56 8.47 -22.33
C VAL I 215 1.88 7.76 -21.02
N GLN I 216 2.18 6.46 -21.07
CA GLN I 216 2.54 5.68 -19.86
C GLN I 216 3.76 6.33 -19.22
N CYS I 217 4.86 6.49 -19.97
CA CYS I 217 6.02 7.23 -19.41
C CYS I 217 7.00 7.71 -20.50
N THR I 218 8.05 8.42 -20.09
CA THR I 218 9.00 9.04 -21.05
C THR I 218 9.62 8.04 -22.03
N HIS I 219 10.08 8.54 -23.18
CA HIS I 219 10.73 7.67 -24.18
C HIS I 219 12.20 7.47 -23.80
N GLY I 220 12.96 6.72 -24.60
CA GLY I 220 14.37 6.55 -24.35
C GLY I 220 15.10 7.88 -24.18
N ILE I 221 15.53 8.16 -22.96
CA ILE I 221 16.24 9.39 -22.63
C ILE I 221 17.71 9.05 -22.42
N LYS I 222 18.58 9.70 -23.19
CA LYS I 222 20.01 9.46 -23.08
C LYS I 222 20.62 10.41 -22.05
N PRO I 223 21.19 9.89 -20.95
CA PRO I 223 21.81 10.78 -19.94
C PRO I 223 23.21 11.20 -20.35
N VAL I 224 23.29 11.99 -21.42
CA VAL I 224 24.57 12.46 -21.93
C VAL I 224 25.10 13.57 -21.03
N VAL I 225 26.42 13.74 -21.03
CA VAL I 225 27.09 14.75 -20.23
C VAL I 225 27.82 15.70 -21.17
N SER I 226 27.45 16.97 -21.14
CA SER I 226 28.07 17.97 -21.98
C SER I 226 27.92 19.33 -21.32
N THR I 227 28.79 20.27 -21.71
CA THR I 227 28.77 21.62 -21.16
C THR I 227 28.67 22.73 -22.19
N GLN I 228 28.93 22.46 -23.47
CA GLN I 228 28.84 23.53 -24.46
C GLN I 228 27.95 23.19 -25.64
N LEU I 229 27.99 21.94 -26.10
CA LEU I 229 27.17 21.51 -27.23
C LEU I 229 26.41 20.25 -26.86
N LEU I 230 25.09 20.27 -27.06
CA LEU I 230 24.28 19.11 -26.75
C LEU I 230 24.47 18.07 -27.84
N LEU I 231 24.79 16.84 -27.43
CA LEU I 231 25.03 15.76 -28.38
C LEU I 231 24.27 14.51 -27.94
N ASN I 232 23.98 13.65 -28.92
CA ASN I 232 23.25 12.40 -28.78
C ASN I 232 21.84 12.57 -28.23
N GLY I 233 21.22 13.73 -28.43
CA GLY I 233 19.88 13.99 -27.94
C GLY I 233 18.82 13.73 -28.99
N SER I 234 17.63 14.26 -28.73
CA SER I 234 16.51 14.11 -29.64
C SER I 234 16.50 15.25 -30.66
N LEU I 235 16.31 14.89 -31.92
CA LEU I 235 16.29 15.87 -33.00
C LEU I 235 14.96 16.63 -33.01
N ALA I 236 14.97 17.76 -33.71
CA ALA I 236 13.77 18.58 -33.81
C ALA I 236 12.76 17.94 -34.74
N GLU I 237 11.52 18.45 -34.70
CA GLU I 237 10.47 17.91 -35.54
C GLU I 237 10.64 18.32 -37.00
N GLU I 238 10.61 19.62 -37.27
CA GLU I 238 10.74 20.08 -38.66
C GLU I 238 11.71 21.24 -38.88
N GLU I 239 12.03 22.05 -37.88
CA GLU I 239 12.94 23.17 -38.08
C GLU I 239 13.63 23.50 -36.76
N VAL I 240 14.51 24.51 -36.82
CA VAL I 240 15.25 24.97 -35.65
C VAL I 240 14.29 25.63 -34.67
N MET I 241 14.58 25.48 -33.38
CA MET I 241 13.75 26.06 -32.34
C MET I 241 14.62 26.67 -31.25
N ILE I 242 14.19 27.84 -30.76
CA ILE I 242 14.87 28.59 -29.70
C ILE I 242 14.03 28.49 -28.44
N ARG I 243 14.64 28.07 -27.34
CA ARG I 243 13.94 27.93 -26.06
C ARG I 243 14.67 28.70 -24.97
N SER I 244 13.90 29.39 -24.15
CA SER I 244 14.42 30.18 -23.03
C SER I 244 13.25 30.58 -22.14
N GLU I 245 13.56 30.77 -20.85
CA GLU I 245 12.52 31.19 -19.92
C GLU I 245 12.15 32.65 -20.13
N ASN I 246 13.11 33.45 -20.61
CA ASN I 246 12.90 34.87 -20.88
C ASN I 246 13.94 35.24 -21.94
N ILE I 247 13.48 35.46 -23.17
CA ILE I 247 14.38 35.79 -24.28
C ILE I 247 15.01 37.17 -24.08
N THR I 248 14.28 38.10 -23.47
CA THR I 248 14.83 39.44 -23.25
C THR I 248 15.79 39.49 -22.08
N ASN I 249 15.83 38.45 -21.25
CA ASN I 249 16.74 38.42 -20.11
C ASN I 249 18.15 38.12 -20.59
N ASN I 250 19.11 38.92 -20.14
CA ASN I 250 20.50 38.72 -20.55
C ASN I 250 21.15 37.55 -19.83
N ALA I 251 20.83 37.35 -18.55
CA ALA I 251 21.42 36.27 -17.77
C ALA I 251 20.78 34.91 -18.02
N LYS I 252 19.64 34.86 -18.71
CA LYS I 252 18.97 33.60 -18.97
C LYS I 252 19.65 32.86 -20.13
N ASN I 253 19.80 31.55 -19.96
CA ASN I 253 20.42 30.72 -20.98
C ASN I 253 19.50 30.53 -22.17
N ILE I 254 20.10 30.23 -23.32
CA ILE I 254 19.39 30.01 -24.57
C ILE I 254 19.68 28.59 -25.03
N LEU I 255 18.64 27.82 -25.33
CA LEU I 255 18.79 26.45 -25.80
C LEU I 255 18.28 26.38 -27.23
N VAL I 256 19.18 26.06 -28.16
CA VAL I 256 18.81 25.96 -29.57
C VAL I 256 18.85 24.49 -29.99
N GLN I 257 17.79 24.06 -30.67
CA GLN I 257 17.68 22.69 -31.15
C GLN I 257 17.44 22.71 -32.65
N PHE I 258 18.17 21.87 -33.38
CA PHE I 258 18.08 21.81 -34.83
C PHE I 258 17.87 20.37 -35.30
N ASN I 259 17.03 20.24 -36.33
CA ASN I 259 16.60 18.98 -36.91
C ASN I 259 17.68 18.15 -37.60
N THR I 260 18.50 18.73 -38.47
CA THR I 260 19.52 17.93 -39.15
C THR I 260 20.83 17.94 -38.35
N PRO I 261 21.19 16.83 -37.72
CA PRO I 261 22.42 16.81 -36.91
C PRO I 261 23.68 16.82 -37.74
N VAL I 262 24.76 17.28 -37.11
CA VAL I 262 26.08 17.34 -37.72
C VAL I 262 26.94 16.30 -36.99
N GLN I 263 27.74 15.57 -37.75
CA GLN I 263 28.58 14.53 -37.17
C GLN I 263 29.95 15.07 -36.79
N ILE I 264 30.42 14.64 -35.62
CA ILE I 264 31.73 15.01 -35.11
C ILE I 264 32.51 13.72 -34.89
N ASN I 265 33.77 13.73 -35.30
CA ASN I 265 34.67 12.59 -35.18
C ASN I 265 35.83 13.00 -34.29
N CYS I 266 35.87 12.45 -33.09
CA CYS I 266 36.91 12.74 -32.13
C CYS I 266 37.87 11.57 -32.04
N THR I 267 39.16 11.87 -31.92
CA THR I 267 40.15 10.81 -31.86
C THR I 267 41.24 11.15 -30.85
N ARG I 268 41.79 10.08 -30.28
CA ARG I 268 42.89 10.12 -29.30
C ARG I 268 43.93 9.18 -29.90
N PRO I 269 44.83 9.72 -30.74
CA PRO I 269 45.85 8.86 -31.38
C PRO I 269 46.92 8.29 -30.46
N ASN I 270 46.93 8.63 -29.18
CA ASN I 270 47.95 8.10 -28.28
C ASN I 270 47.62 6.65 -27.93
N ASN I 271 48.47 5.73 -28.36
CA ASN I 271 48.27 4.30 -28.10
C ASN I 271 48.92 3.91 -26.77
N ASN I 272 48.39 4.49 -25.70
CA ASN I 272 48.90 4.23 -24.36
C ASN I 272 48.51 2.83 -23.89
N THR I 273 49.29 2.31 -22.94
CA THR I 273 49.08 0.99 -22.37
C THR I 273 48.74 1.12 -20.88
N ARG I 274 47.63 0.52 -20.49
CA ARG I 274 47.20 0.55 -19.10
C ARG I 274 48.03 -0.42 -18.27
N LYS I 275 48.47 0.03 -17.10
CA LYS I 275 49.29 -0.78 -16.21
C LYS I 275 48.61 -0.91 -14.86
N SER I 276 48.60 -2.12 -14.31
CA SER I 276 47.99 -2.41 -13.03
C SER I 276 49.06 -2.42 -11.96
N ILE I 277 48.84 -1.65 -10.89
CA ILE I 277 49.79 -1.51 -9.79
C ILE I 277 49.09 -1.97 -8.50
N ARG I 278 49.68 -2.93 -7.81
CA ARG I 278 49.11 -3.39 -6.55
C ARG I 278 49.41 -2.36 -5.48
N ILE I 279 48.38 -1.71 -4.96
CA ILE I 279 48.55 -0.68 -3.93
C ILE I 279 47.98 -1.13 -2.59
N GLY I 280 47.79 -2.43 -2.41
CA GLY I 280 47.26 -2.95 -1.17
C GLY I 280 46.55 -4.27 -1.37
N PRO I 281 45.81 -4.72 -0.36
CA PRO I 281 45.09 -5.99 -0.49
C PRO I 281 43.89 -5.88 -1.41
N GLY I 282 44.03 -6.43 -2.62
CA GLY I 282 42.97 -6.40 -3.60
C GLY I 282 42.73 -5.05 -4.25
N GLN I 283 43.60 -4.08 -4.03
CA GLN I 283 43.47 -2.74 -4.61
C GLN I 283 44.45 -2.58 -5.75
N ALA I 284 43.92 -2.33 -6.95
CA ALA I 284 44.73 -2.17 -8.15
C ALA I 284 44.54 -0.78 -8.71
N PHE I 285 45.65 -0.05 -8.85
CA PHE I 285 45.66 1.29 -9.40
C PHE I 285 46.04 1.18 -10.87
N TYR I 286 45.19 1.69 -11.74
CA TYR I 286 45.42 1.62 -13.18
C TYR I 286 46.06 2.93 -13.63
N ALA I 287 47.33 2.86 -14.01
CA ALA I 287 48.09 4.02 -14.45
C ALA I 287 48.41 3.93 -15.93
N THR I 288 48.90 5.05 -16.47
CA THR I 288 49.26 5.13 -17.87
C THR I 288 50.72 4.71 -18.05
N GLY I 289 50.94 3.66 -18.83
CA GLY I 289 52.28 3.17 -19.07
C GLY I 289 52.94 3.92 -20.22
N ASP I 290 53.94 3.27 -20.80
CA ASP I 290 54.66 3.85 -21.92
C ASP I 290 53.79 3.89 -23.16
N ILE I 291 53.77 5.04 -23.82
CA ILE I 291 52.98 5.24 -25.03
C ILE I 291 53.84 4.79 -26.20
N ILE I 292 53.46 3.66 -26.80
CA ILE I 292 54.20 3.13 -27.94
C ILE I 292 53.75 3.84 -29.21
N GLY I 293 54.62 3.85 -30.21
CA GLY I 293 54.30 4.51 -31.46
C GLY I 293 54.41 6.03 -31.35
N ASP I 294 53.84 6.69 -32.35
CA ASP I 294 53.85 8.14 -32.39
C ASP I 294 52.86 8.72 -31.38
N ILE I 295 53.10 9.97 -31.00
CA ILE I 295 52.27 10.70 -30.04
C ILE I 295 51.72 11.94 -30.74
N ARG I 296 50.44 12.23 -30.51
CA ARG I 296 49.80 13.38 -31.12
C ARG I 296 48.64 13.82 -30.24
N GLN I 297 48.32 15.11 -30.31
CA GLN I 297 47.24 15.68 -29.51
C GLN I 297 45.88 15.17 -29.97
N ALA I 298 45.01 14.86 -29.01
CA ALA I 298 43.67 14.40 -29.31
C ALA I 298 42.86 15.55 -29.88
N HIS I 299 42.03 15.27 -30.89
CA HIS I 299 41.28 16.36 -31.49
C HIS I 299 39.99 15.84 -32.10
N CYS I 300 39.08 16.77 -32.39
CA CYS I 300 37.80 16.47 -32.99
C CYS I 300 37.68 17.18 -34.33
N ASN I 301 36.91 16.59 -35.23
CA ASN I 301 36.68 17.11 -36.57
C ASN I 301 35.18 17.24 -36.81
N VAL I 302 34.80 18.31 -37.51
CA VAL I 302 33.41 18.58 -37.86
C VAL I 302 33.38 19.05 -39.31
N SER I 303 32.29 18.77 -40.01
CA SER I 303 32.20 19.20 -41.41
C SER I 303 31.96 20.70 -41.49
N LYS I 304 32.69 21.37 -42.38
CA LYS I 304 32.58 22.82 -42.54
C LYS I 304 31.25 23.22 -43.17
N ALA I 305 30.83 22.52 -44.22
CA ALA I 305 29.58 22.84 -44.91
C ALA I 305 28.36 22.61 -44.02
N THR I 306 28.31 21.49 -43.31
CA THR I 306 27.18 21.20 -42.44
C THR I 306 27.12 22.16 -41.27
N TRP I 307 28.28 22.51 -40.70
CA TRP I 307 28.30 23.46 -39.59
C TRP I 307 27.88 24.85 -40.05
N ASN I 308 28.30 25.24 -41.25
CA ASN I 308 27.91 26.55 -41.78
C ASN I 308 26.42 26.60 -42.06
N GLU I 309 25.86 25.49 -42.59
CA GLU I 309 24.43 25.44 -42.85
C GLU I 309 23.64 25.47 -41.56
N THR I 310 24.12 24.76 -40.53
CA THR I 310 23.45 24.75 -39.23
C THR I 310 23.50 26.14 -38.60
N LEU I 311 24.66 26.81 -38.70
CA LEU I 311 24.78 28.16 -38.16
C LEU I 311 23.86 29.12 -38.90
N GLY I 312 23.74 28.96 -40.22
CA GLY I 312 22.85 29.82 -40.99
C GLY I 312 21.40 29.62 -40.61
N LYS I 313 21.01 28.36 -40.37
CA LYS I 313 19.64 28.08 -39.96
C LYS I 313 19.35 28.63 -38.57
N VAL I 314 20.33 28.53 -37.67
CA VAL I 314 20.18 29.06 -36.31
C VAL I 314 20.06 30.58 -36.37
N VAL I 315 20.86 31.23 -37.22
CA VAL I 315 20.82 32.69 -37.37
C VAL I 315 19.47 33.11 -37.94
N LYS I 316 18.97 32.38 -38.94
CA LYS I 316 17.68 32.70 -39.55
C LYS I 316 16.55 32.52 -38.54
N GLN I 317 16.63 31.48 -37.70
CA GLN I 317 15.59 31.27 -36.70
C GLN I 317 15.68 32.27 -35.55
N LEU I 318 16.87 32.77 -35.25
CA LEU I 318 17.04 33.74 -34.18
C LEU I 318 16.73 35.16 -34.64
N ARG I 319 16.79 35.41 -35.95
CA ARG I 319 16.52 36.76 -36.46
C ARG I 319 15.05 37.13 -36.31
N LYS I 320 14.14 36.16 -36.18
CA LYS I 320 12.74 36.50 -36.03
C LYS I 320 12.42 36.96 -34.61
N HIS I 321 13.28 36.62 -33.63
CA HIS I 321 13.06 37.03 -32.26
C HIS I 321 13.54 38.46 -32.01
N PHE I 322 14.32 39.01 -32.94
CA PHE I 322 14.85 40.37 -32.84
C PHE I 322 14.54 41.11 -34.14
N GLY I 323 15.16 42.27 -34.32
CA GLY I 323 14.93 43.03 -35.54
C GLY I 323 15.60 42.38 -36.74
N ASN I 324 15.05 42.63 -37.92
CA ASN I 324 15.62 42.06 -39.14
C ASN I 324 16.84 42.82 -39.64
N ASN I 325 17.10 44.02 -39.11
CA ASN I 325 18.24 44.81 -39.53
C ASN I 325 19.48 44.64 -38.65
N THR I 326 19.34 44.06 -37.47
CA THR I 326 20.50 43.89 -36.59
C THR I 326 21.37 42.75 -37.09
N ILE I 327 22.65 42.79 -36.69
CA ILE I 327 23.63 41.77 -37.08
C ILE I 327 24.00 41.00 -35.82
N ILE I 328 24.45 39.75 -35.99
CA ILE I 328 24.81 38.93 -34.84
C ILE I 328 26.16 38.25 -35.07
N ARG I 329 27.00 38.29 -34.04
CA ARG I 329 28.35 37.73 -34.08
C ARG I 329 28.52 36.66 -33.01
N PHE I 330 29.19 35.57 -33.36
CA PHE I 330 29.45 34.47 -32.44
C PHE I 330 30.87 34.62 -31.91
N ALA I 331 31.01 34.58 -30.58
CA ALA I 331 32.29 34.70 -29.92
C ALA I 331 32.57 33.44 -29.12
N ASN I 332 33.82 33.28 -28.69
CA ASN I 332 34.20 32.10 -27.92
C ASN I 332 33.74 32.25 -26.46
N SER I 333 34.20 31.33 -25.61
CA SER I 333 33.82 31.35 -24.21
C SER I 333 34.31 32.59 -23.48
N SER I 334 33.52 33.04 -22.50
CA SER I 334 33.87 34.23 -21.74
C SER I 334 35.07 34.00 -20.83
N GLY I 335 35.12 32.84 -20.19
CA GLY I 335 36.22 32.51 -19.31
C GLY I 335 35.73 31.69 -18.13
N GLY I 336 36.53 31.70 -17.07
CA GLY I 336 36.23 30.96 -15.87
C GLY I 336 37.02 29.66 -15.78
N ASP I 337 36.40 28.68 -15.12
CA ASP I 337 37.03 27.38 -14.97
C ASP I 337 36.96 26.61 -16.27
N LEU I 338 37.73 25.52 -16.33
CA LEU I 338 37.79 24.68 -17.53
C LEU I 338 36.48 23.92 -17.77
N GLU I 339 35.63 23.80 -16.76
CA GLU I 339 34.38 23.07 -16.90
C GLU I 339 33.40 23.76 -17.85
N VAL I 340 33.43 25.10 -17.90
CA VAL I 340 32.49 25.82 -18.76
C VAL I 340 33.16 26.55 -19.92
N THR I 341 34.48 26.75 -19.87
CA THR I 341 35.10 27.47 -20.97
C THR I 341 35.41 26.57 -22.17
N THR I 342 35.31 25.25 -22.02
CA THR I 342 35.60 24.33 -23.10
C THR I 342 34.54 23.24 -23.12
N HIS I 343 34.36 22.62 -24.28
CA HIS I 343 33.39 21.55 -24.43
C HIS I 343 33.94 20.28 -23.81
N SER I 344 33.31 19.81 -22.73
CA SER I 344 33.74 18.61 -22.03
C SER I 344 32.73 17.50 -22.26
N PHE I 345 33.23 16.33 -22.66
CA PHE I 345 32.37 15.19 -22.90
C PHE I 345 33.14 13.91 -22.62
N ASN I 346 32.46 12.77 -22.80
CA ASN I 346 33.04 11.46 -22.54
C ASN I 346 32.89 10.54 -23.74
N CYS I 347 33.98 9.85 -24.07
CA CYS I 347 34.02 8.89 -25.18
C CYS I 347 34.94 7.75 -24.79
N GLY I 348 34.40 6.53 -24.80
CA GLY I 348 35.13 5.31 -24.46
C GLY I 348 35.75 5.32 -23.09
N GLY I 349 35.15 6.07 -22.15
CA GLY I 349 35.66 6.18 -20.81
C GLY I 349 36.66 7.30 -20.63
N GLU I 350 37.05 7.99 -21.71
CA GLU I 350 38.00 9.08 -21.63
C GLU I 350 37.26 10.41 -21.70
N PHE I 351 37.72 11.39 -20.92
CA PHE I 351 37.12 12.72 -20.88
C PHE I 351 37.87 13.65 -21.81
N PHE I 352 37.13 14.35 -22.67
CA PHE I 352 37.69 15.29 -23.63
C PHE I 352 37.26 16.71 -23.32
N TYR I 353 38.23 17.63 -23.42
CA TYR I 353 38.05 19.07 -23.21
C TYR I 353 38.52 19.74 -24.51
N CYS I 354 37.57 20.07 -25.37
CA CYS I 354 37.88 20.69 -26.65
C CYS I 354 37.62 22.18 -26.66
N ASN I 355 38.55 22.93 -27.26
CA ASN I 355 38.47 24.38 -27.39
C ASN I 355 37.60 24.68 -28.60
N THR I 356 36.36 25.12 -28.34
CA THR I 356 35.40 25.43 -29.39
C THR I 356 35.49 26.85 -29.91
N SER I 357 36.66 27.49 -29.83
CA SER I 357 36.79 28.85 -30.34
C SER I 357 36.75 28.89 -31.87
N GLY I 358 37.06 27.77 -32.52
CA GLY I 358 37.05 27.73 -33.98
C GLY I 358 35.65 27.66 -34.57
N LEU I 359 34.66 27.26 -33.78
CA LEU I 359 33.29 27.17 -34.28
C LEU I 359 32.55 28.50 -34.17
N PHE I 360 32.70 29.19 -33.05
CA PHE I 360 32.04 30.48 -32.83
C PHE I 360 32.99 31.63 -33.17
N ASN I 361 33.29 31.74 -34.46
CA ASN I 361 34.19 32.78 -34.95
C ASN I 361 33.66 33.35 -36.26
N SER I 362 32.36 33.64 -36.30
CA SER I 362 31.76 34.17 -37.52
C SER I 362 30.72 35.23 -37.19
N THR I 363 30.54 36.14 -38.15
CA THR I 363 29.58 37.23 -38.06
C THR I 363 28.49 36.98 -39.09
N TRP I 364 27.31 37.54 -38.83
CA TRP I 364 26.17 37.39 -39.72
C TRP I 364 25.51 38.75 -39.90
N ILE I 365 25.54 39.20 -41.15
CA ILE I 365 24.99 40.48 -41.59
C ILE I 365 23.64 40.16 -42.24
N SER I 366 22.73 41.12 -42.22
CA SER I 366 21.41 40.91 -42.83
C SER I 366 21.55 40.77 -44.33
N ASN I 367 20.84 39.79 -44.89
CA ASN I 367 20.82 39.45 -46.33
C ASN I 367 22.21 39.13 -46.86
N ASN I 379 39.51 17.92 -46.42
CA ASN I 379 39.68 19.08 -47.30
C ASN I 379 38.79 20.24 -46.88
N ASP I 380 37.62 19.91 -46.34
CA ASP I 380 36.64 20.88 -45.87
C ASP I 380 36.13 20.50 -44.50
N SER I 381 37.05 20.23 -43.57
CA SER I 381 36.70 19.84 -42.21
C SER I 381 37.41 20.72 -41.20
N ILE I 382 36.66 21.24 -40.24
CA ILE I 382 37.20 22.07 -39.17
C ILE I 382 37.69 21.16 -38.06
N THR I 383 38.95 21.33 -37.68
CA THR I 383 39.55 20.54 -36.61
C THR I 383 39.74 21.42 -35.39
N LEU I 384 39.54 20.84 -34.21
CA LEU I 384 39.69 21.56 -32.95
C LEU I 384 40.42 20.67 -31.96
N PRO I 385 41.50 21.15 -31.35
CA PRO I 385 42.27 20.33 -30.41
C PRO I 385 41.52 20.11 -29.10
N CYS I 386 41.84 18.99 -28.47
CA CYS I 386 41.23 18.61 -27.21
C CYS I 386 42.30 18.13 -26.24
N ARG I 387 42.00 18.25 -24.95
CA ARG I 387 42.87 17.82 -23.87
C ARG I 387 42.18 16.73 -23.06
N ILE I 388 42.98 15.86 -22.46
CA ILE I 388 42.47 14.76 -21.66
C ILE I 388 42.82 15.04 -20.20
N LYS I 389 41.81 14.97 -19.34
CA LYS I 389 41.97 15.22 -17.91
C LYS I 389 41.56 13.97 -17.14
N GLN I 390 42.48 13.45 -16.33
CA GLN I 390 42.20 12.26 -15.54
C GLN I 390 41.45 12.59 -14.26
N ILE I 391 41.88 13.63 -13.53
CA ILE I 391 41.21 14.03 -12.30
C ILE I 391 39.99 14.85 -12.73
N ILE I 392 38.85 14.19 -12.85
CA ILE I 392 37.61 14.81 -13.27
C ILE I 392 36.66 14.95 -12.09
N ASN I 393 36.03 16.12 -11.97
CA ASN I 393 35.04 16.33 -10.88
C ASN I 393 33.69 16.69 -11.52
N MET I 394 32.93 15.69 -11.94
CA MET I 394 31.66 15.95 -12.68
C MET I 394 30.58 16.46 -11.73
N TRP I 395 29.51 17.04 -12.29
CA TRP I 395 28.36 17.53 -11.48
C TRP I 395 28.77 18.75 -10.65
N GLN I 396 29.88 19.40 -11.03
CA GLN I 396 30.27 20.67 -10.36
C GLN I 396 30.16 20.52 -8.83
N ARG I 397 30.61 19.39 -8.28
CA ARG I 397 30.60 19.19 -6.82
C ARG I 397 32.02 19.35 -6.28
N ILE I 398 32.27 20.35 -5.45
CA ILE I 398 33.62 20.52 -4.83
C ILE I 398 33.95 19.22 -4.10
N GLY I 399 35.16 18.70 -4.28
CA GLY I 399 35.51 17.40 -3.68
C GLY I 399 34.79 16.27 -4.37
N GLN I 400 34.93 15.04 -3.87
CA GLN I 400 34.31 13.87 -4.54
C GLN I 400 34.71 13.87 -6.01
N CYS I 401 36.01 13.88 -6.30
CA CYS I 401 36.50 13.83 -7.70
C CYS I 401 36.44 12.38 -8.21
N MET I 402 36.78 12.13 -9.47
CA MET I 402 36.80 10.73 -9.97
C MET I 402 38.02 10.54 -10.86
N TYR I 403 38.91 9.63 -10.49
CA TYR I 403 40.11 9.31 -11.31
C TYR I 403 39.70 8.44 -12.49
N ALA I 404 39.81 8.98 -13.70
CA ALA I 404 39.50 8.20 -14.89
C ALA I 404 40.70 7.37 -15.29
N PRO I 405 40.61 6.03 -15.29
CA PRO I 405 41.77 5.23 -15.67
C PRO I 405 42.00 5.30 -17.17
N PRO I 406 43.25 5.11 -17.62
CA PRO I 406 43.52 5.16 -19.06
C PRO I 406 42.93 3.96 -19.78
N ILE I 407 42.56 4.18 -21.04
CA ILE I 407 41.98 3.14 -21.88
C ILE I 407 43.00 2.75 -22.93
N GLN I 408 43.29 1.45 -23.01
CA GLN I 408 44.26 0.94 -23.97
C GLN I 408 43.74 1.06 -25.40
N GLY I 409 44.61 1.47 -26.31
CA GLY I 409 44.25 1.62 -27.70
C GLY I 409 43.86 3.05 -28.04
N VAL I 410 43.65 3.27 -29.34
CA VAL I 410 43.26 4.56 -29.85
C VAL I 410 41.76 4.74 -29.67
N ILE I 411 41.36 5.82 -29.02
CA ILE I 411 39.95 6.12 -28.77
C ILE I 411 39.36 6.84 -29.97
N ARG I 412 38.31 6.25 -30.54
CA ARG I 412 37.60 6.81 -31.69
C ARG I 412 36.15 7.03 -31.26
N CYS I 413 35.68 8.27 -31.39
CA CYS I 413 34.33 8.64 -31.00
C CYS I 413 33.60 9.31 -32.17
N VAL I 414 32.35 8.92 -32.36
CA VAL I 414 31.51 9.48 -33.41
C VAL I 414 30.22 9.95 -32.74
N SER I 415 29.79 11.16 -33.07
CA SER I 415 28.58 11.67 -32.42
C SER I 415 27.83 12.64 -33.32
N ASN I 416 26.58 12.90 -32.95
CA ASN I 416 25.69 13.82 -33.65
C ASN I 416 25.34 14.95 -32.71
N ILE I 417 25.50 16.19 -33.16
CA ILE I 417 25.13 17.32 -32.33
C ILE I 417 23.64 17.58 -32.53
N THR I 418 22.88 17.63 -31.44
CA THR I 418 21.45 17.84 -31.50
C THR I 418 21.01 19.17 -30.90
N GLY I 419 21.96 20.02 -30.50
CA GLY I 419 21.58 21.30 -29.92
C GLY I 419 22.79 21.99 -29.33
N LEU I 420 22.59 23.26 -29.02
CA LEU I 420 23.64 24.09 -28.45
C LEU I 420 23.06 24.95 -27.33
N ILE I 421 23.94 25.40 -26.44
CA ILE I 421 23.59 26.24 -25.31
C ILE I 421 24.31 27.58 -25.53
N LEU I 422 23.56 28.60 -25.93
CA LEU I 422 24.10 29.92 -26.18
C LEU I 422 23.75 30.87 -25.05
N THR I 423 24.49 31.98 -24.98
CA THR I 423 24.28 33.00 -23.96
C THR I 423 24.59 34.35 -24.58
N ARG I 424 23.66 35.29 -24.46
CA ARG I 424 23.87 36.62 -25.02
C ARG I 424 24.74 37.45 -24.08
N ASP I 425 25.62 38.25 -24.67
CA ASP I 425 26.50 39.09 -23.87
C ASP I 425 25.76 40.33 -23.38
N GLY I 426 26.28 40.93 -22.33
CA GLY I 426 25.69 42.11 -21.74
C GLY I 426 25.91 43.37 -22.56
N GLY I 427 25.43 44.48 -22.00
CA GLY I 427 25.55 45.77 -22.64
C GLY I 427 24.42 46.07 -23.61
N SER I 428 24.47 45.45 -24.80
CA SER I 428 23.48 45.59 -25.87
C SER I 428 23.28 47.06 -26.25
N THR I 429 24.35 47.67 -26.75
CA THR I 429 24.33 49.07 -27.16
C THR I 429 23.51 49.29 -28.43
N ASN I 430 22.43 50.05 -28.31
CA ASN I 430 21.49 50.41 -29.39
C ASN I 430 20.86 49.20 -30.08
N SER I 431 20.78 48.06 -29.36
CA SER I 431 20.19 46.81 -29.85
C SER I 431 20.82 46.32 -31.16
N THR I 432 22.13 46.51 -31.31
CA THR I 432 22.83 46.09 -32.51
C THR I 432 24.10 45.33 -32.12
N THR I 433 24.56 44.49 -33.06
CA THR I 433 25.75 43.64 -32.93
C THR I 433 25.65 42.75 -31.68
N GLU I 434 24.67 41.86 -31.71
CA GLU I 434 24.44 40.94 -30.60
C GLU I 434 25.46 39.82 -30.69
N THR I 435 26.27 39.67 -29.64
CA THR I 435 27.30 38.64 -29.61
C THR I 435 26.84 37.49 -28.72
N PHE I 436 26.88 36.28 -29.27
CA PHE I 436 26.49 35.07 -28.55
C PHE I 436 27.71 34.22 -28.24
N ARG I 437 27.78 33.73 -27.01
CA ARG I 437 28.89 32.92 -26.56
C ARG I 437 28.38 31.62 -25.95
N PRO I 438 29.10 30.52 -26.13
CA PRO I 438 28.65 29.25 -25.55
C PRO I 438 28.89 29.22 -24.04
N GLY I 439 28.12 28.37 -23.37
CA GLY I 439 28.25 28.26 -21.93
C GLY I 439 27.29 27.26 -21.31
N GLY I 440 26.98 27.46 -20.02
CA GLY I 440 26.08 26.57 -19.32
C GLY I 440 26.78 25.76 -18.26
N GLY I 441 26.65 26.17 -17.00
CA GLY I 441 27.30 25.47 -15.90
C GLY I 441 26.50 24.28 -15.39
N ASP I 442 25.22 24.50 -15.10
CA ASP I 442 24.37 23.43 -14.60
C ASP I 442 24.04 22.43 -15.70
N MET I 443 23.86 21.17 -15.30
CA MET I 443 23.55 20.10 -16.24
C MET I 443 22.05 19.96 -16.49
N ARG I 444 21.22 20.67 -15.70
CA ARG I 444 19.77 20.60 -15.86
C ARG I 444 19.34 21.04 -17.24
N ASP I 445 20.00 22.07 -17.79
CA ASP I 445 19.69 22.55 -19.14
C ASP I 445 19.92 21.46 -20.17
N ASN I 446 20.90 20.58 -19.92
CA ASN I 446 21.19 19.47 -20.83
C ASN I 446 19.99 18.55 -20.98
N TRP I 447 19.16 18.47 -19.93
CA TRP I 447 17.97 17.65 -20.00
C TRP I 447 16.73 18.49 -20.27
N ARG I 448 16.85 19.82 -20.17
CA ARG I 448 15.69 20.69 -20.42
C ARG I 448 15.29 20.66 -21.89
N SER I 449 16.21 20.27 -22.77
CA SER I 449 15.91 20.15 -24.19
C SER I 449 15.36 18.77 -24.52
N GLU I 450 15.22 17.90 -23.51
CA GLU I 450 14.71 16.55 -23.71
C GLU I 450 13.41 16.29 -22.97
N LEU I 451 13.24 16.85 -21.79
CA LEU I 451 12.03 16.67 -21.00
C LEU I 451 11.05 17.83 -21.16
N TYR I 452 11.24 18.67 -22.17
CA TYR I 452 10.36 19.81 -22.38
C TYR I 452 8.97 19.40 -22.87
N LYS I 453 8.89 18.33 -23.66
CA LYS I 453 7.61 17.87 -24.16
C LYS I 453 6.76 17.26 -23.06
N TYR I 454 7.40 16.51 -22.17
CA TYR I 454 6.81 15.74 -21.09
C TYR I 454 6.48 16.59 -19.87
N LYS I 455 5.44 16.17 -19.16
CA LYS I 455 5.00 16.83 -17.92
C LYS I 455 4.22 15.81 -17.11
N VAL I 456 4.19 16.02 -15.79
CA VAL I 456 3.50 15.12 -14.88
C VAL I 456 2.39 15.89 -14.15
N VAL I 457 1.21 15.28 -14.05
CA VAL I 457 0.05 15.87 -13.40
C VAL I 457 -0.58 14.82 -12.49
N LYS I 458 -1.35 15.28 -11.50
CA LYS I 458 -2.05 14.40 -10.58
C LYS I 458 -3.51 14.37 -10.97
N ILE I 459 -4.07 13.17 -11.09
CA ILE I 459 -5.47 13.03 -11.49
C ILE I 459 -6.36 13.08 -10.26
N GLU I 460 -7.48 13.81 -10.38
CA GLU I 460 -8.46 13.96 -9.31
C GLU I 460 -9.73 13.23 -9.73
N PRO I 461 -10.04 12.08 -9.14
CA PRO I 461 -11.25 11.35 -9.54
C PRO I 461 -12.53 11.83 -8.88
N LEU I 462 -12.55 13.04 -8.33
CA LEU I 462 -13.74 13.56 -7.66
C LEU I 462 -14.43 14.62 -8.50
N GLY I 463 -15.74 14.46 -8.66
CA GLY I 463 -16.54 15.41 -9.41
C GLY I 463 -17.88 15.53 -8.73
N VAL I 464 -18.44 16.74 -8.73
CA VAL I 464 -19.72 17.00 -8.08
C VAL I 464 -20.77 17.57 -9.03
N ALA I 465 -20.78 17.09 -10.28
CA ALA I 465 -21.73 17.56 -11.28
C ALA I 465 -23.17 17.25 -10.87
N PRO I 466 -24.08 18.23 -10.93
CA PRO I 466 -25.47 17.98 -10.54
C PRO I 466 -26.39 17.57 -11.68
N THR I 467 -27.55 17.05 -11.33
CA THR I 467 -28.57 16.61 -12.29
C THR I 467 -29.93 16.68 -11.60
N ARG I 468 -30.93 16.03 -12.19
CA ARG I 468 -32.30 16.05 -11.67
C ARG I 468 -32.69 14.84 -10.83
N CYS I 469 -31.76 13.98 -10.46
CA CYS I 469 -32.13 12.82 -9.63
C CYS I 469 -32.24 13.23 -8.17
N LYS I 470 -32.96 12.43 -7.39
CA LYS I 470 -33.20 12.73 -5.99
C LYS I 470 -32.79 11.62 -5.01
N ARG I 471 -32.64 10.37 -5.48
CA ARG I 471 -32.29 9.14 -4.75
C ARG I 471 -33.51 8.66 -3.96
N ARG I 472 -33.72 7.35 -3.87
CA ARG I 472 -34.83 6.76 -3.14
C ARG I 472 -34.69 7.07 -1.65
N VAL I 473 -35.54 7.96 -1.16
CA VAL I 473 -35.51 8.34 0.25
C VAL I 473 -36.20 7.26 1.07
N VAL I 474 -35.70 7.03 2.27
CA VAL I 474 -36.27 6.02 3.15
C VAL I 474 -37.44 6.61 3.94
N GLU J 2 -36.83 -9.32 24.73
CA GLU J 2 -36.88 -7.86 24.68
C GLU J 2 -36.66 -7.38 23.25
N ASN J 3 -37.33 -6.28 22.88
CA ASN J 3 -37.23 -5.71 21.53
C ASN J 3 -36.01 -4.80 21.42
N LEU J 4 -34.84 -5.42 21.51
CA LEU J 4 -33.56 -4.71 21.41
C LEU J 4 -32.66 -5.47 20.44
N TRP J 5 -31.91 -4.73 19.63
CA TRP J 5 -31.01 -5.34 18.65
C TRP J 5 -29.68 -4.60 18.69
N VAL J 6 -28.58 -5.35 18.63
CA VAL J 6 -27.26 -4.73 18.67
C VAL J 6 -26.96 -4.05 17.34
N THR J 7 -26.24 -2.93 17.42
CA THR J 7 -25.87 -2.13 16.26
C THR J 7 -24.41 -1.76 16.41
N VAL J 8 -23.66 -1.83 15.31
CA VAL J 8 -22.24 -1.49 15.31
C VAL J 8 -22.07 -0.06 14.83
N TYR J 9 -21.14 0.65 15.45
CA TYR J 9 -20.82 2.03 15.15
C TYR J 9 -19.34 2.17 14.85
N TYR J 10 -19.04 2.99 13.86
CA TYR J 10 -17.68 3.27 13.42
C TYR J 10 -17.27 4.66 13.88
N GLY J 11 -15.98 4.83 14.09
CA GLY J 11 -15.44 6.11 14.54
C GLY J 11 -15.84 6.50 15.95
N VAL J 12 -15.93 5.52 16.84
CA VAL J 12 -16.31 5.75 18.24
C VAL J 12 -15.06 6.14 19.03
N PRO J 13 -15.14 7.08 19.99
CA PRO J 13 -13.95 7.46 20.74
C PRO J 13 -13.55 6.52 21.87
N VAL J 14 -12.79 5.47 21.54
CA VAL J 14 -12.30 4.49 22.50
C VAL J 14 -10.78 4.59 22.52
N TRP J 15 -10.21 4.66 23.73
CA TRP J 15 -8.78 4.81 23.91
C TRP J 15 -8.14 3.57 24.51
N LYS J 16 -7.09 3.10 23.85
CA LYS J 16 -6.32 1.94 24.31
C LYS J 16 -4.86 2.35 24.42
N ASP J 17 -4.12 1.72 25.32
CA ASP J 17 -2.72 2.05 25.48
C ASP J 17 -1.88 1.09 24.64
N ALA J 18 -1.09 1.66 23.72
CA ALA J 18 -0.26 0.84 22.86
C ALA J 18 0.97 1.60 22.42
N GLU J 19 1.93 0.86 21.86
CA GLU J 19 3.19 1.41 21.38
C GLU J 19 2.97 2.09 20.03
N THR J 20 3.56 3.28 19.87
CA THR J 20 3.40 4.02 18.63
C THR J 20 4.65 4.84 18.36
N THR J 21 5.14 4.76 17.12
CA THR J 21 6.32 5.51 16.69
C THR J 21 5.84 6.89 16.27
N LEU J 22 6.24 7.92 17.02
CA LEU J 22 5.84 9.29 16.74
C LEU J 22 6.56 9.85 15.51
N PHE J 23 6.07 11.00 15.05
CA PHE J 23 6.64 11.68 13.90
C PHE J 23 7.32 12.98 14.32
N CYS J 24 8.49 13.24 13.75
CA CYS J 24 9.24 14.45 14.05
C CYS J 24 8.65 15.66 13.34
N ALA J 25 8.83 16.84 13.94
CA ALA J 25 8.34 18.07 13.35
C ALA J 25 9.22 19.22 13.83
N SER J 26 9.38 20.21 12.95
CA SER J 26 10.19 21.37 13.26
C SER J 26 9.59 22.60 12.60
N ASP J 27 9.92 23.78 13.14
CA ASP J 27 9.41 25.03 12.60
C ASP J 27 10.03 25.38 11.25
N ALA J 28 11.25 24.89 10.98
CA ALA J 28 12.01 25.12 9.74
C ALA J 28 12.17 26.61 9.40
N HIS J 36 19.58 29.12 7.20
CA HIS J 36 19.56 27.75 6.71
C HIS J 36 19.42 26.76 7.88
N ASN J 37 18.84 25.60 7.59
CA ASN J 37 18.66 24.58 8.61
C ASN J 37 20.00 23.97 9.01
N VAL J 38 20.08 23.50 10.25
CA VAL J 38 21.30 22.91 10.76
C VAL J 38 20.90 21.77 11.71
N TRP J 39 21.89 21.02 12.22
CA TRP J 39 21.79 19.88 13.14
C TRP J 39 21.07 18.68 12.49
N ALA J 40 20.94 18.72 11.16
CA ALA J 40 20.34 17.67 10.32
C ALA J 40 18.91 17.31 10.73
N THR J 41 18.11 18.30 11.15
CA THR J 41 16.73 18.02 11.52
C THR J 41 15.78 18.09 10.34
N HIS J 42 16.29 18.28 9.13
CA HIS J 42 15.48 18.35 7.91
C HIS J 42 15.01 16.98 7.43
N ALA J 43 15.41 15.91 8.09
CA ALA J 43 15.00 14.56 7.72
C ALA J 43 13.54 14.26 8.04
N CYS J 44 12.90 15.08 8.87
CA CYS J 44 11.51 14.90 9.23
C CYS J 44 10.69 16.04 8.63
N VAL J 45 9.40 15.77 8.43
CA VAL J 45 8.48 16.76 7.85
C VAL J 45 8.31 17.94 8.81
N PRO J 46 8.25 19.18 8.32
CA PRO J 46 8.07 20.32 9.22
C PRO J 46 6.68 20.32 9.84
N THR J 47 6.56 21.04 10.95
CA THR J 47 5.30 21.12 11.67
C THR J 47 4.26 21.91 10.88
N ASP J 48 3.00 21.63 11.16
CA ASP J 48 1.91 22.32 10.49
C ASP J 48 1.60 23.61 11.26
N PRO J 49 1.30 24.71 10.57
CA PRO J 49 0.99 25.96 11.29
C PRO J 49 -0.32 25.83 12.06
N ASN J 50 -0.40 26.61 13.17
CA ASN J 50 -1.49 26.71 14.16
C ASN J 50 -2.01 25.33 14.55
N PRO J 51 -1.27 24.58 15.38
CA PRO J 51 -1.72 23.25 15.79
C PRO J 51 -3.05 23.28 16.54
N GLN J 52 -3.88 22.27 16.29
CA GLN J 52 -5.19 22.22 16.92
C GLN J 52 -5.12 21.69 18.35
N GLU J 53 -5.78 22.41 19.24
CA GLU J 53 -5.87 22.08 20.66
C GLU J 53 -7.35 21.88 20.97
N ILE J 54 -7.75 20.64 21.28
CA ILE J 54 -9.16 20.35 21.54
C ILE J 54 -9.30 19.90 22.99
N HIS J 55 -10.02 20.70 23.78
CA HIS J 55 -10.26 20.38 25.18
C HIS J 55 -11.25 19.22 25.27
N LEU J 56 -10.98 18.29 26.19
CA LEU J 56 -11.80 17.10 26.38
C LEU J 56 -12.35 17.14 27.80
N GLU J 57 -13.54 17.70 27.97
CA GLU J 57 -14.14 17.78 29.28
C GLU J 57 -14.96 16.51 29.58
N ASN J 58 -15.40 16.40 30.83
CA ASN J 58 -16.20 15.28 31.35
C ASN J 58 -15.47 13.94 31.22
N VAL J 59 -14.14 13.95 31.25
CA VAL J 59 -13.37 12.73 31.13
C VAL J 59 -12.06 12.91 31.90
N THR J 60 -11.65 11.84 32.60
CA THR J 60 -10.42 11.83 33.38
C THR J 60 -9.55 10.68 32.90
N GLU J 61 -8.31 10.98 32.56
CA GLU J 61 -7.36 10.00 32.09
C GLU J 61 -6.29 9.75 33.16
N GLU J 62 -6.00 8.48 33.41
CA GLU J 62 -5.03 8.09 34.43
C GLU J 62 -3.62 8.19 33.84
N PHE J 63 -3.04 9.37 34.00
CA PHE J 63 -1.68 9.61 33.51
C PHE J 63 -0.67 8.96 34.44
N ASN J 64 0.37 8.39 33.85
CA ASN J 64 1.41 7.73 34.63
C ASN J 64 2.74 7.87 33.89
N MET J 65 3.70 8.56 34.53
CA MET J 65 5.01 8.71 33.92
C MET J 65 5.88 7.54 34.34
N TRP J 66 7.17 7.60 33.99
CA TRP J 66 8.23 6.61 34.22
C TRP J 66 8.02 5.31 33.44
N LYS J 67 6.93 5.21 32.69
CA LYS J 67 6.61 4.04 31.87
C LYS J 67 6.22 4.45 30.46
N ASN J 68 6.09 5.74 30.18
CA ASN J 68 5.72 6.24 28.87
C ASN J 68 6.86 5.98 27.88
N ASN J 69 6.49 5.55 26.66
CA ASN J 69 7.48 5.24 25.64
C ASN J 69 7.91 6.47 24.85
N MET J 70 7.29 7.64 25.08
CA MET J 70 7.68 8.83 24.33
C MET J 70 9.10 9.27 24.70
N VAL J 71 9.44 9.20 25.98
CA VAL J 71 10.79 9.58 26.41
C VAL J 71 11.83 8.59 25.90
N GLU J 72 11.48 7.30 25.85
CA GLU J 72 12.41 6.30 25.34
C GLU J 72 12.63 6.49 23.85
N GLN J 73 11.56 6.78 23.11
CA GLN J 73 11.69 7.04 21.68
C GLN J 73 12.46 8.32 21.44
N MET J 74 12.29 9.32 22.30
CA MET J 74 13.03 10.58 22.15
C MET J 74 14.52 10.35 22.40
N HIS J 75 14.85 9.50 23.38
CA HIS J 75 16.26 9.19 23.64
C HIS J 75 16.87 8.45 22.46
N THR J 76 16.14 7.49 21.90
CA THR J 76 16.62 6.74 20.75
C THR J 76 16.78 7.64 19.53
N ASP J 77 15.83 8.56 19.33
CA ASP J 77 15.88 9.48 18.20
C ASP J 77 17.03 10.46 18.35
N ILE J 78 17.31 10.92 19.57
CA ILE J 78 18.42 11.84 19.79
C ILE J 78 19.74 11.13 19.53
N ILE J 79 19.86 9.87 19.99
CA ILE J 79 21.08 9.09 19.76
C ILE J 79 21.28 8.84 18.28
N SER J 80 20.20 8.49 17.56
CA SER J 80 20.29 8.23 16.13
C SER J 80 20.63 9.50 15.35
N LEU J 81 20.03 10.64 15.74
CA LEU J 81 20.32 11.89 15.06
C LEU J 81 21.75 12.33 15.29
N TRP J 82 22.27 12.12 16.51
CA TRP J 82 23.64 12.48 16.81
C TRP J 82 24.61 11.61 16.02
N ASP J 83 24.31 10.31 15.93
CA ASP J 83 25.16 9.39 15.18
C ASP J 83 25.15 9.73 13.69
N GLN J 84 23.99 10.11 13.16
CA GLN J 84 23.91 10.47 11.74
C GLN J 84 24.56 11.83 11.49
N SER J 85 24.56 12.70 12.51
CA SER J 85 25.19 14.01 12.34
C SER J 85 26.71 13.90 12.37
N LEU J 86 27.24 12.94 13.13
CA LEU J 86 28.69 12.74 13.19
C LEU J 86 29.22 11.93 12.02
N LYS J 87 28.34 11.36 11.19
CA LYS J 87 28.76 10.55 10.06
C LYS J 87 29.54 11.32 8.98
N PRO J 88 29.13 12.49 8.47
CA PRO J 88 29.95 13.13 7.43
C PRO J 88 31.23 13.77 7.94
N CYS J 89 31.41 13.92 9.26
CA CYS J 89 32.63 14.51 9.77
C CYS J 89 33.80 13.54 9.64
N VAL J 90 35.01 14.11 9.63
CA VAL J 90 36.22 13.32 9.46
C VAL J 90 36.63 12.65 10.76
N LYS J 91 37.15 11.42 10.65
CA LYS J 91 37.63 10.65 11.80
C LYS J 91 38.96 11.23 12.24
N LEU J 92 39.33 11.00 13.50
CA LEU J 92 40.56 11.55 14.05
C LEU J 92 41.58 10.48 14.41
N THR J 93 41.74 9.48 13.56
CA THR J 93 42.69 8.39 13.81
C THR J 93 44.17 8.77 13.94
N PRO J 94 44.78 9.69 13.16
CA PRO J 94 46.22 9.94 13.34
C PRO J 94 46.61 10.66 14.63
N LEU J 95 45.65 11.10 15.46
CA LEU J 95 46.00 11.76 16.72
C LEU J 95 46.60 10.82 17.74
N CYS J 96 46.36 9.52 17.63
CA CYS J 96 46.92 8.56 18.58
C CYS J 96 48.39 8.34 18.24
N VAL J 97 49.23 9.26 18.73
CA VAL J 97 50.67 9.22 18.53
C VAL J 97 51.33 9.64 19.84
N THR J 98 52.65 9.55 19.86
CA THR J 98 53.40 9.96 21.04
C THR J 98 53.41 11.47 21.12
N LEU J 99 53.06 12.03 22.27
CA LEU J 99 52.99 13.47 22.45
C LEU J 99 54.02 13.95 23.46
N GLN J 100 55.03 14.67 22.99
CA GLN J 100 56.04 15.25 23.88
C GLN J 100 55.30 16.45 24.46
N CYS J 101 54.83 16.32 25.69
CA CYS J 101 54.01 17.37 26.27
C CYS J 101 54.60 17.92 27.57
N THR J 102 54.27 19.17 27.86
CA THR J 102 54.73 19.88 29.06
C THR J 102 53.61 20.76 29.58
N ASN J 103 53.88 21.47 30.67
CA ASN J 103 52.90 22.35 31.27
C ASN J 103 52.90 23.73 30.60
N VAL J 104 52.15 24.66 31.18
CA VAL J 104 52.05 26.02 30.70
C VAL J 104 52.56 26.95 31.80
N THR J 105 53.15 28.06 31.37
CA THR J 105 53.72 29.03 32.31
C THR J 105 53.34 30.48 32.00
N ASN J 106 53.10 30.83 30.74
CA ASN J 106 52.76 32.20 30.34
C ASN J 106 51.45 32.71 30.93
N ASN J 107 51.58 33.62 31.91
CA ASN J 107 50.46 34.27 32.61
C ASN J 107 49.51 33.27 33.26
N ILE J 108 50.02 32.14 33.73
CA ILE J 108 49.19 31.13 34.36
C ILE J 108 48.91 31.54 35.81
N THR J 109 47.71 31.21 36.29
CA THR J 109 47.32 31.54 37.65
C THR J 109 47.56 30.35 38.58
N ASP J 110 47.22 30.55 39.85
CA ASP J 110 47.42 29.49 40.85
C ASP J 110 46.38 28.39 40.70
N ASP J 111 45.11 28.75 40.46
CA ASP J 111 44.07 27.74 40.34
C ASP J 111 44.14 27.01 39.01
N MET J 112 44.60 27.68 37.96
CA MET J 112 44.70 27.07 36.64
C MET J 112 46.06 26.42 36.41
N ARG J 113 46.93 26.42 37.41
CA ARG J 113 48.26 25.82 37.26
C ARG J 113 48.16 24.31 37.11
N GLY J 114 48.68 23.79 36.01
CA GLY J 114 48.65 22.37 35.73
C GLY J 114 47.40 21.89 35.02
N GLU J 115 46.40 22.74 34.85
CA GLU J 115 45.16 22.33 34.18
C GLU J 115 45.36 22.21 32.67
N LEU J 116 46.06 23.16 32.05
CA LEU J 116 46.30 23.15 30.62
C LEU J 116 47.69 22.58 30.35
N LYS J 117 47.86 21.97 29.18
CA LYS J 117 49.11 21.37 28.77
C LYS J 117 49.43 21.74 27.33
N ASN J 118 50.72 21.94 27.06
CA ASN J 118 51.23 22.29 25.73
C ASN J 118 51.88 21.01 25.22
N CYS J 119 51.23 20.35 24.26
CA CYS J 119 51.71 19.09 23.72
C CYS J 119 52.14 19.24 22.27
N SER J 120 53.34 18.75 21.94
CA SER J 120 53.89 18.80 20.59
C SER J 120 53.97 17.39 20.05
N PHE J 121 53.68 17.22 18.76
CA PHE J 121 53.70 15.89 18.16
C PHE J 121 53.88 15.98 16.66
N ASN J 122 54.22 14.82 16.07
CA ASN J 122 54.43 14.69 14.63
C ASN J 122 53.12 14.15 14.04
N MET J 123 52.62 14.83 13.01
CA MET J 123 51.37 14.47 12.36
C MET J 123 51.53 14.46 10.84
N THR J 124 50.78 13.57 10.19
CA THR J 124 50.78 13.45 8.75
C THR J 124 50.15 14.69 8.12
N THR J 125 50.36 14.86 6.82
CA THR J 125 49.84 15.99 6.06
C THR J 125 49.16 15.44 4.82
N GLU J 126 48.86 16.33 3.87
CA GLU J 126 48.22 15.91 2.63
C GLU J 126 49.16 15.03 1.80
N LEU J 127 50.46 15.17 2.01
CA LEU J 127 51.46 14.36 1.32
C LEU J 127 51.82 13.21 2.24
N ARG J 128 51.57 11.98 1.80
CA ARG J 128 51.86 10.81 2.62
C ARG J 128 53.36 10.56 2.78
N ASP J 129 54.18 11.12 1.89
CA ASP J 129 55.62 10.93 1.94
C ASP J 129 56.33 11.78 3.00
N LYS J 130 55.62 12.67 3.70
CA LYS J 130 56.28 13.49 4.71
C LYS J 130 55.32 13.80 5.84
N LYS J 131 55.89 14.19 6.98
CA LYS J 131 55.17 14.54 8.19
C LYS J 131 55.47 16.00 8.56
N GLN J 132 54.89 16.46 9.67
CA GLN J 132 55.10 17.81 10.14
C GLN J 132 54.98 17.84 11.65
N LYS J 133 55.84 18.62 12.30
CA LYS J 133 55.82 18.74 13.75
C LYS J 133 54.98 19.95 14.13
N VAL J 134 53.89 19.70 14.87
CA VAL J 134 52.99 20.76 15.29
C VAL J 134 52.83 20.70 16.81
N TYR J 135 52.12 21.69 17.34
CA TYR J 135 51.86 21.79 18.77
C TYR J 135 50.42 22.23 18.99
N SER J 136 49.87 21.85 20.14
CA SER J 136 48.50 22.21 20.47
C SER J 136 48.31 22.18 21.98
N LEU J 137 47.24 22.83 22.43
CA LEU J 137 46.93 22.89 23.86
C LEU J 137 45.80 21.90 24.18
N PHE J 138 46.06 21.05 25.17
CA PHE J 138 45.09 20.05 25.61
C PHE J 138 44.88 20.15 27.10
N TYR J 139 43.68 19.83 27.55
CA TYR J 139 43.39 19.89 28.97
C TYR J 139 43.98 18.66 29.68
N ARG J 140 44.05 18.75 31.01
CA ARG J 140 44.60 17.65 31.80
C ARG J 140 43.73 16.41 31.73
N LEU J 141 42.41 16.58 31.70
CA LEU J 141 41.52 15.42 31.61
C LEU J 141 41.48 14.81 30.22
N ASP J 142 42.06 15.46 29.23
CA ASP J 142 42.08 14.96 27.87
C ASP J 142 43.29 14.10 27.55
N VAL J 143 44.37 14.20 28.33
CA VAL J 143 45.58 13.42 28.09
C VAL J 143 45.96 12.66 29.35
N VAL J 144 46.68 11.56 29.13
CA VAL J 144 47.16 10.69 30.21
C VAL J 144 48.61 10.37 29.94
N GLN J 145 49.37 10.14 31.02
CA GLN J 145 50.79 9.83 30.88
C GLN J 145 50.97 8.38 30.47
N ILE J 146 51.86 8.15 29.50
CA ILE J 146 52.12 6.80 29.01
C ILE J 146 52.86 5.99 30.07
N ASN J 147 53.90 6.57 30.65
CA ASN J 147 54.68 5.89 31.67
C ASN J 147 54.16 6.21 33.07
N ASN J 158 58.45 17.31 30.28
CA ASN J 158 58.68 16.82 28.93
C ASN J 158 58.41 15.33 28.76
N LYS J 159 57.60 14.78 29.67
CA LYS J 159 57.26 13.37 29.62
C LYS J 159 56.28 13.09 28.49
N GLU J 160 56.26 11.83 28.04
CA GLU J 160 55.38 11.42 26.95
C GLU J 160 53.95 11.30 27.45
N TYR J 161 53.01 11.73 26.61
CA TYR J 161 51.59 11.68 26.93
C TYR J 161 50.83 11.13 25.73
N ARG J 162 49.55 10.82 25.95
CA ARG J 162 48.71 10.31 24.89
C ARG J 162 47.27 10.71 25.20
N LEU J 163 46.40 10.58 24.20
CA LEU J 163 45.01 10.94 24.39
C LEU J 163 44.31 9.91 25.27
N ILE J 164 43.22 10.33 25.92
CA ILE J 164 42.48 9.43 26.80
C ILE J 164 41.64 8.44 26.01
N ASN J 165 41.39 8.70 24.73
CA ASN J 165 40.60 7.80 23.91
C ASN J 165 41.44 6.95 22.98
N CYS J 166 42.76 6.88 23.20
CA CYS J 166 43.61 6.06 22.33
C CYS J 166 43.45 4.58 22.62
N ASN J 167 43.40 4.20 23.90
CA ASN J 167 43.22 2.79 24.23
C ASN J 167 41.79 2.34 23.99
N THR J 168 40.86 3.27 23.89
CA THR J 168 39.45 3.03 23.62
C THR J 168 39.29 3.30 22.11
N SER J 169 38.09 3.13 21.57
CA SER J 169 37.87 3.37 20.16
C SER J 169 37.99 4.86 19.83
N ALA J 170 38.57 5.15 18.66
CA ALA J 170 38.74 6.53 18.22
C ALA J 170 37.39 7.12 17.81
N CYS J 171 37.36 8.43 17.61
CA CYS J 171 36.10 9.05 17.23
C CYS J 171 36.35 10.29 16.37
N THR J 172 35.25 10.79 15.81
CA THR J 172 35.27 11.96 14.95
C THR J 172 35.16 13.23 15.80
N GLN J 173 35.19 14.37 15.14
CA GLN J 173 35.06 15.67 15.79
C GLN J 173 33.84 16.38 15.24
N ALA J 174 33.39 17.40 15.96
CA ALA J 174 32.24 18.16 15.51
C ALA J 174 32.67 19.05 14.35
N CYS J 175 31.92 19.00 13.26
CA CYS J 175 32.23 19.83 12.11
C CYS J 175 31.97 21.29 12.44
N PRO J 176 32.76 22.23 11.91
CA PRO J 176 32.54 23.65 12.23
C PRO J 176 31.26 24.22 11.64
N LYS J 177 30.69 23.58 10.62
CA LYS J 177 29.47 24.11 10.02
C LYS J 177 28.25 23.82 10.89
N VAL J 178 28.20 22.63 11.51
CA VAL J 178 27.06 22.29 12.35
C VAL J 178 27.22 22.93 13.72
N SER J 179 26.10 23.34 14.31
CA SER J 179 26.06 23.98 15.61
C SER J 179 25.25 23.13 16.57
N PHE J 180 25.49 23.31 17.87
CA PHE J 180 24.79 22.57 18.91
C PHE J 180 23.60 23.31 19.48
N GLU J 181 22.95 24.15 18.71
CA GLU J 181 21.81 24.90 19.22
C GLU J 181 20.62 23.95 19.40
N PRO J 182 20.09 23.80 20.62
CA PRO J 182 18.95 22.90 20.84
C PRO J 182 17.63 23.52 20.39
N ILE J 183 17.38 23.43 19.08
CA ILE J 183 16.17 23.97 18.48
C ILE J 183 14.98 23.13 18.94
N PRO J 184 13.82 23.74 19.21
CA PRO J 184 12.68 22.94 19.66
C PRO J 184 12.11 22.05 18.56
N ILE J 185 11.66 20.88 18.97
CA ILE J 185 11.08 19.90 18.07
C ILE J 185 9.70 19.54 18.59
N HIS J 186 8.85 19.04 17.69
CA HIS J 186 7.50 18.64 18.02
C HIS J 186 7.27 17.20 17.64
N TYR J 187 6.45 16.51 18.42
CA TYR J 187 6.13 15.11 18.20
C TYR J 187 4.66 15.00 17.81
N CYS J 188 4.40 14.60 16.57
CA CYS J 188 3.05 14.47 16.04
C CYS J 188 2.67 13.00 15.93
N ALA J 189 1.47 12.68 16.38
CA ALA J 189 0.98 11.30 16.33
C ALA J 189 0.57 10.94 14.91
N PRO J 190 0.77 9.68 14.51
CA PRO J 190 0.37 9.26 13.16
C PRO J 190 -1.13 9.04 13.05
N ALA J 191 -1.57 8.49 11.92
CA ALA J 191 -3.00 8.24 11.72
C ALA J 191 -3.51 7.17 12.68
N GLY J 192 -4.65 7.47 13.31
CA GLY J 192 -5.27 6.55 14.24
C GLY J 192 -4.81 6.65 15.68
N PHE J 193 -3.93 7.57 16.00
CA PHE J 193 -3.45 7.76 17.36
C PHE J 193 -3.61 9.22 17.75
N ALA J 194 -3.67 9.46 19.05
CA ALA J 194 -3.85 10.81 19.55
C ALA J 194 -2.91 11.09 20.71
N ILE J 195 -2.63 12.37 20.91
CA ILE J 195 -1.75 12.86 21.96
C ILE J 195 -2.62 13.59 22.97
N LEU J 196 -2.60 13.11 24.22
CA LEU J 196 -3.37 13.71 25.30
C LEU J 196 -2.42 14.50 26.20
N LYS J 197 -2.83 15.70 26.57
CA LYS J 197 -2.06 16.60 27.41
C LYS J 197 -2.86 16.95 28.65
N CYS J 198 -2.22 16.86 29.81
CA CYS J 198 -2.85 17.18 31.09
C CYS J 198 -2.70 18.67 31.34
N LYS J 199 -3.83 19.36 31.46
CA LYS J 199 -3.85 20.80 31.70
C LYS J 199 -3.97 21.17 33.17
N ASP J 200 -3.74 20.22 34.07
CA ASP J 200 -3.84 20.51 35.50
C ASP J 200 -2.65 21.36 35.94
N LYS J 201 -2.94 22.40 36.72
CA LYS J 201 -1.88 23.29 37.21
C LYS J 201 -1.02 22.60 38.26
N LYS J 202 -1.61 21.71 39.06
CA LYS J 202 -0.89 21.01 40.11
C LYS J 202 -0.92 19.50 39.86
N PHE J 203 -0.62 19.10 38.62
CA PHE J 203 -0.62 17.70 38.23
C PHE J 203 0.47 16.94 38.96
N ASN J 204 0.11 15.81 39.57
CA ASN J 204 1.03 14.99 40.31
C ASN J 204 1.81 14.07 39.37
N GLY J 205 2.63 13.20 39.95
CA GLY J 205 3.42 12.26 39.17
C GLY J 205 2.58 11.21 38.48
N THR J 206 1.61 10.64 39.20
CA THR J 206 0.74 9.61 38.67
C THR J 206 -0.66 9.82 39.24
N GLY J 207 -1.66 9.81 38.37
CA GLY J 207 -3.02 9.98 38.82
C GLY J 207 -3.99 10.39 37.73
N PRO J 208 -5.27 10.56 38.08
CA PRO J 208 -6.27 10.95 37.09
C PRO J 208 -6.29 12.45 36.87
N CYS J 209 -5.92 12.87 35.67
CA CYS J 209 -5.91 14.29 35.33
C CYS J 209 -7.32 14.77 35.03
N PRO J 210 -7.83 15.79 35.71
CA PRO J 210 -9.19 16.27 35.43
C PRO J 210 -9.33 17.02 34.12
N SER J 211 -8.38 17.90 33.81
CA SER J 211 -8.39 18.69 32.59
C SER J 211 -7.49 18.06 31.55
N VAL J 212 -8.07 17.31 30.64
CA VAL J 212 -7.35 16.61 29.57
C VAL J 212 -7.70 17.29 28.25
N SER J 213 -6.71 17.39 27.36
CA SER J 213 -6.96 18.02 26.07
C SER J 213 -6.08 17.36 25.01
N THR J 214 -6.68 16.99 23.89
CA THR J 214 -5.89 16.36 22.85
C THR J 214 -5.25 17.43 21.96
N VAL J 215 -4.12 17.06 21.36
CA VAL J 215 -3.38 17.97 20.50
C VAL J 215 -2.78 17.16 19.35
N GLN J 216 -2.60 17.82 18.20
CA GLN J 216 -2.03 17.15 17.04
C GLN J 216 -0.54 16.91 17.23
N CYS J 217 0.19 17.92 17.69
CA CYS J 217 1.62 17.82 17.91
C CYS J 217 1.96 18.44 19.25
N THR J 218 3.06 17.97 19.84
CA THR J 218 3.49 18.49 21.14
C THR J 218 4.08 19.89 20.98
N HIS J 219 4.23 20.58 22.11
CA HIS J 219 4.77 21.92 22.10
C HIS J 219 6.29 21.89 21.87
N GLY J 220 6.87 23.09 21.79
CA GLY J 220 8.30 23.23 21.56
C GLY J 220 9.14 22.68 22.70
N ILE J 221 9.80 21.56 22.45
CA ILE J 221 10.65 20.90 23.45
C ILE J 221 12.09 21.00 22.98
N LYS J 222 12.93 21.64 23.78
CA LYS J 222 14.33 21.80 23.45
C LYS J 222 15.13 20.63 24.00
N PRO J 223 15.76 19.81 23.16
CA PRO J 223 16.54 18.66 23.65
C PRO J 223 17.92 19.07 24.15
N VAL J 224 17.95 19.72 25.31
CA VAL J 224 19.20 20.17 25.92
C VAL J 224 19.89 18.97 26.55
N VAL J 225 21.17 19.13 26.87
CA VAL J 225 21.98 18.08 27.48
C VAL J 225 22.44 18.58 28.84
N SER J 226 22.06 17.88 29.90
CA SER J 226 22.43 18.26 31.25
C SER J 226 22.38 17.02 32.14
N THR J 227 23.05 17.12 33.29
CA THR J 227 23.09 16.01 34.23
C THR J 227 22.67 16.35 35.64
N GLN J 228 22.80 17.59 36.08
CA GLN J 228 22.40 17.90 37.45
C GLN J 228 21.39 19.02 37.53
N LEU J 229 21.49 20.05 36.68
CA LEU J 229 20.56 21.17 36.67
C LEU J 229 19.85 21.20 35.33
N LEU J 230 18.52 21.26 35.36
CA LEU J 230 17.73 21.30 34.13
C LEU J 230 17.82 22.70 33.54
N LEU J 231 18.61 22.84 32.47
CA LEU J 231 18.79 24.12 31.81
C LEU J 231 17.76 24.34 30.71
N ASN J 232 17.18 25.54 30.69
CA ASN J 232 16.17 25.99 29.72
C ASN J 232 14.96 25.07 29.66
N GLY J 233 14.56 24.51 30.79
CA GLY J 233 13.41 23.63 30.82
C GLY J 233 12.10 24.39 30.93
N SER J 234 11.01 23.63 30.86
CA SER J 234 9.69 24.23 30.96
C SER J 234 9.36 24.56 32.42
N LEU J 235 8.82 25.75 32.64
CA LEU J 235 8.45 26.18 33.97
C LEU J 235 7.15 25.51 34.42
N ALA J 236 6.87 25.65 35.72
CA ALA J 236 5.66 25.08 36.27
C ALA J 236 4.48 26.03 36.04
N GLU J 237 3.36 25.73 36.68
CA GLU J 237 2.18 26.57 36.50
C GLU J 237 2.05 27.61 37.61
N GLU J 238 2.02 27.18 38.87
CA GLU J 238 1.88 28.12 39.98
C GLU J 238 2.87 27.92 41.11
N GLU J 239 3.48 26.74 41.28
CA GLU J 239 4.43 26.51 42.34
C GLU J 239 5.38 25.40 41.93
N VAL J 240 6.50 25.29 42.66
CA VAL J 240 7.48 24.25 42.37
C VAL J 240 6.88 22.88 42.66
N MET J 241 7.13 21.94 41.77
CA MET J 241 6.57 20.59 41.89
C MET J 241 7.65 19.54 42.14
N ILE J 242 7.29 18.54 42.93
CA ILE J 242 8.17 17.44 43.29
C ILE J 242 7.54 16.16 42.75
N ARG J 243 8.26 15.47 41.86
CA ARG J 243 7.78 14.24 41.25
C ARG J 243 8.73 13.10 41.53
N SER J 244 8.18 11.91 41.79
CA SER J 244 8.96 10.73 42.07
C SER J 244 8.08 9.50 41.93
N GLU J 245 8.66 8.41 41.41
CA GLU J 245 7.90 7.17 41.26
C GLU J 245 7.60 6.55 42.62
N ASN J 246 8.57 6.62 43.53
CA ASN J 246 8.46 6.09 44.89
C ASN J 246 9.21 7.10 45.76
N ILE J 247 8.46 7.94 46.47
CA ILE J 247 9.06 8.96 47.32
C ILE J 247 9.81 8.33 48.50
N THR J 248 9.35 7.16 48.93
CA THR J 248 9.99 6.47 50.05
C THR J 248 11.24 5.69 49.64
N ASN J 249 11.47 5.53 48.34
CA ASN J 249 12.65 4.81 47.87
C ASN J 249 13.82 5.77 47.68
N ASN J 250 14.96 5.42 48.28
CA ASN J 250 16.15 6.27 48.17
C ASN J 250 16.87 6.08 46.84
N ALA J 251 16.63 4.96 46.16
CA ALA J 251 17.29 4.69 44.88
C ALA J 251 16.57 5.30 43.68
N LYS J 252 15.43 5.96 43.90
CA LYS J 252 14.67 6.57 42.83
C LYS J 252 15.00 8.06 42.75
N ASN J 253 15.19 8.56 41.54
CA ASN J 253 15.50 9.97 41.33
C ASN J 253 14.28 10.84 41.65
N ILE J 254 14.54 12.04 42.16
CA ILE J 254 13.48 12.97 42.52
C ILE J 254 13.58 14.15 41.55
N LEU J 255 12.54 14.33 40.74
CA LEU J 255 12.54 15.43 39.78
C LEU J 255 11.87 16.65 40.41
N VAL J 256 12.56 17.78 40.33
CA VAL J 256 12.06 19.03 40.89
C VAL J 256 11.88 20.03 39.75
N GLN J 257 10.66 20.57 39.62
CA GLN J 257 10.35 21.54 38.59
C GLN J 257 10.12 22.89 39.26
N PHE J 258 10.75 23.93 38.72
CA PHE J 258 10.65 25.28 39.26
C PHE J 258 9.58 26.10 38.54
N ASN J 259 8.87 26.91 39.33
CA ASN J 259 7.84 27.80 38.79
C ASN J 259 8.42 29.15 38.39
N THR J 260 9.66 29.41 38.76
CA THR J 260 10.43 30.61 38.47
C THR J 260 11.82 30.20 38.01
N PRO J 261 12.40 30.91 37.05
CA PRO J 261 13.73 30.51 36.58
C PRO J 261 14.87 31.14 37.36
N VAL J 262 15.90 30.36 37.64
CA VAL J 262 17.07 30.84 38.37
C VAL J 262 18.14 31.13 37.32
N GLN J 263 18.44 32.41 37.14
CA GLN J 263 19.42 32.81 36.13
C GLN J 263 20.83 32.38 36.50
N ILE J 264 21.59 31.99 35.47
CA ILE J 264 22.97 31.55 35.59
C ILE J 264 23.77 32.15 34.43
N ASN J 265 24.99 32.61 34.74
CA ASN J 265 25.87 33.21 33.74
C ASN J 265 27.17 32.42 33.72
N CYS J 266 27.39 31.66 32.66
CA CYS J 266 28.58 30.85 32.52
C CYS J 266 29.53 31.50 31.52
N THR J 267 30.82 31.48 31.83
CA THR J 267 31.77 32.10 30.92
C THR J 267 33.14 31.44 30.99
N ARG J 268 33.88 31.63 29.91
CA ARG J 268 35.24 31.15 29.72
C ARG J 268 36.01 32.36 29.23
N PRO J 269 36.82 33.00 30.10
CA PRO J 269 37.56 34.19 29.67
C PRO J 269 38.80 33.91 28.84
N ASN J 270 39.10 32.65 28.54
CA ASN J 270 40.28 32.33 27.74
C ASN J 270 40.04 32.69 26.29
N ASN J 271 40.91 33.54 25.75
CA ASN J 271 40.81 33.98 24.35
C ASN J 271 41.54 32.93 23.50
N ASN J 272 40.90 31.78 23.35
CA ASN J 272 41.48 30.68 22.58
C ASN J 272 41.43 30.96 21.09
N THR J 273 42.48 30.52 20.40
CA THR J 273 42.60 30.70 18.96
C THR J 273 42.60 29.32 18.29
N ARG J 274 41.75 29.16 17.29
CA ARG J 274 41.64 27.90 16.57
C ARG J 274 42.48 27.95 15.30
N LYS J 275 43.35 26.94 15.12
CA LYS J 275 44.19 26.88 13.93
C LYS J 275 43.93 25.56 13.23
N SER J 276 43.75 25.61 11.91
CA SER J 276 43.49 24.40 11.13
C SER J 276 44.78 23.87 10.55
N ILE J 277 45.08 22.61 10.84
CA ILE J 277 46.28 21.94 10.34
C ILE J 277 45.83 20.79 9.45
N ARG J 278 46.49 20.64 8.29
CA ARG J 278 46.13 19.59 7.37
C ARG J 278 46.70 18.25 7.82
N ILE J 279 45.82 17.28 8.01
CA ILE J 279 46.23 15.94 8.44
C ILE J 279 46.06 14.91 7.33
N GLY J 280 45.38 15.24 6.25
CA GLY J 280 45.19 14.32 5.15
C GLY J 280 44.74 15.05 3.91
N PRO J 281 44.22 14.32 2.93
CA PRO J 281 43.76 14.96 1.68
C PRO J 281 42.46 15.73 1.88
N GLY J 282 42.56 17.06 1.91
CA GLY J 282 41.39 17.91 2.07
C GLY J 282 40.94 18.12 3.51
N GLN J 283 40.88 17.03 4.28
CA GLN J 283 40.45 17.11 5.67
C GLN J 283 41.49 17.82 6.51
N ALA J 284 41.03 18.43 7.60
CA ALA J 284 41.90 19.17 8.51
C ALA J 284 41.43 19.00 9.94
N PHE J 285 42.35 19.24 10.87
CA PHE J 285 42.11 19.14 12.30
C PHE J 285 42.25 20.52 12.91
N TYR J 286 41.28 20.91 13.73
CA TYR J 286 41.26 22.22 14.37
C TYR J 286 41.92 22.10 15.74
N ALA J 287 43.16 22.55 15.83
CA ALA J 287 43.93 22.51 17.06
C ALA J 287 43.83 23.84 17.81
N THR J 288 44.12 23.77 19.10
CA THR J 288 44.10 24.94 19.98
C THR J 288 45.41 25.67 19.85
N GLY J 289 45.36 26.90 19.34
CA GLY J 289 46.56 27.70 19.17
C GLY J 289 46.94 28.40 20.45
N ASP J 290 47.79 29.40 20.29
CA ASP J 290 48.25 30.19 21.43
C ASP J 290 47.12 31.06 21.97
N ILE J 291 47.02 31.13 23.30
CA ILE J 291 46.01 31.92 23.97
C ILE J 291 46.41 33.38 23.91
N ILE J 292 45.44 34.27 24.07
CA ILE J 292 45.68 35.71 24.02
C ILE J 292 45.39 36.30 25.39
N GLY J 293 46.39 37.00 25.94
CA GLY J 293 46.22 37.63 27.23
C GLY J 293 46.27 36.64 28.40
N ASP J 294 45.71 37.09 29.51
CA ASP J 294 45.66 36.30 30.74
C ASP J 294 44.72 35.12 30.59
N ILE J 295 45.07 34.02 31.26
CA ILE J 295 44.29 32.79 31.25
C ILE J 295 43.68 32.59 32.63
N ARG J 296 42.37 32.35 32.69
CA ARG J 296 41.67 32.16 33.94
C ARG J 296 40.74 30.96 33.81
N GLN J 297 40.34 30.42 34.97
CA GLN J 297 39.45 29.28 35.00
C GLN J 297 38.03 29.69 34.65
N ALA J 298 37.37 28.88 33.83
CA ALA J 298 35.99 29.15 33.44
C ALA J 298 35.08 28.97 34.65
N HIS J 299 34.04 29.78 34.73
CA HIS J 299 33.16 29.67 35.90
C HIS J 299 31.74 30.11 35.58
N CYS J 300 30.83 29.73 36.47
CA CYS J 300 29.41 30.07 36.36
C CYS J 300 28.97 30.81 37.61
N ASN J 301 28.23 31.90 37.41
CA ASN J 301 27.72 32.72 38.50
C ASN J 301 26.22 32.53 38.65
N VAL J 302 25.79 32.34 39.91
CA VAL J 302 24.39 32.13 40.27
C VAL J 302 24.05 33.12 41.38
N SER J 303 22.90 33.79 41.26
CA SER J 303 22.48 34.74 42.27
C SER J 303 22.21 34.03 43.59
N LYS J 304 22.73 34.60 44.69
CA LYS J 304 22.57 33.99 46.00
C LYS J 304 21.14 34.10 46.52
N ALA J 305 20.49 35.25 46.33
CA ALA J 305 19.14 35.46 46.83
C ALA J 305 18.13 34.57 46.10
N THR J 306 18.23 34.50 44.77
CA THR J 306 17.30 33.67 43.99
C THR J 306 17.49 32.19 44.31
N TRP J 307 18.73 31.74 44.44
CA TRP J 307 18.99 30.34 44.76
C TRP J 307 18.54 30.02 46.17
N ASN J 308 18.70 30.96 47.11
CA ASN J 308 18.28 30.73 48.48
C ASN J 308 16.76 30.63 48.58
N GLU J 309 16.03 31.53 47.90
CA GLU J 309 14.58 31.46 47.95
C GLU J 309 14.06 30.24 47.20
N THR J 310 14.76 29.82 46.14
CA THR J 310 14.35 28.62 45.41
C THR J 310 14.55 27.39 46.28
N LEU J 311 15.65 27.35 47.02
CA LEU J 311 15.90 26.23 47.93
C LEU J 311 14.88 26.22 49.05
N GLY J 312 14.47 27.41 49.51
CA GLY J 312 13.45 27.48 50.55
C GLY J 312 12.12 26.96 50.05
N LYS J 313 11.77 27.27 48.80
CA LYS J 313 10.53 26.78 48.22
C LYS J 313 10.59 25.26 48.05
N VAL J 314 11.77 24.75 47.66
CA VAL J 314 11.95 23.30 47.50
C VAL J 314 11.80 22.61 48.85
N VAL J 315 12.39 23.18 49.90
CA VAL J 315 12.28 22.60 51.24
C VAL J 315 10.83 22.63 51.71
N LYS J 316 10.11 23.72 51.39
CA LYS J 316 8.70 23.83 51.76
C LYS J 316 7.86 22.77 51.06
N GLN J 317 8.21 22.43 49.81
CA GLN J 317 7.45 21.41 49.10
C GLN J 317 7.82 20.01 49.60
N LEU J 318 9.09 19.79 49.96
CA LEU J 318 9.48 18.48 50.48
C LEU J 318 8.90 18.25 51.87
N ARG J 319 8.58 19.33 52.60
CA ARG J 319 7.99 19.17 53.92
C ARG J 319 6.55 18.65 53.84
N LYS J 320 5.90 18.74 52.67
CA LYS J 320 4.54 18.25 52.52
C LYS J 320 4.53 16.72 52.39
N HIS J 321 5.52 16.16 51.68
CA HIS J 321 5.60 14.71 51.51
C HIS J 321 6.08 14.04 52.79
N PHE J 322 7.27 14.41 53.24
CA PHE J 322 7.84 13.86 54.46
C PHE J 322 7.33 14.66 55.66
N GLY J 323 7.98 14.46 56.81
CA GLY J 323 7.58 15.19 57.99
C GLY J 323 8.06 16.62 57.91
N ASN J 324 7.18 17.58 58.22
CA ASN J 324 7.58 18.98 58.16
C ASN J 324 8.50 19.38 59.32
N ASN J 325 8.55 18.58 60.38
CA ASN J 325 9.40 18.84 61.53
C ASN J 325 10.72 18.09 61.43
N THR J 326 11.09 17.64 60.24
CA THR J 326 12.31 16.89 59.99
C THR J 326 13.40 17.81 59.44
N ILE J 327 14.60 17.72 60.02
CA ILE J 327 15.76 18.49 59.58
C ILE J 327 16.13 18.06 58.17
N ILE J 328 16.44 19.01 57.30
CA ILE J 328 16.80 18.66 55.93
C ILE J 328 18.16 19.27 55.63
N ARG J 329 18.94 18.60 54.79
CA ARG J 329 20.27 19.07 54.44
C ARG J 329 20.63 18.64 53.03
N PHE J 330 21.33 19.52 52.32
CA PHE J 330 21.78 19.25 50.96
C PHE J 330 23.28 18.98 51.01
N ALA J 331 23.73 17.98 50.26
CA ALA J 331 25.14 17.62 50.20
C ALA J 331 25.53 17.44 48.74
N ASN J 332 26.83 17.48 48.47
CA ASN J 332 27.31 17.31 47.12
C ASN J 332 27.28 15.85 46.71
N SER J 333 27.74 15.57 45.48
CA SER J 333 27.76 14.21 44.97
C SER J 333 28.77 13.36 45.72
N SER J 334 28.45 12.07 45.85
CA SER J 334 29.33 11.14 46.56
C SER J 334 30.57 10.82 45.74
N GLY J 335 30.38 10.20 44.58
CA GLY J 335 31.50 9.85 43.73
C GLY J 335 31.04 9.12 42.49
N GLY J 336 32.03 8.78 41.66
CA GLY J 336 31.79 8.07 40.42
C GLY J 336 32.43 8.79 39.24
N ASP J 337 31.74 8.75 38.11
CA ASP J 337 32.22 9.40 36.91
C ASP J 337 32.11 10.91 37.03
N LEU J 338 32.90 11.62 36.21
CA LEU J 338 32.89 13.07 36.23
C LEU J 338 31.59 13.63 35.66
N GLU J 339 30.94 12.90 34.76
CA GLU J 339 29.69 13.37 34.17
C GLU J 339 28.54 13.30 35.17
N VAL J 340 28.65 12.42 36.16
CA VAL J 340 27.59 12.28 37.16
C VAL J 340 27.83 13.19 38.35
N THR J 341 29.09 13.26 38.81
CA THR J 341 29.42 14.09 39.97
C THR J 341 29.33 15.57 39.64
N THR J 342 29.90 15.98 38.51
CA THR J 342 29.89 17.38 38.12
C THR J 342 28.76 17.65 37.12
N HIS J 343 28.20 18.85 37.22
CA HIS J 343 27.13 19.29 36.34
C HIS J 343 27.70 19.51 34.95
N SER J 344 27.38 18.61 34.02
CA SER J 344 27.89 18.70 32.66
C SER J 344 26.83 19.27 31.72
N PHE J 345 27.26 20.22 30.91
CA PHE J 345 26.36 20.85 29.94
C PHE J 345 27.21 21.41 28.81
N ASN J 346 26.56 22.15 27.91
CA ASN J 346 27.24 22.76 26.78
C ASN J 346 27.00 24.27 26.78
N CYS J 347 28.04 25.02 26.40
CA CYS J 347 28.02 26.48 26.36
C CYS J 347 28.74 26.94 25.09
N GLY J 348 27.95 27.38 24.12
CA GLY J 348 28.49 27.87 22.84
C GLY J 348 29.37 26.89 22.10
N GLY J 349 29.05 25.61 22.17
CA GLY J 349 29.86 24.60 21.53
C GLY J 349 30.98 24.05 22.39
N GLU J 350 31.18 24.60 23.59
CA GLU J 350 32.22 24.14 24.49
C GLU J 350 31.56 23.42 25.66
N PHE J 351 31.98 22.19 25.92
CA PHE J 351 31.40 21.40 26.99
C PHE J 351 31.99 21.82 28.33
N PHE J 352 31.12 22.03 29.32
CA PHE J 352 31.48 22.45 30.65
C PHE J 352 31.11 21.40 31.69
N TYR J 353 31.96 21.29 32.70
CA TYR J 353 31.76 20.36 33.82
C TYR J 353 31.97 21.21 35.08
N CYS J 354 30.88 21.71 35.64
CA CYS J 354 30.94 22.59 36.80
C CYS J 354 30.78 21.84 38.12
N ASN J 355 31.44 22.36 39.15
CA ASN J 355 31.41 21.82 40.50
C ASN J 355 30.21 22.42 41.22
N THR J 356 29.22 21.60 41.54
CA THR J 356 28.01 22.07 42.21
C THR J 356 28.10 21.96 43.73
N SER J 357 29.31 22.04 44.30
CA SER J 357 29.44 21.95 45.75
C SER J 357 28.92 23.22 46.43
N GLY J 358 28.97 24.36 45.72
CA GLY J 358 28.49 25.61 46.29
C GLY J 358 27.00 25.81 46.24
N LEU J 359 26.27 24.94 45.53
CA LEU J 359 24.82 25.05 45.44
C LEU J 359 24.08 24.10 46.36
N PHE J 360 24.75 23.07 46.88
CA PHE J 360 24.16 22.08 47.77
C PHE J 360 24.97 21.96 49.05
N ASN J 361 25.23 23.10 49.66
CA ASN J 361 26.00 23.19 50.91
C ASN J 361 25.19 23.98 51.94
N SER J 362 23.92 23.60 52.12
CA SER J 362 23.07 24.28 53.07
C SER J 362 22.09 23.31 53.70
N THR J 363 21.67 23.63 54.93
CA THR J 363 20.71 22.84 55.68
C THR J 363 19.56 23.75 56.11
N TRP J 364 18.37 23.18 56.23
CA TRP J 364 17.19 23.93 56.61
C TRP J 364 16.51 23.26 57.80
N ILE J 365 16.22 24.07 58.82
CA ILE J 365 15.57 23.69 60.06
C ILE J 365 14.06 23.84 59.89
N SER J 366 13.30 23.28 60.83
CA SER J 366 11.85 23.37 60.79
C SER J 366 11.41 24.62 61.55
N ASN J 367 10.79 25.55 60.84
CA ASN J 367 10.32 26.80 61.44
C ASN J 367 9.12 27.36 60.69
N ASN J 379 22.08 41.30 44.37
CA ASN J 379 22.99 41.90 45.35
C ASN J 379 24.32 41.19 45.38
N ASP J 380 24.29 39.90 45.73
CA ASP J 380 25.49 39.08 45.81
C ASP J 380 25.25 37.78 45.05
N SER J 381 26.32 37.28 44.44
CA SER J 381 26.24 36.04 43.66
C SER J 381 27.41 35.15 44.01
N ILE J 382 27.21 33.85 43.82
CA ILE J 382 28.23 32.84 44.09
C ILE J 382 28.77 32.34 42.76
N THR J 383 30.04 31.95 42.78
CA THR J 383 30.72 31.44 41.58
C THR J 383 31.08 29.97 41.77
N LEU J 384 31.05 29.24 40.67
CA LEU J 384 31.38 27.82 40.64
C LEU J 384 32.41 27.57 39.55
N PRO J 385 33.56 27.00 39.89
CA PRO J 385 34.57 26.74 38.86
C PRO J 385 34.16 25.56 37.99
N CYS J 386 34.46 25.66 36.71
CA CYS J 386 34.11 24.62 35.75
C CYS J 386 35.32 24.20 34.94
N ARG J 387 35.41 22.89 34.69
CA ARG J 387 36.48 22.31 33.90
C ARG J 387 35.96 22.10 32.48
N ILE J 388 36.87 22.10 31.52
CA ILE J 388 36.53 21.93 30.12
C ILE J 388 37.25 20.72 29.55
N LYS J 389 36.50 19.84 28.91
CA LYS J 389 37.03 18.64 28.29
C LYS J 389 36.81 18.71 26.79
N GLN J 390 37.59 17.92 26.05
CA GLN J 390 37.45 17.86 24.61
C GLN J 390 36.90 16.53 24.12
N ILE J 391 37.02 15.48 24.92
CA ILE J 391 36.49 14.17 24.60
C ILE J 391 35.25 13.98 25.47
N ILE J 392 34.07 14.02 24.85
CA ILE J 392 32.81 13.92 25.60
C ILE J 392 31.95 12.80 25.03
N ASN J 393 31.47 11.93 25.92
CA ASN J 393 30.59 10.83 25.58
C ASN J 393 29.15 11.13 25.95
N MET J 394 28.92 11.56 27.20
CA MET J 394 27.66 11.95 27.85
C MET J 394 26.48 11.00 27.67
N TRP J 395 26.74 9.75 27.28
CA TRP J 395 25.67 8.78 27.13
C TRP J 395 26.09 7.40 27.62
N GLN J 396 27.20 7.33 28.37
CA GLN J 396 27.76 6.09 28.91
C GLN J 396 28.06 5.07 27.81
N ARG J 397 28.38 5.60 26.62
CA ARG J 397 28.68 4.73 25.46
C ARG J 397 30.19 4.74 25.21
N ILE J 398 30.96 4.10 26.09
CA ILE J 398 32.44 4.06 25.94
C ILE J 398 32.76 3.50 24.55
N GLY J 399 31.77 2.89 23.89
CA GLY J 399 31.98 2.41 22.51
C GLY J 399 32.52 3.49 21.59
N GLN J 400 32.27 4.76 21.88
CA GLN J 400 32.68 5.84 20.94
C GLN J 400 32.78 7.18 21.67
N CYS J 401 33.26 8.23 20.98
CA CYS J 401 33.35 9.59 21.59
C CYS J 401 33.17 10.67 20.52
N MET J 402 33.57 11.90 20.85
CA MET J 402 33.47 13.03 19.89
C MET J 402 34.43 14.14 20.33
N TYR J 403 35.24 14.67 19.41
CA TYR J 403 36.24 15.70 19.76
C TYR J 403 35.62 17.08 19.58
N ALA J 404 35.47 17.84 20.66
CA ALA J 404 34.94 19.18 20.58
C ALA J 404 36.01 20.13 20.08
N PRO J 405 35.84 20.75 18.91
CA PRO J 405 36.87 21.68 18.42
C PRO J 405 36.85 22.97 19.21
N PRO J 406 37.96 23.69 19.27
CA PRO J 406 37.98 24.95 20.02
C PRO J 406 37.17 26.04 19.34
N ILE J 407 36.70 26.99 20.15
CA ILE J 407 35.89 28.10 19.68
C ILE J 407 36.69 29.38 19.88
N GLN J 408 36.75 30.21 18.83
CA GLN J 408 37.49 31.46 18.87
C GLN J 408 36.85 32.45 19.85
N GLY J 409 37.71 33.23 20.51
CA GLY J 409 37.27 34.23 21.45
C GLY J 409 36.81 33.64 22.78
N VAL J 410 36.31 34.51 23.64
CA VAL J 410 35.81 34.14 24.95
C VAL J 410 34.43 33.51 24.78
N ILE J 411 34.02 32.72 25.76
CA ILE J 411 32.71 32.08 25.68
C ILE J 411 31.79 32.67 26.74
N ARG J 412 30.60 33.06 26.31
CA ARG J 412 29.60 33.65 27.19
C ARG J 412 28.27 32.96 26.98
N CYS J 413 27.61 32.61 28.08
CA CYS J 413 26.32 31.95 28.03
C CYS J 413 25.45 32.47 29.15
N VAL J 414 24.24 32.90 28.81
CA VAL J 414 23.27 33.37 29.79
C VAL J 414 22.06 32.45 29.67
N SER J 415 21.70 31.82 30.78
CA SER J 415 20.55 30.91 30.74
C SER J 415 19.90 30.93 32.11
N ASN J 416 18.98 30.01 32.31
CA ASN J 416 18.24 29.92 33.56
C ASN J 416 17.72 28.51 33.82
N ILE J 417 18.13 27.96 34.97
CA ILE J 417 17.75 26.62 35.36
C ILE J 417 16.33 26.64 35.91
N THR J 418 15.54 25.63 35.53
CA THR J 418 14.15 25.49 35.93
C THR J 418 13.89 24.12 36.55
N GLY J 419 14.92 23.46 37.06
CA GLY J 419 14.69 22.15 37.64
C GLY J 419 15.92 21.57 38.28
N LEU J 420 15.71 20.43 38.95
CA LEU J 420 16.75 19.71 39.65
C LEU J 420 16.47 18.21 39.61
N ILE J 421 17.54 17.43 39.75
CA ILE J 421 17.47 15.97 39.77
C ILE J 421 18.15 15.56 41.08
N LEU J 422 17.35 15.40 42.13
CA LEU J 422 17.88 15.04 43.45
C LEU J 422 17.86 13.53 43.66
N THR J 423 18.57 13.10 44.71
CA THR J 423 18.67 11.70 45.09
C THR J 423 18.77 11.66 46.61
N ARG J 424 17.94 10.83 47.23
CA ARG J 424 17.92 10.70 48.69
C ARG J 424 18.98 9.72 49.16
N ASP J 425 19.78 10.15 50.13
CA ASP J 425 20.82 9.30 50.70
C ASP J 425 20.28 8.60 51.95
N GLY J 426 19.51 7.54 51.70
CA GLY J 426 18.90 6.78 52.78
C GLY J 426 19.91 6.00 53.60
N GLY J 427 19.44 5.55 54.77
CA GLY J 427 20.27 4.80 55.68
C GLY J 427 19.96 5.14 57.13
N SER J 428 19.27 6.26 57.34
CA SER J 428 18.91 6.70 58.67
C SER J 428 17.63 6.00 59.14
N THR J 429 17.13 6.42 60.30
CA THR J 429 15.92 5.84 60.86
C THR J 429 15.14 6.92 61.61
N ASN J 430 13.86 6.61 61.84
CA ASN J 430 12.90 7.47 62.54
C ASN J 430 12.72 8.82 61.86
N SER J 431 12.88 8.85 60.53
CA SER J 431 12.75 10.05 59.69
C SER J 431 13.64 11.20 60.16
N THR J 432 14.91 10.92 60.38
CA THR J 432 15.86 11.93 60.83
C THR J 432 16.98 12.13 59.81
N THR J 433 17.65 13.28 59.93
CA THR J 433 18.78 13.78 59.10
C THR J 433 18.64 13.44 57.61
N GLU J 434 17.55 13.91 57.02
CA GLU J 434 17.30 13.67 55.61
C GLU J 434 18.23 14.53 54.76
N THR J 435 19.02 13.88 53.91
CA THR J 435 19.97 14.57 53.04
C THR J 435 19.64 14.31 51.58
N PHE J 436 19.88 15.33 50.75
CA PHE J 436 19.63 15.26 49.32
C PHE J 436 20.91 15.61 48.57
N ARG J 437 21.23 14.80 47.55
CA ARG J 437 22.42 15.02 46.75
C ARG J 437 22.04 15.03 45.27
N PRO J 438 22.71 15.86 44.45
CA PRO J 438 22.39 15.88 43.03
C PRO J 438 22.91 14.63 42.34
N GLY J 439 22.10 14.11 41.41
CA GLY J 439 22.47 12.90 40.70
C GLY J 439 21.74 12.75 39.38
N GLY J 440 21.30 11.55 39.08
CA GLY J 440 20.59 11.31 37.83
C GLY J 440 21.50 11.26 36.62
N GLY J 441 22.36 10.24 36.55
CA GLY J 441 23.27 10.12 35.43
C GLY J 441 22.57 9.73 34.14
N ASP J 442 21.37 9.18 34.23
CA ASP J 442 20.63 8.78 33.04
C ASP J 442 20.12 10.01 32.30
N MET J 443 20.06 9.91 30.97
CA MET J 443 19.61 10.98 30.10
C MET J 443 18.10 11.02 29.94
N ARG J 444 17.38 10.04 30.49
CA ARG J 444 15.92 10.00 30.34
C ARG J 444 15.20 10.92 31.31
N ASP J 445 15.83 11.32 32.41
CA ASP J 445 15.17 12.20 33.38
C ASP J 445 14.96 13.60 32.81
N ASN J 446 15.93 14.08 32.02
CA ASN J 446 15.84 15.41 31.41
C ASN J 446 14.63 15.51 30.49
N TRP J 447 14.35 14.45 29.74
CA TRP J 447 13.22 14.45 28.84
C TRP J 447 11.94 14.05 29.55
N ARG J 448 12.05 13.32 30.66
CA ARG J 448 10.86 12.93 31.42
C ARG J 448 10.30 14.13 32.17
N SER J 449 11.15 15.09 32.52
CA SER J 449 10.68 16.29 33.22
C SER J 449 9.88 17.21 32.31
N GLU J 450 9.97 17.03 30.99
CA GLU J 450 9.25 17.86 30.04
C GLU J 450 8.16 17.13 29.29
N LEU J 451 8.31 15.82 29.06
CA LEU J 451 7.30 15.04 28.35
C LEU J 451 6.34 14.33 29.30
N TYR J 452 6.18 14.84 30.51
CA TYR J 452 5.28 14.21 31.47
C TYR J 452 3.81 14.49 31.17
N LYS J 453 3.51 15.60 30.51
CA LYS J 453 2.12 15.94 30.22
C LYS J 453 1.52 15.16 29.05
N TYR J 454 2.32 14.75 28.09
CA TYR J 454 1.82 14.04 26.91
C TYR J 454 1.72 12.54 27.11
N LYS J 455 0.74 11.95 26.41
CA LYS J 455 0.45 10.53 26.43
C LYS J 455 -0.07 10.12 25.07
N VAL J 456 0.31 8.92 24.61
CA VAL J 456 -0.11 8.39 23.33
C VAL J 456 -1.24 7.40 23.54
N VAL J 457 -2.36 7.61 22.84
CA VAL J 457 -3.52 6.73 22.95
C VAL J 457 -3.89 6.26 21.55
N LYS J 458 -4.42 5.03 21.47
CA LYS J 458 -4.84 4.43 20.21
C LYS J 458 -6.36 4.47 20.13
N ILE J 459 -6.85 4.97 19.01
CA ILE J 459 -8.29 5.11 18.77
C ILE J 459 -8.85 3.80 18.22
N GLU J 460 -9.93 3.33 18.84
CA GLU J 460 -10.61 2.10 18.44
C GLU J 460 -11.95 2.51 17.86
N PRO J 461 -12.13 2.48 16.53
CA PRO J 461 -13.41 2.90 15.95
C PRO J 461 -14.53 1.88 16.09
N LEU J 462 -14.27 0.67 16.55
CA LEU J 462 -15.34 -0.32 16.69
C LEU J 462 -16.14 -0.12 17.96
N GLY J 463 -17.46 -0.06 17.82
CA GLY J 463 -18.34 0.10 18.96
C GLY J 463 -19.63 -0.62 18.73
N VAL J 464 -20.28 -1.01 19.84
CA VAL J 464 -21.55 -1.72 19.79
C VAL J 464 -22.50 -1.08 20.81
N ALA J 465 -23.78 -1.02 20.44
CA ALA J 465 -24.78 -0.43 21.31
C ALA J 465 -26.15 -0.98 20.91
N PRO J 466 -27.06 -1.14 21.88
CA PRO J 466 -28.40 -1.65 21.56
C PRO J 466 -29.34 -0.54 21.09
N THR J 467 -30.11 -0.86 20.06
CA THR J 467 -31.07 0.06 19.47
C THR J 467 -32.27 -0.76 19.03
N ARG J 468 -33.46 -0.15 19.05
CA ARG J 468 -34.69 -0.82 18.65
C ARG J 468 -34.90 -0.67 17.14
N CYS J 469 -34.00 -1.30 16.38
CA CYS J 469 -34.10 -1.24 14.93
C CYS J 469 -33.60 -2.54 14.32
N LYS J 470 -34.08 -2.83 13.12
CA LYS J 470 -33.71 -4.02 12.38
C LYS J 470 -33.50 -3.67 10.92
N ARG J 471 -32.72 -4.51 10.24
CA ARG J 471 -32.44 -4.29 8.82
C ARG J 471 -33.59 -4.84 8.00
N ARG J 472 -34.19 -3.99 7.16
CA ARG J 472 -35.31 -4.41 6.32
C ARG J 472 -34.83 -5.34 5.22
N VAL J 473 -35.63 -6.36 4.93
CA VAL J 473 -35.32 -7.33 3.89
C VAL J 473 -35.94 -6.85 2.58
N VAL J 474 -35.11 -6.74 1.54
CA VAL J 474 -35.58 -6.29 0.24
C VAL J 474 -36.35 -7.41 -0.45
N ALA K 1 -29.47 31.75 3.80
CA ALA K 1 -28.23 31.54 4.53
C ALA K 1 -27.05 31.37 3.57
N VAL K 2 -26.33 32.46 3.31
CA VAL K 2 -25.19 32.43 2.41
C VAL K 2 -23.91 32.98 3.03
N GLY K 3 -23.98 33.82 4.07
CA GLY K 3 -22.79 34.37 4.68
C GLY K 3 -22.45 33.79 6.03
N ILE K 4 -22.56 32.47 6.18
CA ILE K 4 -22.25 31.79 7.44
C ILE K 4 -21.28 30.66 7.15
N GLY K 5 -20.40 30.37 8.12
CA GLY K 5 -19.42 29.33 7.97
C GLY K 5 -19.90 28.01 8.55
N ALA K 6 -19.08 26.97 8.37
CA ALA K 6 -19.38 25.64 8.86
C ALA K 6 -18.39 25.27 9.95
N VAL K 7 -18.90 24.97 11.14
CA VAL K 7 -18.10 24.59 12.30
C VAL K 7 -18.68 23.34 12.94
N PHE K 8 -17.83 22.34 13.18
CA PHE K 8 -18.24 21.09 13.79
C PHE K 8 -17.36 20.84 15.00
N LEU K 9 -17.68 19.77 15.73
CA LEU K 9 -16.91 19.42 16.92
C LEU K 9 -15.53 18.88 16.51
N GLY K 10 -14.53 19.14 17.36
CA GLY K 10 -13.18 18.70 17.08
C GLY K 10 -12.95 17.22 17.27
N PHE K 11 -11.70 16.78 17.13
CA PHE K 11 -11.35 15.38 17.28
C PHE K 11 -11.49 14.96 18.74
N LEU K 12 -12.25 13.89 18.96
CA LEU K 12 -12.54 13.30 20.28
C LEU K 12 -13.20 14.30 21.23
N GLY K 13 -13.92 15.28 20.69
CA GLY K 13 -14.57 16.28 21.54
C GLY K 13 -15.68 15.71 22.39
N ALA K 14 -16.38 14.70 21.88
CA ALA K 14 -17.48 14.08 22.61
C ALA K 14 -17.07 12.79 23.31
N ALA K 15 -15.82 12.70 23.77
CA ALA K 15 -15.35 11.50 24.46
C ALA K 15 -16.05 11.35 25.81
N GLY K 16 -16.26 12.45 26.52
CA GLY K 16 -16.92 12.45 27.80
C GLY K 16 -18.40 12.77 27.74
N SER K 17 -18.96 12.90 26.55
CA SER K 17 -20.37 13.20 26.39
C SER K 17 -21.20 11.92 26.35
N THR K 18 -22.50 12.09 26.20
CA THR K 18 -23.42 10.96 26.14
C THR K 18 -23.32 10.26 24.78
N MET K 19 -23.91 9.07 24.71
CA MET K 19 -23.89 8.29 23.47
C MET K 19 -24.68 8.99 22.36
N GLY K 20 -25.84 9.56 22.70
CA GLY K 20 -26.64 10.24 21.71
C GLY K 20 -25.95 11.48 21.16
N ALA K 21 -25.18 12.16 22.00
CA ALA K 21 -24.44 13.33 21.56
C ALA K 21 -23.16 12.97 20.83
N ALA K 22 -22.56 11.83 21.17
CA ALA K 22 -21.33 11.42 20.49
C ALA K 22 -21.60 10.65 19.22
N SER K 23 -22.85 10.27 18.96
CA SER K 23 -23.17 9.54 17.74
C SER K 23 -23.18 10.42 16.50
N MET K 24 -23.19 11.75 16.66
CA MET K 24 -23.20 12.65 15.52
C MET K 24 -21.84 13.23 15.17
N THR K 25 -20.77 12.78 15.82
CA THR K 25 -19.43 13.29 15.56
C THR K 25 -18.47 12.17 15.14
N LEU K 26 -19.01 11.10 14.55
CA LEU K 26 -18.17 9.99 14.11
C LEU K 26 -17.45 10.28 12.80
N THR K 27 -17.92 11.27 12.04
CA THR K 27 -17.31 11.60 10.75
C THR K 27 -15.89 12.16 10.92
N VAL K 28 -15.68 13.02 11.91
CA VAL K 28 -14.34 13.60 12.10
C VAL K 28 -13.35 12.54 12.55
N GLN K 29 -13.79 11.60 13.40
CA GLN K 29 -12.89 10.54 13.85
C GLN K 29 -12.61 9.57 12.70
N ALA K 30 -13.61 9.30 11.87
CA ALA K 30 -13.40 8.40 10.73
C ALA K 30 -12.46 9.04 9.70
N ARG K 31 -12.56 10.36 9.52
CA ARG K 31 -11.69 11.04 8.57
C ARG K 31 -10.27 11.16 9.11
N ASN K 32 -10.12 11.35 10.43
CA ASN K 32 -8.80 11.47 11.03
C ASN K 32 -8.16 10.09 11.17
N LEU K 33 -8.96 9.01 11.07
CA LEU K 33 -8.48 7.64 11.18
C LEU K 33 -7.44 7.27 10.13
N LEU K 34 -7.47 7.90 8.96
CA LEU K 34 -6.49 7.63 7.92
C LEU K 34 -5.52 8.80 7.76
N LEU K 57 20.44 8.24 5.00
CA LEU K 57 19.52 8.22 6.13
C LEU K 57 18.24 7.51 5.71
N THR K 58 18.12 6.23 6.11
CA THR K 58 16.94 5.43 5.79
C THR K 58 16.21 4.86 7.00
N VAL K 59 16.75 4.96 8.21
CA VAL K 59 16.08 4.43 9.40
C VAL K 59 14.78 5.17 9.66
N TRP K 60 14.81 6.50 9.53
CA TRP K 60 13.62 7.32 9.73
C TRP K 60 12.55 6.99 8.71
N GLY K 61 12.97 6.78 7.45
CA GLY K 61 12.02 6.42 6.41
C GLY K 61 11.37 5.07 6.65
N ILE K 62 12.16 4.08 7.08
CA ILE K 62 11.62 2.76 7.36
C ILE K 62 10.63 2.82 8.51
N LYS K 63 10.95 3.59 9.56
CA LYS K 63 10.05 3.71 10.71
C LYS K 63 8.75 4.40 10.32
N GLN K 64 8.84 5.49 9.54
CA GLN K 64 7.64 6.22 9.11
C GLN K 64 6.77 5.37 8.20
N LEU K 65 7.39 4.67 7.24
CA LEU K 65 6.62 3.82 6.34
C LEU K 65 5.99 2.65 7.10
N GLN K 66 6.69 2.12 8.11
CA GLN K 66 6.11 1.02 8.88
C GLN K 66 4.91 1.49 9.68
N ALA K 67 4.97 2.70 10.24
CA ALA K 67 3.82 3.22 10.99
C ALA K 67 2.63 3.48 10.05
N ARG K 68 2.91 4.06 8.87
CA ARG K 68 1.84 4.35 7.91
C ARG K 68 1.19 3.06 7.41
N VAL K 69 2.02 2.05 7.10
CA VAL K 69 1.51 0.77 6.63
C VAL K 69 0.72 0.08 7.73
N LEU K 70 1.21 0.12 8.99
CA LEU K 70 0.50 -0.49 10.11
C LEU K 70 -0.88 0.12 10.28
N ALA K 71 -0.97 1.45 10.12
CA ALA K 71 -2.27 2.10 10.18
C ALA K 71 -3.15 1.64 9.02
N VAL K 72 -2.53 1.34 7.88
CA VAL K 72 -3.29 0.86 6.71
C VAL K 72 -3.88 -0.53 6.98
N GLU K 73 -3.10 -1.47 7.56
CA GLU K 73 -3.75 -2.78 7.81
C GLU K 73 -4.78 -2.66 8.92
N ARG K 74 -4.58 -1.75 9.88
CA ARG K 74 -5.60 -1.61 10.92
C ARG K 74 -6.91 -1.10 10.32
N TYR K 75 -6.82 -0.12 9.41
CA TYR K 75 -8.02 0.41 8.74
C TYR K 75 -8.67 -0.65 7.85
N LEU K 76 -7.86 -1.40 7.11
CA LEU K 76 -8.41 -2.45 6.24
C LEU K 76 -8.99 -3.59 7.07
N ARG K 77 -8.43 -3.86 8.25
CA ARG K 77 -8.98 -4.90 9.11
C ARG K 77 -10.33 -4.48 9.63
N ASP K 78 -10.46 -3.19 9.98
CA ASP K 78 -11.75 -2.68 10.46
C ASP K 78 -12.78 -2.71 9.33
N GLN K 79 -12.37 -2.30 8.12
CA GLN K 79 -13.28 -2.30 6.97
C GLN K 79 -13.66 -3.72 6.58
N GLN K 80 -12.75 -4.68 6.76
CA GLN K 80 -13.04 -6.07 6.45
C GLN K 80 -13.97 -6.66 7.49
N LEU K 81 -13.83 -6.24 8.75
CA LEU K 81 -14.71 -6.73 9.81
C LEU K 81 -16.12 -6.16 9.61
N LEU K 82 -16.21 -4.97 9.05
CA LEU K 82 -17.53 -4.40 8.80
C LEU K 82 -18.13 -4.97 7.51
N GLY K 83 -17.27 -5.32 6.54
CA GLY K 83 -17.74 -5.84 5.27
C GLY K 83 -18.39 -7.21 5.37
N ILE K 84 -17.97 -8.02 6.33
CA ILE K 84 -18.57 -9.35 6.48
C ILE K 84 -19.96 -9.27 7.09
N TRP K 85 -20.33 -8.11 7.63
CA TRP K 85 -21.63 -7.88 8.21
C TRP K 85 -22.50 -7.22 7.14
N GLY K 86 -23.70 -6.77 7.53
CA GLY K 86 -24.59 -6.14 6.57
C GLY K 86 -24.39 -4.65 6.42
N CYS K 87 -23.18 -4.17 6.65
CA CYS K 87 -22.84 -2.74 6.56
C CYS K 87 -21.65 -2.63 5.61
N SER K 88 -21.91 -2.25 4.36
CA SER K 88 -20.87 -2.14 3.33
C SER K 88 -20.11 -0.81 3.35
N GLY K 89 -20.07 -0.09 4.47
CA GLY K 89 -19.34 1.16 4.50
C GLY K 89 -20.01 2.26 5.29
N LYS K 90 -21.29 2.08 5.60
CA LYS K 90 -22.02 3.08 6.36
C LYS K 90 -21.57 3.08 7.81
N LEU K 91 -21.61 4.26 8.44
CA LEU K 91 -21.19 4.38 9.83
C LEU K 91 -22.21 3.76 10.77
N ILE K 92 -23.44 4.23 10.72
CA ILE K 92 -24.52 3.72 11.56
C ILE K 92 -25.34 2.75 10.74
N CYS K 93 -25.52 1.54 11.27
CA CYS K 93 -26.28 0.51 10.59
C CYS K 93 -26.90 -0.44 11.60
N CYS K 94 -28.09 -0.93 11.28
CA CYS K 94 -28.81 -1.86 12.14
C CYS K 94 -28.61 -3.30 11.69
N THR K 95 -28.75 -4.22 12.64
CA THR K 95 -28.59 -5.64 12.39
C THR K 95 -29.89 -6.36 12.76
N ASN K 96 -30.01 -7.61 12.31
CA ASN K 96 -31.19 -8.42 12.58
C ASN K 96 -31.02 -9.36 13.76
N VAL K 97 -29.83 -9.45 14.34
CA VAL K 97 -29.63 -10.35 15.49
C VAL K 97 -30.21 -9.70 16.74
N PRO K 98 -30.80 -10.47 17.65
CA PRO K 98 -31.35 -9.87 18.87
C PRO K 98 -30.27 -9.57 19.89
N TRP K 99 -30.53 -8.56 20.71
CA TRP K 99 -29.61 -8.15 21.76
C TRP K 99 -29.91 -8.95 23.02
N ASN K 100 -28.91 -9.65 23.53
CA ASN K 100 -29.08 -10.46 24.74
C ASN K 100 -29.13 -9.51 25.94
N SER K 101 -30.21 -9.61 26.71
CA SER K 101 -30.37 -8.75 27.87
C SER K 101 -29.42 -9.12 29.00
N SER K 102 -28.89 -10.36 28.98
CA SER K 102 -27.98 -10.80 30.04
C SER K 102 -26.63 -10.10 29.98
N TRP K 103 -26.31 -9.46 28.85
CA TRP K 103 -25.02 -8.78 28.72
C TRP K 103 -24.96 -7.52 29.59
N SER K 104 -26.06 -6.78 29.68
CA SER K 104 -26.01 -5.57 30.49
C SER K 104 -27.10 -5.47 31.53
N ASN K 105 -28.33 -5.90 31.21
CA ASN K 105 -29.50 -5.83 32.11
C ASN K 105 -29.78 -4.41 32.57
N ARG K 106 -29.60 -3.43 31.69
CA ARG K 106 -29.81 -2.04 32.02
C ARG K 106 -30.74 -1.35 31.02
N ASN K 107 -31.34 -0.25 31.46
CA ASN K 107 -32.27 0.52 30.64
C ASN K 107 -31.51 1.24 29.52
N LEU K 108 -32.15 1.31 28.34
CA LEU K 108 -31.55 1.98 27.19
C LEU K 108 -31.47 3.49 27.39
N SER K 109 -32.47 4.04 28.08
CA SER K 109 -32.51 5.48 28.33
C SER K 109 -31.35 5.95 29.19
N GLU K 110 -31.02 5.21 30.26
CA GLU K 110 -29.93 5.64 31.11
C GLU K 110 -28.56 5.40 30.48
N ILE K 111 -28.40 4.40 29.61
CA ILE K 111 -27.10 4.21 29.00
C ILE K 111 -26.88 5.25 27.90
N TRP K 112 -27.91 5.57 27.12
CA TRP K 112 -27.76 6.57 26.08
C TRP K 112 -27.82 8.00 26.59
N ASP K 113 -28.34 8.24 27.79
CA ASP K 113 -28.43 9.59 28.33
C ASP K 113 -27.56 9.86 29.55
N ASN K 114 -27.02 8.84 30.21
CA ASN K 114 -26.19 9.05 31.39
C ASN K 114 -24.94 8.17 31.39
N MET K 115 -24.36 7.91 30.22
CA MET K 115 -23.16 7.08 30.16
C MET K 115 -22.37 7.44 28.92
N THR K 116 -21.05 7.49 29.08
CA THR K 116 -20.13 7.80 28.00
C THR K 116 -19.76 6.51 27.27
N TRP K 117 -19.01 6.66 26.17
CA TRP K 117 -18.60 5.50 25.40
C TRP K 117 -17.47 4.73 26.07
N LEU K 118 -16.66 5.41 26.89
CA LEU K 118 -15.54 4.75 27.56
C LEU K 118 -16.05 3.74 28.59
N GLN K 119 -17.01 4.16 29.43
CA GLN K 119 -17.57 3.28 30.44
C GLN K 119 -18.31 2.12 29.81
N TRP K 120 -19.03 2.38 28.72
CA TRP K 120 -19.75 1.33 28.02
C TRP K 120 -18.77 0.34 27.38
N ASP K 121 -17.60 0.84 26.95
CA ASP K 121 -16.61 -0.05 26.36
C ASP K 121 -15.96 -0.95 27.39
N LYS K 122 -15.63 -0.40 28.58
CA LYS K 122 -14.99 -1.25 29.58
C LYS K 122 -16.01 -2.14 30.28
N GLU K 123 -17.31 -1.80 30.18
CA GLU K 123 -18.33 -2.61 30.84
C GLU K 123 -18.58 -3.93 30.13
N ILE K 124 -18.59 -3.93 28.80
CA ILE K 124 -18.85 -5.15 28.04
C ILE K 124 -17.67 -5.54 27.17
N SER K 125 -16.44 -5.23 27.61
CA SER K 125 -15.23 -5.53 26.86
C SER K 125 -14.99 -7.03 26.61
N ASN K 126 -15.64 -7.89 27.38
CA ASN K 126 -15.47 -9.33 27.23
C ASN K 126 -16.25 -9.96 26.08
N TYR K 127 -17.56 -9.74 26.05
CA TYR K 127 -18.46 -10.35 25.08
C TYR K 127 -18.36 -9.83 23.65
N THR K 128 -17.81 -8.62 23.43
CA THR K 128 -17.73 -8.02 22.08
C THR K 128 -17.19 -8.97 21.03
N GLN K 129 -16.10 -9.68 21.37
CA GLN K 129 -15.49 -10.64 20.44
C GLN K 129 -16.47 -11.71 20.01
N ILE K 130 -17.12 -12.40 20.97
CA ILE K 130 -18.06 -13.44 20.56
C ILE K 130 -19.28 -12.82 19.90
N ILE K 131 -19.59 -11.56 20.25
CA ILE K 131 -20.72 -10.84 19.58
C ILE K 131 -20.37 -10.71 18.09
N TYR K 132 -19.13 -10.28 17.82
CA TYR K 132 -18.69 -10.11 16.41
C TYR K 132 -18.93 -11.43 15.66
N GLY K 133 -18.64 -12.57 16.30
CA GLY K 133 -18.75 -13.87 15.62
C GLY K 133 -20.17 -14.18 15.19
N LEU K 134 -21.14 -13.97 16.07
CA LEU K 134 -22.55 -14.18 15.68
C LEU K 134 -22.86 -13.18 14.56
N LEU K 135 -22.50 -11.92 14.73
CA LEU K 135 -22.85 -10.91 13.69
C LEU K 135 -22.35 -11.44 12.36
N GLU K 136 -21.18 -12.09 12.36
CA GLU K 136 -20.56 -12.58 11.10
C GLU K 136 -21.30 -13.79 10.54
N GLU K 137 -21.42 -14.88 11.30
CA GLU K 137 -22.03 -16.12 10.71
C GLU K 137 -23.48 -15.82 10.33
N SER K 138 -24.21 -15.16 11.20
CA SER K 138 -25.60 -14.79 10.99
C SER K 138 -25.76 -14.11 9.65
N GLN K 139 -24.93 -13.09 9.37
CA GLN K 139 -25.00 -12.41 8.09
C GLN K 139 -24.71 -13.40 6.97
N ASN K 140 -23.80 -14.35 7.23
CA ASN K 140 -23.46 -15.35 6.25
C ASN K 140 -24.70 -16.13 5.84
N GLN K 141 -25.43 -16.68 6.82
CA GLN K 141 -26.63 -17.42 6.45
C GLN K 141 -27.68 -16.46 5.92
N GLN K 142 -27.71 -15.24 6.49
CA GLN K 142 -28.65 -14.24 6.01
C GLN K 142 -28.37 -13.93 4.56
N GLU K 143 -27.07 -13.90 4.19
CA GLU K 143 -26.70 -13.61 2.80
C GLU K 143 -27.26 -14.67 1.87
N LYS K 144 -27.06 -15.96 2.22
CA LYS K 144 -27.55 -17.01 1.31
C LYS K 144 -29.07 -17.01 1.28
N ASN K 145 -29.71 -16.39 2.29
CA ASN K 145 -31.15 -16.27 2.30
C ASN K 145 -31.62 -15.52 1.06
N GLU K 146 -31.06 -14.31 0.81
CA GLU K 146 -31.50 -13.62 -0.41
C GLU K 146 -31.05 -14.40 -1.63
N GLN K 147 -29.95 -15.14 -1.51
CA GLN K 147 -29.47 -15.92 -2.63
C GLN K 147 -30.47 -17.00 -3.04
N ASP K 148 -31.01 -17.78 -2.08
CA ASP K 148 -31.93 -18.82 -2.57
C ASP K 148 -33.28 -18.24 -2.93
N LEU K 149 -33.44 -16.92 -2.73
CA LEU K 149 -34.65 -16.27 -3.18
C LEU K 149 -34.36 -15.57 -4.51
N LEU K 150 -33.14 -15.01 -4.65
CA LEU K 150 -32.81 -14.30 -5.89
C LEU K 150 -32.61 -15.28 -7.03
N ALA K 151 -32.33 -16.54 -6.71
CA ALA K 151 -32.18 -17.54 -7.75
C ALA K 151 -33.53 -18.02 -8.24
N LEU K 152 -34.63 -17.59 -7.59
CA LEU K 152 -35.96 -18.00 -8.04
C LEU K 152 -36.45 -17.20 -9.24
N ASP K 153 -35.74 -16.14 -9.62
CA ASP K 153 -36.13 -15.31 -10.75
C ASP K 153 -35.90 -16.03 -12.07
N ALA L 1 -20.71 -13.73 -34.96
CA ALA L 1 -20.10 -12.91 -33.93
C ALA L 1 -19.07 -13.70 -33.14
N VAL L 2 -18.04 -14.17 -33.83
CA VAL L 2 -16.97 -14.94 -33.20
C VAL L 2 -15.61 -14.24 -33.29
N GLY L 3 -15.43 -13.30 -34.22
CA GLY L 3 -14.18 -12.58 -34.35
C GLY L 3 -14.35 -11.11 -34.05
N ILE L 4 -15.29 -10.81 -33.15
CA ILE L 4 -15.55 -9.42 -32.79
C ILE L 4 -14.54 -8.95 -31.77
N GLY L 5 -13.87 -7.83 -32.07
CA GLY L 5 -12.89 -7.25 -31.17
C GLY L 5 -13.51 -6.10 -30.41
N ALA L 6 -13.17 -5.98 -29.13
CA ALA L 6 -13.72 -4.91 -28.31
C ALA L 6 -12.63 -3.95 -27.87
N VAL L 7 -12.82 -2.67 -28.16
CA VAL L 7 -11.88 -1.61 -27.80
C VAL L 7 -12.66 -0.53 -27.07
N PHE L 8 -12.03 0.08 -26.07
CA PHE L 8 -12.67 1.13 -25.28
C PHE L 8 -11.85 2.40 -25.37
N LEU L 9 -12.37 3.46 -24.76
CA LEU L 9 -11.66 4.74 -24.77
C LEU L 9 -10.44 4.64 -23.87
N GLY L 10 -9.35 5.28 -24.28
CA GLY L 10 -8.11 5.24 -23.53
C GLY L 10 -8.12 5.93 -22.19
N PHE L 11 -7.03 5.79 -21.45
CA PHE L 11 -6.88 6.40 -20.13
C PHE L 11 -6.82 7.91 -20.30
N LEU L 12 -7.78 8.61 -19.68
CA LEU L 12 -7.96 10.07 -19.75
C LEU L 12 -8.27 10.56 -21.16
N GLY L 13 -8.81 9.68 -22.02
CA GLY L 13 -9.12 10.08 -23.37
C GLY L 13 -10.35 10.97 -23.48
N ALA L 14 -11.21 10.96 -22.47
CA ALA L 14 -12.42 11.78 -22.45
C ALA L 14 -12.23 13.08 -21.70
N ALA L 15 -11.01 13.60 -21.62
CA ALA L 15 -10.76 14.85 -20.92
C ALA L 15 -11.33 16.04 -21.68
N GLY L 16 -11.13 16.07 -22.99
CA GLY L 16 -11.63 17.16 -23.81
C GLY L 16 -13.06 17.02 -24.25
N SER L 17 -13.71 15.92 -23.90
CA SER L 17 -15.09 15.70 -24.29
C SER L 17 -16.04 16.43 -23.32
N THR L 18 -17.34 16.31 -23.61
CA THR L 18 -18.35 16.94 -22.79
C THR L 18 -18.56 16.14 -21.50
N MET L 19 -19.43 16.66 -20.64
CA MET L 19 -19.72 16.00 -19.38
C MET L 19 -20.45 14.67 -19.61
N GLY L 20 -21.45 14.68 -20.49
CA GLY L 20 -22.19 13.47 -20.77
C GLY L 20 -21.36 12.42 -21.48
N ALA L 21 -20.47 12.86 -22.37
CA ALA L 21 -19.61 11.92 -23.09
C ALA L 21 -18.57 11.31 -22.16
N ALA L 22 -18.02 12.11 -21.24
CA ALA L 22 -17.02 11.61 -20.30
C ALA L 22 -17.65 10.88 -19.13
N SER L 23 -18.97 10.96 -18.97
CA SER L 23 -19.64 10.27 -17.87
C SER L 23 -19.63 8.75 -18.03
N MET L 24 -19.37 8.24 -19.23
CA MET L 24 -19.34 6.80 -19.45
C MET L 24 -17.93 6.23 -19.48
N THR L 25 -16.92 7.01 -19.12
CA THR L 25 -15.53 6.59 -19.08
C THR L 25 -14.96 6.66 -17.67
N LEU L 26 -15.78 6.30 -16.68
CA LEU L 26 -15.35 6.35 -15.29
C LEU L 26 -14.69 5.07 -14.84
N THR L 27 -15.15 3.92 -15.37
CA THR L 27 -14.60 2.63 -14.97
C THR L 27 -13.15 2.46 -15.37
N VAL L 28 -12.76 2.98 -16.55
CA VAL L 28 -11.37 2.83 -17.00
C VAL L 28 -10.43 3.63 -16.11
N GLN L 29 -10.83 4.85 -15.70
CA GLN L 29 -9.98 5.64 -14.83
C GLN L 29 -9.97 5.04 -13.42
N ALA L 30 -11.09 4.45 -12.99
CA ALA L 30 -11.14 3.85 -11.67
C ALA L 30 -10.24 2.61 -11.60
N ARG L 31 -10.24 1.79 -12.66
CA ARG L 31 -9.39 0.60 -12.63
C ARG L 31 -7.92 0.96 -12.85
N ASN L 32 -7.65 2.04 -13.59
CA ASN L 32 -6.26 2.42 -13.83
C ASN L 32 -5.72 3.34 -12.74
N LEU L 33 -6.55 3.71 -11.76
CA LEU L 33 -6.13 4.56 -10.65
C LEU L 33 -5.08 3.89 -9.78
N LEU L 34 -5.07 2.56 -9.71
CA LEU L 34 -4.10 1.82 -8.89
C LEU L 34 -2.98 1.28 -9.78
N LEU L 57 21.80 -0.83 -2.21
CA LEU L 57 20.58 -0.51 -2.94
C LEU L 57 19.41 -0.47 -1.96
N THR L 58 19.21 0.68 -1.31
CA THR L 58 18.13 0.83 -0.35
C THR L 58 17.33 2.11 -0.58
N VAL L 59 17.96 3.12 -1.18
CA VAL L 59 17.26 4.39 -1.41
C VAL L 59 16.20 4.25 -2.50
N TRP L 60 16.48 3.49 -3.57
CA TRP L 60 15.51 3.33 -4.64
C TRP L 60 14.29 2.55 -4.17
N GLY L 61 14.53 1.50 -3.37
CA GLY L 61 13.42 0.70 -2.86
C GLY L 61 12.54 1.48 -1.91
N ILE L 62 13.15 2.29 -1.03
CA ILE L 62 12.35 3.05 -0.08
C ILE L 62 11.59 4.18 -0.79
N LYS L 63 12.17 4.78 -1.84
CA LYS L 63 11.45 5.84 -2.55
C LYS L 63 10.27 5.25 -3.34
N GLN L 64 10.48 4.13 -4.03
CA GLN L 64 9.37 3.53 -4.78
C GLN L 64 8.32 2.98 -3.82
N LEU L 65 8.74 2.47 -2.65
CA LEU L 65 7.79 1.97 -1.68
C LEU L 65 6.97 3.11 -1.09
N GLN L 66 7.61 4.25 -0.85
CA GLN L 66 6.91 5.42 -0.33
C GLN L 66 5.92 5.95 -1.35
N ALA L 67 6.29 5.92 -2.63
CA ALA L 67 5.38 6.38 -3.68
C ALA L 67 4.16 5.47 -3.79
N ARG L 68 4.38 4.15 -3.72
CA ARG L 68 3.26 3.21 -3.79
C ARG L 68 2.37 3.33 -2.56
N VAL L 69 2.97 3.52 -1.38
CA VAL L 69 2.20 3.68 -0.15
C VAL L 69 1.39 4.96 -0.19
N LEU L 70 1.97 6.04 -0.75
CA LEU L 70 1.26 7.31 -0.86
C LEU L 70 0.08 7.18 -1.82
N ALA L 71 0.27 6.44 -2.92
CA ALA L 71 -0.83 6.23 -3.87
C ALA L 71 -1.96 5.42 -3.24
N VAL L 72 -1.59 4.39 -2.48
CA VAL L 72 -2.58 3.55 -1.80
C VAL L 72 -3.32 4.37 -0.74
N GLU L 73 -2.60 5.23 -0.01
CA GLU L 73 -3.23 6.06 1.01
C GLU L 73 -4.16 7.09 0.37
N ARG L 74 -3.79 7.64 -0.79
CA ARG L 74 -4.65 8.59 -1.46
C ARG L 74 -5.93 7.92 -1.96
N TYR L 75 -5.80 6.70 -2.49
CA TYR L 75 -6.98 5.96 -2.93
C TYR L 75 -7.86 5.59 -1.75
N LEU L 76 -7.23 5.26 -0.61
CA LEU L 76 -7.96 4.93 0.59
C LEU L 76 -8.72 6.13 1.12
N ARG L 77 -8.10 7.32 1.04
CA ARG L 77 -8.75 8.54 1.49
C ARG L 77 -9.94 8.87 0.60
N ASP L 78 -9.79 8.68 -0.72
CA ASP L 78 -10.89 8.95 -1.63
C ASP L 78 -12.03 7.96 -1.41
N GLN L 79 -11.69 6.69 -1.18
CA GLN L 79 -12.71 5.66 -0.93
C GLN L 79 -13.43 5.94 0.38
N GLN L 80 -12.71 6.43 1.39
CA GLN L 80 -13.34 6.77 2.66
C GLN L 80 -14.21 8.00 2.51
N LEU L 81 -13.80 8.93 1.65
CA LEU L 81 -14.60 10.14 1.40
C LEU L 81 -15.92 9.77 0.74
N LEU L 82 -15.89 8.79 -0.16
CA LEU L 82 -17.14 8.34 -0.77
C LEU L 82 -17.89 7.40 0.16
N GLY L 83 -17.20 6.82 1.14
CA GLY L 83 -17.84 5.90 2.08
C GLY L 83 -18.61 6.61 3.18
N ILE L 84 -18.15 7.81 3.58
CA ILE L 84 -18.86 8.53 4.63
C ILE L 84 -20.18 9.08 4.07
N TRP L 85 -20.28 9.20 2.75
CA TRP L 85 -21.49 9.66 2.11
C TRP L 85 -22.35 8.44 1.77
N GLY L 86 -23.40 8.64 1.00
CA GLY L 86 -24.26 7.54 0.62
C GLY L 86 -23.86 6.91 -0.70
N CYS L 87 -22.55 6.76 -0.90
CA CYS L 87 -21.98 6.20 -2.13
C CYS L 87 -20.92 5.16 -1.80
N SER L 88 -21.25 4.22 -0.91
CA SER L 88 -20.30 3.19 -0.52
C SER L 88 -20.12 2.14 -1.61
N GLY L 89 -19.38 2.48 -2.66
CA GLY L 89 -19.12 1.54 -3.74
C GLY L 89 -19.61 1.92 -5.12
N LYS L 90 -20.80 2.51 -5.23
CA LYS L 90 -21.33 2.88 -6.52
C LYS L 90 -20.65 4.13 -7.07
N LEU L 91 -20.36 4.12 -8.37
CA LEU L 91 -19.71 5.27 -9.01
C LEU L 91 -20.67 6.45 -9.13
N ILE L 92 -21.88 6.19 -9.61
CA ILE L 92 -22.90 7.23 -9.79
C ILE L 92 -23.89 7.14 -8.64
N CYS L 93 -24.11 8.25 -7.96
CA CYS L 93 -25.03 8.29 -6.83
C CYS L 93 -25.57 9.69 -6.68
N CYS L 94 -26.80 9.79 -6.20
CA CYS L 94 -27.48 11.05 -5.98
C CYS L 94 -27.44 11.43 -4.52
N THR L 95 -28.00 12.60 -4.21
CA THR L 95 -28.08 13.09 -2.83
C THR L 95 -29.31 13.99 -2.73
N ASN L 96 -30.03 13.88 -1.61
CA ASN L 96 -31.24 14.65 -1.39
C ASN L 96 -31.00 16.15 -1.20
N VAL L 97 -29.79 16.60 -0.92
CA VAL L 97 -29.52 18.02 -0.71
C VAL L 97 -29.58 18.71 -2.08
N PRO L 98 -30.19 19.90 -2.19
CA PRO L 98 -30.26 20.57 -3.50
C PRO L 98 -29.02 21.35 -3.88
N TRP L 99 -28.94 21.75 -5.14
CA TRP L 99 -27.84 22.50 -5.70
C TRP L 99 -28.22 23.97 -5.73
N ASN L 100 -27.56 24.78 -4.91
CA ASN L 100 -27.83 26.21 -4.86
C ASN L 100 -27.18 26.88 -6.05
N SER L 101 -27.77 27.99 -6.52
CA SER L 101 -27.25 28.71 -7.67
C SER L 101 -26.05 29.59 -7.33
N SER L 102 -25.67 29.67 -6.05
CA SER L 102 -24.53 30.49 -5.67
C SER L 102 -23.23 29.91 -6.19
N TRP L 103 -23.16 28.59 -6.32
CA TRP L 103 -21.96 27.95 -6.82
C TRP L 103 -21.84 28.10 -8.33
N SER L 104 -22.87 27.69 -9.07
CA SER L 104 -22.85 27.80 -10.52
C SER L 104 -24.28 27.84 -11.03
N ASN L 105 -24.69 28.98 -11.60
CA ASN L 105 -26.03 29.16 -12.14
C ASN L 105 -26.04 28.98 -13.66
N ARG L 106 -25.89 27.73 -14.10
CA ARG L 106 -25.85 27.41 -15.52
C ARG L 106 -26.95 26.43 -15.87
N ASN L 107 -27.39 26.47 -17.13
CA ASN L 107 -28.43 25.59 -17.66
C ASN L 107 -27.93 24.16 -17.78
N LEU L 108 -28.82 23.18 -17.57
CA LEU L 108 -28.41 21.78 -17.68
C LEU L 108 -28.21 21.37 -19.13
N SER L 109 -28.92 22.01 -20.05
CA SER L 109 -28.80 21.68 -21.47
C SER L 109 -27.44 22.03 -22.06
N GLU L 110 -26.73 22.99 -21.48
CA GLU L 110 -25.43 23.38 -21.98
C GLU L 110 -24.27 23.02 -21.05
N ILE L 111 -24.53 22.75 -19.78
CA ILE L 111 -23.44 22.40 -18.87
C ILE L 111 -23.03 20.95 -19.06
N TRP L 112 -23.91 20.14 -19.66
CA TRP L 112 -23.62 18.72 -19.92
C TRP L 112 -23.24 18.45 -21.36
N ASP L 113 -23.47 19.41 -22.27
CA ASP L 113 -23.16 19.22 -23.67
C ASP L 113 -22.20 20.26 -24.25
N ASN L 114 -21.85 21.31 -23.51
CA ASN L 114 -20.94 22.34 -24.00
C ASN L 114 -19.89 22.73 -22.97
N MET L 115 -19.48 21.80 -22.11
CA MET L 115 -18.48 22.09 -21.11
C MET L 115 -17.79 20.80 -20.70
N THR L 116 -16.46 20.88 -20.58
CA THR L 116 -15.64 19.74 -20.20
C THR L 116 -15.50 19.68 -18.68
N TRP L 117 -14.85 18.62 -18.21
CA TRP L 117 -14.67 18.45 -16.77
C TRP L 117 -13.60 19.40 -16.22
N LEU L 118 -12.60 19.74 -17.04
CA LEU L 118 -11.53 20.63 -16.59
C LEU L 118 -12.05 22.04 -16.34
N GLN L 119 -12.77 22.61 -17.31
CA GLN L 119 -13.30 23.96 -17.18
C GLN L 119 -14.32 24.04 -16.05
N TRP L 120 -15.17 23.02 -15.94
CA TRP L 120 -16.18 23.00 -14.89
C TRP L 120 -15.55 22.84 -13.51
N ASP L 121 -14.47 22.05 -13.42
CA ASP L 121 -13.81 21.89 -12.12
C ASP L 121 -13.08 23.17 -11.73
N LYS L 122 -12.51 23.86 -12.71
CA LYS L 122 -11.81 25.11 -12.43
C LYS L 122 -12.79 26.25 -12.14
N GLU L 123 -14.04 26.11 -12.57
CA GLU L 123 -15.04 27.14 -12.35
C GLU L 123 -15.50 27.21 -10.89
N ILE L 124 -15.78 26.06 -10.28
CA ILE L 124 -16.25 26.01 -8.91
C ILE L 124 -15.24 25.38 -7.95
N SER L 125 -13.94 25.52 -8.24
CA SER L 125 -12.91 24.95 -7.36
C SER L 125 -12.87 25.59 -5.97
N ASN L 126 -13.48 26.77 -5.80
CA ASN L 126 -13.48 27.43 -4.50
C ASN L 126 -14.60 26.96 -3.59
N TYR L 127 -15.57 26.20 -4.10
CA TYR L 127 -16.69 25.73 -3.30
C TYR L 127 -16.70 24.22 -3.09
N THR L 128 -15.58 23.54 -3.30
CA THR L 128 -15.55 22.09 -3.12
C THR L 128 -15.63 21.69 -1.64
N GLN L 129 -14.94 22.44 -0.77
CA GLN L 129 -14.95 22.14 0.66
C GLN L 129 -16.32 22.32 1.27
N ILE L 130 -17.04 23.37 0.85
CA ILE L 130 -18.39 23.63 1.36
C ILE L 130 -19.34 22.51 0.94
N ILE L 131 -19.23 22.08 -0.32
CA ILE L 131 -20.06 21.00 -0.84
C ILE L 131 -19.77 19.69 -0.09
N TYR L 132 -18.49 19.40 0.15
CA TYR L 132 -18.12 18.19 0.87
C TYR L 132 -18.64 18.21 2.31
N GLY L 133 -18.54 19.37 2.97
CA GLY L 133 -19.03 19.47 4.34
C GLY L 133 -20.53 19.32 4.44
N LEU L 134 -21.26 19.96 3.51
CA LEU L 134 -22.72 19.84 3.54
C LEU L 134 -23.15 18.42 3.17
N LEU L 135 -22.38 17.76 2.30
CA LEU L 135 -22.69 16.38 1.93
C LEU L 135 -22.52 15.44 3.12
N GLU L 136 -21.43 15.62 3.88
CA GLU L 136 -21.20 14.75 5.03
C GLU L 136 -22.22 15.00 6.14
N GLU L 137 -22.60 16.26 6.38
CA GLU L 137 -23.59 16.50 7.43
C GLU L 137 -24.97 16.04 6.99
N SER L 138 -25.28 16.15 5.69
CA SER L 138 -26.56 15.69 5.18
C SER L 138 -26.65 14.17 5.27
N GLN L 139 -25.54 13.46 5.00
CA GLN L 139 -25.58 12.02 5.13
C GLN L 139 -25.66 11.59 6.58
N ASN L 140 -25.03 12.33 7.49
CA ASN L 140 -25.10 12.00 8.91
C ASN L 140 -26.53 12.17 9.43
N GLN L 141 -27.18 13.28 9.07
CA GLN L 141 -28.56 13.49 9.50
C GLN L 141 -29.49 12.51 8.79
N GLN L 142 -29.13 12.07 7.58
CA GLN L 142 -29.95 11.09 6.86
C GLN L 142 -29.89 9.74 7.56
N GLU L 143 -28.70 9.35 8.04
CA GLU L 143 -28.58 8.10 8.78
C GLU L 143 -29.32 8.18 10.11
N LYS L 144 -29.28 9.35 10.77
CA LYS L 144 -30.01 9.52 12.02
C LYS L 144 -31.51 9.44 11.79
N ASN L 145 -31.98 10.03 10.69
CA ASN L 145 -33.40 9.99 10.36
C ASN L 145 -33.83 8.57 10.02
N GLU L 146 -32.96 7.82 9.33
CA GLU L 146 -33.27 6.43 8.98
C GLU L 146 -33.32 5.58 10.24
N GLN L 147 -32.43 5.86 11.20
CA GLN L 147 -32.43 5.12 12.47
C GLN L 147 -33.70 5.41 13.24
N ASP L 148 -34.13 6.67 13.25
CA ASP L 148 -35.36 7.04 13.95
C ASP L 148 -36.59 6.44 13.25
N LEU L 149 -36.53 6.31 11.93
CA LEU L 149 -37.65 5.74 11.18
C LEU L 149 -37.73 4.24 11.42
N LEU L 150 -36.58 3.56 11.56
CA LEU L 150 -36.59 2.13 11.81
C LEU L 150 -37.03 1.81 13.24
N ALA L 151 -37.05 2.80 14.13
CA ALA L 151 -37.46 2.59 15.51
C ALA L 151 -38.96 2.42 15.66
N LEU L 152 -39.75 2.72 14.63
CA LEU L 152 -41.20 2.59 14.70
C LEU L 152 -41.62 1.12 14.68
#